data_9RCV
#
_entry.id   9RCV
#
_cell.length_a   1.00
_cell.length_b   1.00
_cell.length_c   1.00
_cell.angle_alpha   90.00
_cell.angle_beta   90.00
_cell.angle_gamma   90.00
#
_symmetry.space_group_name_H-M   'P 1'
#
loop_
_entity.id
_entity.type
_entity.pdbx_description
1 polymer 'Antigen peptide transporter 1'
2 polymer Tapasin
3 polymer 'MHC class I antigen'
4 polymer Beta-2-microglobulin
5 polymer 'Antigen peptide transporter 2'
6 polymer 'Unique short US6 glycoprotein'
7 branched 2-acetamido-2-deoxy-beta-D-glucopyranose-(1-4)-2-acetamido-2-deoxy-beta-D-glucopyranose
8 non-polymer "ADENOSINE-5'-TRIPHOSPHATE"
9 non-polymer 'MAGNESIUM ION'
10 non-polymer 2-acetamido-2-deoxy-beta-D-glucopyranose
11 non-polymer "ADENOSINE-5'-DIPHOSPHATE"
12 water water
#
loop_
_entity_poly.entity_id
_entity_poly.type
_entity_poly.pdbx_seq_one_letter_code
_entity_poly.pdbx_strand_id
1 'polypeptide(L)'
;MASSRCPAPRGCRCLPGASLAWLGTVLLLLADWVLLRTALPRIFSLLVPTALPLLRVWAVGLSRWAVLWLGACGVLRATV
GSKSENAGAQGWLAALKPLAAALGLALPGLALFRELISWGAPGSADSTRLLHWGSHPTAFVVSYAAALPAAALWHKLGSL
WVPGGQGGSGNPVRRLLGCLGSETRRLSLFLVLVVLSSLGEMAIPFFTGRLTDWILQDGSADTFTRNLTLMSILTIASAV
LEFVGDGIYNNTMGHVHSHLQGEVFGAVLRQETEFFQQNQTGNIMSRVTEDTSTLSDSLSENLSLFLWYLVRGLCLLGIM
LWGSVSLTMVTLITLPLLFLLPKKVGKWYQLLEVQVRESLAKSSQVAIEALSAMPTVRSFANEEGEAQKFREKLQEIKTL
NQKEAVAYAVNSWTTSISCMLLKVGILYIGGQLVTSGAVSSGNLVTFVLYQMQFTQAVEVLLSIYPRVQKAVGSSEKIFE
YLDRTPRCPPSGLLTPLHLEGLVQFQDVSFAYPNRPDVLVLQGLTFTLRPGEVTALVGPNGSGKSTVAALLQNLYQPTGG
QLLLDGKPLPQYEHRYLHRQVAAVGQEPQVFGRSLQENIAYGLTQKPTMEEITAAAVKSGAHSFISGLPQGYDTEVDEAG
SQLSGGQRQAVALARALIRKPCVLILDDATSALDANSQLQVEQLLYESPERYSRSVLLITQHLSLVEQADHILFLEGGAI
REGGTHQQLMEKKGCYWAMVQAPADAPE
;
A
2 'polypeptide(L)'
;MKSLSLLLAVALGLATAVSAGPAVIECWFVEDASGKGLAKRPGALLLRQGPGEPPPRPDLDPELYLSVHDPAGALQAAFR
RYPRGAPAPHCEMSRFVPLPASAKWASGLTPAQNCPRALDGAWLMVSISSPVLSLSSLLRPQPEPQQEPVLITMATVVLT
VLTHTPAPRVRLGQDALLDLSFAYMPPTSEAASSLAPGPPPFGLEWRRQHLGKGHLLLAATPGLNGQMPAAQEGAVAFAA
WDDDEPWGPWTGNGTFWLPRVQPFQEGTYLATIHLPYLQGQVTLELAVYKPPKVSLMPATLARAAPGEAPPELLCLVSHF
YPSGGLEVEWELRGGPGGRSQKAEGQRWLSALRHHSDGSVSLSGHLQPPPVTTEQHGARYACRIHHPSLPASGRSAEVTL
EVAGLSGPSLEDSVGLFLSAFLLLGLFKALGWAAVYLSTCKDSKKKAE
;
B,F
3 'polypeptide(L)'
;MLVMAPRTVLLLLSAALALTETWAGSHSMRYFYTSVSRPGRGEPRFISVGYVDDTQFVRFDSDAASPREEPRAPWIEQEG
PEYWDRNTQIYKAQAQTDRESLRNLRGYYNQSEAGSHTLQSMYGCDVGPDGRLLRGHDQYAYDGKDYIALNEDLRSWTAA
DTAAQITQRKWEAAREAEQRRAYLEGECVEWLRRYLENGKDKLERADPPKTHVTHHPISDHEATLRCWALGFYPAEITLT
WQRDGEDQTQDTELVETRPAGDRTFQKWAAVVVPSGEEQRYTCHVQHEGLPKPLTLRWEPSSQSTVPIVGIVAGLAVLAV
VVIGAVVAAVMCRKKSSGGKGGSYSQAACSDSAQGSDVSLTA
;
C,G
4 'polypeptide(L)'
;MSRSVALAVLALLSLSGLEAIQRTPKIQVYSRHPAENGKSNFLNCYVSGFHPSDIEVDLLKNGERIEKVEHSDLSFSKDW
SFYLLYYTEFTPTEKDEYACRVNHVTLSQPKIVKWDRDM
;
D,H
5 'polypeptide(L)'
;RPWTSLLLVDAALLWLLQGPLGTLLPQGLPGLWLEGTLRLGGLWGLLKLRGLLGFVGTLLLPLCLATPLTVSLRALVAGA
SRAPPARVASAPWSWLLVGYGAAGLSWSLWAVLSPPGAQEKEQDQVNNKVLMWRLLKLSRPDLPLLVAAFFFLVLAVLGE
TLIPHYSGRVIDILGGDFDPHAFASAIFFMCLFSFGSSLSAGCRGGCFTYTMSRINLRIREQLFSSLLRQDLGFFQETKT
GELNSRLSSDTTLMSNWLPLNANVLLRSLVKVVGLYGFMLSISPRLTLLSLLHMPFTIAAEKVYNTRHQEVLREIQDAVA
RAGQVVREAVGGLQTVRSFGAEEHEVCRYKEALEQCRQLYWRRDLERALYLLVRRVLHLGVQMLMLSCGLQQMQDGELTQ
GSLLSFMIYQESVGSYVQTLVYIYGDMLSNVGAAEKVFSYMDRQPNLPSPGTLAPTTLQGVVKFQDVSFAYPNRPDRPVL
KGLTFTLRPGEVTALVGPNGSGKSTVAALLQNLYQPTGGQVLLDEKPISQYEHCYLHSQVVSVGQEPVLFSGSVRNNIAY
GLQSCEDDKVMAAAQAAHADDFIQEMEHGIYTDVGEKGSQLAAGQKQRLAIARALVRDPRVLILDEATSALDVQCEQALQ
DWNSRGDRTVLVIAHRLQTVQRAHQILVLQEGKLQKL
;
E
6 'polypeptide(L)'
;MDLLIRLGFLLMCALPTPGERSSRDPKTLLSLSPRQQACVPRTKSHRPVCYNDTGDCTDADDSWKQLGEDFAHQCLQAAK
KRPKTHKSRPNDRNLEGRLTCQRVRRLLPCDLDIHPSHRLLTLMNNCVCDGAVWNAFRLIERHGFFAVTLYLCCGITLLV
VILALLCSITYESTGRGIRRCGS
;
I
#
loop_
_chem_comp.id
_chem_comp.type
_chem_comp.name
_chem_comp.formula
ADP non-polymer ADENOSINE-5'-DIPHOSPHATE 'C10 H15 N5 O10 P2'
ATP non-polymer ADENOSINE-5'-TRIPHOSPHATE 'C10 H16 N5 O13 P3'
MG non-polymer 'MAGNESIUM ION' 'Mg 2'
NAG D-saccharide, beta linking 2-acetamido-2-deoxy-beta-D-glucopyranose 'C8 H15 N O6'
#
# COMPACT_ATOMS: atom_id res chain seq x y z
N GLY A 17 -31.82 46.08 44.70
CA GLY A 17 -31.06 46.14 43.41
C GLY A 17 -30.23 44.89 43.17
N ALA A 18 -29.10 44.79 43.87
CA ALA A 18 -28.25 43.62 43.72
C ALA A 18 -28.92 42.36 44.27
N SER A 19 -29.59 42.49 45.42
CA SER A 19 -30.27 41.33 46.00
C SER A 19 -31.36 40.82 45.09
N LEU A 20 -32.15 41.73 44.50
CA LEU A 20 -33.21 41.31 43.58
C LEU A 20 -32.63 40.63 42.36
N ALA A 21 -31.53 41.16 41.81
CA ALA A 21 -30.91 40.55 40.65
C ALA A 21 -30.40 39.14 40.97
N TRP A 22 -29.74 38.98 42.12
CA TRP A 22 -29.24 37.67 42.51
C TRP A 22 -30.39 36.69 42.73
N LEU A 23 -31.48 37.15 43.37
CA LEU A 23 -32.63 36.28 43.57
C LEU A 23 -33.23 35.86 42.24
N GLY A 24 -33.34 36.79 41.29
CA GLY A 24 -33.85 36.44 39.97
C GLY A 24 -32.97 35.44 39.26
N THR A 25 -31.65 35.62 39.35
CA THR A 25 -30.72 34.67 38.72
C THR A 25 -30.86 33.29 39.36
N VAL A 26 -30.97 33.23 40.68
CA VAL A 26 -31.11 31.94 41.36
C VAL A 26 -32.42 31.27 40.94
N LEU A 27 -33.51 32.05 40.87
CA LEU A 27 -34.78 31.49 40.45
C LEU A 27 -34.70 30.98 39.01
N LEU A 28 -34.03 31.72 38.13
CA LEU A 28 -33.86 31.25 36.76
C LEU A 28 -33.10 29.94 36.72
N LEU A 29 -32.01 29.84 37.49
CA LEU A 29 -31.24 28.61 37.51
C LEU A 29 -32.08 27.44 38.01
N LEU A 30 -32.84 27.66 39.09
CA LEU A 30 -33.68 26.60 39.64
C LEU A 30 -34.75 26.18 38.64
N ALA A 31 -35.38 27.15 37.98
CA ALA A 31 -36.40 26.82 36.98
C ALA A 31 -35.80 26.02 35.84
N ASP A 32 -34.63 26.41 35.35
CA ASP A 32 -33.99 25.66 34.28
C ASP A 32 -33.67 24.24 34.74
N TRP A 33 -33.21 24.09 35.98
CA TRP A 33 -32.83 22.77 36.47
C TRP A 33 -34.04 21.88 36.73
N VAL A 34 -35.20 22.48 37.04
CA VAL A 34 -36.36 21.68 37.43
C VAL A 34 -37.29 21.46 36.24
N LEU A 35 -37.85 22.54 35.69
CA LEU A 35 -38.87 22.40 34.66
C LEU A 35 -38.25 22.17 33.28
N LEU A 36 -37.45 23.12 32.81
CA LEU A 36 -36.89 23.01 31.46
C LEU A 36 -36.08 21.72 31.30
N ARG A 37 -35.56 21.17 32.39
CA ARG A 37 -34.79 19.93 32.32
C ARG A 37 -35.64 18.77 31.82
N THR A 38 -36.86 18.62 32.35
CA THR A 38 -37.67 17.43 32.13
C THR A 38 -38.94 17.68 31.31
N ALA A 39 -39.66 18.76 31.58
CA ALA A 39 -40.93 18.99 30.90
C ALA A 39 -40.74 19.13 29.39
N LEU A 40 -39.75 19.93 28.98
CA LEU A 40 -39.59 20.22 27.55
C LEU A 40 -39.31 18.97 26.73
N PRO A 41 -38.39 18.07 27.13
CA PRO A 41 -38.21 16.84 26.35
C PRO A 41 -39.49 16.05 26.15
N ARG A 42 -40.32 15.92 27.19
CA ARG A 42 -41.57 15.19 27.04
C ARG A 42 -42.49 15.86 26.03
N ILE A 43 -42.62 17.19 26.13
CA ILE A 43 -43.52 17.91 25.24
C ILE A 43 -43.07 17.78 23.80
N PHE A 44 -41.77 17.93 23.54
CA PHE A 44 -41.28 17.89 22.18
C PHE A 44 -41.11 16.47 21.66
N SER A 45 -41.11 15.46 22.54
CA SER A 45 -41.20 14.09 22.08
C SER A 45 -42.63 13.73 21.68
N LEU A 46 -43.61 14.23 22.44
CA LEU A 46 -45.00 13.99 22.07
C LEU A 46 -45.37 14.74 20.80
N LEU A 47 -44.89 15.98 20.65
CA LEU A 47 -45.26 16.78 19.49
C LEU A 47 -44.53 16.31 18.23
N VAL A 48 -43.26 15.94 18.36
CA VAL A 48 -42.44 15.58 17.20
C VAL A 48 -42.39 14.07 17.07
N PRO A 49 -42.39 13.51 15.87
CA PRO A 49 -42.24 12.06 15.73
C PRO A 49 -40.84 11.59 16.09
N THR A 50 -40.74 10.31 16.44
CA THR A 50 -39.46 9.72 16.83
C THR A 50 -38.48 9.62 15.67
N ALA A 51 -38.94 9.79 14.43
CA ALA A 51 -38.07 9.62 13.27
C ALA A 51 -37.03 10.72 13.13
N LEU A 52 -37.14 11.81 13.89
CA LEU A 52 -36.24 12.96 13.78
C LEU A 52 -35.75 13.34 15.17
N PRO A 53 -34.88 12.53 15.77
CA PRO A 53 -34.31 12.90 17.08
C PRO A 53 -33.54 14.20 17.04
N LEU A 54 -32.85 14.49 15.94
CA LEU A 54 -32.17 15.77 15.80
C LEU A 54 -33.16 16.93 15.86
N LEU A 55 -34.33 16.76 15.24
CA LEU A 55 -35.35 17.79 15.31
C LEU A 55 -35.84 17.98 16.74
N ARG A 56 -36.00 16.88 17.49
CA ARG A 56 -36.38 17.00 18.89
C ARG A 56 -35.35 17.78 19.68
N VAL A 57 -34.07 17.46 19.48
CA VAL A 57 -33.01 18.16 20.21
C VAL A 57 -33.00 19.63 19.85
N TRP A 58 -33.14 19.96 18.57
CA TRP A 58 -33.17 21.36 18.15
C TRP A 58 -34.36 22.09 18.76
N ALA A 59 -35.52 21.47 18.76
CA ALA A 59 -36.70 22.10 19.34
C ALA A 59 -36.52 22.35 20.83
N VAL A 60 -35.97 21.36 21.55
CA VAL A 60 -35.75 21.54 22.98
C VAL A 60 -34.75 22.65 23.23
N GLY A 61 -33.67 22.68 22.46
CA GLY A 61 -32.68 23.74 22.63
C GLY A 61 -33.25 25.12 22.35
N LEU A 62 -34.03 25.25 21.28
CA LEU A 62 -34.65 26.54 20.96
C LEU A 62 -35.62 26.96 22.06
N SER A 63 -36.42 26.03 22.57
CA SER A 63 -37.36 26.37 23.63
C SER A 63 -36.63 26.82 24.89
N ARG A 64 -35.56 26.09 25.27
CA ARG A 64 -34.80 26.48 26.44
C ARG A 64 -34.17 27.85 26.25
N TRP A 65 -33.61 28.11 25.07
CA TRP A 65 -33.03 29.42 24.79
C TRP A 65 -34.08 30.51 24.90
N ALA A 66 -35.27 30.28 24.33
CA ALA A 66 -36.32 31.29 24.38
C ALA A 66 -36.75 31.56 25.82
N VAL A 67 -36.93 30.51 26.61
CA VAL A 67 -37.37 30.69 27.99
C VAL A 67 -36.33 31.46 28.78
N LEU A 68 -35.05 31.08 28.64
CA LEU A 68 -33.99 31.76 29.38
C LEU A 68 -33.84 33.21 28.92
N TRP A 69 -33.99 33.46 27.62
CA TRP A 69 -33.88 34.82 27.10
C TRP A 69 -35.02 35.69 27.62
N LEU A 70 -36.25 35.14 27.65
CA LEU A 70 -37.36 35.90 28.21
C LEU A 70 -37.14 36.19 29.69
N GLY A 71 -36.65 35.21 30.44
CA GLY A 71 -36.35 35.45 31.84
C GLY A 71 -35.29 36.53 32.02
N ALA A 72 -34.23 36.48 31.21
CA ALA A 72 -33.19 37.49 31.30
C ALA A 72 -33.73 38.87 30.95
N CYS A 73 -34.57 38.96 29.93
CA CYS A 73 -35.17 40.25 29.57
C CYS A 73 -36.04 40.78 30.70
N GLY A 74 -36.82 39.90 31.33
CA GLY A 74 -37.63 40.33 32.46
C GLY A 74 -36.78 40.82 33.62
N VAL A 75 -35.69 40.09 33.91
CA VAL A 75 -34.80 40.51 35.00
C VAL A 75 -34.18 41.87 34.68
N LEU A 76 -33.74 42.06 33.43
CA LEU A 76 -33.15 43.34 33.05
C LEU A 76 -34.16 44.47 33.17
N ARG A 77 -35.40 44.23 32.73
CA ARG A 77 -36.43 45.26 32.87
C ARG A 77 -36.69 45.59 34.33
N ALA A 78 -36.75 44.57 35.18
CA ALA A 78 -36.97 44.81 36.60
C ALA A 78 -35.82 45.62 37.21
N THR A 79 -34.58 45.28 36.83
CA THR A 79 -33.44 45.98 37.40
C THR A 79 -33.35 47.42 36.91
N VAL A 80 -33.72 47.66 35.65
CA VAL A 80 -33.66 49.03 35.11
C VAL A 80 -34.59 49.96 35.88
N GLY A 81 -35.65 49.41 36.48
CA GLY A 81 -36.57 50.26 37.23
C GLY A 81 -35.88 51.00 38.36
N SER A 82 -34.93 50.36 39.03
CA SER A 82 -34.18 50.95 40.13
C SER A 82 -32.77 51.28 39.67
N LYS A 83 -32.30 52.48 40.01
CA LYS A 83 -30.97 52.94 39.62
C LYS A 83 -30.19 53.47 40.82
N SER A 84 -30.63 53.15 42.05
CA SER A 84 -29.97 53.69 43.24
C SER A 84 -28.64 53.01 43.52
N GLU A 85 -28.49 51.74 43.16
CA GLU A 85 -27.30 50.97 43.49
C GLU A 85 -26.28 51.07 42.36
N ASN A 86 -25.19 50.31 42.49
CA ASN A 86 -24.08 50.39 41.56
C ASN A 86 -24.48 49.79 40.20
N ALA A 87 -23.63 50.05 39.21
CA ALA A 87 -23.83 49.53 37.86
C ALA A 87 -23.08 48.23 37.61
N GLY A 88 -22.34 47.73 38.60
CA GLY A 88 -21.65 46.46 38.41
C GLY A 88 -22.61 45.30 38.26
N ALA A 89 -23.71 45.31 39.02
CA ALA A 89 -24.70 44.25 38.90
C ALA A 89 -25.28 44.21 37.49
N GLN A 90 -25.58 45.36 36.91
CA GLN A 90 -26.06 45.39 35.53
C GLN A 90 -25.00 44.87 34.57
N GLY A 91 -23.73 45.20 34.81
CA GLY A 91 -22.67 44.67 33.98
C GLY A 91 -22.61 43.16 34.01
N TRP A 92 -22.73 42.57 35.21
CA TRP A 92 -22.76 41.12 35.31
C TRP A 92 -24.00 40.53 34.63
N LEU A 93 -25.15 41.17 34.82
CA LEU A 93 -26.38 40.69 34.20
C LEU A 93 -26.34 40.80 32.68
N ALA A 94 -25.47 41.67 32.14
CA ALA A 94 -25.37 41.80 30.70
C ALA A 94 -24.95 40.50 30.03
N ALA A 95 -24.29 39.60 30.76
CA ALA A 95 -23.84 38.33 30.21
C ALA A 95 -24.88 37.23 30.33
N LEU A 96 -26.05 37.52 30.90
CA LEU A 96 -27.09 36.50 31.02
C LEU A 96 -27.58 36.05 29.65
N LYS A 97 -27.76 36.99 28.72
CA LYS A 97 -28.23 36.63 27.39
C LYS A 97 -27.26 35.71 26.65
N PRO A 98 -25.98 36.04 26.51
CA PRO A 98 -25.07 35.11 25.84
C PRO A 98 -24.95 33.77 26.56
N LEU A 99 -24.98 33.78 27.89
CA LEU A 99 -24.93 32.53 28.64
C LEU A 99 -26.15 31.67 28.32
N ALA A 100 -27.33 32.29 28.25
CA ALA A 100 -28.55 31.55 27.91
C ALA A 100 -28.47 31.01 26.50
N ALA A 101 -27.95 31.81 25.56
CA ALA A 101 -27.81 31.35 24.19
C ALA A 101 -26.89 30.15 24.12
N ALA A 102 -25.77 30.19 24.84
CA ALA A 102 -24.85 29.06 24.87
C ALA A 102 -25.54 27.83 25.45
N LEU A 103 -26.20 27.99 26.60
CA LEU A 103 -26.90 26.86 27.21
C LEU A 103 -27.89 26.23 26.22
N GLY A 104 -28.69 27.07 25.56
CA GLY A 104 -29.70 26.55 24.66
C GLY A 104 -29.12 25.88 23.43
N LEU A 105 -28.12 26.49 22.80
CA LEU A 105 -27.70 26.10 21.46
C LEU A 105 -26.37 25.33 21.42
N ALA A 106 -25.81 24.96 22.58
CA ALA A 106 -24.58 24.19 22.56
C ALA A 106 -24.81 22.80 21.99
N LEU A 107 -25.85 22.11 22.45
CA LEU A 107 -26.09 20.72 22.06
C LEU A 107 -26.60 20.63 20.63
N PRO A 108 -27.66 21.36 20.26
CA PRO A 108 -28.17 21.22 18.88
C PRO A 108 -27.13 21.57 17.82
N GLY A 109 -26.29 22.57 18.06
CA GLY A 109 -25.27 22.90 17.08
C GLY A 109 -24.26 21.77 16.89
N LEU A 110 -23.81 21.19 18.01
CA LEU A 110 -22.89 20.06 17.91
C LEU A 110 -23.54 18.89 17.20
N ALA A 111 -24.80 18.61 17.51
CA ALA A 111 -25.50 17.51 16.85
C ALA A 111 -25.61 17.74 15.35
N LEU A 112 -25.96 18.97 14.95
CA LEU A 112 -26.05 19.28 13.53
C LEU A 112 -24.71 19.12 12.84
N PHE A 113 -23.64 19.64 13.47
CA PHE A 113 -22.32 19.52 12.86
C PHE A 113 -21.91 18.06 12.72
N ARG A 114 -22.15 17.24 13.75
CA ARG A 114 -21.79 15.84 13.68
C ARG A 114 -22.59 15.11 12.61
N GLU A 115 -23.88 15.41 12.51
CA GLU A 115 -24.69 14.80 11.46
C GLU A 115 -24.18 15.19 10.08
N LEU A 116 -23.82 16.45 9.89
CA LEU A 116 -23.37 16.92 8.58
C LEU A 116 -21.99 16.38 8.24
N ILE A 117 -21.15 16.11 9.24
CA ILE A 117 -19.79 15.64 8.96
C ILE A 117 -19.84 14.31 8.21
N SER A 118 -20.60 13.35 8.73
CA SER A 118 -20.68 12.02 8.13
C SER A 118 -22.09 11.48 8.28
N TRP A 119 -22.60 10.87 7.22
CA TRP A 119 -23.94 10.31 7.20
C TRP A 119 -23.97 8.81 7.39
N GLY A 120 -22.82 8.21 7.74
CA GLY A 120 -22.75 6.77 7.94
C GLY A 120 -22.02 6.37 9.20
N ALA A 121 -21.46 7.34 9.92
CA ALA A 121 -20.75 7.10 11.18
C ALA A 121 -21.22 8.12 12.21
N PRO A 122 -22.45 8.01 12.69
CA PRO A 122 -22.95 8.97 13.68
C PRO A 122 -22.25 8.82 15.01
N GLY A 123 -21.88 9.96 15.60
CA GLY A 123 -21.44 9.96 16.99
C GLY A 123 -22.56 9.69 17.96
N SER A 124 -23.78 10.04 17.59
CA SER A 124 -25.00 9.70 18.35
C SER A 124 -24.86 10.19 19.78
N ALA A 125 -25.78 9.76 20.65
CA ALA A 125 -25.75 10.03 22.09
C ALA A 125 -26.11 11.48 22.41
N ASP A 126 -26.24 12.33 21.38
CA ASP A 126 -26.71 13.69 21.61
C ASP A 126 -28.01 13.93 20.85
N SER A 127 -27.99 13.75 19.53
CA SER A 127 -29.19 13.90 18.73
C SER A 127 -30.22 12.84 19.09
N THR A 128 -29.81 11.58 19.07
CA THR A 128 -30.65 10.51 19.58
C THR A 128 -30.55 10.46 21.10
N ARG A 129 -31.48 9.73 21.71
CA ARG A 129 -31.54 9.66 23.17
C ARG A 129 -31.66 11.07 23.75
N LEU A 130 -32.39 11.90 22.99
CA LEU A 130 -32.56 13.35 23.30
C LEU A 130 -32.93 13.56 24.79
N LEU A 131 -34.03 12.98 25.28
CA LEU A 131 -34.42 13.19 26.67
C LEU A 131 -33.42 12.52 27.60
N HIS A 132 -32.75 11.48 27.14
CA HIS A 132 -31.77 10.79 27.97
C HIS A 132 -30.54 11.64 28.23
N TRP A 133 -30.34 12.72 27.48
CA TRP A 133 -29.27 13.68 27.73
C TRP A 133 -29.76 15.02 28.22
N GLY A 134 -30.92 15.49 27.76
CA GLY A 134 -31.47 16.74 28.27
C GLY A 134 -31.82 16.64 29.74
N SER A 135 -32.50 15.56 30.13
CA SER A 135 -32.86 15.36 31.52
C SER A 135 -31.72 14.77 32.34
N HIS A 136 -30.71 14.21 31.67
CA HIS A 136 -29.54 13.66 32.35
C HIS A 136 -28.92 14.76 33.22
N PRO A 137 -28.92 14.61 34.55
CA PRO A 137 -28.27 15.66 35.37
C PRO A 137 -26.80 15.84 35.04
N THR A 138 -26.10 14.76 34.71
CA THR A 138 -24.69 14.87 34.35
C THR A 138 -24.52 15.74 33.10
N ALA A 139 -25.35 15.51 32.08
CA ALA A 139 -25.26 16.30 30.87
C ALA A 139 -25.67 17.75 31.12
N PHE A 140 -26.63 17.96 32.03
CA PHE A 140 -27.01 19.32 32.40
C PHE A 140 -25.84 20.06 33.02
N VAL A 141 -25.15 19.41 33.95
CA VAL A 141 -23.99 20.03 34.58
C VAL A 141 -22.89 20.28 33.56
N VAL A 142 -22.68 19.32 32.65
CA VAL A 142 -21.66 19.49 31.62
C VAL A 142 -21.99 20.67 30.72
N SER A 143 -23.25 20.79 30.32
CA SER A 143 -23.65 21.90 29.46
C SER A 143 -23.45 23.24 30.18
N TYR A 144 -23.81 23.31 31.46
CA TYR A 144 -23.60 24.53 32.21
C TYR A 144 -22.12 24.88 32.31
N ALA A 145 -21.29 23.88 32.61
CA ALA A 145 -19.86 24.12 32.77
C ALA A 145 -19.20 24.49 31.45
N ALA A 146 -19.72 24.00 30.33
CA ALA A 146 -19.20 24.39 29.03
C ALA A 146 -19.68 25.77 28.61
N ALA A 147 -20.92 26.14 28.97
CA ALA A 147 -21.46 27.43 28.58
C ALA A 147 -20.91 28.57 29.42
N LEU A 148 -20.55 28.31 30.68
CA LEU A 148 -20.05 29.40 31.51
C LEU A 148 -18.79 30.04 30.96
N PRO A 149 -17.72 29.29 30.65
CA PRO A 149 -16.49 29.96 30.18
C PRO A 149 -16.63 30.56 28.78
N ALA A 150 -17.36 29.90 27.87
CA ALA A 150 -17.57 30.48 26.56
C ALA A 150 -18.31 31.80 26.66
N ALA A 151 -19.37 31.83 27.48
CA ALA A 151 -20.10 33.07 27.68
C ALA A 151 -19.23 34.14 28.33
N ALA A 152 -18.39 33.74 29.29
CA ALA A 152 -17.50 34.70 29.93
C ALA A 152 -16.55 35.32 28.91
N LEU A 153 -15.95 34.47 28.06
CA LEU A 153 -15.03 34.99 27.04
C LEU A 153 -15.75 35.90 26.06
N TRP A 154 -16.93 35.50 25.60
CA TRP A 154 -17.66 36.33 24.64
C TRP A 154 -18.04 37.67 25.25
N HIS A 155 -18.51 37.67 26.50
CA HIS A 155 -18.86 38.92 27.16
C HIS A 155 -17.63 39.80 27.35
N LYS A 156 -16.51 39.22 27.76
CA LYS A 156 -15.29 40.00 27.95
C LYS A 156 -14.84 40.63 26.65
N LEU A 157 -14.88 39.87 25.55
CA LEU A 157 -14.50 40.43 24.26
C LEU A 157 -15.48 41.53 23.82
N GLY A 158 -16.78 41.31 24.01
CA GLY A 158 -17.75 42.29 23.56
C GLY A 158 -17.68 43.59 24.34
N SER A 159 -17.44 43.50 25.64
CA SER A 159 -17.39 44.70 26.47
C SER A 159 -16.31 45.68 26.00
N LEU A 160 -15.26 45.17 25.34
CA LEU A 160 -14.19 46.03 24.85
C LEU A 160 -14.68 46.91 23.71
N ASN A 171 0.46 51.18 23.32
CA ASN A 171 1.76 50.52 23.28
C ASN A 171 2.54 50.95 22.05
N PRO A 172 3.88 50.92 22.14
CA PRO A 172 4.69 51.28 20.96
C PRO A 172 4.50 50.34 19.78
N VAL A 173 4.05 49.11 20.01
CA VAL A 173 3.81 48.19 18.90
C VAL A 173 2.65 48.68 18.05
N ARG A 174 1.64 49.28 18.67
CA ARG A 174 0.55 49.87 17.90
C ARG A 174 1.06 50.99 17.01
N ARG A 175 1.93 51.85 17.54
CA ARG A 175 2.55 52.88 16.73
C ARG A 175 3.35 52.27 15.58
N LEU A 176 4.10 51.20 15.86
CA LEU A 176 4.89 50.55 14.84
C LEU A 176 4.01 50.00 13.72
N LEU A 177 2.90 49.35 14.08
CA LEU A 177 2.03 48.72 13.10
C LEU A 177 1.08 49.69 12.42
N GLY A 178 0.94 50.91 12.94
CA GLY A 178 0.09 51.88 12.28
C GLY A 178 0.52 52.26 10.88
N CYS A 179 1.77 51.91 10.52
CA CYS A 179 2.25 52.22 9.17
C CYS A 179 1.47 51.44 8.12
N LEU A 180 0.97 50.27 8.47
CA LEU A 180 0.19 49.43 7.55
C LEU A 180 -1.30 49.75 7.64
N GLY A 181 -1.65 51.02 7.44
CA GLY A 181 -3.03 51.46 7.51
C GLY A 181 -3.72 51.50 6.17
N SER A 182 -3.11 52.18 5.20
CA SER A 182 -3.68 52.33 3.88
C SER A 182 -3.44 51.11 2.98
N GLU A 183 -2.67 50.13 3.45
CA GLU A 183 -2.30 48.96 2.66
C GLU A 183 -3.09 47.72 3.06
N THR A 184 -4.19 47.88 3.82
CA THR A 184 -4.95 46.72 4.27
C THR A 184 -5.57 45.98 3.09
N ARG A 185 -6.03 46.72 2.08
CA ARG A 185 -6.71 46.09 0.95
C ARG A 185 -5.79 45.22 0.12
N ARG A 186 -4.47 45.37 0.26
CA ARG A 186 -3.50 44.54 -0.45
C ARG A 186 -2.96 43.42 0.41
N LEU A 187 -2.73 43.67 1.70
CA LEU A 187 -2.35 42.58 2.60
C LEU A 187 -3.50 41.59 2.75
N SER A 188 -4.73 42.05 2.58
CA SER A 188 -5.87 41.12 2.58
C SER A 188 -5.81 40.19 1.37
N LEU A 189 -5.46 40.74 0.20
CA LEU A 189 -5.25 39.88 -0.98
C LEU A 189 -4.12 38.90 -0.73
N PHE A 190 -3.04 39.36 -0.10
CA PHE A 190 -1.94 38.47 0.25
C PHE A 190 -2.42 37.32 1.14
N LEU A 191 -3.22 37.64 2.17
CA LEU A 191 -3.74 36.61 3.06
C LEU A 191 -4.65 35.64 2.31
N VAL A 192 -5.49 36.16 1.42
CA VAL A 192 -6.38 35.30 0.67
C VAL A 192 -5.58 34.33 -0.20
N LEU A 193 -4.53 34.83 -0.86
CA LEU A 193 -3.71 33.97 -1.70
C LEU A 193 -2.95 32.95 -0.87
N VAL A 194 -2.50 33.34 0.32
CA VAL A 194 -1.84 32.39 1.21
C VAL A 194 -2.80 31.28 1.62
N VAL A 195 -4.05 31.65 1.94
CA VAL A 195 -5.04 30.64 2.33
C VAL A 195 -5.34 29.71 1.16
N LEU A 196 -5.44 30.27 -0.05
CA LEU A 196 -5.69 29.44 -1.22
C LEU A 196 -4.53 28.48 -1.47
N SER A 197 -3.30 28.96 -1.31
CA SER A 197 -2.14 28.08 -1.44
C SER A 197 -2.17 26.97 -0.40
N SER A 198 -2.53 27.30 0.83
CA SER A 198 -2.63 26.27 1.87
C SER A 198 -3.69 25.24 1.53
N LEU A 199 -4.85 25.69 1.04
CA LEU A 199 -5.90 24.76 0.66
C LEU A 199 -5.45 23.86 -0.49
N GLY A 200 -4.76 24.42 -1.48
CA GLY A 200 -4.24 23.59 -2.56
C GLY A 200 -3.21 22.60 -2.08
N GLU A 201 -2.39 23.00 -1.10
CA GLU A 201 -1.42 22.09 -0.51
C GLU A 201 -2.11 20.93 0.20
N MET A 202 -3.17 21.22 0.96
CA MET A 202 -3.87 20.18 1.70
C MET A 202 -4.77 19.33 0.82
N ALA A 203 -5.15 19.82 -0.36
CA ALA A 203 -6.02 19.05 -1.25
C ALA A 203 -5.30 17.88 -1.91
N ILE A 204 -3.99 17.78 -1.78
CA ILE A 204 -3.23 16.70 -2.41
C ILE A 204 -3.51 15.39 -1.68
N PRO A 205 -3.26 15.30 -0.36
CA PRO A 205 -3.55 14.03 0.33
C PRO A 205 -5.02 13.65 0.33
N PHE A 206 -5.93 14.63 0.21
CA PHE A 206 -7.35 14.34 0.28
C PHE A 206 -7.92 13.82 -1.04
N PHE A 207 -7.17 13.93 -2.14
CA PHE A 207 -7.60 13.41 -3.43
C PHE A 207 -6.71 12.31 -3.96
N THR A 208 -5.43 12.29 -3.59
CA THR A 208 -4.50 11.26 -4.04
C THR A 208 -4.10 10.29 -2.94
N GLY A 209 -4.41 10.59 -1.68
CA GLY A 209 -4.07 9.70 -0.61
C GLY A 209 -2.57 9.67 -0.35
N ARG A 210 -2.14 8.64 0.37
CA ARG A 210 -0.73 8.46 0.66
C ARG A 210 0.01 7.99 -0.60
N LEU A 211 1.31 8.26 -0.62
CA LEU A 211 2.11 7.97 -1.81
C LEU A 211 2.02 6.49 -2.19
N THR A 212 2.27 5.61 -1.21
CA THR A 212 2.34 4.17 -1.51
C THR A 212 1.03 3.64 -2.06
N ASP A 213 -0.07 4.35 -1.85
CA ASP A 213 -1.37 3.83 -2.29
C ASP A 213 -1.42 3.70 -3.82
N TRP A 214 -0.60 4.45 -4.55
CA TRP A 214 -0.65 4.40 -6.00
C TRP A 214 0.69 4.15 -6.66
N ILE A 215 1.78 4.70 -6.10
CA ILE A 215 3.08 4.53 -6.75
C ILE A 215 3.52 3.07 -6.71
N LEU A 216 3.35 2.41 -5.56
CA LEU A 216 3.87 1.06 -5.40
C LEU A 216 3.05 0.02 -6.16
N GLN A 217 1.81 0.33 -6.50
CA GLN A 217 0.95 -0.66 -7.15
C GLN A 217 1.47 -0.94 -8.55
N ASP A 218 1.72 -2.20 -8.86
CA ASP A 218 2.24 -2.58 -10.16
C ASP A 218 1.10 -2.69 -11.17
N GLY A 219 1.33 -2.14 -12.36
CA GLY A 219 0.28 -2.07 -13.37
C GLY A 219 -0.57 -0.84 -13.31
N SER A 220 -0.14 0.20 -12.61
CA SER A 220 -0.92 1.42 -12.46
C SER A 220 -0.89 2.22 -13.76
N ALA A 221 -2.03 2.34 -14.41
CA ALA A 221 -2.17 3.11 -15.64
C ALA A 221 -3.21 4.22 -15.53
N ASP A 222 -4.34 3.94 -14.88
CA ASP A 222 -5.38 4.95 -14.66
C ASP A 222 -5.34 5.54 -13.27
N THR A 223 -4.37 5.15 -12.45
CA THR A 223 -4.22 5.67 -11.10
C THR A 223 -2.90 6.38 -10.87
N PHE A 224 -1.80 5.86 -11.43
CA PHE A 224 -0.52 6.55 -11.32
C PHE A 224 -0.52 7.84 -12.11
N THR A 225 -0.96 7.79 -13.37
CA THR A 225 -0.99 9.00 -14.19
C THR A 225 -1.98 10.02 -13.63
N ARG A 226 -3.17 9.57 -13.24
CA ARG A 226 -4.16 10.50 -12.71
C ARG A 226 -3.63 11.22 -11.47
N ASN A 227 -3.13 10.45 -10.50
CA ASN A 227 -2.64 11.05 -9.26
C ASN A 227 -1.44 11.94 -9.51
N LEU A 228 -0.52 11.50 -10.37
CA LEU A 228 0.66 12.31 -10.65
C LEU A 228 0.27 13.64 -11.29
N THR A 229 -0.64 13.60 -12.26
CA THR A 229 -1.07 14.84 -12.92
C THR A 229 -1.81 15.74 -11.94
N LEU A 230 -2.68 15.18 -11.10
CA LEU A 230 -3.40 16.00 -10.15
C LEU A 230 -2.45 16.66 -9.15
N MET A 231 -1.48 15.90 -8.64
CA MET A 231 -0.51 16.46 -7.71
C MET A 231 0.32 17.55 -8.37
N SER A 232 0.75 17.32 -9.61
CA SER A 232 1.53 18.33 -10.32
C SER A 232 0.71 19.59 -10.53
N ILE A 233 -0.56 19.45 -10.92
CA ILE A 233 -1.41 20.62 -11.15
C ILE A 233 -1.59 21.39 -9.86
N LEU A 234 -1.86 20.69 -8.75
CA LEU A 234 -2.04 21.39 -7.48
C LEU A 234 -0.77 22.09 -7.05
N THR A 235 0.39 21.45 -7.23
CA THR A 235 1.65 22.08 -6.86
C THR A 235 1.92 23.32 -7.71
N ILE A 236 1.66 23.23 -9.01
CA ILE A 236 1.86 24.38 -9.89
C ILE A 236 0.93 25.52 -9.51
N ALA A 237 -0.33 25.21 -9.21
CA ALA A 237 -1.28 26.24 -8.81
C ALA A 237 -0.83 26.91 -7.51
N SER A 238 -0.37 26.13 -6.54
CA SER A 238 0.12 26.71 -5.30
C SER A 238 1.33 27.59 -5.54
N ALA A 239 2.24 27.16 -6.42
CA ALA A 239 3.43 27.95 -6.72
C ALA A 239 3.05 29.28 -7.36
N VAL A 240 2.10 29.27 -8.29
CA VAL A 240 1.70 30.50 -8.95
C VAL A 240 0.98 31.43 -7.98
N LEU A 241 0.13 30.86 -7.11
CA LEU A 241 -0.54 31.67 -6.10
C LEU A 241 0.48 32.32 -5.16
N GLU A 242 1.49 31.55 -4.74
CA GLU A 242 2.54 32.12 -3.90
C GLU A 242 3.30 33.22 -4.64
N PHE A 243 3.56 33.02 -5.93
CA PHE A 243 4.24 34.03 -6.72
C PHE A 243 3.45 35.35 -6.73
N VAL A 244 2.15 35.26 -7.03
CA VAL A 244 1.33 36.46 -7.08
C VAL A 244 1.25 37.13 -5.71
N GLY A 245 1.06 36.34 -4.66
CA GLY A 245 0.99 36.91 -3.32
C GLY A 245 2.28 37.59 -2.91
N ASP A 246 3.42 36.96 -3.21
CA ASP A 246 4.70 37.57 -2.89
C ASP A 246 4.91 38.86 -3.66
N GLY A 247 4.52 38.89 -4.93
CA GLY A 247 4.64 40.13 -5.69
C GLY A 247 3.82 41.25 -5.09
N ILE A 248 2.55 40.96 -4.77
CA ILE A 248 1.69 41.96 -4.14
C ILE A 248 2.33 42.46 -2.84
N TYR A 249 2.79 41.51 -2.02
CA TYR A 249 3.34 41.86 -0.72
C TYR A 249 4.59 42.73 -0.84
N ASN A 250 5.49 42.38 -1.75
CA ASN A 250 6.73 43.13 -1.90
C ASN A 250 6.46 44.52 -2.45
N ASN A 251 5.54 44.64 -3.40
CA ASN A 251 5.17 45.97 -3.88
C ASN A 251 4.61 46.82 -2.75
N THR A 252 3.71 46.23 -1.94
CA THR A 252 3.13 46.97 -0.83
C THR A 252 4.20 47.41 0.17
N MET A 253 5.15 46.52 0.48
CA MET A 253 6.18 46.86 1.45
C MET A 253 7.11 47.94 0.91
N GLY A 254 7.40 47.92 -0.39
CA GLY A 254 8.17 49.01 -0.98
C GLY A 254 7.46 50.34 -0.85
N HIS A 255 6.15 50.35 -1.12
CA HIS A 255 5.38 51.59 -0.94
C HIS A 255 5.44 52.06 0.50
N VAL A 256 5.29 51.13 1.45
CA VAL A 256 5.33 51.50 2.87
C VAL A 256 6.68 52.12 3.22
N HIS A 257 7.76 51.49 2.76
CA HIS A 257 9.10 51.99 3.05
C HIS A 257 9.28 53.41 2.51
N SER A 258 8.90 53.62 1.25
CA SER A 258 9.09 54.94 0.65
C SER A 258 8.27 55.99 1.39
N HIS A 259 7.01 55.66 1.69
CA HIS A 259 6.13 56.62 2.37
C HIS A 259 6.67 56.97 3.75
N LEU A 260 7.15 55.97 4.49
CA LEU A 260 7.67 56.24 5.83
C LEU A 260 8.91 57.11 5.77
N GLN A 261 9.83 56.83 4.84
CA GLN A 261 11.02 57.66 4.74
C GLN A 261 10.66 59.10 4.39
N GLY A 262 9.75 59.29 3.44
CA GLY A 262 9.33 60.64 3.10
C GLY A 262 8.71 61.36 4.27
N GLU A 263 7.84 60.68 5.02
CA GLU A 263 7.21 61.31 6.18
C GLU A 263 8.24 61.71 7.22
N VAL A 264 9.22 60.84 7.50
CA VAL A 264 10.23 61.17 8.50
C VAL A 264 11.03 62.38 8.06
N PHE A 265 11.43 62.43 6.78
CA PHE A 265 12.21 63.58 6.32
C PHE A 265 11.40 64.87 6.41
N GLY A 266 10.13 64.82 6.01
CA GLY A 266 9.30 66.01 6.11
C GLY A 266 9.13 66.48 7.55
N ALA A 267 8.91 65.53 8.47
CA ALA A 267 8.77 65.88 9.87
C ALA A 267 10.03 66.53 10.40
N VAL A 268 11.20 65.98 10.03
CA VAL A 268 12.45 66.58 10.46
C VAL A 268 12.57 68.01 9.94
N LEU A 269 12.21 68.23 8.68
CA LEU A 269 12.33 69.57 8.11
C LEU A 269 11.28 70.54 8.65
N ARG A 270 10.22 70.04 9.28
CA ARG A 270 9.19 70.93 9.83
C ARG A 270 9.55 71.46 11.22
N GLN A 271 10.69 71.08 11.78
CA GLN A 271 11.03 71.45 13.15
C GLN A 271 11.53 72.90 13.18
N GLU A 272 12.05 73.32 14.32
CA GLU A 272 12.51 74.68 14.50
C GLU A 272 14.02 74.78 14.24
N THR A 273 14.51 76.02 14.25
CA THR A 273 15.90 76.25 13.85
C THR A 273 16.90 75.72 14.87
N GLU A 274 16.51 75.66 16.15
CA GLU A 274 17.43 75.15 17.17
C GLU A 274 17.39 73.64 17.30
N PHE A 275 16.34 72.99 16.77
CA PHE A 275 16.31 71.54 16.75
C PHE A 275 17.51 70.97 16.00
N PHE A 276 18.06 71.74 15.07
CA PHE A 276 19.22 71.32 14.29
C PHE A 276 20.54 71.74 14.92
N GLN A 277 20.50 72.49 16.01
CA GLN A 277 21.70 72.74 16.81
C GLN A 277 21.84 71.77 17.97
N GLN A 278 20.74 71.15 18.40
CA GLN A 278 20.79 70.06 19.37
C GLN A 278 21.05 68.72 18.70
N ASN A 279 20.40 68.46 17.58
CA ASN A 279 20.62 67.26 16.78
C ASN A 279 21.52 67.62 15.60
N GLN A 280 22.64 66.92 15.48
CA GLN A 280 23.66 67.25 14.51
C GLN A 280 23.38 66.54 13.18
N THR A 281 24.03 67.04 12.12
CA THR A 281 23.66 66.66 10.77
C THR A 281 23.79 65.15 10.56
N GLY A 282 24.94 64.58 10.93
CA GLY A 282 25.12 63.15 10.74
C GLY A 282 24.14 62.33 11.53
N ASN A 283 23.81 62.77 12.74
CA ASN A 283 22.85 62.05 13.57
C ASN A 283 21.48 62.02 12.89
N ILE A 284 20.97 63.18 12.48
CA ILE A 284 19.68 63.25 11.82
C ILE A 284 19.69 62.44 10.53
N MET A 285 20.78 62.52 9.78
CA MET A 285 20.88 61.77 8.53
C MET A 285 20.82 60.27 8.78
N SER A 286 21.52 59.80 9.81
CA SER A 286 21.48 58.37 10.15
C SER A 286 20.08 57.95 10.58
N ARG A 287 19.40 58.80 11.35
CA ARG A 287 18.03 58.47 11.77
C ARG A 287 17.10 58.40 10.56
N VAL A 288 17.23 59.36 9.64
CA VAL A 288 16.31 59.43 8.51
C VAL A 288 16.56 58.30 7.52
N THR A 289 17.83 58.03 7.20
CA THR A 289 18.16 57.12 6.11
C THR A 289 18.33 55.68 6.57
N GLU A 290 18.86 55.45 7.77
CA GLU A 290 19.24 54.12 8.21
C GLU A 290 18.24 53.50 9.17
N ASP A 291 17.74 54.25 10.15
CA ASP A 291 16.75 53.67 11.07
C ASP A 291 15.50 53.24 10.33
N THR A 292 15.02 54.08 9.41
CA THR A 292 13.81 53.75 8.67
C THR A 292 14.02 52.51 7.80
N SER A 293 15.18 52.39 7.17
CA SER A 293 15.45 51.25 6.31
C SER A 293 15.44 49.95 7.10
N THR A 294 16.13 49.93 8.25
CA THR A 294 16.14 48.74 9.08
C THR A 294 14.74 48.42 9.60
N LEU A 295 14.00 49.45 10.02
CA LEU A 295 12.63 49.25 10.46
C LEU A 295 11.81 48.58 9.37
N SER A 296 11.92 49.08 8.13
CA SER A 296 11.09 48.56 7.05
C SER A 296 11.49 47.14 6.67
N ASP A 297 12.79 46.84 6.67
CA ASP A 297 13.24 45.48 6.37
C ASP A 297 12.71 44.50 7.41
N SER A 298 12.84 44.85 8.69
CA SER A 298 12.30 44.00 9.74
C SER A 298 10.80 43.83 9.59
N LEU A 299 10.09 44.94 9.35
CA LEU A 299 8.65 44.87 9.15
C LEU A 299 8.29 43.88 8.06
N SER A 300 8.92 44.00 6.90
CA SER A 300 8.55 43.15 5.77
C SER A 300 8.81 41.69 6.09
N GLU A 301 10.05 41.38 6.51
CA GLU A 301 10.40 39.98 6.75
C GLU A 301 9.48 39.36 7.79
N ASN A 302 9.36 40.02 8.95
CA ASN A 302 8.64 39.41 10.06
C ASN A 302 7.14 39.39 9.80
N LEU A 303 6.59 40.35 9.06
CA LEU A 303 5.15 40.33 8.81
C LEU A 303 4.80 39.22 7.83
N SER A 304 5.59 39.04 6.77
CA SER A 304 5.35 37.91 5.88
C SER A 304 5.44 36.60 6.64
N LEU A 305 6.49 36.43 7.42
CA LEU A 305 6.67 35.20 8.20
C LEU A 305 5.48 34.97 9.12
N PHE A 306 5.06 36.02 9.84
CA PHE A 306 4.00 35.89 10.83
C PHE A 306 2.69 35.51 10.17
N LEU A 307 2.30 36.18 9.09
CA LEU A 307 1.04 35.85 8.43
C LEU A 307 1.05 34.42 7.89
N TRP A 308 2.14 34.03 7.22
CA TRP A 308 2.19 32.68 6.67
C TRP A 308 2.07 31.63 7.77
N TYR A 309 2.85 31.78 8.84
CA TYR A 309 2.82 30.77 9.89
C TYR A 309 1.52 30.82 10.67
N LEU A 310 0.86 31.98 10.75
CA LEU A 310 -0.45 32.05 11.39
C LEU A 310 -1.46 31.22 10.61
N VAL A 311 -1.49 31.39 9.28
CA VAL A 311 -2.43 30.62 8.47
C VAL A 311 -2.16 29.12 8.59
N ARG A 312 -0.89 28.74 8.48
CA ARG A 312 -0.58 27.31 8.54
C ARG A 312 -0.83 26.73 9.93
N GLY A 313 -0.61 27.52 10.98
CA GLY A 313 -0.94 27.06 12.32
C GLY A 313 -2.43 26.90 12.51
N LEU A 314 -3.23 27.76 11.89
CA LEU A 314 -4.68 27.59 11.96
C LEU A 314 -5.11 26.30 11.26
N CYS A 315 -4.49 25.99 10.11
CA CYS A 315 -4.79 24.72 9.45
C CYS A 315 -4.40 23.54 10.33
N LEU A 316 -3.22 23.61 10.96
CA LEU A 316 -2.79 22.54 11.85
C LEU A 316 -3.72 22.41 13.05
N LEU A 317 -4.23 23.54 13.55
CA LEU A 317 -5.20 23.48 14.65
C LEU A 317 -6.49 22.83 14.22
N GLY A 318 -6.95 23.11 13.01
CA GLY A 318 -8.13 22.40 12.51
C GLY A 318 -7.92 20.91 12.47
N ILE A 319 -6.77 20.48 11.95
CA ILE A 319 -6.49 19.04 11.90
C ILE A 319 -6.41 18.46 13.31
N MET A 320 -5.76 19.17 14.23
CA MET A 320 -5.66 18.69 15.61
C MET A 320 -7.03 18.57 16.25
N LEU A 321 -7.90 19.56 16.03
CA LEU A 321 -9.27 19.47 16.53
C LEU A 321 -9.97 18.24 15.99
N TRP A 322 -9.78 17.96 14.70
CA TRP A 322 -10.31 16.71 14.15
C TRP A 322 -9.76 15.51 14.90
N GLY A 323 -8.50 15.57 15.30
CA GLY A 323 -7.89 14.47 16.03
C GLY A 323 -8.43 14.30 17.43
N SER A 324 -8.12 15.23 18.33
CA SER A 324 -8.62 15.20 19.70
C SER A 324 -8.90 16.63 20.14
N VAL A 325 -10.16 16.92 20.46
CA VAL A 325 -10.55 18.26 20.86
C VAL A 325 -9.99 18.59 22.25
N SER A 326 -10.07 17.65 23.17
CA SER A 326 -9.62 17.89 24.53
C SER A 326 -8.14 18.25 24.57
N LEU A 327 -7.31 17.46 23.89
CA LEU A 327 -5.87 17.74 23.89
C LEU A 327 -5.56 19.03 23.16
N THR A 328 -6.34 19.37 22.13
CA THR A 328 -6.14 20.65 21.45
C THR A 328 -6.42 21.82 22.38
N MET A 329 -7.51 21.72 23.16
CA MET A 329 -7.79 22.77 24.15
C MET A 329 -6.68 22.84 25.20
N VAL A 330 -6.20 21.68 25.65
CA VAL A 330 -5.11 21.68 26.62
C VAL A 330 -3.88 22.36 26.04
N THR A 331 -3.60 22.12 24.76
CA THR A 331 -2.47 22.77 24.12
C THR A 331 -2.67 24.28 24.03
N LEU A 332 -3.88 24.71 23.69
CA LEU A 332 -4.16 26.15 23.57
C LEU A 332 -4.14 26.84 24.93
N ILE A 333 -4.39 26.11 26.01
CA ILE A 333 -4.38 26.72 27.33
C ILE A 333 -2.98 27.17 27.72
N THR A 334 -1.96 26.45 27.29
CA THR A 334 -0.60 26.62 27.81
C THR A 334 0.28 27.54 26.99
N LEU A 335 -0.22 28.10 25.88
CA LEU A 335 0.60 29.00 25.09
C LEU A 335 1.00 30.27 25.84
N PRO A 336 0.11 30.92 26.59
CA PRO A 336 0.54 32.09 27.38
C PRO A 336 1.70 31.78 28.32
N LEU A 337 1.75 30.57 28.86
CA LEU A 337 2.90 30.18 29.68
C LEU A 337 4.19 30.27 28.87
N LEU A 338 4.12 29.92 27.59
CA LEU A 338 5.29 30.01 26.72
C LEU A 338 5.61 31.44 26.34
N PHE A 339 4.60 32.30 26.23
CA PHE A 339 4.82 33.70 25.87
C PHE A 339 5.07 34.62 27.06
N LEU A 340 5.08 34.08 28.28
CA LEU A 340 5.35 34.90 29.46
C LEU A 340 6.71 35.61 29.35
N LEU A 341 7.79 34.82 29.28
CA LEU A 341 9.13 35.41 29.37
C LEU A 341 9.42 36.45 28.29
N PRO A 342 9.07 36.24 27.02
CA PRO A 342 9.28 37.29 26.02
C PRO A 342 8.65 38.62 26.43
N LYS A 343 7.47 38.58 27.04
CA LYS A 343 6.83 39.81 27.50
C LYS A 343 7.70 40.51 28.55
N LYS A 344 8.44 39.75 29.35
CA LYS A 344 9.31 40.37 30.34
C LYS A 344 10.56 40.96 29.70
N VAL A 345 11.15 40.28 28.71
CA VAL A 345 12.44 40.71 28.17
C VAL A 345 12.32 41.64 26.96
N GLY A 346 11.10 41.93 26.50
CA GLY A 346 10.94 42.83 25.37
C GLY A 346 11.49 44.23 25.65
N LYS A 347 11.29 44.73 26.87
CA LYS A 347 11.78 46.06 27.19
C LYS A 347 13.31 46.10 27.16
N TRP A 348 13.97 45.04 27.64
CA TRP A 348 15.42 44.96 27.54
C TRP A 348 15.86 44.98 26.08
N TYR A 349 15.16 44.23 25.22
CA TYR A 349 15.50 44.26 23.80
C TYR A 349 15.35 45.68 23.24
N GLN A 350 14.27 46.36 23.59
CA GLN A 350 14.04 47.71 23.08
C GLN A 350 15.15 48.66 23.50
N LEU A 351 15.52 48.62 24.78
CA LEU A 351 16.57 49.51 25.26
C LEU A 351 17.91 49.21 24.57
N LEU A 352 18.23 47.92 24.42
CA LEU A 352 19.47 47.56 23.75
C LEU A 352 19.51 48.12 22.34
N GLU A 353 18.41 47.96 21.58
CA GLU A 353 18.42 48.44 20.21
C GLU A 353 18.46 49.96 20.14
N VAL A 354 17.81 50.64 21.09
CA VAL A 354 17.89 52.10 21.13
C VAL A 354 19.34 52.54 21.30
N GLN A 355 20.06 51.91 22.22
CA GLN A 355 21.47 52.25 22.41
C GLN A 355 22.28 51.99 21.15
N VAL A 356 21.99 50.88 20.48
CA VAL A 356 22.73 50.55 19.25
C VAL A 356 22.51 51.62 18.19
N ARG A 357 21.26 52.03 17.99
CA ARG A 357 20.98 53.06 17.00
C ARG A 357 21.67 54.38 17.36
N GLU A 358 21.66 54.73 18.65
CA GLU A 358 22.31 55.98 19.06
C GLU A 358 23.81 55.94 18.78
N SER A 359 24.45 54.81 19.07
CA SER A 359 25.88 54.71 18.82
C SER A 359 26.18 54.77 17.32
N LEU A 360 25.35 54.12 16.50
CA LEU A 360 25.53 54.22 15.06
C LEU A 360 25.39 55.66 14.59
N ALA A 361 24.43 56.39 15.16
CA ALA A 361 24.24 57.80 14.79
C ALA A 361 25.46 58.63 15.17
N LYS A 362 26.05 58.37 16.35
CA LYS A 362 27.25 59.10 16.74
C LYS A 362 28.41 58.81 15.80
N SER A 363 28.57 57.55 15.39
CA SER A 363 29.60 57.21 14.42
C SER A 363 29.37 57.95 13.11
N SER A 364 28.11 58.00 12.66
CA SER A 364 27.78 58.73 11.44
C SER A 364 28.13 60.20 11.57
N GLN A 365 27.86 60.80 12.73
CA GLN A 365 28.21 62.20 12.94
C GLN A 365 29.71 62.40 12.83
N VAL A 366 30.49 61.52 13.45
CA VAL A 366 31.95 61.64 13.38
C VAL A 366 32.41 61.56 11.93
N ALA A 367 31.90 60.57 11.20
CA ALA A 367 32.34 60.38 9.81
C ALA A 367 31.95 61.58 8.95
N ILE A 368 30.71 62.06 9.08
CA ILE A 368 30.26 63.20 8.29
C ILE A 368 31.10 64.43 8.58
N GLU A 369 31.35 64.69 9.87
CA GLU A 369 32.13 65.87 10.22
C GLU A 369 33.56 65.79 9.71
N ALA A 370 34.17 64.60 9.78
CA ALA A 370 35.54 64.45 9.34
C ALA A 370 35.66 64.57 7.82
N LEU A 371 34.78 63.87 7.09
CA LEU A 371 34.90 63.83 5.64
C LEU A 371 34.48 65.13 4.96
N SER A 372 33.89 66.07 5.69
CA SER A 372 33.48 67.34 5.13
C SER A 372 34.52 68.44 5.29
N ALA A 373 35.54 68.22 6.12
CA ALA A 373 36.58 69.21 6.39
C ALA A 373 37.96 68.60 6.22
N MET A 374 38.12 67.82 5.15
CA MET A 374 39.39 67.14 4.93
C MET A 374 40.56 68.09 4.79
N PRO A 375 40.46 69.22 4.10
CA PRO A 375 41.60 70.15 4.09
C PRO A 375 42.03 70.57 5.48
N THR A 376 41.08 70.74 6.39
CA THR A 376 41.41 71.12 7.77
C THR A 376 41.99 69.96 8.55
N VAL A 377 41.48 68.75 8.31
CA VAL A 377 42.02 67.58 8.99
C VAL A 377 43.47 67.33 8.57
N ARG A 378 43.74 67.44 7.27
CA ARG A 378 45.09 67.17 6.77
C ARG A 378 46.05 68.31 7.10
N SER A 379 45.56 69.55 7.08
CA SER A 379 46.43 70.69 7.38
C SER A 379 46.91 70.67 8.83
N PHE A 380 46.30 69.86 9.69
CA PHE A 380 46.76 69.67 11.07
C PHE A 380 47.20 68.26 11.36
N ALA A 381 47.24 67.38 10.35
CA ALA A 381 47.74 66.01 10.51
C ALA A 381 46.97 65.27 11.59
N ASN A 382 45.64 65.32 11.49
CA ASN A 382 44.76 64.75 12.52
C ASN A 382 43.84 63.68 11.94
N GLU A 383 44.33 62.92 10.95
CA GLU A 383 43.57 61.76 10.49
C GLU A 383 43.50 60.69 11.58
N GLU A 384 44.60 60.54 12.33
CA GLU A 384 44.64 59.54 13.39
C GLU A 384 43.61 59.85 14.48
N GLY A 385 43.44 61.12 14.84
CA GLY A 385 42.46 61.46 15.85
C GLY A 385 41.03 61.17 15.41
N GLU A 386 40.70 61.51 14.16
CA GLU A 386 39.39 61.18 13.63
C GLU A 386 39.16 59.67 13.63
N ALA A 387 40.18 58.92 13.22
CA ALA A 387 40.08 57.46 13.27
C ALA A 387 39.85 56.98 14.69
N GLN A 388 40.52 57.58 15.68
CA GLN A 388 40.34 57.18 17.06
C GLN A 388 38.92 57.45 17.55
N LYS A 389 38.37 58.62 17.19
CA LYS A 389 36.99 58.91 17.58
C LYS A 389 36.02 57.89 16.98
N PHE A 390 36.20 57.59 15.69
CA PHE A 390 35.36 56.60 15.04
C PHE A 390 35.50 55.24 15.73
N ARG A 391 36.74 54.88 16.09
CA ARG A 391 36.97 53.60 16.75
C ARG A 391 36.31 53.54 18.12
N GLU A 392 36.30 54.66 18.84
CA GLU A 392 35.61 54.68 20.14
C GLU A 392 34.11 54.42 19.97
N LYS A 393 33.49 55.08 18.98
CA LYS A 393 32.08 54.82 18.74
C LYS A 393 31.85 53.36 18.35
N LEU A 394 32.71 52.81 17.49
CA LEU A 394 32.59 51.42 17.11
C LEU A 394 32.79 50.48 18.30
N GLN A 395 33.62 50.88 19.26
CA GLN A 395 33.81 50.08 20.46
C GLN A 395 32.53 50.04 21.30
N GLU A 396 31.86 51.18 21.42
CA GLU A 396 30.55 51.17 22.07
C GLU A 396 29.60 50.19 21.38
N ILE A 397 29.53 50.27 20.05
CA ILE A 397 28.63 49.39 19.31
C ILE A 397 29.01 47.93 19.53
N LYS A 398 30.31 47.64 19.61
CA LYS A 398 30.78 46.26 19.82
C LYS A 398 30.35 45.74 21.19
N THR A 399 30.49 46.57 22.23
CA THR A 399 30.06 46.14 23.55
C THR A 399 28.56 45.86 23.57
N LEU A 400 27.79 46.60 22.77
CA LEU A 400 26.36 46.30 22.69
C LEU A 400 26.10 45.01 21.91
N ASN A 401 26.87 44.77 20.84
CA ASN A 401 26.66 43.58 20.03
C ASN A 401 26.97 42.31 20.81
N GLN A 402 27.92 42.36 21.73
CA GLN A 402 28.19 41.19 22.58
C GLN A 402 26.92 40.76 23.31
N LYS A 403 26.25 41.72 23.95
CA LYS A 403 25.00 41.43 24.64
C LYS A 403 23.94 40.94 23.67
N GLU A 404 23.88 41.53 22.47
CA GLU A 404 22.94 41.05 21.46
C GLU A 404 23.13 39.56 21.21
N ALA A 405 24.38 39.14 21.01
CA ALA A 405 24.65 37.73 20.70
C ALA A 405 24.30 36.82 21.86
N VAL A 406 24.67 37.21 23.09
CA VAL A 406 24.38 36.36 24.24
C VAL A 406 22.87 36.21 24.41
N ALA A 407 22.13 37.32 24.26
CA ALA A 407 20.68 37.26 24.36
C ALA A 407 20.10 36.36 23.27
N TYR A 408 20.64 36.43 22.05
CA TYR A 408 20.18 35.56 20.99
C TYR A 408 20.31 34.10 21.39
N ALA A 409 21.48 33.71 21.90
CA ALA A 409 21.69 32.32 22.29
C ALA A 409 20.72 31.90 23.39
N VAL A 410 20.57 32.74 24.41
CA VAL A 410 19.74 32.36 25.56
C VAL A 410 18.27 32.29 25.13
N ASN A 411 17.82 33.21 24.29
CA ASN A 411 16.44 33.17 23.83
C ASN A 411 16.17 31.93 22.99
N SER A 412 17.13 31.54 22.14
CA SER A 412 16.97 30.30 21.39
C SER A 412 16.82 29.11 22.33
N TRP A 413 17.69 29.03 23.34
CA TRP A 413 17.58 27.95 24.32
C TRP A 413 16.19 27.95 24.95
N THR A 414 15.72 29.12 25.37
CA THR A 414 14.44 29.19 26.08
C THR A 414 13.30 28.73 25.18
N THR A 415 13.27 29.19 23.94
CA THR A 415 12.21 28.78 23.02
C THR A 415 12.21 27.28 22.82
N SER A 416 13.40 26.71 22.57
CA SER A 416 13.48 25.27 22.33
C SER A 416 13.00 24.49 23.54
N ILE A 417 13.45 24.87 24.73
CA ILE A 417 13.05 24.15 25.95
C ILE A 417 11.55 24.28 26.18
N SER A 418 11.00 25.47 25.94
CA SER A 418 9.57 25.68 26.14
C SER A 418 8.76 24.76 25.26
N CYS A 419 9.07 24.72 23.97
CA CYS A 419 8.29 23.87 23.07
C CYS A 419 8.49 22.39 23.38
N MET A 420 9.72 22.01 23.76
CA MET A 420 9.96 20.62 24.15
C MET A 420 9.10 20.23 25.34
N LEU A 421 9.02 21.08 26.35
CA LEU A 421 8.19 20.78 27.51
C LEU A 421 6.72 20.72 27.14
N LEU A 422 6.28 21.60 26.24
CA LEU A 422 4.90 21.53 25.77
C LEU A 422 4.61 20.16 25.17
N LYS A 423 5.48 19.71 24.25
CA LYS A 423 5.27 18.42 23.61
C LYS A 423 5.30 17.28 24.64
N VAL A 424 6.23 17.33 25.59
CA VAL A 424 6.35 16.27 26.57
C VAL A 424 5.10 16.18 27.44
N GLY A 425 4.60 17.33 27.90
CA GLY A 425 3.40 17.33 28.72
C GLY A 425 2.20 16.80 27.97
N ILE A 426 2.05 17.21 26.70
CA ILE A 426 0.93 16.70 25.91
C ILE A 426 1.06 15.20 25.71
N LEU A 427 2.27 14.71 25.49
CA LEU A 427 2.48 13.28 25.34
C LEU A 427 2.08 12.53 26.60
N TYR A 428 2.48 13.03 27.77
CA TYR A 428 2.14 12.37 29.02
C TYR A 428 0.63 12.35 29.23
N ILE A 429 -0.04 13.48 28.99
CA ILE A 429 -1.49 13.53 29.20
C ILE A 429 -2.19 12.61 28.20
N GLY A 430 -1.69 12.55 26.96
CA GLY A 430 -2.28 11.65 25.99
C GLY A 430 -2.10 10.19 26.38
N GLY A 431 -0.95 9.85 26.94
CA GLY A 431 -0.76 8.50 27.44
C GLY A 431 -1.73 8.17 28.57
N GLN A 432 -1.92 9.11 29.49
CA GLN A 432 -2.90 8.90 30.55
C GLN A 432 -4.30 8.68 29.98
N LEU A 433 -4.68 9.50 29.01
CA LEU A 433 -6.02 9.39 28.42
C LEU A 433 -6.19 8.07 27.67
N VAL A 434 -5.15 7.63 26.94
CA VAL A 434 -5.26 6.38 26.20
C VAL A 434 -5.33 5.20 27.16
N THR A 435 -4.60 5.26 28.27
CA THR A 435 -4.72 4.23 29.29
C THR A 435 -6.13 4.23 29.89
N SER A 436 -6.68 5.42 30.14
CA SER A 436 -8.01 5.53 30.73
C SER A 436 -9.13 5.23 29.74
N GLY A 437 -8.83 5.10 28.45
CA GLY A 437 -9.84 4.80 27.47
C GLY A 437 -10.61 5.98 26.94
N ALA A 438 -10.23 7.21 27.30
CA ALA A 438 -10.95 8.38 26.82
C ALA A 438 -10.64 8.68 25.35
N VAL A 439 -9.44 8.34 24.89
CA VAL A 439 -8.99 8.65 23.54
C VAL A 439 -8.50 7.37 22.88
N SER A 440 -8.90 7.15 21.64
CA SER A 440 -8.40 6.01 20.87
C SER A 440 -6.97 6.25 20.44
N SER A 441 -6.24 5.15 20.21
CA SER A 441 -4.82 5.25 19.91
C SER A 441 -4.56 5.94 18.57
N GLY A 442 -5.35 5.62 17.55
CA GLY A 442 -5.11 6.23 16.24
C GLY A 442 -5.31 7.72 16.25
N ASN A 443 -6.40 8.18 16.85
CA ASN A 443 -6.64 9.61 16.96
C ASN A 443 -5.54 10.28 17.77
N LEU A 444 -5.06 9.61 18.82
CA LEU A 444 -3.98 10.17 19.63
C LEU A 444 -2.72 10.34 18.81
N VAL A 445 -2.38 9.33 18.00
CA VAL A 445 -1.17 9.41 17.19
C VAL A 445 -1.28 10.52 16.15
N THR A 446 -2.44 10.62 15.50
CA THR A 446 -2.64 11.70 14.53
C THR A 446 -2.49 13.06 15.20
N PHE A 447 -3.13 13.22 16.36
CA PHE A 447 -3.06 14.49 17.07
C PHE A 447 -1.62 14.82 17.45
N VAL A 448 -0.86 13.83 17.92
CA VAL A 448 0.52 14.08 18.30
C VAL A 448 1.34 14.51 17.10
N LEU A 449 1.17 13.81 15.98
CA LEU A 449 1.97 14.09 14.80
C LEU A 449 1.70 15.50 14.27
N TYR A 450 0.46 15.96 14.37
CA TYR A 450 0.18 17.33 13.93
C TYR A 450 0.50 18.37 15.00
N GLN A 451 0.44 17.98 16.28
CA GLN A 451 0.79 18.90 17.35
C GLN A 451 2.26 19.23 17.34
N MET A 452 3.10 18.30 16.89
CA MET A 452 4.53 18.62 16.76
C MET A 452 4.75 19.77 15.76
N GLN A 453 4.08 19.71 14.62
CA GLN A 453 4.18 20.81 13.66
C GLN A 453 3.61 22.10 14.24
N PHE A 454 2.48 22.00 14.96
CA PHE A 454 1.93 23.19 15.59
C PHE A 454 2.93 23.83 16.55
N THR A 455 3.61 23.02 17.35
CA THR A 455 4.61 23.55 18.28
C THR A 455 5.79 24.16 17.53
N GLN A 456 6.16 23.60 16.39
CA GLN A 456 7.22 24.22 15.59
C GLN A 456 6.81 25.61 15.11
N ALA A 457 5.56 25.75 14.66
CA ALA A 457 5.06 27.07 14.26
C ALA A 457 5.05 28.02 15.44
N VAL A 458 4.64 27.53 16.62
CA VAL A 458 4.66 28.36 17.82
C VAL A 458 6.08 28.83 18.12
N GLU A 459 7.06 27.94 17.93
CA GLU A 459 8.45 28.33 18.12
C GLU A 459 8.85 29.45 17.16
N VAL A 460 8.40 29.36 15.91
CA VAL A 460 8.70 30.41 14.95
C VAL A 460 8.14 31.74 15.41
N LEU A 461 6.89 31.74 15.89
CA LEU A 461 6.29 32.99 16.37
C LEU A 461 7.04 33.53 17.60
N LEU A 462 7.43 32.64 18.51
CA LEU A 462 8.21 33.05 19.67
C LEU A 462 9.51 33.70 19.25
N SER A 463 10.14 33.16 18.20
CA SER A 463 11.37 33.77 17.68
C SER A 463 11.09 35.11 17.03
N ILE A 464 9.89 35.28 16.46
CA ILE A 464 9.52 36.56 15.86
C ILE A 464 9.45 37.65 16.93
N TYR A 465 8.87 37.32 18.09
CA TYR A 465 8.57 38.35 19.09
C TYR A 465 9.76 39.24 19.45
N PRO A 466 10.95 38.72 19.78
CA PRO A 466 12.08 39.62 20.06
C PRO A 466 12.42 40.52 18.89
N ARG A 467 12.23 40.07 17.66
CA ARG A 467 12.50 40.92 16.50
C ARG A 467 11.56 42.12 16.49
N VAL A 468 10.29 41.92 16.84
CA VAL A 468 9.36 43.04 16.92
C VAL A 468 9.80 44.01 18.01
N GLN A 469 10.24 43.49 19.15
CA GLN A 469 10.71 44.38 20.21
C GLN A 469 11.91 45.20 19.74
N LYS A 470 12.86 44.56 19.06
CA LYS A 470 14.02 45.27 18.54
C LYS A 470 13.60 46.32 17.51
N ALA A 471 12.60 46.00 16.68
CA ALA A 471 12.11 46.98 15.71
C ALA A 471 11.53 48.20 16.41
N VAL A 472 10.79 47.98 17.49
CA VAL A 472 10.29 49.10 18.29
C VAL A 472 11.45 49.94 18.78
N GLY A 473 12.47 49.29 19.33
CA GLY A 473 13.63 50.03 19.80
C GLY A 473 14.28 50.85 18.70
N SER A 474 14.40 50.26 17.50
CA SER A 474 15.01 50.97 16.38
C SER A 474 14.18 52.18 15.97
N SER A 475 12.85 52.04 15.92
CA SER A 475 11.98 53.09 15.41
C SER A 475 11.62 54.13 16.47
N GLU A 476 12.08 53.96 17.70
CA GLU A 476 11.75 54.91 18.76
C GLU A 476 12.05 56.35 18.34
N LYS A 477 13.27 56.62 17.85
CA LYS A 477 13.67 58.00 17.61
C LYS A 477 12.98 58.58 16.39
N ILE A 478 12.80 57.79 15.32
CA ILE A 478 12.12 58.33 14.16
C ILE A 478 10.65 58.60 14.47
N PHE A 479 10.01 57.78 15.31
CA PHE A 479 8.65 58.08 15.70
C PHE A 479 8.59 59.27 16.64
N GLU A 480 9.64 59.48 17.44
CA GLU A 480 9.73 60.71 18.22
C GLU A 480 9.80 61.92 17.30
N TYR A 481 10.58 61.83 16.23
CA TYR A 481 10.60 62.90 15.22
C TYR A 481 9.21 63.13 14.65
N LEU A 482 8.54 62.05 14.25
CA LEU A 482 7.24 62.18 13.61
C LEU A 482 6.21 62.81 14.53
N ASP A 483 6.21 62.42 15.81
CA ASP A 483 5.23 62.92 16.76
C ASP A 483 5.65 64.22 17.44
N ARG A 484 6.84 64.71 17.16
CA ARG A 484 7.32 65.93 17.81
C ARG A 484 6.51 67.14 17.35
N THR A 485 6.34 68.10 18.27
CA THR A 485 5.64 69.33 17.98
C THR A 485 6.65 70.46 17.82
N PRO A 486 6.82 71.04 16.63
CA PRO A 486 7.81 72.12 16.48
C PRO A 486 7.52 73.28 17.42
N ARG A 487 8.58 73.80 18.02
CA ARG A 487 8.48 74.93 18.94
C ARG A 487 8.64 76.25 18.22
N CYS A 488 7.88 76.42 17.13
CA CYS A 488 7.88 77.65 16.34
C CYS A 488 6.45 77.89 15.86
N PRO A 489 6.07 79.15 15.66
CA PRO A 489 4.70 79.44 15.22
C PRO A 489 4.45 78.86 13.84
N PRO A 490 3.21 78.42 13.55
CA PRO A 490 2.90 77.95 12.21
C PRO A 490 2.84 79.09 11.21
N SER A 491 3.05 78.74 9.95
CA SER A 491 3.01 79.74 8.89
C SER A 491 1.61 80.31 8.75
N GLY A 492 1.54 81.59 8.42
CA GLY A 492 0.27 82.29 8.32
C GLY A 492 -0.38 82.09 6.97
N LEU A 493 -1.28 83.02 6.62
CA LEU A 493 -2.03 82.94 5.38
C LEU A 493 -1.98 84.23 4.57
N LEU A 494 -1.29 85.26 5.04
CA LEU A 494 -1.30 86.56 4.37
C LEU A 494 -0.34 86.55 3.19
N THR A 495 -0.88 86.81 1.99
CA THR A 495 -0.09 87.00 0.78
C THR A 495 -0.59 88.24 0.04
N PRO A 496 -0.44 89.42 0.64
CA PRO A 496 -0.94 90.63 -0.01
C PRO A 496 -0.31 90.85 -1.38
N LEU A 497 -1.11 91.37 -2.31
CA LEU A 497 -0.62 91.57 -3.67
C LEU A 497 0.54 92.56 -3.70
N HIS A 498 0.42 93.65 -2.94
CA HIS A 498 1.47 94.67 -2.84
C HIS A 498 1.94 94.75 -1.39
N LEU A 499 3.24 94.61 -1.18
CA LEU A 499 3.86 94.75 0.12
C LEU A 499 4.86 95.90 0.06
N GLU A 500 4.73 96.86 0.96
CA GLU A 500 5.58 98.05 0.90
C GLU A 500 7.03 97.73 1.22
N GLY A 501 7.27 96.98 2.29
CA GLY A 501 8.61 96.71 2.75
C GLY A 501 9.04 97.55 3.93
N LEU A 502 8.12 97.94 4.80
CA LEU A 502 8.41 98.80 5.94
C LEU A 502 8.52 97.94 7.20
N VAL A 503 9.75 97.74 7.66
CA VAL A 503 10.01 96.88 8.82
C VAL A 503 10.11 97.76 10.05
N GLN A 504 9.66 97.22 11.19
CA GLN A 504 9.66 97.96 12.45
C GLN A 504 10.06 97.01 13.58
N PHE A 505 11.22 97.25 14.17
CA PHE A 505 11.61 96.61 15.43
C PHE A 505 11.15 97.51 16.56
N GLN A 506 10.32 96.97 17.46
CA GLN A 506 9.76 97.72 18.58
C GLN A 506 10.16 97.01 19.87
N ASP A 507 11.18 97.54 20.54
CA ASP A 507 11.65 97.01 21.82
C ASP A 507 11.92 95.51 21.73
N VAL A 508 12.49 95.09 20.60
CA VAL A 508 12.76 93.67 20.37
C VAL A 508 13.92 93.24 21.24
N SER A 509 13.75 92.13 21.95
CA SER A 509 14.79 91.51 22.74
C SER A 509 14.83 90.01 22.43
N PHE A 510 16.02 89.43 22.48
CA PHE A 510 16.17 88.04 22.07
C PHE A 510 17.25 87.37 22.89
N ALA A 511 17.01 86.11 23.26
CA ALA A 511 18.00 85.24 23.89
C ALA A 511 17.90 83.88 23.25
N TYR A 512 19.05 83.30 22.89
CA TYR A 512 19.04 82.04 22.16
C TYR A 512 18.44 80.93 23.02
N PRO A 513 17.64 80.04 22.44
CA PRO A 513 16.96 79.03 23.26
C PRO A 513 17.91 78.14 24.06
N ASN A 514 19.09 77.83 23.53
CA ASN A 514 20.02 76.99 24.27
C ASN A 514 20.58 77.71 25.49
N ARG A 515 20.74 79.03 25.42
CA ARG A 515 21.22 79.84 26.53
C ARG A 515 20.28 81.02 26.72
N PRO A 516 19.07 80.77 27.22
CA PRO A 516 18.08 81.86 27.34
C PRO A 516 18.39 82.85 28.44
N ASP A 517 19.31 82.54 29.36
CA ASP A 517 19.61 83.46 30.45
C ASP A 517 20.39 84.68 29.96
N VAL A 518 21.13 84.55 28.85
CA VAL A 518 21.87 85.66 28.28
C VAL A 518 21.04 86.31 27.19
N LEU A 519 20.94 87.63 27.22
CA LEU A 519 20.22 88.39 26.21
C LEU A 519 21.21 88.90 25.17
N VAL A 520 21.02 88.49 23.92
CA VAL A 520 21.88 88.95 22.84
C VAL A 520 21.42 90.33 22.35
N LEU A 521 20.12 90.58 22.36
CA LEU A 521 19.55 91.84 21.92
C LEU A 521 18.67 92.39 23.03
N GLN A 522 18.84 93.68 23.34
CA GLN A 522 18.09 94.34 24.42
C GLN A 522 17.51 95.64 23.88
N GLY A 523 16.19 95.70 23.79
CA GLY A 523 15.50 96.94 23.47
C GLY A 523 15.89 97.57 22.16
N LEU A 524 15.95 96.77 21.09
CA LEU A 524 16.19 97.31 19.76
C LEU A 524 14.91 97.94 19.23
N THR A 525 14.96 99.23 18.90
CA THR A 525 13.83 99.94 18.32
C THR A 525 14.33 100.73 17.13
N PHE A 526 13.89 100.35 15.93
CA PHE A 526 14.23 101.11 14.73
C PHE A 526 13.29 100.70 13.61
N THR A 527 13.47 101.32 12.45
CA THR A 527 12.55 101.13 11.34
C THR A 527 13.31 101.18 10.02
N LEU A 528 12.97 100.26 9.12
CA LEU A 528 13.48 100.23 7.76
C LEU A 528 12.37 100.68 6.83
N ARG A 529 12.62 101.76 6.08
CA ARG A 529 11.65 102.29 5.15
C ARG A 529 12.11 102.06 3.71
N PRO A 530 11.20 101.78 2.78
CA PRO A 530 11.61 101.60 1.39
C PRO A 530 12.25 102.86 0.83
N GLY A 531 13.24 102.67 -0.03
CA GLY A 531 13.97 103.78 -0.59
C GLY A 531 15.09 104.30 0.28
N GLU A 532 15.41 103.62 1.38
CA GLU A 532 16.44 104.07 2.30
C GLU A 532 17.32 102.89 2.70
N VAL A 533 18.53 103.20 3.13
CA VAL A 533 19.52 102.21 3.56
C VAL A 533 19.87 102.47 5.01
N THR A 534 19.83 101.41 5.82
CA THR A 534 20.11 101.48 7.25
C THR A 534 21.30 100.56 7.54
N ALA A 535 22.48 101.15 7.73
CA ALA A 535 23.66 100.41 8.08
C ALA A 535 23.62 100.03 9.56
N LEU A 536 24.10 98.84 9.88
CA LEU A 536 24.15 98.32 11.24
C LEU A 536 25.59 97.94 11.54
N VAL A 537 26.28 98.78 12.31
CA VAL A 537 27.70 98.62 12.54
C VAL A 537 27.94 98.35 14.03
N GLY A 538 29.10 97.76 14.32
CA GLY A 538 29.48 97.45 15.68
C GLY A 538 30.52 96.35 15.75
N PRO A 539 31.08 96.13 16.93
CA PRO A 539 32.11 95.09 17.09
C PRO A 539 31.51 93.69 16.96
N ASN A 540 32.41 92.70 17.02
CA ASN A 540 31.99 91.31 16.91
C ASN A 540 31.22 90.87 18.14
N GLY A 541 30.29 89.96 17.94
CA GLY A 541 29.46 89.47 19.02
C GLY A 541 28.41 90.44 19.50
N SER A 542 28.21 91.54 18.78
CA SER A 542 27.26 92.55 19.22
C SER A 542 25.81 92.08 19.02
N GLY A 543 25.56 91.33 17.95
CA GLY A 543 24.23 90.80 17.70
C GLY A 543 23.67 91.14 16.33
N LYS A 544 24.52 91.54 15.39
CA LYS A 544 24.03 91.97 14.08
C LYS A 544 23.46 90.80 13.29
N SER A 545 24.19 89.69 13.23
CA SER A 545 23.67 88.51 12.55
C SER A 545 22.42 87.99 13.25
N THR A 546 22.31 88.20 14.56
CA THR A 546 21.07 87.85 15.25
C THR A 546 19.91 88.72 14.76
N VAL A 547 20.17 90.01 14.52
CA VAL A 547 19.13 90.87 13.96
C VAL A 547 18.73 90.37 12.59
N ALA A 548 19.70 89.98 11.76
CA ALA A 548 19.38 89.46 10.43
C ALA A 548 18.54 88.19 10.53
N ALA A 549 18.90 87.30 11.47
CA ALA A 549 18.15 86.05 11.63
C ALA A 549 16.73 86.31 12.12
N LEU A 550 16.56 87.29 13.02
CA LEU A 550 15.23 87.67 13.45
C LEU A 550 14.40 88.22 12.30
N LEU A 551 15.03 89.04 11.45
CA LEU A 551 14.30 89.64 10.34
C LEU A 551 13.98 88.64 9.24
N GLN A 552 14.60 87.46 9.24
CA GLN A 552 14.27 86.38 8.32
C GLN A 552 13.30 85.38 8.91
N ASN A 553 12.81 85.62 10.13
CA ASN A 553 11.86 84.75 10.81
C ASN A 553 12.47 83.41 11.20
N LEU A 554 13.79 83.30 11.26
CA LEU A 554 14.42 82.08 11.74
C LEU A 554 14.20 81.90 13.24
N TYR A 555 14.17 82.99 13.99
CA TYR A 555 13.95 82.97 15.43
C TYR A 555 12.89 84.00 15.79
N GLN A 556 12.10 83.68 16.83
CA GLN A 556 11.07 84.59 17.31
C GLN A 556 11.62 85.45 18.44
N PRO A 557 11.41 86.76 18.44
CA PRO A 557 11.92 87.59 19.55
C PRO A 557 11.28 87.20 20.87
N THR A 558 12.08 87.22 21.93
CA THR A 558 11.56 86.92 23.26
C THR A 558 10.68 88.08 23.76
N GLY A 559 11.07 89.31 23.46
CA GLY A 559 10.29 90.47 23.83
C GLY A 559 10.15 91.43 22.67
N GLY A 560 9.33 92.45 22.88
CA GLY A 560 9.07 93.40 21.81
C GLY A 560 8.29 92.75 20.68
N GLN A 561 8.27 93.46 19.55
CA GLN A 561 7.60 92.93 18.37
C GLN A 561 8.28 93.41 17.10
N LEU A 562 8.28 92.54 16.10
CA LEU A 562 8.94 92.78 14.82
C LEU A 562 7.88 92.71 13.73
N LEU A 563 7.58 93.85 13.12
CA LEU A 563 6.47 93.99 12.19
C LEU A 563 6.99 94.21 10.78
N LEU A 564 6.47 93.43 9.83
CA LEU A 564 6.69 93.66 8.40
C LEU A 564 5.39 94.19 7.81
N ASP A 565 5.42 95.44 7.33
CA ASP A 565 4.24 96.10 6.78
C ASP A 565 3.12 96.22 7.82
N GLY A 566 3.50 96.32 9.10
CA GLY A 566 2.54 96.50 10.17
C GLY A 566 1.97 95.24 10.76
N LYS A 567 2.41 94.07 10.32
CA LYS A 567 1.91 92.81 10.85
C LYS A 567 3.07 91.88 11.18
N PRO A 568 2.93 91.04 12.20
CA PRO A 568 4.05 90.15 12.55
C PRO A 568 4.42 89.20 11.42
N LEU A 569 5.69 88.84 11.38
CA LEU A 569 6.17 87.91 10.36
C LEU A 569 5.44 86.58 10.39
N PRO A 570 5.11 85.99 11.53
CA PRO A 570 4.41 84.69 11.51
C PRO A 570 3.05 84.73 10.86
N GLN A 571 2.45 85.91 10.68
CA GLN A 571 1.16 86.01 10.01
C GLN A 571 1.25 85.90 8.50
N TYR A 572 2.46 85.94 7.93
CA TYR A 572 2.65 85.82 6.50
C TYR A 572 2.93 84.38 6.12
N GLU A 573 2.58 84.01 4.89
CA GLU A 573 2.88 82.69 4.40
C GLU A 573 4.39 82.48 4.36
N HIS A 574 4.81 81.23 4.51
CA HIS A 574 6.23 80.92 4.55
C HIS A 574 6.94 81.39 3.27
N ARG A 575 6.54 80.85 2.13
CA ARG A 575 7.23 81.13 0.87
C ARG A 575 7.04 82.59 0.45
N TYR A 576 5.85 83.15 0.67
CA TYR A 576 5.64 84.55 0.36
C TYR A 576 6.59 85.43 1.17
N LEU A 577 6.68 85.17 2.48
CA LEU A 577 7.57 85.95 3.33
C LEU A 577 9.03 85.81 2.89
N HIS A 578 9.44 84.60 2.53
CA HIS A 578 10.84 84.35 2.22
C HIS A 578 11.20 84.67 0.78
N ARG A 579 10.24 85.02 -0.06
CA ARG A 579 10.54 85.68 -1.33
C ARG A 579 10.36 87.19 -1.26
N GLN A 580 9.72 87.70 -0.21
CA GLN A 580 9.61 89.14 0.00
C GLN A 580 10.73 89.69 0.87
N VAL A 581 11.40 88.85 1.65
CA VAL A 581 12.57 89.23 2.43
C VAL A 581 13.70 88.31 2.02
N ALA A 582 14.78 88.88 1.46
CA ALA A 582 15.90 88.10 0.97
C ALA A 582 17.17 88.59 1.64
N ALA A 583 18.03 87.64 2.01
CA ALA A 583 19.26 87.95 2.74
C ALA A 583 20.45 87.26 2.11
N VAL A 584 21.56 87.98 2.07
CA VAL A 584 22.87 87.42 1.76
C VAL A 584 23.58 87.22 3.10
N GLY A 585 23.91 85.97 3.42
CA GLY A 585 24.47 85.63 4.71
C GLY A 585 25.94 86.01 4.83
N GLN A 586 26.47 85.76 6.03
CA GLN A 586 27.87 86.09 6.29
C GLN A 586 28.80 85.09 5.61
N GLU A 587 28.43 83.83 5.61
CA GLU A 587 29.18 82.77 4.92
C GLU A 587 28.16 82.05 4.04
N PRO A 588 27.80 82.63 2.89
CA PRO A 588 26.67 82.11 2.13
C PRO A 588 26.86 80.64 1.75
N GLN A 589 25.76 79.89 1.83
CA GLN A 589 25.76 78.48 1.50
C GLN A 589 25.39 78.28 0.05
N VAL A 590 26.17 77.47 -0.66
CA VAL A 590 25.92 77.16 -2.06
C VAL A 590 25.80 75.65 -2.19
N PHE A 591 24.74 75.20 -2.84
CA PHE A 591 24.45 73.78 -2.98
C PHE A 591 25.16 73.20 -4.19
N GLY A 592 25.23 71.88 -4.23
CA GLY A 592 25.92 71.18 -5.31
C GLY A 592 25.07 71.03 -6.55
N ARG A 593 24.88 72.12 -7.27
CA ARG A 593 24.06 72.13 -8.47
C ARG A 593 24.65 73.15 -9.44
N SER A 594 24.06 73.23 -10.63
CA SER A 594 24.49 74.23 -11.60
C SER A 594 24.23 75.62 -11.06
N LEU A 595 25.07 76.57 -11.46
CA LEU A 595 24.92 77.94 -10.99
C LEU A 595 23.53 78.49 -11.32
N GLN A 596 22.95 78.05 -12.44
CA GLN A 596 21.59 78.45 -12.78
C GLN A 596 20.60 77.98 -11.72
N GLU A 597 20.77 76.76 -11.22
CA GLU A 597 19.88 76.24 -10.19
C GLU A 597 20.18 76.85 -8.83
N ASN A 598 21.43 77.26 -8.57
CA ASN A 598 21.74 77.92 -7.32
C ASN A 598 21.11 79.31 -7.27
N ILE A 599 21.23 80.08 -8.36
CA ILE A 599 20.70 81.44 -8.36
C ILE A 599 19.20 81.42 -8.14
N ALA A 600 18.49 80.53 -8.83
CA ALA A 600 17.04 80.36 -8.65
C ALA A 600 16.81 79.11 -7.80
N TYR A 601 16.92 79.28 -6.49
CA TYR A 601 16.76 78.17 -5.54
C TYR A 601 15.62 78.49 -4.57
N GLY A 602 14.45 77.91 -4.83
CA GLY A 602 13.29 78.12 -3.99
C GLY A 602 12.15 78.82 -4.67
N LEU A 603 12.33 79.24 -5.91
CA LEU A 603 11.25 79.89 -6.67
C LEU A 603 10.30 78.83 -7.20
N THR A 604 9.00 79.04 -6.96
CA THR A 604 7.99 78.08 -7.43
C THR A 604 8.00 77.98 -8.95
N GLN A 605 8.09 79.12 -9.63
CA GLN A 605 8.17 79.15 -11.09
C GLN A 605 9.62 79.35 -11.50
N LYS A 606 10.17 78.38 -12.22
CA LYS A 606 11.56 78.46 -12.63
C LYS A 606 11.77 79.69 -13.52
N PRO A 607 12.70 80.58 -13.19
CA PRO A 607 12.87 81.79 -14.00
C PRO A 607 13.54 81.48 -15.33
N THR A 608 13.29 82.37 -16.29
CA THR A 608 13.94 82.27 -17.58
C THR A 608 15.39 82.75 -17.48
N MET A 609 16.22 82.27 -18.41
CA MET A 609 17.64 82.61 -18.36
C MET A 609 17.85 84.11 -18.48
N GLU A 610 16.90 84.83 -19.07
CA GLU A 610 17.02 86.29 -19.11
C GLU A 610 16.99 86.88 -17.70
N GLU A 611 16.07 86.41 -16.86
CA GLU A 611 16.02 86.89 -15.49
C GLU A 611 17.28 86.52 -14.73
N ILE A 612 17.77 85.29 -14.91
CA ILE A 612 18.95 84.84 -14.20
C ILE A 612 20.16 85.67 -14.59
N THR A 613 20.34 85.92 -15.89
CA THR A 613 21.47 86.72 -16.32
C THR A 613 21.32 88.17 -15.88
N ALA A 614 20.09 88.69 -15.83
CA ALA A 614 19.89 90.04 -15.32
C ALA A 614 20.31 90.13 -13.86
N ALA A 615 19.93 89.14 -13.05
CA ALA A 615 20.32 89.13 -11.65
C ALA A 615 21.84 89.03 -11.51
N ALA A 616 22.47 88.16 -12.31
CA ALA A 616 23.92 88.03 -12.26
C ALA A 616 24.61 89.33 -12.66
N VAL A 617 24.07 90.03 -13.66
CA VAL A 617 24.61 91.33 -14.06
C VAL A 617 24.47 92.32 -12.91
N LYS A 618 23.32 92.34 -12.25
CA LYS A 618 23.12 93.26 -11.12
C LYS A 618 24.13 92.99 -10.01
N SER A 619 24.36 91.72 -9.69
CA SER A 619 25.27 91.37 -8.61
C SER A 619 26.73 91.32 -9.03
N GLY A 620 27.02 91.42 -10.33
CA GLY A 620 28.38 91.34 -10.81
C GLY A 620 28.90 89.93 -11.01
N ALA A 621 28.04 88.92 -10.93
CA ALA A 621 28.45 87.54 -11.13
C ALA A 621 28.47 87.14 -12.60
N HIS A 622 27.97 87.99 -13.50
CA HIS A 622 27.97 87.64 -14.92
C HIS A 622 29.40 87.54 -15.45
N SER A 623 30.29 88.41 -14.98
CA SER A 623 31.64 88.46 -15.55
C SER A 623 32.34 87.12 -15.44
N PHE A 624 32.31 86.50 -14.27
CA PHE A 624 33.03 85.25 -14.08
C PHE A 624 32.21 84.03 -14.48
N ILE A 625 30.88 84.11 -14.37
CA ILE A 625 30.05 82.98 -14.79
C ILE A 625 30.14 82.80 -16.30
N SER A 626 30.11 83.89 -17.05
CA SER A 626 30.18 83.79 -18.51
C SER A 626 31.50 83.16 -18.94
N GLY A 627 32.58 83.45 -18.21
CA GLY A 627 33.89 82.93 -18.59
C GLY A 627 34.09 81.46 -18.28
N LEU A 628 33.19 80.84 -17.52
CA LEU A 628 33.33 79.43 -17.22
C LEU A 628 33.12 78.61 -18.49
N PRO A 629 33.80 77.47 -18.62
CA PRO A 629 33.65 76.67 -19.85
C PRO A 629 32.22 76.29 -20.14
N GLN A 630 31.44 75.94 -19.12
CA GLN A 630 30.04 75.56 -19.29
C GLN A 630 29.07 76.68 -18.95
N GLY A 631 29.57 77.83 -18.51
CA GLY A 631 28.69 78.94 -18.20
C GLY A 631 27.83 78.65 -17.00
N TYR A 632 26.53 78.97 -17.12
CA TYR A 632 25.59 78.80 -16.01
C TYR A 632 25.29 77.34 -15.71
N ASP A 633 25.71 76.41 -16.56
CA ASP A 633 25.52 74.99 -16.32
C ASP A 633 26.67 74.37 -15.57
N THR A 634 27.63 75.17 -15.10
CA THR A 634 28.76 74.65 -14.36
C THR A 634 28.32 74.09 -13.01
N GLU A 635 28.35 72.77 -12.87
CA GLU A 635 28.00 72.15 -11.60
C GLU A 635 28.98 72.60 -10.52
N VAL A 636 28.43 72.96 -9.38
CA VAL A 636 29.22 73.47 -8.25
C VAL A 636 29.49 72.32 -7.30
N ASP A 637 30.66 72.36 -6.67
CA ASP A 637 31.02 71.35 -5.69
C ASP A 637 30.08 71.45 -4.48
N GLU A 638 30.07 70.39 -3.67
CA GLU A 638 29.19 70.38 -2.51
C GLU A 638 29.51 71.53 -1.57
N ALA A 639 30.79 71.79 -1.32
CA ALA A 639 31.22 72.87 -0.45
C ALA A 639 31.42 74.18 -1.20
N GLY A 640 31.18 74.21 -2.52
CA GLY A 640 31.42 75.41 -3.29
C GLY A 640 32.87 75.80 -3.34
N SER A 641 33.78 74.81 -3.39
CA SER A 641 35.21 75.10 -3.40
C SER A 641 35.67 75.62 -4.76
N GLN A 642 34.92 75.32 -5.83
CA GLN A 642 35.28 75.86 -7.14
C GLN A 642 35.18 77.37 -7.15
N LEU A 643 34.14 77.92 -6.54
CA LEU A 643 33.94 79.36 -6.48
C LEU A 643 34.83 79.95 -5.39
N SER A 644 35.71 80.87 -5.76
CA SER A 644 36.58 81.51 -4.79
C SER A 644 35.79 82.51 -3.95
N GLY A 645 36.38 82.92 -2.84
CA GLY A 645 35.76 83.92 -2.00
C GLY A 645 35.52 85.20 -2.76
N GLY A 646 34.30 85.73 -2.67
CA GLY A 646 33.91 86.88 -3.45
C GLY A 646 33.01 86.50 -4.61
N GLN A 647 33.35 85.40 -5.29
CA GLN A 647 32.47 84.88 -6.32
C GLN A 647 31.25 84.20 -5.72
N ARG A 648 31.45 83.45 -4.64
CA ARG A 648 30.33 82.82 -3.95
C ARG A 648 29.38 83.88 -3.38
N GLN A 649 29.93 84.97 -2.85
CA GLN A 649 29.08 86.05 -2.35
C GLN A 649 28.32 86.72 -3.50
N ALA A 650 28.96 86.84 -4.66
CA ALA A 650 28.25 87.40 -5.82
C ALA A 650 27.10 86.49 -6.26
N VAL A 651 27.32 85.17 -6.24
CA VAL A 651 26.26 84.24 -6.59
C VAL A 651 25.13 84.33 -5.58
N ALA A 652 25.47 84.44 -4.29
CA ALA A 652 24.44 84.58 -3.26
C ALA A 652 23.66 85.89 -3.45
N LEU A 653 24.35 86.96 -3.81
CA LEU A 653 23.66 88.23 -4.04
C LEU A 653 22.73 88.14 -5.24
N ALA A 654 23.16 87.46 -6.31
CA ALA A 654 22.28 87.27 -7.46
C ALA A 654 21.07 86.44 -7.06
N ARG A 655 21.28 85.41 -6.25
CA ARG A 655 20.17 84.59 -5.76
C ARG A 655 19.18 85.44 -4.97
N ALA A 656 19.69 86.32 -4.11
CA ALA A 656 18.81 87.20 -3.35
C ALA A 656 18.06 88.15 -4.27
N LEU A 657 18.74 88.72 -5.27
CA LEU A 657 18.15 89.76 -6.10
C LEU A 657 17.17 89.22 -7.13
N ILE A 658 17.30 87.97 -7.55
CA ILE A 658 16.39 87.45 -8.57
C ILE A 658 14.96 87.43 -8.06
N ARG A 659 14.75 87.43 -6.75
CA ARG A 659 13.40 87.41 -6.19
C ARG A 659 12.71 88.76 -6.27
N LYS A 660 13.45 89.85 -6.49
CA LYS A 660 12.92 91.19 -6.41
C LYS A 660 12.27 91.41 -5.04
N PRO A 661 13.03 91.29 -3.95
CA PRO A 661 12.43 91.38 -2.63
C PRO A 661 12.14 92.82 -2.21
N CYS A 662 11.27 92.93 -1.22
CA CYS A 662 10.96 94.23 -0.63
C CYS A 662 11.91 94.59 0.51
N VAL A 663 12.50 93.60 1.16
CA VAL A 663 13.52 93.82 2.19
C VAL A 663 14.76 93.02 1.79
N LEU A 664 15.90 93.70 1.76
CA LEU A 664 17.16 93.11 1.33
C LEU A 664 18.17 93.24 2.45
N ILE A 665 18.60 92.12 3.01
CA ILE A 665 19.60 92.09 4.07
C ILE A 665 20.93 91.70 3.45
N LEU A 666 21.98 92.48 3.73
CA LEU A 666 23.33 92.18 3.28
C LEU A 666 24.20 92.04 4.53
N ASP A 667 24.52 90.80 4.92
CA ASP A 667 25.23 90.52 6.17
C ASP A 667 26.69 90.32 5.84
N ASP A 668 27.48 91.38 5.97
CA ASP A 668 28.90 91.36 5.64
C ASP A 668 29.12 90.80 4.24
N ALA A 669 28.26 91.21 3.31
CA ALA A 669 28.28 90.67 1.95
C ALA A 669 29.34 91.30 1.07
N THR A 670 29.97 92.39 1.48
CA THR A 670 31.00 93.04 0.71
C THR A 670 32.40 92.72 1.22
N SER A 671 32.53 91.76 2.12
CA SER A 671 33.85 91.43 2.66
C SER A 671 34.76 90.86 1.59
N ALA A 672 34.23 89.99 0.73
CA ALA A 672 35.05 89.27 -0.25
C ALA A 672 34.88 89.81 -1.67
N LEU A 673 33.93 90.69 -1.92
CA LEU A 673 33.71 91.20 -3.27
C LEU A 673 34.89 92.07 -3.69
N ASP A 674 35.30 91.92 -4.95
CA ASP A 674 36.41 92.68 -5.49
C ASP A 674 35.93 94.10 -5.84
N ALA A 675 36.77 94.87 -6.54
CA ALA A 675 36.42 96.25 -6.84
C ALA A 675 35.20 96.34 -7.74
N ASN A 676 35.11 95.47 -8.77
CA ASN A 676 34.00 95.56 -9.71
C ASN A 676 32.68 95.24 -9.02
N SER A 677 32.65 94.16 -8.23
CA SER A 677 31.43 93.80 -7.52
C SER A 677 31.10 94.82 -6.43
N GLN A 678 32.11 95.45 -5.84
CA GLN A 678 31.85 96.51 -4.86
C GLN A 678 31.19 97.70 -5.53
N LEU A 679 31.67 98.08 -6.71
CA LEU A 679 31.02 99.15 -7.46
C LEU A 679 29.60 98.75 -7.84
N GLN A 680 29.40 97.49 -8.23
CA GLN A 680 28.07 97.03 -8.60
C GLN A 680 27.11 97.11 -7.42
N VAL A 681 27.56 96.70 -6.23
CA VAL A 681 26.67 96.74 -5.06
C VAL A 681 26.41 98.18 -4.65
N GLU A 682 27.41 99.05 -4.75
CA GLU A 682 27.16 100.46 -4.47
C GLU A 682 26.12 101.04 -5.42
N GLN A 683 26.23 100.73 -6.71
CA GLN A 683 25.23 101.16 -7.67
C GLN A 683 23.86 100.59 -7.34
N LEU A 684 23.81 99.32 -6.96
CA LEU A 684 22.54 98.68 -6.60
C LEU A 684 21.89 99.38 -5.41
N LEU A 685 22.69 99.73 -4.41
CA LEU A 685 22.15 100.35 -3.20
C LEU A 685 21.69 101.78 -3.47
N TYR A 686 22.60 102.64 -3.91
CA TYR A 686 22.37 104.08 -3.90
C TYR A 686 22.12 104.68 -5.28
N GLU A 687 22.04 103.88 -6.34
CA GLU A 687 21.89 104.43 -7.67
C GLU A 687 20.82 103.75 -8.50
N SER A 688 20.52 102.49 -8.21
CA SER A 688 19.61 101.74 -9.06
C SER A 688 18.20 102.31 -8.94
N PRO A 689 17.42 102.31 -10.03
CA PRO A 689 16.03 102.79 -9.93
C PRO A 689 15.16 101.91 -9.05
N GLU A 690 15.55 100.66 -8.83
CA GLU A 690 14.76 99.74 -8.00
C GLU A 690 14.93 100.01 -6.51
N ARG A 691 15.88 100.84 -6.12
CA ARG A 691 16.10 101.10 -4.69
C ARG A 691 14.84 101.65 -4.04
N TYR A 692 14.00 102.35 -4.79
CA TYR A 692 12.78 102.92 -4.24
C TYR A 692 11.74 101.88 -3.88
N SER A 693 11.90 100.64 -4.35
CA SER A 693 10.93 99.59 -4.11
C SER A 693 11.35 98.62 -3.02
N ARG A 694 12.39 98.92 -2.26
CA ARG A 694 12.87 98.01 -1.24
C ARG A 694 13.64 98.79 -0.18
N SER A 695 13.70 98.21 1.01
CA SER A 695 14.53 98.72 2.10
C SER A 695 15.68 97.75 2.33
N VAL A 696 16.86 98.30 2.57
CA VAL A 696 18.09 97.52 2.70
C VAL A 696 18.59 97.62 4.13
N LEU A 697 18.85 96.47 4.75
CA LEU A 697 19.59 96.39 6.00
C LEU A 697 21.02 95.98 5.66
N LEU A 698 21.94 96.92 5.75
CA LEU A 698 23.32 96.73 5.30
C LEU A 698 24.21 96.54 6.52
N ILE A 699 24.33 95.30 6.98
CA ILE A 699 25.30 94.98 8.00
C ILE A 699 26.66 94.89 7.34
N THR A 700 27.64 95.64 7.84
CA THR A 700 28.91 95.74 7.13
C THR A 700 29.96 96.32 8.06
N GLN A 701 31.20 96.35 7.55
CA GLN A 701 32.30 97.05 8.19
C GLN A 701 33.12 97.87 7.21
N HIS A 702 32.69 97.94 5.95
CA HIS A 702 33.32 98.82 4.96
C HIS A 702 32.70 100.20 5.07
N LEU A 703 33.43 101.15 5.63
CA LEU A 703 32.88 102.48 5.88
C LEU A 703 32.54 103.23 4.59
N SER A 704 33.04 102.79 3.44
CA SER A 704 32.73 103.47 2.19
C SER A 704 31.23 103.43 1.91
N LEU A 705 30.61 102.26 2.10
CA LEU A 705 29.16 102.16 1.91
C LEU A 705 28.39 102.73 3.09
N VAL A 706 28.92 102.61 4.30
CA VAL A 706 28.23 103.14 5.48
C VAL A 706 28.13 104.65 5.41
N GLU A 707 29.14 105.32 4.84
CA GLU A 707 29.14 106.78 4.81
C GLU A 707 27.95 107.31 4.02
N GLN A 708 27.58 106.64 2.94
CA GLN A 708 26.43 107.04 2.14
C GLN A 708 25.11 106.57 2.73
N ALA A 709 25.13 105.70 3.73
CA ALA A 709 23.89 105.15 4.27
C ALA A 709 22.99 106.26 4.78
N ASP A 710 21.69 106.13 4.52
CA ASP A 710 20.73 107.11 5.01
C ASP A 710 20.67 107.10 6.52
N HIS A 711 20.72 105.93 7.14
CA HIS A 711 20.74 105.80 8.59
C HIS A 711 21.85 104.86 9.01
N ILE A 712 22.40 105.11 10.21
CA ILE A 712 23.46 104.28 10.77
C ILE A 712 23.10 103.97 12.22
N LEU A 713 23.27 102.70 12.61
CA LEU A 713 22.96 102.25 13.95
C LEU A 713 24.17 101.51 14.51
N PHE A 714 24.70 101.99 15.63
CA PHE A 714 25.87 101.40 16.28
C PHE A 714 25.39 100.42 17.34
N LEU A 715 25.19 99.17 16.92
CA LEU A 715 24.74 98.12 17.82
C LEU A 715 25.98 97.56 18.53
N GLU A 716 26.20 98.01 19.77
CA GLU A 716 27.32 97.57 20.59
C GLU A 716 26.79 96.86 21.81
N GLY A 717 27.24 95.62 22.03
CA GLY A 717 26.80 94.86 23.19
C GLY A 717 25.33 94.48 23.17
N GLY A 718 24.71 94.46 22.00
CA GLY A 718 23.30 94.13 21.89
C GLY A 718 22.35 95.30 22.03
N ALA A 719 22.86 96.51 22.24
CA ALA A 719 22.04 97.70 22.34
C ALA A 719 22.60 98.79 21.43
N ILE A 720 21.69 99.58 20.86
CA ILE A 720 22.08 100.65 19.94
C ILE A 720 22.57 101.82 20.78
N ARG A 721 23.88 102.00 20.85
CA ARG A 721 24.45 103.10 21.63
C ARG A 721 24.14 104.44 21.01
N GLU A 722 24.01 104.51 19.69
CA GLU A 722 23.76 105.77 19.01
C GLU A 722 23.22 105.49 17.61
N GLY A 723 22.75 106.55 16.96
CA GLY A 723 22.24 106.43 15.61
C GLY A 723 22.22 107.77 14.92
N GLY A 724 21.77 107.77 13.67
CA GLY A 724 21.65 108.95 12.86
C GLY A 724 22.53 108.87 11.63
N THR A 725 22.57 109.98 10.89
CA THR A 725 23.36 110.05 9.68
C THR A 725 24.85 110.09 10.02
N HIS A 726 25.68 109.99 8.98
CA HIS A 726 27.12 109.98 9.17
C HIS A 726 27.60 111.27 9.82
N GLN A 727 27.11 112.41 9.33
CA GLN A 727 27.55 113.70 9.87
C GLN A 727 27.20 113.82 11.35
N GLN A 728 26.00 113.40 11.74
CA GLN A 728 25.59 113.52 13.13
C GLN A 728 26.48 112.67 14.04
N LEU A 729 26.74 111.43 13.65
CA LEU A 729 27.59 110.57 14.48
C LEU A 729 29.02 111.11 14.54
N MET A 730 29.54 111.62 13.43
CA MET A 730 30.88 112.20 13.45
C MET A 730 30.93 113.42 14.37
N GLU A 731 29.89 114.25 14.34
CA GLU A 731 29.83 115.38 15.26
C GLU A 731 29.80 114.94 16.71
N LYS A 732 28.99 113.91 17.01
CA LYS A 732 28.89 113.43 18.39
C LYS A 732 30.23 112.95 18.93
N LYS A 733 31.14 112.52 18.07
CA LYS A 733 32.44 112.00 18.49
C LYS A 733 32.27 110.88 19.51
N GLY A 734 31.31 109.99 19.25
CA GLY A 734 31.04 108.89 20.15
C GLY A 734 31.74 107.61 19.75
N CYS A 735 31.04 106.48 19.84
CA CYS A 735 31.64 105.20 19.49
C CYS A 735 31.95 105.12 18.00
N TYR A 736 31.07 105.67 17.16
CA TYR A 736 31.28 105.60 15.71
C TYR A 736 32.53 106.36 15.30
N TRP A 737 32.73 107.56 15.85
CA TRP A 737 33.93 108.33 15.53
C TRP A 737 35.18 107.62 16.00
N ALA A 738 35.13 107.02 17.19
CA ALA A 738 36.28 106.28 17.69
C ALA A 738 36.60 105.10 16.80
N MET A 739 35.57 104.38 16.34
CA MET A 739 35.80 103.25 15.43
C MET A 739 36.38 103.73 14.11
N VAL A 740 35.87 104.84 13.58
CA VAL A 740 36.36 105.33 12.30
C VAL A 740 37.82 105.75 12.39
N GLN A 741 38.18 106.47 13.46
CA GLN A 741 39.53 106.99 13.62
C GLN A 741 40.47 106.03 14.34
N ALA A 742 40.00 104.84 14.70
CA ALA A 742 40.89 103.86 15.35
C ALA A 742 42.11 103.54 14.49
N PRO A 743 41.97 103.20 13.20
CA PRO A 743 43.19 102.97 12.40
C PRO A 743 44.09 104.19 12.30
N ALA A 744 43.52 105.39 12.31
CA ALA A 744 44.31 106.62 12.21
C ALA A 744 45.06 106.93 13.48
N ASP A 745 44.78 106.24 14.58
CA ASP A 745 45.50 106.47 15.84
C ASP A 745 46.89 105.85 15.79
N GLY B 21 -24.54 -66.33 7.26
CA GLY B 21 -25.76 -65.71 7.82
C GLY B 21 -26.61 -66.70 8.60
N PRO B 22 -27.87 -66.37 8.85
CA PRO B 22 -28.74 -67.28 9.61
C PRO B 22 -28.90 -68.62 8.90
N ALA B 23 -28.92 -69.69 9.68
CA ALA B 23 -29.14 -71.01 9.11
C ALA B 23 -30.63 -71.31 8.96
N VAL B 24 -31.47 -70.71 9.79
CA VAL B 24 -32.91 -70.87 9.72
C VAL B 24 -33.57 -69.50 9.83
N ILE B 25 -34.65 -69.30 9.09
CA ILE B 25 -35.44 -68.08 9.17
C ILE B 25 -36.82 -68.45 9.69
N GLU B 26 -37.18 -67.88 10.84
CA GLU B 26 -38.53 -68.07 11.37
C GLU B 26 -39.53 -67.27 10.53
N CYS B 27 -40.66 -67.89 10.21
CA CYS B 27 -41.61 -67.33 9.28
C CYS B 27 -43.02 -67.54 9.81
N TRP B 28 -43.93 -66.69 9.34
CA TRP B 28 -45.34 -66.77 9.72
C TRP B 28 -46.16 -67.12 8.48
N PHE B 29 -46.81 -68.27 8.50
CA PHE B 29 -47.71 -68.66 7.43
C PHE B 29 -49.07 -68.01 7.66
N VAL B 30 -49.49 -67.20 6.69
CA VAL B 30 -50.75 -66.46 6.77
C VAL B 30 -51.79 -67.22 5.97
N GLU B 31 -52.97 -67.40 6.55
CA GLU B 31 -54.01 -68.22 5.94
C GLU B 31 -54.73 -67.44 4.84
N ASP B 32 -54.69 -67.97 3.62
CA ASP B 32 -55.35 -67.32 2.50
C ASP B 32 -56.86 -67.53 2.53
N ALA B 33 -57.31 -68.70 2.99
CA ALA B 33 -58.72 -69.04 2.90
C ALA B 33 -59.58 -68.02 3.63
N SER B 34 -60.70 -67.65 3.01
CA SER B 34 -61.63 -66.74 3.65
C SER B 34 -62.33 -67.40 4.83
N GLY B 35 -62.70 -66.59 5.81
CA GLY B 35 -63.27 -67.07 7.04
C GLY B 35 -62.25 -67.44 8.09
N LYS B 36 -60.98 -67.58 7.71
CA LYS B 36 -59.88 -67.79 8.63
C LYS B 36 -59.27 -66.48 9.10
N GLY B 37 -59.82 -65.34 8.70
CA GLY B 37 -59.19 -64.08 8.99
C GLY B 37 -57.81 -64.04 8.34
N LEU B 38 -56.81 -63.67 9.12
CA LEU B 38 -55.42 -63.71 8.69
C LEU B 38 -54.60 -64.46 9.73
N ALA B 39 -55.15 -65.55 10.25
CA ALA B 39 -54.49 -66.30 11.30
C ALA B 39 -53.10 -66.74 10.85
N LYS B 40 -52.11 -66.50 11.70
CA LYS B 40 -50.72 -66.84 11.42
C LYS B 40 -50.33 -68.12 12.16
N ARG B 41 -49.54 -68.95 11.49
CA ARG B 41 -49.01 -70.17 12.09
C ARG B 41 -47.48 -70.15 12.01
N PRO B 42 -46.79 -70.70 13.02
CA PRO B 42 -45.33 -70.73 12.96
C PRO B 42 -44.82 -71.61 11.83
N GLY B 43 -43.67 -71.24 11.29
CA GLY B 43 -42.98 -72.06 10.31
C GLY B 43 -41.53 -71.65 10.27
N ALA B 44 -40.73 -72.44 9.55
CA ALA B 44 -39.31 -72.16 9.44
C ALA B 44 -38.83 -72.46 8.03
N LEU B 45 -37.84 -71.69 7.59
CA LEU B 45 -37.14 -71.90 6.33
C LEU B 45 -35.71 -72.27 6.67
N LEU B 46 -35.38 -73.56 6.54
CA LEU B 46 -34.03 -74.06 6.69
C LEU B 46 -33.31 -73.85 5.36
N LEU B 47 -32.47 -72.83 5.30
CA LEU B 47 -31.83 -72.46 4.04
C LEU B 47 -30.89 -73.56 3.57
N ARG B 48 -29.99 -74.01 4.44
CA ARG B 48 -28.97 -75.00 4.09
C ARG B 48 -29.24 -76.28 4.88
N GLN B 49 -29.63 -77.34 4.16
CA GLN B 49 -29.90 -78.61 4.82
C GLN B 49 -28.65 -79.15 5.50
N GLY B 50 -27.52 -79.13 4.80
CA GLY B 50 -26.28 -79.65 5.33
C GLY B 50 -26.31 -81.15 5.47
N PRO B 51 -25.15 -81.78 5.54
CA PRO B 51 -25.12 -83.24 5.76
C PRO B 51 -25.83 -83.60 7.05
N GLY B 52 -26.54 -84.73 7.02
CA GLY B 52 -27.30 -85.19 8.15
C GLY B 52 -28.73 -84.67 8.16
N GLU B 53 -29.52 -85.21 9.09
CA GLU B 53 -30.91 -84.84 9.17
C GLU B 53 -31.05 -83.39 9.63
N PRO B 54 -32.16 -82.74 9.29
CA PRO B 54 -32.35 -81.35 9.70
C PRO B 54 -32.59 -81.25 11.19
N PRO B 55 -32.40 -80.07 11.79
CA PRO B 55 -32.72 -79.91 13.21
C PRO B 55 -34.18 -80.20 13.47
N PRO B 56 -34.49 -81.17 14.34
CA PRO B 56 -35.90 -81.51 14.58
C PRO B 56 -36.66 -80.30 15.11
N ARG B 57 -37.87 -80.12 14.60
CA ARG B 57 -38.76 -79.03 15.00
C ARG B 57 -40.16 -79.59 15.23
N PRO B 58 -40.34 -80.35 16.31
CA PRO B 58 -41.69 -80.89 16.60
C PRO B 58 -42.71 -79.80 16.85
N ASP B 59 -42.29 -78.60 17.24
CA ASP B 59 -43.24 -77.51 17.48
C ASP B 59 -43.86 -77.00 16.19
N LEU B 60 -43.14 -77.12 15.07
CA LEU B 60 -43.63 -76.63 13.79
C LEU B 60 -44.49 -77.67 13.11
N ASP B 61 -45.44 -77.20 12.32
CA ASP B 61 -46.19 -78.08 11.43
C ASP B 61 -45.27 -78.60 10.33
N PRO B 62 -45.30 -79.90 10.02
CA PRO B 62 -44.35 -80.42 9.02
C PRO B 62 -44.46 -79.74 7.66
N GLU B 63 -45.64 -79.24 7.30
CA GLU B 63 -45.79 -78.58 6.00
C GLU B 63 -45.18 -77.19 5.99
N LEU B 64 -45.10 -76.52 7.15
CA LEU B 64 -44.56 -75.18 7.21
C LEU B 64 -43.05 -75.15 7.47
N TYR B 65 -42.43 -76.30 7.73
CA TYR B 65 -40.99 -76.39 7.87
C TYR B 65 -40.42 -76.77 6.51
N LEU B 66 -39.62 -75.89 5.92
CA LEU B 66 -39.21 -76.01 4.51
C LEU B 66 -37.70 -76.03 4.40
N SER B 67 -37.16 -77.13 3.89
CA SER B 67 -35.76 -77.17 3.47
C SER B 67 -35.65 -76.54 2.09
N VAL B 68 -34.94 -75.43 1.99
CA VAL B 68 -34.94 -74.62 0.77
C VAL B 68 -33.78 -75.05 -0.12
N HIS B 69 -34.09 -75.30 -1.39
CA HIS B 69 -33.10 -75.60 -2.42
C HIS B 69 -33.19 -74.50 -3.48
N ASP B 70 -32.08 -73.82 -3.71
CA ASP B 70 -32.05 -72.62 -4.56
C ASP B 70 -31.06 -72.83 -5.70
N PRO B 71 -31.50 -73.34 -6.85
CA PRO B 71 -30.58 -73.50 -7.98
C PRO B 71 -29.91 -72.20 -8.40
N ALA B 72 -30.67 -71.09 -8.42
CA ALA B 72 -30.10 -69.82 -8.86
C ALA B 72 -29.23 -69.20 -7.78
N GLY B 73 -29.51 -69.49 -6.51
CA GLY B 73 -28.68 -69.01 -5.42
C GLY B 73 -28.86 -67.56 -5.04
N ALA B 74 -29.96 -66.93 -5.47
CA ALA B 74 -30.19 -65.54 -5.10
C ALA B 74 -30.54 -65.42 -3.61
N LEU B 75 -31.46 -66.27 -3.14
CA LEU B 75 -31.84 -66.27 -1.73
C LEU B 75 -30.66 -66.68 -0.85
N GLN B 76 -29.97 -67.76 -1.23
CA GLN B 76 -28.85 -68.25 -0.44
C GLN B 76 -27.76 -67.19 -0.32
N ALA B 77 -27.41 -66.57 -1.45
CA ALA B 77 -26.37 -65.55 -1.43
C ALA B 77 -26.85 -64.28 -0.71
N ALA B 78 -28.14 -63.99 -0.77
CA ALA B 78 -28.68 -62.85 -0.05
C ALA B 78 -28.52 -63.02 1.45
N PHE B 79 -28.74 -64.24 1.94
CA PHE B 79 -28.67 -64.50 3.37
C PHE B 79 -27.38 -65.21 3.78
N ARG B 80 -26.37 -65.24 2.91
CA ARG B 80 -25.06 -65.75 3.30
C ARG B 80 -24.13 -64.63 3.74
N ARG B 81 -24.35 -63.40 3.27
CA ARG B 81 -23.58 -62.24 3.67
C ARG B 81 -24.38 -61.32 4.59
N TYR B 82 -25.42 -61.84 5.23
CA TYR B 82 -26.24 -61.01 6.10
C TYR B 82 -25.39 -60.48 7.25
N PRO B 83 -25.48 -59.20 7.57
CA PRO B 83 -24.59 -58.65 8.61
C PRO B 83 -24.75 -59.40 9.93
N ARG B 84 -23.61 -59.67 10.56
CA ARG B 84 -23.62 -60.31 11.87
C ARG B 84 -24.08 -59.33 12.94
N GLY B 85 -24.74 -59.86 13.96
CA GLY B 85 -25.29 -59.03 15.01
C GLY B 85 -26.37 -58.10 14.51
N ALA B 86 -27.30 -58.65 13.72
CA ALA B 86 -28.40 -57.89 13.14
C ALA B 86 -29.73 -58.53 13.52
N PRO B 87 -30.81 -57.75 13.56
CA PRO B 87 -32.11 -58.31 13.96
C PRO B 87 -32.60 -59.34 12.95
N ALA B 88 -33.37 -60.30 13.46
CA ALA B 88 -33.89 -61.35 12.61
C ALA B 88 -34.84 -60.75 11.57
N PRO B 89 -34.74 -61.14 10.31
CA PRO B 89 -35.65 -60.59 9.30
C PRO B 89 -37.08 -61.07 9.51
N HIS B 90 -38.02 -60.26 9.02
CA HIS B 90 -39.44 -60.55 9.15
C HIS B 90 -39.89 -61.33 7.92
N CYS B 91 -40.25 -62.60 8.12
CA CYS B 91 -40.63 -63.50 7.05
C CYS B 91 -42.12 -63.82 7.13
N GLU B 92 -42.75 -63.98 5.97
CA GLU B 92 -44.15 -64.40 5.91
C GLU B 92 -44.36 -65.28 4.69
N MET B 93 -44.93 -66.46 4.91
CA MET B 93 -45.33 -67.37 3.84
C MET B 93 -46.81 -67.23 3.56
N SER B 94 -47.19 -67.60 2.33
CA SER B 94 -48.61 -67.71 2.00
C SER B 94 -48.74 -68.66 0.81
N ARG B 95 -49.95 -69.18 0.63
CA ARG B 95 -50.24 -70.05 -0.51
C ARG B 95 -50.45 -69.21 -1.76
N PHE B 96 -49.94 -69.69 -2.88
CA PHE B 96 -49.94 -68.96 -4.14
C PHE B 96 -50.54 -69.85 -5.21
N VAL B 97 -51.39 -69.26 -6.04
CA VAL B 97 -51.99 -69.94 -7.18
C VAL B 97 -51.62 -69.15 -8.43
N PRO B 98 -50.87 -69.72 -9.38
CA PRO B 98 -50.45 -68.93 -10.55
C PRO B 98 -51.66 -68.46 -11.35
N LEU B 99 -51.71 -67.15 -11.57
CA LEU B 99 -52.74 -66.49 -12.35
C LEU B 99 -52.09 -65.59 -13.39
N PRO B 100 -52.76 -65.32 -14.50
CA PRO B 100 -52.20 -64.40 -15.49
C PRO B 100 -52.23 -62.97 -14.98
N ALA B 101 -51.28 -62.17 -15.47
CA ALA B 101 -51.22 -60.78 -15.07
C ALA B 101 -52.42 -60.03 -15.62
N SER B 102 -53.08 -59.26 -14.75
CA SER B 102 -54.28 -58.53 -15.16
C SER B 102 -53.95 -57.20 -15.83
N ALA B 103 -52.73 -56.71 -15.68
CA ALA B 103 -52.34 -55.47 -16.35
C ALA B 103 -52.31 -55.67 -17.86
N LYS B 104 -52.82 -54.67 -18.58
CA LYS B 104 -52.93 -54.79 -20.03
C LYS B 104 -51.55 -54.86 -20.69
N TRP B 105 -50.59 -54.06 -20.22
CA TRP B 105 -49.29 -54.00 -20.88
C TRP B 105 -48.60 -55.36 -20.87
N ALA B 106 -48.85 -56.18 -19.86
CA ALA B 106 -48.22 -57.48 -19.72
C ALA B 106 -48.99 -58.60 -20.41
N SER B 107 -49.82 -58.27 -21.41
CA SER B 107 -50.62 -59.27 -22.08
C SER B 107 -49.82 -60.14 -23.04
N GLY B 108 -48.67 -59.65 -23.51
CA GLY B 108 -47.87 -60.42 -24.45
C GLY B 108 -47.10 -61.57 -23.85
N LEU B 109 -47.01 -61.63 -22.52
CA LEU B 109 -46.31 -62.74 -21.86
C LEU B 109 -47.15 -64.02 -21.85
N THR B 110 -48.48 -63.88 -21.86
CA THR B 110 -49.40 -65.03 -21.79
C THR B 110 -50.43 -64.90 -22.91
N PRO B 111 -49.99 -65.05 -24.16
CA PRO B 111 -50.93 -64.91 -25.29
C PRO B 111 -52.01 -65.98 -25.30
N ALA B 112 -51.60 -67.24 -25.23
CA ALA B 112 -52.56 -68.34 -25.28
C ALA B 112 -53.45 -68.32 -24.04
N GLN B 113 -54.73 -68.62 -24.23
CA GLN B 113 -55.71 -68.62 -23.14
C GLN B 113 -55.83 -70.00 -22.51
N ASN B 114 -54.70 -70.55 -22.07
CA ASN B 114 -54.68 -71.83 -21.38
C ASN B 114 -53.47 -71.85 -20.45
N CYS B 115 -53.71 -72.08 -19.17
CA CYS B 115 -52.63 -72.05 -18.21
C CYS B 115 -51.60 -73.14 -18.53
N PRO B 116 -50.30 -72.84 -18.44
CA PRO B 116 -49.30 -73.86 -18.78
C PRO B 116 -49.39 -75.06 -17.84
N ARG B 117 -49.06 -76.23 -18.40
CA ARG B 117 -49.03 -77.45 -17.60
C ARG B 117 -47.84 -77.48 -16.66
N ALA B 118 -46.80 -76.68 -16.93
CA ALA B 118 -45.60 -76.71 -16.10
C ALA B 118 -45.82 -76.15 -14.71
N LEU B 119 -46.87 -75.35 -14.51
CA LEU B 119 -47.15 -74.75 -13.21
C LEU B 119 -48.14 -75.60 -12.40
N ASP B 120 -47.81 -76.86 -12.18
CA ASP B 120 -48.64 -77.76 -11.40
C ASP B 120 -48.11 -77.90 -9.98
N GLY B 121 -49.01 -78.25 -9.07
CA GLY B 121 -48.64 -78.45 -7.68
C GLY B 121 -48.73 -77.20 -6.85
N ALA B 122 -48.41 -77.36 -5.57
CA ALA B 122 -48.50 -76.26 -4.62
C ALA B 122 -47.44 -75.20 -4.91
N TRP B 123 -47.77 -73.96 -4.57
CA TRP B 123 -46.85 -72.84 -4.65
C TRP B 123 -46.91 -72.03 -3.36
N LEU B 124 -45.76 -71.56 -2.91
CA LEU B 124 -45.65 -70.71 -1.74
C LEU B 124 -45.02 -69.38 -2.13
N MET B 125 -45.59 -68.30 -1.63
CA MET B 125 -45.00 -66.97 -1.76
C MET B 125 -44.37 -66.62 -0.42
N VAL B 126 -43.06 -66.41 -0.42
CA VAL B 126 -42.30 -66.03 0.76
C VAL B 126 -41.89 -64.57 0.61
N SER B 127 -42.15 -63.78 1.64
CA SER B 127 -41.76 -62.37 1.65
C SER B 127 -40.92 -62.12 2.89
N ILE B 128 -39.69 -61.67 2.70
CA ILE B 128 -38.75 -61.45 3.79
C ILE B 128 -38.32 -59.98 3.74
N SER B 129 -38.71 -59.22 4.75
CA SER B 129 -38.34 -57.82 4.87
C SER B 129 -37.30 -57.64 5.96
N SER B 130 -36.48 -56.61 5.81
CA SER B 130 -35.40 -56.34 6.75
C SER B 130 -34.96 -54.90 6.55
N PRO B 131 -34.30 -54.30 7.55
CA PRO B 131 -33.75 -52.95 7.36
C PRO B 131 -32.71 -52.88 6.25
N VAL B 132 -32.10 -54.02 5.88
CA VAL B 132 -31.07 -54.03 4.85
C VAL B 132 -31.53 -54.69 3.56
N LEU B 133 -32.63 -55.45 3.58
CA LEU B 133 -32.98 -56.26 2.43
C LEU B 133 -34.49 -56.48 2.40
N SER B 134 -35.07 -56.41 1.21
CA SER B 134 -36.44 -56.84 0.96
C SER B 134 -36.41 -57.87 -0.16
N LEU B 135 -37.07 -59.00 0.05
CA LEU B 135 -36.97 -60.13 -0.86
C LEU B 135 -38.32 -60.82 -0.97
N SER B 136 -38.56 -61.41 -2.14
CA SER B 136 -39.77 -62.17 -2.39
C SER B 136 -39.42 -63.36 -3.26
N SER B 137 -39.83 -64.55 -2.84
CA SER B 137 -39.50 -65.79 -3.54
C SER B 137 -40.76 -66.61 -3.78
N LEU B 138 -40.74 -67.35 -4.88
CA LEU B 138 -41.80 -68.29 -5.24
C LEU B 138 -41.23 -69.70 -5.08
N LEU B 139 -41.63 -70.38 -4.03
CA LEU B 139 -41.16 -71.73 -3.74
C LEU B 139 -42.17 -72.76 -4.21
N ARG B 140 -41.66 -73.90 -4.63
CA ARG B 140 -42.46 -75.05 -5.06
C ARG B 140 -42.17 -76.18 -4.09
N PRO B 141 -43.06 -76.52 -3.17
CA PRO B 141 -42.77 -77.61 -2.23
C PRO B 141 -43.10 -78.97 -2.83
N GLN B 142 -42.11 -79.87 -2.80
CA GLN B 142 -42.33 -81.23 -3.29
C GLN B 142 -43.27 -81.97 -2.36
N PRO B 143 -44.37 -82.57 -2.87
CA PRO B 143 -45.30 -83.33 -2.01
C PRO B 143 -44.87 -84.77 -1.76
N GLU B 144 -43.62 -84.94 -1.36
CA GLU B 144 -43.09 -86.29 -1.14
C GLU B 144 -43.82 -86.93 0.04
N PRO B 145 -44.37 -88.15 -0.13
CA PRO B 145 -45.06 -88.80 0.99
C PRO B 145 -44.18 -88.95 2.22
N GLU B 148 -42.51 -91.99 3.88
CA GLU B 148 -42.44 -91.85 5.33
C GLU B 148 -42.91 -90.47 5.76
N PRO B 149 -43.39 -90.35 7.01
CA PRO B 149 -43.78 -89.02 7.53
C PRO B 149 -42.58 -88.17 7.92
N VAL B 150 -41.94 -87.59 6.90
CA VAL B 150 -40.75 -86.79 7.13
C VAL B 150 -41.10 -85.58 8.01
N LEU B 151 -40.13 -85.15 8.81
CA LEU B 151 -40.31 -84.00 9.67
C LEU B 151 -40.12 -82.68 8.94
N ILE B 152 -39.57 -82.69 7.73
CA ILE B 152 -39.32 -81.49 6.96
C ILE B 152 -39.85 -81.68 5.55
N THR B 153 -40.13 -80.57 4.88
CA THR B 153 -40.68 -80.56 3.54
C THR B 153 -39.71 -79.89 2.59
N MET B 154 -39.38 -80.55 1.49
CA MET B 154 -38.49 -79.99 0.50
C MET B 154 -39.22 -78.97 -0.36
N ALA B 155 -38.49 -77.94 -0.79
CA ALA B 155 -39.05 -76.91 -1.65
C ALA B 155 -37.94 -76.29 -2.48
N THR B 156 -38.25 -75.98 -3.74
CA THR B 156 -37.29 -75.40 -4.66
C THR B 156 -37.72 -73.99 -5.05
N VAL B 157 -36.76 -73.07 -5.11
CA VAL B 157 -37.05 -71.70 -5.49
C VAL B 157 -37.13 -71.60 -7.00
N VAL B 158 -38.11 -70.84 -7.49
CA VAL B 158 -38.31 -70.64 -8.92
C VAL B 158 -37.99 -69.22 -9.35
N LEU B 159 -38.53 -68.23 -8.63
CA LEU B 159 -38.33 -66.83 -8.94
C LEU B 159 -38.01 -66.08 -7.67
N THR B 160 -36.87 -65.39 -7.65
CA THR B 160 -36.45 -64.57 -6.53
C THR B 160 -36.33 -63.13 -7.01
N VAL B 161 -36.75 -62.18 -6.17
CA VAL B 161 -36.70 -60.76 -6.46
C VAL B 161 -36.27 -60.04 -5.20
N LEU B 162 -35.12 -59.37 -5.23
CA LEU B 162 -34.59 -58.71 -4.05
C LEU B 162 -34.11 -57.32 -4.39
N THR B 163 -34.11 -56.45 -3.38
CA THR B 163 -33.57 -55.11 -3.45
C THR B 163 -32.74 -54.87 -2.20
N HIS B 164 -31.57 -54.23 -2.40
CA HIS B 164 -30.68 -53.89 -1.30
C HIS B 164 -30.84 -52.44 -0.85
N THR B 165 -31.88 -51.76 -1.30
CA THR B 165 -32.19 -50.39 -0.89
C THR B 165 -33.64 -50.35 -0.45
N PRO B 166 -33.99 -51.08 0.61
CA PRO B 166 -35.41 -51.11 1.04
C PRO B 166 -35.96 -49.76 1.44
N ALA B 167 -35.13 -48.87 1.99
CA ALA B 167 -35.57 -47.55 2.46
C ALA B 167 -34.61 -46.49 1.95
N PRO B 168 -34.67 -46.15 0.67
CA PRO B 168 -33.78 -45.11 0.14
C PRO B 168 -34.08 -43.75 0.74
N ARG B 169 -33.06 -42.91 0.79
CA ARG B 169 -33.18 -41.55 1.30
C ARG B 169 -32.38 -40.64 0.38
N VAL B 170 -33.08 -39.79 -0.37
CA VAL B 170 -32.48 -38.96 -1.41
C VAL B 170 -32.74 -37.49 -1.10
N ARG B 171 -31.74 -36.66 -1.37
CA ARG B 171 -31.89 -35.23 -1.23
C ARG B 171 -32.70 -34.67 -2.38
N LEU B 172 -33.50 -33.63 -2.09
CA LEU B 172 -34.32 -33.00 -3.11
C LEU B 172 -33.44 -32.49 -4.24
N GLY B 173 -33.76 -32.89 -5.47
CA GLY B 173 -33.01 -32.49 -6.65
C GLY B 173 -32.00 -33.49 -7.13
N GLN B 174 -31.75 -34.56 -6.38
CA GLN B 174 -30.76 -35.57 -6.74
C GLN B 174 -31.44 -36.80 -7.31
N ASP B 175 -30.67 -37.59 -8.06
CA ASP B 175 -31.18 -38.80 -8.67
C ASP B 175 -31.34 -39.90 -7.63
N ALA B 176 -32.37 -40.72 -7.80
CA ALA B 176 -32.63 -41.87 -6.95
C ALA B 176 -32.41 -43.14 -7.77
N LEU B 177 -31.49 -43.99 -7.30
CA LEU B 177 -31.24 -45.29 -7.89
C LEU B 177 -31.80 -46.36 -6.96
N LEU B 178 -32.87 -47.02 -7.39
CA LEU B 178 -33.53 -48.04 -6.60
C LEU B 178 -33.06 -49.41 -7.09
N ASP B 179 -32.30 -50.10 -6.26
CA ASP B 179 -31.73 -51.38 -6.64
C ASP B 179 -32.82 -52.43 -6.82
N LEU B 180 -32.62 -53.31 -7.79
CA LEU B 180 -33.51 -54.45 -7.99
C LEU B 180 -32.76 -55.51 -8.79
N SER B 181 -32.74 -56.74 -8.26
CA SER B 181 -32.20 -57.87 -8.98
C SER B 181 -33.16 -59.03 -8.83
N PHE B 182 -33.12 -59.95 -9.79
CA PHE B 182 -33.97 -61.13 -9.70
C PHE B 182 -33.26 -62.31 -10.32
N ALA B 183 -33.74 -63.49 -9.99
CA ALA B 183 -33.20 -64.74 -10.51
C ALA B 183 -34.35 -65.69 -10.83
N TYR B 184 -34.14 -66.50 -11.86
CA TYR B 184 -35.18 -67.41 -12.34
C TYR B 184 -34.58 -68.75 -12.72
N MET B 185 -35.28 -69.82 -12.33
CA MET B 185 -34.95 -71.17 -12.75
C MET B 185 -36.26 -71.87 -13.11
N PRO B 186 -36.52 -72.16 -14.38
CA PRO B 186 -37.81 -72.72 -14.77
C PRO B 186 -38.09 -74.02 -14.04
N PRO B 187 -39.33 -74.25 -13.62
CA PRO B 187 -39.64 -75.49 -12.88
C PRO B 187 -39.35 -76.72 -13.74
N THR B 188 -38.97 -77.80 -13.06
CA THR B 188 -38.53 -79.00 -13.76
C THR B 188 -39.62 -79.56 -14.65
N SER B 189 -40.86 -79.59 -14.16
CA SER B 189 -41.98 -80.12 -14.92
C SER B 189 -41.74 -81.59 -15.26
N ALA B 196 -37.75 -73.04 -25.21
CA ALA B 196 -36.80 -72.63 -26.22
C ALA B 196 -35.48 -72.20 -25.58
N PRO B 197 -34.37 -72.34 -26.32
CA PRO B 197 -33.08 -71.93 -25.77
C PRO B 197 -33.04 -70.43 -25.49
N GLY B 198 -32.27 -70.06 -24.46
CA GLY B 198 -32.14 -68.70 -24.05
C GLY B 198 -33.15 -68.33 -22.98
N PRO B 199 -32.88 -67.28 -22.22
CA PRO B 199 -33.81 -66.89 -21.16
C PRO B 199 -35.12 -66.43 -21.75
N PRO B 200 -36.23 -66.65 -21.06
CA PRO B 200 -37.53 -66.26 -21.60
C PRO B 200 -37.75 -64.77 -21.45
N PRO B 201 -38.60 -64.17 -22.28
CA PRO B 201 -38.96 -62.76 -22.07
C PRO B 201 -39.70 -62.57 -20.76
N PHE B 202 -39.49 -61.42 -20.14
CA PHE B 202 -40.11 -61.11 -18.87
C PHE B 202 -40.61 -59.67 -18.89
N GLY B 203 -41.46 -59.34 -17.91
CA GLY B 203 -41.97 -58.00 -17.74
C GLY B 203 -41.46 -57.40 -16.45
N LEU B 204 -41.34 -56.08 -16.43
CA LEU B 204 -40.96 -55.34 -15.24
C LEU B 204 -41.85 -54.12 -15.14
N GLU B 205 -42.50 -53.95 -13.98
CA GLU B 205 -43.24 -52.73 -13.73
C GLU B 205 -42.78 -52.09 -12.43
N TRP B 206 -42.61 -50.78 -12.47
CA TRP B 206 -42.36 -49.95 -11.30
C TRP B 206 -43.53 -49.00 -11.14
N ARG B 207 -44.21 -49.09 -10.00
CA ARG B 207 -45.31 -48.22 -9.64
C ARG B 207 -44.98 -47.46 -8.36
N ARG B 208 -45.71 -46.39 -8.12
CA ARG B 208 -45.62 -45.63 -6.88
C ARG B 208 -47.00 -45.53 -6.25
N GLN B 209 -47.05 -45.70 -4.93
CA GLN B 209 -48.24 -45.48 -4.13
C GLN B 209 -47.90 -44.55 -2.99
N HIS B 210 -48.70 -43.49 -2.84
CA HIS B 210 -48.51 -42.57 -1.73
C HIS B 210 -49.72 -41.65 -1.58
N LEU B 211 -50.31 -41.62 -0.38
CA LEU B 211 -51.38 -40.70 -0.07
C LEU B 211 -52.53 -40.81 -1.07
N GLY B 212 -52.92 -42.04 -1.36
CA GLY B 212 -54.03 -42.29 -2.26
C GLY B 212 -53.74 -41.94 -3.71
N LYS B 213 -52.50 -42.03 -4.13
CA LYS B 213 -52.09 -41.69 -5.50
C LYS B 213 -51.26 -42.84 -6.06
N GLY B 214 -51.75 -43.47 -7.11
CA GLY B 214 -51.04 -44.54 -7.79
C GLY B 214 -50.58 -44.09 -9.16
N HIS B 215 -49.42 -44.59 -9.57
CA HIS B 215 -48.83 -44.22 -10.86
C HIS B 215 -48.00 -45.37 -11.38
N LEU B 216 -48.27 -45.79 -12.62
CA LEU B 216 -47.42 -46.76 -13.30
C LEU B 216 -46.22 -46.00 -13.86
N LEU B 217 -45.17 -45.91 -13.07
CA LEU B 217 -44.01 -45.13 -13.48
C LEU B 217 -43.34 -45.72 -14.71
N LEU B 218 -43.16 -47.04 -14.73
CA LEU B 218 -42.42 -47.65 -15.83
C LEU B 218 -42.90 -49.07 -16.07
N ALA B 219 -43.02 -49.44 -17.34
CA ALA B 219 -43.35 -50.80 -17.74
C ALA B 219 -42.45 -51.20 -18.90
N ALA B 220 -41.92 -52.42 -18.84
CA ALA B 220 -41.05 -52.93 -19.89
C ALA B 220 -41.28 -54.42 -20.03
N THR B 221 -40.99 -54.95 -21.22
CA THR B 221 -41.06 -56.39 -21.49
C THR B 221 -39.82 -56.79 -22.29
N PRO B 222 -38.65 -56.82 -21.65
CA PRO B 222 -37.43 -57.17 -22.39
C PRO B 222 -37.55 -58.54 -23.03
N GLY B 223 -37.04 -58.64 -24.26
CA GLY B 223 -37.09 -59.87 -25.01
C GLY B 223 -38.35 -60.07 -25.83
N LEU B 224 -39.31 -59.17 -25.72
CA LEU B 224 -40.57 -59.25 -26.46
C LEU B 224 -40.85 -57.89 -27.09
N ASN B 225 -41.29 -57.89 -28.34
CA ASN B 225 -41.52 -56.67 -29.10
C ASN B 225 -42.97 -56.22 -28.91
N GLY B 226 -43.16 -55.08 -28.28
CA GLY B 226 -44.48 -54.54 -28.06
C GLY B 226 -44.38 -53.11 -27.56
N GLN B 227 -45.52 -52.42 -27.61
CA GLN B 227 -45.59 -51.02 -27.23
C GLN B 227 -45.99 -50.92 -25.76
N MET B 228 -45.06 -50.48 -24.93
CA MET B 228 -45.31 -50.29 -23.51
C MET B 228 -45.87 -48.89 -23.25
N PRO B 229 -46.57 -48.70 -22.13
CA PRO B 229 -46.96 -47.34 -21.75
C PRO B 229 -45.74 -46.47 -21.53
N ALA B 230 -45.84 -45.21 -21.94
CA ALA B 230 -44.70 -44.31 -21.87
C ALA B 230 -44.25 -44.15 -20.42
N ALA B 231 -42.93 -44.22 -20.22
CA ALA B 231 -42.38 -44.00 -18.89
C ALA B 231 -42.63 -42.57 -18.45
N GLN B 232 -42.81 -42.40 -17.13
CA GLN B 232 -43.19 -41.12 -16.55
C GLN B 232 -42.01 -40.48 -15.83
N GLU B 233 -42.00 -39.15 -15.85
CA GLU B 233 -41.03 -38.36 -15.07
C GLU B 233 -39.60 -38.70 -15.44
N GLY B 234 -39.34 -39.00 -16.71
CA GLY B 234 -37.99 -39.29 -17.16
C GLY B 234 -37.36 -40.47 -16.45
N ALA B 235 -38.15 -41.50 -16.16
CA ALA B 235 -37.66 -42.68 -15.47
C ALA B 235 -37.21 -43.74 -16.47
N VAL B 236 -36.11 -44.41 -16.15
CA VAL B 236 -35.58 -45.50 -16.96
C VAL B 236 -35.18 -46.63 -16.03
N ALA B 237 -35.06 -47.83 -16.59
CA ALA B 237 -34.71 -49.01 -15.83
C ALA B 237 -33.64 -49.80 -16.57
N PHE B 238 -32.78 -50.47 -15.81
CA PHE B 238 -31.77 -51.37 -16.37
C PHE B 238 -32.32 -52.79 -16.44
N ALA B 239 -33.36 -52.95 -17.25
CA ALA B 239 -34.14 -54.19 -17.32
C ALA B 239 -33.55 -55.09 -18.40
N ALA B 240 -32.90 -56.17 -17.98
CA ALA B 240 -32.32 -57.11 -18.92
C ALA B 240 -31.76 -58.29 -18.14
N TRP B 241 -31.68 -59.44 -18.81
CA TRP B 241 -30.96 -60.57 -18.25
C TRP B 241 -29.46 -60.29 -18.27
N ASP B 242 -28.77 -60.70 -17.20
CA ASP B 242 -27.33 -60.52 -17.15
C ASP B 242 -26.61 -61.39 -18.16
N ASP B 243 -27.25 -62.43 -18.68
CA ASP B 243 -26.59 -63.35 -19.59
C ASP B 243 -27.61 -63.88 -20.59
N ASP B 244 -27.09 -64.44 -21.69
CA ASP B 244 -27.91 -65.00 -22.75
C ASP B 244 -27.65 -66.50 -22.91
N GLU B 245 -27.34 -67.18 -21.81
CA GLU B 245 -27.01 -68.59 -21.88
C GLU B 245 -28.21 -69.40 -22.34
N PRO B 246 -27.99 -70.50 -23.07
CA PRO B 246 -29.13 -71.33 -23.49
C PRO B 246 -29.93 -71.91 -22.34
N TRP B 247 -29.28 -72.21 -21.21
CA TRP B 247 -29.91 -72.95 -20.13
C TRP B 247 -29.86 -72.15 -18.83
N GLY B 248 -30.90 -72.30 -18.02
CA GLY B 248 -30.97 -71.62 -16.75
C GLY B 248 -30.16 -72.33 -15.69
N PRO B 249 -30.10 -71.72 -14.50
CA PRO B 249 -30.80 -70.50 -14.06
C PRO B 249 -30.25 -69.23 -14.68
N TRP B 250 -31.04 -68.17 -14.66
CA TRP B 250 -30.61 -66.87 -15.18
C TRP B 250 -30.79 -65.82 -14.10
N THR B 251 -29.91 -64.82 -14.12
CA THR B 251 -30.04 -63.64 -13.28
C THR B 251 -30.42 -62.46 -14.15
N GLY B 252 -31.01 -61.44 -13.51
CA GLY B 252 -31.49 -60.29 -14.24
C GLY B 252 -31.50 -59.07 -13.35
N ASN B 253 -31.58 -57.91 -14.02
CA ASN B 253 -31.44 -56.61 -13.39
C ASN B 253 -32.70 -55.79 -13.68
N GLY B 254 -33.12 -54.99 -12.70
CA GLY B 254 -34.29 -54.16 -12.86
C GLY B 254 -34.16 -52.82 -12.17
N THR B 255 -32.93 -52.32 -12.03
CA THR B 255 -32.66 -51.12 -11.26
C THR B 255 -33.38 -49.91 -11.83
N PHE B 256 -34.01 -49.15 -10.94
CA PHE B 256 -34.80 -47.99 -11.31
C PHE B 256 -33.99 -46.71 -11.16
N TRP B 257 -34.16 -45.78 -12.09
CA TRP B 257 -33.41 -44.52 -12.12
C TRP B 257 -34.42 -43.39 -12.23
N LEU B 258 -34.60 -42.64 -11.15
CA LEU B 258 -35.54 -41.53 -11.12
C LEU B 258 -34.77 -40.22 -10.99
N PRO B 259 -34.75 -39.36 -12.02
CA PRO B 259 -33.90 -38.16 -11.95
C PRO B 259 -34.56 -37.01 -11.21
N ARG B 260 -33.74 -36.30 -10.43
CA ARG B 260 -34.12 -35.04 -9.79
C ARG B 260 -35.42 -35.20 -9.01
N VAL B 261 -35.35 -36.04 -7.97
CA VAL B 261 -36.54 -36.38 -7.19
C VAL B 261 -37.06 -35.14 -6.49
N GLN B 262 -38.38 -34.96 -6.55
CA GLN B 262 -39.10 -33.91 -5.86
C GLN B 262 -39.90 -34.50 -4.71
N PRO B 263 -40.44 -33.66 -3.82
CA PRO B 263 -41.25 -34.20 -2.72
C PRO B 263 -42.43 -35.02 -3.18
N PHE B 264 -43.06 -34.67 -4.31
CA PHE B 264 -44.22 -35.44 -4.76
C PHE B 264 -43.83 -36.81 -5.29
N GLN B 265 -42.56 -37.03 -5.62
CA GLN B 265 -42.07 -38.34 -6.03
C GLN B 265 -41.56 -39.12 -4.82
N GLU B 266 -42.45 -39.28 -3.83
CA GLU B 266 -42.12 -39.86 -2.55
C GLU B 266 -43.16 -40.90 -2.18
N GLY B 267 -42.74 -41.89 -1.38
CA GLY B 267 -43.65 -42.90 -0.87
C GLY B 267 -43.21 -44.30 -1.24
N THR B 268 -44.20 -45.20 -1.32
CA THR B 268 -43.91 -46.60 -1.59
C THR B 268 -43.69 -46.80 -3.08
N TYR B 269 -42.65 -47.55 -3.42
CA TYR B 269 -42.35 -47.91 -4.80
C TYR B 269 -42.40 -49.43 -4.90
N LEU B 270 -43.26 -49.94 -5.78
CA LEU B 270 -43.47 -51.37 -5.94
C LEU B 270 -42.86 -51.82 -7.25
N ALA B 271 -41.95 -52.78 -7.19
CA ALA B 271 -41.31 -53.36 -8.36
C ALA B 271 -41.77 -54.79 -8.52
N THR B 272 -42.30 -55.11 -9.70
CA THR B 272 -42.82 -56.44 -10.00
C THR B 272 -42.12 -56.99 -11.24
N ILE B 273 -41.59 -58.21 -11.11
CA ILE B 273 -41.09 -58.99 -12.22
C ILE B 273 -42.17 -60.01 -12.60
N HIS B 274 -42.52 -60.04 -13.88
CA HIS B 274 -43.59 -60.88 -14.39
C HIS B 274 -43.01 -61.92 -15.34
N LEU B 275 -43.25 -63.18 -15.05
CA LEU B 275 -43.13 -64.27 -15.99
C LEU B 275 -44.52 -64.80 -16.29
N PRO B 276 -44.71 -65.54 -17.37
CA PRO B 276 -46.05 -66.06 -17.65
C PRO B 276 -46.63 -66.80 -16.46
N TYR B 277 -47.69 -66.24 -15.87
CA TYR B 277 -48.43 -66.78 -14.74
C TYR B 277 -47.67 -66.73 -13.42
N LEU B 278 -46.57 -65.97 -13.35
CA LEU B 278 -45.80 -65.81 -12.12
C LEU B 278 -45.50 -64.34 -11.90
N GLN B 279 -45.70 -63.86 -10.67
CA GLN B 279 -45.42 -62.48 -10.31
C GLN B 279 -44.53 -62.46 -9.07
N GLY B 280 -43.53 -61.58 -9.08
CA GLY B 280 -42.68 -61.39 -7.93
C GLY B 280 -42.52 -59.92 -7.59
N GLN B 281 -42.90 -59.52 -6.38
CA GLN B 281 -43.02 -58.12 -6.04
C GLN B 281 -42.18 -57.78 -4.82
N VAL B 282 -41.55 -56.61 -4.85
CA VAL B 282 -40.87 -56.05 -3.69
C VAL B 282 -41.25 -54.57 -3.57
N THR B 283 -41.05 -54.02 -2.36
CA THR B 283 -41.43 -52.66 -2.05
C THR B 283 -40.27 -51.89 -1.44
N LEU B 284 -40.20 -50.61 -1.76
CA LEU B 284 -39.23 -49.67 -1.23
C LEU B 284 -39.95 -48.45 -0.70
N GLU B 285 -39.29 -47.73 0.20
CA GLU B 285 -39.85 -46.51 0.80
C GLU B 285 -38.92 -45.34 0.49
N LEU B 286 -39.25 -44.57 -0.54
CA LEU B 286 -38.44 -43.42 -0.92
C LEU B 286 -38.87 -42.20 -0.11
N ALA B 287 -37.91 -41.59 0.59
CA ALA B 287 -38.13 -40.40 1.40
C ALA B 287 -37.23 -39.28 0.89
N VAL B 288 -37.82 -38.10 0.70
CA VAL B 288 -37.09 -36.93 0.22
C VAL B 288 -36.90 -35.97 1.40
N TYR B 289 -35.78 -35.25 1.39
CA TYR B 289 -35.47 -34.32 2.47
C TYR B 289 -34.63 -33.17 1.93
N LYS B 290 -34.60 -32.08 2.69
CA LYS B 290 -33.83 -30.89 2.38
C LYS B 290 -33.56 -30.14 3.67
N PRO B 291 -32.31 -29.94 4.08
CA PRO B 291 -32.04 -29.27 5.36
C PRO B 291 -32.47 -27.81 5.33
N PRO B 292 -32.98 -27.27 6.43
CA PRO B 292 -33.37 -25.86 6.46
C PRO B 292 -32.18 -24.93 6.49
N LYS B 293 -32.44 -23.68 6.12
CA LYS B 293 -31.52 -22.57 6.35
C LYS B 293 -32.09 -21.69 7.44
N VAL B 294 -31.29 -21.37 8.44
CA VAL B 294 -31.75 -20.62 9.62
C VAL B 294 -31.17 -19.22 9.56
N SER B 295 -32.03 -18.22 9.73
CA SER B 295 -31.60 -16.83 9.83
C SER B 295 -32.36 -16.17 10.97
N LEU B 296 -31.77 -15.12 11.54
CA LEU B 296 -32.37 -14.39 12.64
C LEU B 296 -32.33 -12.90 12.34
N MET B 297 -33.44 -12.22 12.62
CA MET B 297 -33.55 -10.79 12.39
C MET B 297 -34.17 -10.12 13.61
N PRO B 298 -33.86 -8.83 13.83
CA PRO B 298 -34.35 -8.09 14.99
C PRO B 298 -35.86 -8.21 15.19
N ALA B 302 -29.64 -6.23 16.77
CA ALA B 302 -30.56 -5.42 17.54
C ALA B 302 -29.86 -4.74 18.70
N ARG B 303 -30.30 -3.53 19.03
CA ARG B 303 -29.75 -2.76 20.15
C ARG B 303 -30.91 -2.29 21.02
N ALA B 304 -31.07 -2.92 22.18
CA ALA B 304 -32.15 -2.59 23.10
C ALA B 304 -31.74 -1.42 23.99
N ALA B 305 -32.60 -1.08 24.94
CA ALA B 305 -32.37 0.02 25.87
C ALA B 305 -32.75 -0.45 27.27
N PRO B 306 -32.20 0.19 28.31
CA PRO B 306 -32.47 -0.26 29.68
C PRO B 306 -33.89 0.08 30.10
N GLY B 307 -34.68 -0.95 30.37
CA GLY B 307 -36.05 -0.78 30.78
C GLY B 307 -37.06 -0.74 29.66
N GLU B 308 -36.60 -0.81 28.40
CA GLU B 308 -37.49 -0.80 27.25
C GLU B 308 -37.66 -2.22 26.70
N ALA B 309 -38.81 -2.47 26.10
CA ALA B 309 -39.11 -3.79 25.57
C ALA B 309 -38.21 -4.10 24.38
N PRO B 310 -37.47 -5.20 24.39
CA PRO B 310 -36.66 -5.53 23.21
C PRO B 310 -37.55 -5.78 22.01
N PRO B 311 -37.04 -5.51 20.81
CA PRO B 311 -37.84 -5.77 19.61
C PRO B 311 -38.13 -7.25 19.43
N GLU B 312 -39.27 -7.55 18.83
CA GLU B 312 -39.68 -8.93 18.59
C GLU B 312 -38.76 -9.57 17.57
N LEU B 313 -37.89 -10.47 18.01
CA LEU B 313 -36.98 -11.16 17.11
C LEU B 313 -37.74 -12.19 16.27
N LEU B 314 -37.23 -12.39 15.05
CA LEU B 314 -37.87 -13.25 14.06
C LEU B 314 -36.84 -14.21 13.50
N CYS B 315 -37.09 -15.51 13.67
CA CYS B 315 -36.24 -16.55 13.12
C CYS B 315 -36.91 -17.15 11.90
N LEU B 316 -36.20 -17.15 10.78
CA LEU B 316 -36.70 -17.70 9.52
C LEU B 316 -36.04 -19.04 9.27
N VAL B 317 -36.87 -20.08 9.11
CA VAL B 317 -36.43 -21.40 8.67
C VAL B 317 -36.86 -21.54 7.22
N SER B 318 -35.90 -21.72 6.33
CA SER B 318 -36.11 -21.54 4.90
C SER B 318 -35.83 -22.84 4.15
N HIS B 319 -36.79 -23.25 3.33
CA HIS B 319 -36.63 -24.27 2.29
C HIS B 319 -36.12 -25.59 2.87
N PHE B 320 -36.98 -26.21 3.68
CA PHE B 320 -36.72 -27.53 4.22
C PHE B 320 -37.87 -28.46 3.94
N TYR B 321 -37.54 -29.75 3.78
CA TYR B 321 -38.51 -30.82 3.67
C TYR B 321 -37.98 -31.97 4.51
N PRO B 322 -38.85 -32.76 5.17
CA PRO B 322 -40.32 -32.66 5.25
C PRO B 322 -40.80 -31.47 6.08
N SER B 323 -42.05 -31.09 5.89
CA SER B 323 -42.61 -29.98 6.66
C SER B 323 -42.62 -30.30 8.15
N GLY B 324 -43.01 -31.52 8.51
CA GLY B 324 -43.08 -31.90 9.91
C GLY B 324 -41.72 -32.19 10.51
N GLY B 325 -41.70 -32.27 11.83
CA GLY B 325 -40.51 -32.58 12.57
C GLY B 325 -39.59 -31.41 12.87
N LEU B 326 -40.04 -30.18 12.62
CA LEU B 326 -39.23 -29.01 12.90
C LEU B 326 -39.43 -28.58 14.35
N GLU B 327 -38.32 -28.41 15.07
CA GLU B 327 -38.34 -27.92 16.45
C GLU B 327 -37.52 -26.64 16.50
N VAL B 328 -38.20 -25.52 16.72
CA VAL B 328 -37.55 -24.22 16.87
C VAL B 328 -37.62 -23.82 18.33
N GLU B 329 -36.46 -23.64 18.95
CA GLU B 329 -36.36 -23.34 20.38
C GLU B 329 -35.54 -22.08 20.59
N TRP B 330 -36.06 -21.17 21.41
CA TRP B 330 -35.41 -19.91 21.69
C TRP B 330 -34.57 -20.02 22.96
N GLU B 331 -33.31 -19.59 22.88
CA GLU B 331 -32.38 -19.71 23.99
C GLU B 331 -31.71 -18.36 24.24
N LEU B 332 -31.45 -18.10 25.52
CA LEU B 332 -30.71 -16.92 25.97
C LEU B 332 -29.33 -17.37 26.41
N ARG B 333 -28.32 -17.03 25.63
CA ARG B 333 -26.94 -17.41 25.93
C ARG B 333 -26.16 -16.19 26.43
N SER B 340 -27.73 -23.58 27.40
CA SER B 340 -28.04 -22.32 28.05
C SER B 340 -29.47 -22.31 28.58
N GLN B 341 -29.87 -21.18 29.15
CA GLN B 341 -31.22 -21.02 29.66
C GLN B 341 -32.19 -20.77 28.51
N LYS B 342 -33.48 -20.95 28.79
CA LYS B 342 -34.52 -20.68 27.80
C LYS B 342 -34.78 -19.18 27.71
N ALA B 343 -34.72 -18.65 26.50
CA ALA B 343 -34.97 -17.23 26.29
C ALA B 343 -36.40 -16.89 26.73
N GLU B 344 -36.52 -15.96 27.66
CA GLU B 344 -37.83 -15.49 28.07
C GLU B 344 -38.46 -14.68 26.95
N GLY B 345 -39.78 -14.52 27.02
CA GLY B 345 -40.50 -13.76 26.03
C GLY B 345 -41.54 -14.62 25.32
N GLN B 346 -42.70 -14.02 25.06
CA GLN B 346 -43.77 -14.74 24.40
C GLN B 346 -43.32 -15.23 23.03
N ARG B 347 -43.31 -16.55 22.83
CA ARG B 347 -42.85 -17.15 21.58
C ARG B 347 -44.01 -17.86 20.90
N TRP B 348 -44.16 -17.61 19.60
CA TRP B 348 -45.18 -18.30 18.81
C TRP B 348 -44.62 -18.61 17.43
N LEU B 349 -45.48 -19.16 16.58
CA LEU B 349 -45.09 -19.69 15.28
C LEU B 349 -46.03 -19.19 14.21
N SER B 350 -45.54 -19.16 12.97
CA SER B 350 -46.32 -18.73 11.83
C SER B 350 -46.77 -19.94 11.03
N ALA B 351 -47.61 -19.69 10.02
CA ALA B 351 -48.09 -20.75 9.15
C ALA B 351 -46.96 -21.23 8.23
N LEU B 352 -47.28 -22.20 7.39
CA LEU B 352 -46.33 -22.78 6.45
C LEU B 352 -46.49 -22.14 5.08
N ARG B 353 -45.36 -21.80 4.46
CA ARG B 353 -45.33 -21.16 3.15
C ARG B 353 -44.66 -22.12 2.17
N HIS B 354 -45.43 -22.63 1.22
CA HIS B 354 -44.96 -23.63 0.28
C HIS B 354 -44.33 -22.97 -0.94
N HIS B 355 -43.32 -23.63 -1.49
CA HIS B 355 -42.61 -23.15 -2.67
C HIS B 355 -42.84 -24.12 -3.83
N SER B 356 -42.34 -23.72 -5.00
CA SER B 356 -42.56 -24.53 -6.20
C SER B 356 -41.93 -25.91 -6.07
N ASP B 357 -40.71 -25.97 -5.55
CA ASP B 357 -40.01 -27.25 -5.42
C ASP B 357 -40.61 -28.14 -4.35
N GLY B 358 -41.54 -27.63 -3.54
CA GLY B 358 -42.24 -28.42 -2.55
C GLY B 358 -41.76 -28.22 -1.12
N SER B 359 -40.66 -27.52 -0.91
CA SER B 359 -40.20 -27.24 0.44
C SER B 359 -41.08 -26.17 1.09
N VAL B 360 -40.89 -25.99 2.39
CA VAL B 360 -41.69 -25.06 3.18
C VAL B 360 -40.77 -24.19 4.01
N SER B 361 -41.31 -23.06 4.47
CA SER B 361 -40.61 -22.14 5.34
C SER B 361 -41.49 -21.78 6.51
N LEU B 362 -40.85 -21.50 7.65
CA LEU B 362 -41.54 -21.17 8.88
C LEU B 362 -40.88 -19.94 9.52
N SER B 363 -41.65 -19.27 10.36
CA SER B 363 -41.17 -18.11 11.10
C SER B 363 -41.50 -18.29 12.58
N GLY B 364 -40.46 -18.36 13.41
CA GLY B 364 -40.62 -18.35 14.85
C GLY B 364 -40.45 -16.94 15.37
N HIS B 365 -41.44 -16.47 16.12
CA HIS B 365 -41.48 -15.10 16.60
C HIS B 365 -41.32 -15.09 18.11
N LEU B 366 -40.41 -14.26 18.61
CA LEU B 366 -40.15 -14.14 20.03
C LEU B 366 -40.29 -12.68 20.45
N GLN B 367 -40.98 -12.45 21.55
CA GLN B 367 -41.13 -11.13 22.16
C GLN B 367 -40.47 -11.19 23.53
N PRO B 368 -39.19 -10.79 23.64
CA PRO B 368 -38.51 -10.86 24.93
C PRO B 368 -39.13 -9.90 25.93
N PRO B 369 -39.02 -10.18 27.22
CA PRO B 369 -39.57 -9.27 28.23
C PRO B 369 -38.75 -8.00 28.31
N PRO B 370 -39.23 -6.99 29.05
CA PRO B 370 -38.47 -5.74 29.17
C PRO B 370 -37.02 -5.99 29.56
N VAL B 371 -36.11 -5.39 28.81
CA VAL B 371 -34.68 -5.48 29.08
C VAL B 371 -34.01 -4.19 28.65
N GLU B 374 -28.39 -5.35 33.92
CA GLU B 374 -27.34 -6.24 34.38
C GLU B 374 -26.50 -6.75 33.21
N GLN B 375 -27.16 -7.39 32.25
CA GLN B 375 -26.48 -7.94 31.09
C GLN B 375 -26.06 -6.83 30.13
N HIS B 376 -25.01 -7.08 29.37
CA HIS B 376 -24.49 -6.12 28.41
C HIS B 376 -24.34 -6.72 27.02
N GLY B 377 -23.97 -7.99 26.91
CA GLY B 377 -23.75 -8.62 25.62
C GLY B 377 -24.49 -9.94 25.49
N ALA B 378 -25.69 -10.02 26.07
CA ALA B 378 -26.47 -11.24 26.01
C ALA B 378 -26.86 -11.56 24.57
N ARG B 379 -27.04 -12.85 24.28
CA ARG B 379 -27.38 -13.33 22.95
C ARG B 379 -28.74 -14.01 23.00
N TYR B 380 -29.61 -13.66 22.06
CA TYR B 380 -30.85 -14.38 21.82
C TYR B 380 -30.67 -15.21 20.55
N ALA B 381 -30.94 -16.50 20.64
CA ALA B 381 -30.71 -17.40 19.52
C ALA B 381 -31.91 -18.30 19.30
N CYS B 382 -32.12 -18.69 18.05
CA CYS B 382 -33.07 -19.72 17.68
C CYS B 382 -32.30 -20.94 17.20
N ARG B 383 -32.60 -22.09 17.79
CA ARG B 383 -32.00 -23.36 17.44
C ARG B 383 -33.06 -24.22 16.74
N ILE B 384 -32.68 -24.81 15.61
CA ILE B 384 -33.58 -25.60 14.79
C ILE B 384 -33.08 -27.03 14.82
N HIS B 385 -33.95 -27.94 15.27
CA HIS B 385 -33.70 -29.37 15.22
C HIS B 385 -34.66 -29.99 14.23
N HIS B 386 -34.10 -30.64 13.21
CA HIS B 386 -34.87 -31.27 12.15
C HIS B 386 -34.19 -32.59 11.80
N PRO B 387 -34.95 -33.61 11.39
CA PRO B 387 -34.32 -34.89 11.07
C PRO B 387 -33.21 -34.80 10.03
N SER B 388 -33.37 -33.94 9.03
CA SER B 388 -32.33 -33.80 8.01
C SER B 388 -31.07 -33.15 8.58
N LEU B 389 -31.21 -32.29 9.57
CA LEU B 389 -30.05 -31.67 10.20
C LEU B 389 -29.35 -32.67 11.12
N PRO B 390 -28.09 -32.41 11.47
CA PRO B 390 -27.43 -33.25 12.48
C PRO B 390 -28.11 -33.15 13.84
N ALA B 391 -27.63 -33.92 14.81
CA ALA B 391 -28.25 -33.90 16.12
C ALA B 391 -28.18 -32.52 16.77
N SER B 392 -27.14 -31.75 16.45
CA SER B 392 -26.98 -30.42 17.03
C SER B 392 -27.94 -29.40 16.43
N GLY B 393 -28.47 -29.65 15.24
CA GLY B 393 -29.33 -28.68 14.59
C GLY B 393 -28.53 -27.55 13.98
N ARG B 394 -29.23 -26.47 13.63
CA ARG B 394 -28.60 -25.26 13.13
C ARG B 394 -29.19 -24.06 13.85
N SER B 395 -28.34 -23.10 14.20
CA SER B 395 -28.73 -22.00 15.07
C SER B 395 -28.44 -20.66 14.42
N ALA B 396 -29.23 -19.67 14.79
CA ALA B 396 -29.01 -18.28 14.41
C ALA B 396 -29.14 -17.42 15.65
N GLU B 397 -28.08 -16.69 15.98
CA GLU B 397 -28.01 -15.89 17.20
C GLU B 397 -27.91 -14.41 16.87
N VAL B 398 -28.13 -13.58 17.89
CA VAL B 398 -28.11 -12.13 17.77
C VAL B 398 -27.36 -11.57 18.98
N THR B 399 -27.01 -10.29 18.90
CA THR B 399 -26.32 -9.58 19.96
C THR B 399 -27.24 -8.52 20.54
N LEU B 400 -27.23 -8.39 21.87
CA LEU B 400 -28.06 -7.42 22.58
C LEU B 400 -27.19 -6.36 23.23
N GLU B 401 -27.58 -5.11 23.07
CA GLU B 401 -26.91 -3.97 23.71
C GLU B 401 -27.95 -3.18 24.48
N VAL B 402 -27.66 -2.89 25.74
CA VAL B 402 -28.59 -2.18 26.61
C VAL B 402 -27.99 -0.89 27.14
N ALA B 403 -26.96 -0.38 26.47
CA ALA B 403 -26.31 0.87 26.87
C ALA B 403 -27.01 2.07 26.20
N GLY B 404 -28.33 2.14 26.43
CA GLY B 404 -29.13 3.23 25.91
C GLY B 404 -28.95 4.55 26.63
N LEU B 405 -28.31 4.53 27.80
CA LEU B 405 -28.00 5.75 28.54
C LEU B 405 -26.53 5.72 28.95
N SER B 406 -25.91 6.89 28.94
CA SER B 406 -24.50 7.02 29.30
C SER B 406 -24.18 8.48 29.50
N GLY B 407 -23.35 8.77 30.51
CA GLY B 407 -22.94 10.12 30.80
C GLY B 407 -22.10 10.70 29.69
N PRO B 408 -22.11 12.02 29.53
CA PRO B 408 -21.32 12.64 28.47
C PRO B 408 -19.84 12.38 28.64
N SER B 409 -19.15 12.17 27.52
CA SER B 409 -17.72 11.95 27.53
C SER B 409 -16.98 13.29 27.54
N LEU B 410 -15.67 13.21 27.77
CA LEU B 410 -14.84 14.41 27.75
C LEU B 410 -14.86 15.06 26.37
N GLU B 411 -14.79 14.24 25.31
CA GLU B 411 -14.84 14.78 23.96
C GLU B 411 -16.15 15.51 23.71
N ASP B 412 -17.27 14.93 24.16
CA ASP B 412 -18.56 15.60 23.98
C ASP B 412 -18.59 16.92 24.71
N SER B 413 -18.06 16.98 25.93
CA SER B 413 -18.07 18.21 26.71
C SER B 413 -17.25 19.29 26.02
N VAL B 414 -16.05 18.95 25.55
CA VAL B 414 -15.21 19.95 24.91
C VAL B 414 -15.82 20.38 23.58
N GLY B 415 -16.45 19.46 22.86
CA GLY B 415 -17.15 19.83 21.64
C GLY B 415 -18.30 20.78 21.90
N LEU B 416 -19.03 20.55 22.99
CA LEU B 416 -20.09 21.49 23.37
C LEU B 416 -19.51 22.85 23.69
N PHE B 417 -18.37 22.89 24.39
CA PHE B 417 -17.71 24.16 24.64
C PHE B 417 -17.36 24.88 23.35
N LEU B 418 -16.80 24.14 22.39
CA LEU B 418 -16.44 24.75 21.11
C LEU B 418 -17.66 25.27 20.38
N SER B 419 -18.76 24.50 20.40
CA SER B 419 -19.98 24.93 19.74
C SER B 419 -20.51 26.22 20.39
N ALA B 420 -20.50 26.27 21.72
CA ALA B 420 -20.94 27.48 22.41
C ALA B 420 -20.07 28.67 22.04
N PHE B 421 -18.76 28.48 22.03
CA PHE B 421 -17.86 29.57 21.68
C PHE B 421 -18.12 30.06 20.26
N LEU B 422 -18.28 29.14 19.32
CA LEU B 422 -18.49 29.53 17.93
C LEU B 422 -19.83 30.25 17.77
N LEU B 423 -20.90 29.74 18.37
CA LEU B 423 -22.20 30.38 18.21
C LEU B 423 -22.25 31.74 18.88
N LEU B 424 -21.53 31.91 20.00
CA LEU B 424 -21.44 33.23 20.61
C LEU B 424 -20.62 34.18 19.75
N GLY B 425 -19.56 33.66 19.12
CA GLY B 425 -18.79 34.50 18.21
C GLY B 425 -19.59 34.97 17.02
N LEU B 426 -20.43 34.09 16.47
CA LEU B 426 -21.27 34.48 15.35
C LEU B 426 -22.23 35.59 15.75
N PHE B 427 -22.83 35.49 16.94
CA PHE B 427 -23.74 36.53 17.42
C PHE B 427 -22.96 37.81 17.74
N GLY C 25 -66.41 -27.22 -14.73
CA GLY C 25 -65.20 -27.88 -15.31
C GLY C 25 -65.17 -29.37 -15.04
N SER C 26 -64.12 -29.83 -14.37
CA SER C 26 -63.97 -31.23 -14.01
C SER C 26 -64.62 -31.48 -12.66
N HIS C 27 -65.61 -32.35 -12.62
CA HIS C 27 -66.35 -32.66 -11.41
C HIS C 27 -65.98 -34.04 -10.91
N SER C 28 -66.42 -34.35 -9.69
CA SER C 28 -66.09 -35.63 -9.07
C SER C 28 -67.21 -36.04 -8.14
N MET C 29 -67.29 -37.35 -7.88
CA MET C 29 -68.15 -37.89 -6.85
C MET C 29 -67.34 -38.91 -6.05
N ARG C 30 -67.34 -38.75 -4.73
CA ARG C 30 -66.57 -39.59 -3.83
C ARG C 30 -67.47 -40.11 -2.72
N TYR C 31 -67.20 -41.34 -2.28
CA TYR C 31 -67.82 -41.91 -1.10
C TYR C 31 -66.71 -42.39 -0.17
N PHE C 32 -66.75 -41.91 1.06
CA PHE C 32 -65.79 -42.26 2.11
C PHE C 32 -66.49 -43.06 3.19
N TYR C 33 -65.83 -44.09 3.68
CA TYR C 33 -66.25 -44.85 4.86
C TYR C 33 -65.06 -44.95 5.79
N THR C 34 -65.27 -44.60 7.06
CA THR C 34 -64.19 -44.58 8.04
C THR C 34 -64.67 -45.23 9.32
N SER C 35 -63.94 -46.23 9.78
CA SER C 35 -64.23 -46.91 11.05
C SER C 35 -63.04 -46.67 11.97
N VAL C 36 -63.30 -46.07 13.13
CA VAL C 36 -62.26 -45.72 14.09
C VAL C 36 -62.56 -46.47 15.37
N SER C 37 -61.70 -47.42 15.73
CA SER C 37 -61.88 -48.17 16.96
C SER C 37 -61.59 -47.30 18.17
N ARG C 38 -62.37 -47.50 19.24
CA ARG C 38 -62.24 -46.73 20.47
C ARG C 38 -62.15 -47.72 21.63
N PRO C 39 -60.96 -48.28 21.87
CA PRO C 39 -60.85 -49.30 22.92
C PRO C 39 -61.26 -48.76 24.28
N GLY C 40 -61.97 -49.58 25.04
CA GLY C 40 -62.48 -49.16 26.34
C GLY C 40 -63.50 -48.04 26.29
N ARG C 41 -64.08 -47.77 25.11
CA ARG C 41 -65.07 -46.72 24.98
C ARG C 41 -66.23 -47.12 24.08
N GLY C 42 -66.49 -48.42 23.94
CA GLY C 42 -67.55 -48.90 23.07
C GLY C 42 -67.02 -49.43 21.76
N GLU C 43 -67.96 -49.76 20.87
CA GLU C 43 -67.60 -50.29 19.57
C GLU C 43 -67.03 -49.19 18.68
N PRO C 44 -66.35 -49.57 17.60
CA PRO C 44 -65.77 -48.56 16.70
C PRO C 44 -66.83 -47.64 16.11
N ARG C 45 -66.44 -46.39 15.92
CA ARG C 45 -67.32 -45.38 15.33
C ARG C 45 -67.19 -45.43 13.82
N PHE C 46 -68.33 -45.55 13.14
CA PHE C 46 -68.39 -45.64 11.68
C PHE C 46 -69.02 -44.38 11.11
N ILE C 47 -68.39 -43.81 10.08
CA ILE C 47 -68.89 -42.62 9.41
C ILE C 47 -68.84 -42.86 7.91
N SER C 48 -69.92 -42.51 7.22
CA SER C 48 -69.99 -42.61 5.77
C SER C 48 -70.40 -41.25 5.22
N VAL C 49 -69.73 -40.80 4.18
CA VAL C 49 -69.99 -39.48 3.60
C VAL C 49 -69.92 -39.57 2.09
N GLY C 50 -70.75 -38.75 1.43
CA GLY C 50 -70.70 -38.60 -0.01
C GLY C 50 -70.46 -37.16 -0.42
N TYR C 51 -69.51 -36.94 -1.31
CA TYR C 51 -69.13 -35.62 -1.78
C TYR C 51 -69.32 -35.53 -3.29
N VAL C 52 -69.86 -34.40 -3.74
CA VAL C 52 -69.79 -33.98 -5.15
C VAL C 52 -68.98 -32.69 -5.16
N ASP C 53 -67.78 -32.75 -5.72
CA ASP C 53 -66.89 -31.59 -5.77
C ASP C 53 -66.61 -31.05 -4.37
N ASP C 54 -66.28 -31.96 -3.45
CA ASP C 54 -65.97 -31.62 -2.07
C ASP C 54 -67.14 -30.95 -1.37
N THR C 55 -68.36 -31.24 -1.81
CA THR C 55 -69.58 -30.73 -1.19
C THR C 55 -70.37 -31.92 -0.69
N GLN C 56 -70.51 -32.03 0.63
CA GLN C 56 -71.22 -33.14 1.23
C GLN C 56 -72.70 -33.12 0.87
N PHE C 57 -73.24 -34.31 0.57
CA PHE C 57 -74.67 -34.43 0.30
C PHE C 57 -75.33 -35.60 1.02
N VAL C 58 -74.56 -36.44 1.71
CA VAL C 58 -75.12 -37.48 2.57
C VAL C 58 -74.12 -37.75 3.68
N ARG C 59 -74.62 -38.17 4.84
CA ARG C 59 -73.75 -38.47 5.97
C ARG C 59 -74.46 -39.43 6.92
N PHE C 60 -73.79 -40.53 7.22
CA PHE C 60 -74.20 -41.45 8.28
C PHE C 60 -73.16 -41.44 9.39
N ASP C 61 -73.62 -41.39 10.63
CA ASP C 61 -72.73 -41.43 11.78
C ASP C 61 -73.34 -42.31 12.85
N SER C 62 -72.57 -43.32 13.29
CA SER C 62 -73.09 -44.23 14.31
C SER C 62 -73.25 -43.55 15.65
N ASP C 63 -72.41 -42.55 15.95
CA ASP C 63 -72.53 -41.78 17.17
C ASP C 63 -73.75 -40.87 17.18
N ALA C 64 -74.43 -40.71 16.05
CA ALA C 64 -75.62 -39.88 16.00
C ALA C 64 -76.72 -40.46 16.88
N ALA C 65 -77.61 -39.58 17.34
CA ALA C 65 -78.67 -40.01 18.24
C ALA C 65 -79.56 -41.06 17.60
N SER C 66 -79.90 -40.87 16.32
CA SER C 66 -80.72 -41.81 15.55
C SER C 66 -79.94 -42.19 14.30
N PRO C 67 -79.04 -43.19 14.40
CA PRO C 67 -78.22 -43.55 13.23
C PRO C 67 -79.04 -43.73 11.97
N ARG C 68 -78.83 -42.85 10.99
CA ARG C 68 -79.62 -42.84 9.78
C ARG C 68 -78.88 -42.01 8.74
N GLU C 69 -78.89 -42.49 7.49
CA GLU C 69 -78.28 -41.74 6.40
C GLU C 69 -79.15 -40.52 6.12
N GLU C 70 -78.57 -39.32 6.29
CA GLU C 70 -79.31 -38.09 6.23
C GLU C 70 -78.80 -37.22 5.08
N PRO C 71 -79.68 -36.68 4.24
CA PRO C 71 -79.21 -35.77 3.19
C PRO C 71 -78.67 -34.49 3.79
N ARG C 72 -77.67 -33.92 3.09
CA ARG C 72 -77.04 -32.68 3.52
C ARG C 72 -76.97 -31.66 2.39
N ALA C 73 -77.64 -31.89 1.27
CA ALA C 73 -77.63 -30.98 0.14
C ALA C 73 -79.02 -30.95 -0.49
N PRO C 74 -79.64 -29.78 -0.65
CA PRO C 74 -80.99 -29.75 -1.24
C PRO C 74 -81.04 -30.20 -2.69
N TRP C 75 -79.92 -30.20 -3.40
CA TRP C 75 -79.91 -30.62 -4.81
C TRP C 75 -79.89 -32.13 -4.97
N ILE C 76 -79.94 -32.89 -3.87
CA ILE C 76 -79.96 -34.35 -3.99
C ILE C 76 -81.30 -34.82 -4.53
N GLU C 77 -81.30 -36.02 -5.10
CA GLU C 77 -82.51 -36.63 -5.67
C GLU C 77 -83.17 -37.49 -4.60
N GLN C 78 -83.98 -36.84 -3.77
CA GLN C 78 -84.73 -37.56 -2.73
C GLN C 78 -85.78 -38.46 -3.38
N GLU C 79 -85.91 -39.67 -2.82
CA GLU C 79 -86.81 -40.67 -3.39
C GLU C 79 -87.63 -41.38 -2.32
N GLY C 80 -87.98 -40.68 -1.24
CA GLY C 80 -88.85 -41.22 -0.24
C GLY C 80 -88.12 -41.82 0.95
N PRO C 81 -88.78 -41.88 2.11
CA PRO C 81 -88.12 -42.42 3.30
C PRO C 81 -87.69 -43.87 3.15
N GLU C 82 -88.34 -44.65 2.28
CA GLU C 82 -87.97 -46.05 2.12
C GLU C 82 -86.52 -46.18 1.65
N TYR C 83 -86.13 -45.35 0.68
CA TYR C 83 -84.75 -45.36 0.20
C TYR C 83 -83.78 -45.01 1.31
N TRP C 84 -84.15 -44.04 2.15
CA TRP C 84 -83.27 -43.65 3.25
C TRP C 84 -83.11 -44.79 4.26
N ASP C 85 -84.21 -45.51 4.55
CA ASP C 85 -84.10 -46.66 5.44
C ASP C 85 -83.22 -47.75 4.83
N ARG C 86 -83.36 -47.99 3.52
CA ARG C 86 -82.51 -48.97 2.86
C ARG C 86 -81.05 -48.58 2.96
N ASN C 87 -80.73 -47.30 2.73
CA ASN C 87 -79.35 -46.84 2.84
C ASN C 87 -78.85 -46.96 4.27
N THR C 88 -79.71 -46.67 5.24
CA THR C 88 -79.32 -46.83 6.64
C THR C 88 -78.94 -48.28 6.94
N GLN C 89 -79.75 -49.23 6.45
CA GLN C 89 -79.42 -50.63 6.67
C GLN C 89 -78.12 -51.01 5.96
N ILE C 90 -77.93 -50.51 4.74
CA ILE C 90 -76.68 -50.78 4.01
C ILE C 90 -75.49 -50.29 4.81
N TYR C 91 -75.57 -49.08 5.35
CA TYR C 91 -74.44 -48.52 6.08
C TYR C 91 -74.22 -49.21 7.41
N LYS C 92 -75.28 -49.70 8.05
CA LYS C 92 -75.08 -50.51 9.25
C LYS C 92 -74.36 -51.82 8.93
N ALA C 93 -74.73 -52.45 7.82
CA ALA C 93 -74.02 -53.65 7.39
C ALA C 93 -72.55 -53.34 7.11
N GLN C 94 -72.29 -52.22 6.45
CA GLN C 94 -70.91 -51.82 6.20
C GLN C 94 -70.17 -51.55 7.50
N ALA C 95 -70.87 -51.02 8.50
CA ALA C 95 -70.25 -50.79 9.80
C ALA C 95 -69.82 -52.11 10.44
N GLN C 96 -70.68 -53.12 10.39
CA GLN C 96 -70.31 -54.42 10.92
C GLN C 96 -69.12 -55.01 10.17
N THR C 97 -69.15 -54.91 8.83
CA THR C 97 -68.04 -55.42 8.04
C THR C 97 -66.73 -54.72 8.40
N ASP C 98 -66.78 -53.40 8.59
CA ASP C 98 -65.58 -52.65 8.91
C ASP C 98 -65.09 -52.98 10.31
N ARG C 99 -65.99 -53.24 11.26
CA ARG C 99 -65.55 -53.69 12.58
C ARG C 99 -64.79 -55.01 12.47
N GLU C 100 -65.34 -55.95 11.70
CA GLU C 100 -64.66 -57.23 11.53
C GLU C 100 -63.30 -57.03 10.86
N SER C 101 -63.23 -56.18 9.85
CA SER C 101 -61.95 -55.94 9.17
C SER C 101 -60.96 -55.25 10.10
N LEU C 102 -61.43 -54.35 10.95
CA LEU C 102 -60.55 -53.70 11.92
C LEU C 102 -59.94 -54.73 12.85
N ARG C 103 -60.77 -55.65 13.38
CA ARG C 103 -60.22 -56.68 14.25
C ARG C 103 -59.23 -57.56 13.51
N ASN C 104 -59.55 -57.95 12.28
CA ASN C 104 -58.64 -58.80 11.50
C ASN C 104 -57.30 -58.11 11.29
N LEU C 105 -57.31 -56.85 10.88
CA LEU C 105 -56.06 -56.15 10.60
C LEU C 105 -55.29 -55.85 11.87
N ARG C 106 -55.97 -55.58 12.98
CA ARG C 106 -55.27 -55.42 14.25
C ARG C 106 -54.56 -56.72 14.63
N GLY C 107 -55.23 -57.86 14.45
CA GLY C 107 -54.59 -59.13 14.74
C GLY C 107 -53.39 -59.40 13.85
N TYR C 108 -53.54 -59.15 12.54
CA TYR C 108 -52.46 -59.45 11.61
C TYR C 108 -51.22 -58.61 11.89
N TYR C 109 -51.40 -57.33 12.18
CA TYR C 109 -50.28 -56.42 12.37
C TYR C 109 -49.67 -56.51 13.75
N ASN C 110 -50.11 -57.44 14.58
CA ASN C 110 -49.53 -57.68 15.90
C ASN C 110 -49.55 -56.39 16.73
N GLN C 111 -50.72 -55.80 16.83
CA GLN C 111 -50.92 -54.54 17.55
C GLN C 111 -51.76 -54.77 18.79
N SER C 112 -51.45 -54.02 19.84
CA SER C 112 -52.15 -54.18 21.11
C SER C 112 -53.61 -53.79 20.98
N GLU C 113 -54.44 -54.38 21.84
CA GLU C 113 -55.86 -54.08 21.89
C GLU C 113 -56.16 -52.82 22.70
N ALA C 114 -55.16 -51.98 22.96
CA ALA C 114 -55.34 -50.75 23.72
C ALA C 114 -55.28 -49.49 22.87
N GLY C 115 -54.60 -49.53 21.73
CA GLY C 115 -54.52 -48.36 20.88
C GLY C 115 -55.72 -48.21 19.97
N SER C 116 -55.76 -47.07 19.29
CA SER C 116 -56.85 -46.73 18.37
C SER C 116 -56.35 -46.82 16.94
N HIS C 117 -57.11 -47.50 16.09
CA HIS C 117 -56.76 -47.69 14.69
C HIS C 117 -57.97 -47.37 13.83
N THR C 118 -57.71 -46.98 12.59
CA THR C 118 -58.77 -46.56 11.68
C THR C 118 -58.64 -47.32 10.36
N LEU C 119 -59.80 -47.60 9.76
CA LEU C 119 -59.89 -48.26 8.47
C LEU C 119 -60.73 -47.39 7.55
N GLN C 120 -60.19 -47.04 6.39
CA GLN C 120 -60.84 -46.12 5.46
C GLN C 120 -61.01 -46.79 4.09
N SER C 121 -62.19 -46.58 3.50
CA SER C 121 -62.47 -46.99 2.14
C SER C 121 -62.99 -45.78 1.36
N MET C 122 -62.52 -45.63 0.13
CA MET C 122 -62.97 -44.52 -0.71
C MET C 122 -63.21 -45.04 -2.12
N TYR C 123 -64.40 -44.78 -2.65
CA TYR C 123 -64.67 -45.12 -4.04
C TYR C 123 -65.46 -44.01 -4.70
N GLY C 124 -65.20 -43.81 -5.99
CA GLY C 124 -65.88 -42.75 -6.70
C GLY C 124 -65.41 -42.64 -8.13
N CYS C 125 -65.85 -41.56 -8.78
CA CYS C 125 -65.55 -41.34 -10.19
C CYS C 125 -65.38 -39.85 -10.46
N ASP C 126 -64.38 -39.53 -11.28
CA ASP C 126 -64.16 -38.18 -11.78
C ASP C 126 -64.66 -38.08 -13.20
N VAL C 127 -65.26 -36.95 -13.54
CA VAL C 127 -65.84 -36.73 -14.85
C VAL C 127 -65.38 -35.37 -15.37
N GLY C 128 -65.17 -35.28 -16.68
CA GLY C 128 -64.72 -34.05 -17.29
C GLY C 128 -65.87 -33.10 -17.52
N PRO C 129 -65.55 -31.96 -18.14
CA PRO C 129 -66.59 -30.97 -18.43
C PRO C 129 -67.68 -31.51 -19.35
N ASP C 130 -67.36 -32.46 -20.21
CA ASP C 130 -68.32 -33.03 -21.15
C ASP C 130 -69.13 -34.18 -20.55
N GLY C 131 -68.90 -34.51 -19.29
CA GLY C 131 -69.60 -35.63 -18.67
C GLY C 131 -69.07 -36.99 -19.09
N ARG C 132 -67.79 -37.09 -19.40
CA ARG C 132 -67.15 -38.35 -19.75
C ARG C 132 -66.18 -38.76 -18.64
N LEU C 133 -66.17 -40.06 -18.33
CA LEU C 133 -65.35 -40.56 -17.23
C LEU C 133 -63.88 -40.31 -17.51
N LEU C 134 -63.14 -39.98 -16.45
CA LEU C 134 -61.69 -39.81 -16.50
C LEU C 134 -60.96 -40.80 -15.62
N ARG C 135 -61.34 -40.92 -14.36
CA ARG C 135 -60.63 -41.77 -13.40
C ARG C 135 -61.62 -42.29 -12.38
N GLY C 136 -61.70 -43.61 -12.26
CA GLY C 136 -62.45 -44.25 -11.20
C GLY C 136 -61.52 -44.68 -10.08
N HIS C 137 -62.02 -44.60 -8.84
CA HIS C 137 -61.23 -44.93 -7.68
C HIS C 137 -61.98 -45.94 -6.81
N ASP C 138 -61.23 -46.90 -6.27
CA ASP C 138 -61.74 -47.81 -5.24
C ASP C 138 -60.53 -48.26 -4.42
N GLN C 139 -60.32 -47.60 -3.27
CA GLN C 139 -59.13 -47.80 -2.47
C GLN C 139 -59.51 -48.07 -1.02
N TYR C 140 -58.60 -48.75 -0.33
CA TYR C 140 -58.70 -48.99 1.10
C TYR C 140 -57.36 -48.69 1.74
N ALA C 141 -57.41 -48.03 2.89
CA ALA C 141 -56.21 -47.69 3.67
C ALA C 141 -56.43 -48.07 5.13
N TYR C 142 -55.32 -48.42 5.79
CA TYR C 142 -55.32 -48.78 7.20
C TYR C 142 -54.34 -47.88 7.94
N ASP C 143 -54.82 -47.20 8.97
CA ASP C 143 -54.01 -46.26 9.76
C ASP C 143 -53.42 -45.16 8.89
N GLY C 144 -54.17 -44.73 7.87
CA GLY C 144 -53.75 -43.65 7.01
C GLY C 144 -52.76 -44.03 5.93
N LYS C 145 -52.37 -45.30 5.86
CA LYS C 145 -51.43 -45.77 4.85
C LYS C 145 -52.17 -46.65 3.85
N ASP C 146 -51.80 -46.53 2.57
CA ASP C 146 -52.47 -47.27 1.52
C ASP C 146 -52.40 -48.76 1.81
N TYR C 147 -53.55 -49.43 1.73
CA TYR C 147 -53.65 -50.87 1.93
C TYR C 147 -53.84 -51.61 0.61
N ILE C 148 -54.85 -51.23 -0.18
CA ILE C 148 -55.01 -51.81 -1.51
C ILE C 148 -55.85 -50.86 -2.36
N ALA C 149 -55.39 -50.57 -3.58
CA ALA C 149 -56.06 -49.61 -4.44
C ALA C 149 -56.24 -50.18 -5.84
N LEU C 150 -57.40 -49.88 -6.43
CA LEU C 150 -57.63 -50.22 -7.82
C LEU C 150 -56.85 -49.26 -8.71
N ASN C 151 -56.16 -49.81 -9.70
CA ASN C 151 -55.27 -49.01 -10.53
C ASN C 151 -56.07 -48.22 -11.56
N GLU C 152 -55.37 -47.33 -12.26
CA GLU C 152 -56.02 -46.44 -13.22
C GLU C 152 -56.67 -47.22 -14.36
N ASP C 153 -56.06 -48.35 -14.77
CA ASP C 153 -56.64 -49.18 -15.82
C ASP C 153 -57.95 -49.83 -15.40
N LEU C 154 -58.23 -49.89 -14.10
CA LEU C 154 -59.46 -50.52 -13.58
C LEU C 154 -59.44 -52.03 -13.77
N ARG C 155 -58.25 -52.62 -13.87
CA ARG C 155 -58.10 -54.06 -14.06
C ARG C 155 -57.27 -54.72 -12.97
N SER C 156 -56.18 -54.10 -12.54
CA SER C 156 -55.27 -54.65 -11.56
C SER C 156 -55.37 -53.88 -10.25
N TRP C 157 -54.64 -54.36 -9.24
CA TRP C 157 -54.62 -53.76 -7.91
C TRP C 157 -53.19 -53.63 -7.45
N THR C 158 -52.96 -52.66 -6.55
CA THR C 158 -51.66 -52.44 -5.93
C THR C 158 -51.77 -52.82 -4.46
N ALA C 159 -50.92 -53.76 -4.04
CA ALA C 159 -50.92 -54.24 -2.67
C ALA C 159 -49.48 -54.47 -2.23
N ALA C 160 -49.08 -53.81 -1.15
CA ALA C 160 -47.70 -53.90 -0.66
C ALA C 160 -47.52 -54.95 0.42
N ASP C 161 -48.52 -55.16 1.27
CA ASP C 161 -48.41 -56.10 2.38
C ASP C 161 -48.89 -57.48 1.94
N THR C 162 -48.63 -58.48 2.80
CA THR C 162 -49.00 -59.85 2.48
C THR C 162 -50.50 -60.07 2.61
N ALA C 163 -51.14 -59.47 3.62
CA ALA C 163 -52.58 -59.54 3.72
C ALA C 163 -53.24 -58.82 2.55
N ALA C 164 -52.72 -57.65 2.20
CA ALA C 164 -53.23 -56.92 1.04
C ALA C 164 -53.08 -57.76 -0.22
N GLN C 165 -51.97 -58.50 -0.34
CA GLN C 165 -51.78 -59.35 -1.51
C GLN C 165 -52.71 -60.55 -1.49
N ILE C 166 -53.02 -61.09 -0.31
CA ILE C 166 -53.98 -62.18 -0.22
C ILE C 166 -55.34 -61.72 -0.73
N THR C 167 -55.81 -60.57 -0.25
CA THR C 167 -57.08 -60.05 -0.73
C THR C 167 -57.02 -59.67 -2.20
N GLN C 168 -55.87 -59.17 -2.67
CA GLN C 168 -55.71 -58.86 -4.08
C GLN C 168 -55.89 -60.10 -4.95
N ARG C 169 -55.22 -61.19 -4.57
CA ARG C 169 -55.32 -62.43 -5.35
C ARG C 169 -56.72 -63.01 -5.27
N LYS C 170 -57.37 -62.90 -4.10
CA LYS C 170 -58.77 -63.32 -4.01
C LYS C 170 -59.63 -62.55 -5.01
N TRP C 171 -59.48 -61.23 -5.04
CA TRP C 171 -60.29 -60.42 -5.95
C TRP C 171 -59.97 -60.71 -7.41
N GLU C 172 -58.69 -60.92 -7.73
CA GLU C 172 -58.32 -61.24 -9.10
C GLU C 172 -58.92 -62.57 -9.54
N ALA C 173 -58.92 -63.56 -8.65
CA ALA C 173 -59.58 -64.82 -8.96
C ALA C 173 -61.08 -64.62 -9.14
N ALA C 174 -61.69 -63.75 -8.33
CA ALA C 174 -63.13 -63.54 -8.37
C ALA C 174 -63.56 -62.56 -9.45
N ARG C 175 -62.62 -61.86 -10.10
CA ARG C 175 -62.94 -60.89 -11.14
C ARG C 175 -63.80 -59.75 -10.59
N GLU C 176 -63.36 -59.20 -9.46
CA GLU C 176 -64.09 -58.08 -8.84
C GLU C 176 -63.88 -56.78 -9.62
N ALA C 177 -62.69 -56.61 -10.21
CA ALA C 177 -62.43 -55.39 -10.97
C ALA C 177 -63.42 -55.22 -12.10
N GLU C 178 -63.93 -56.31 -12.66
CA GLU C 178 -64.92 -56.21 -13.73
C GLU C 178 -66.18 -55.52 -13.23
N GLN C 179 -66.72 -56.01 -12.11
CA GLN C 179 -67.94 -55.41 -11.57
C GLN C 179 -67.69 -53.98 -11.13
N ARG C 180 -66.55 -53.73 -10.49
CA ARG C 180 -66.25 -52.38 -10.04
C ARG C 180 -66.14 -51.41 -11.22
N ARG C 181 -65.51 -51.85 -12.31
CA ARG C 181 -65.41 -50.99 -13.49
C ARG C 181 -66.77 -50.76 -14.12
N ALA C 182 -67.61 -51.80 -14.16
CA ALA C 182 -68.96 -51.63 -14.68
C ALA C 182 -69.73 -50.60 -13.87
N TYR C 183 -69.61 -50.65 -12.54
CA TYR C 183 -70.29 -49.67 -11.70
C TYR C 183 -69.72 -48.27 -11.90
N LEU C 184 -68.39 -48.15 -11.89
CA LEU C 184 -67.77 -46.83 -11.97
C LEU C 184 -68.05 -46.15 -13.31
N GLU C 185 -68.02 -46.92 -14.39
CA GLU C 185 -68.33 -46.38 -15.71
C GLU C 185 -69.82 -46.24 -15.95
N GLY C 186 -70.65 -46.82 -15.08
CA GLY C 186 -72.09 -46.79 -15.25
C GLY C 186 -72.80 -45.92 -14.24
N GLU C 187 -73.34 -46.56 -13.19
CA GLU C 187 -74.19 -45.85 -12.24
C GLU C 187 -73.48 -44.64 -11.63
N CYS C 188 -72.16 -44.72 -11.41
CA CYS C 188 -71.45 -43.62 -10.79
C CYS C 188 -71.58 -42.35 -11.64
N VAL C 189 -71.28 -42.45 -12.94
CA VAL C 189 -71.34 -41.29 -13.81
C VAL C 189 -72.78 -40.81 -13.96
N GLU C 190 -73.73 -41.75 -14.05
CA GLU C 190 -75.13 -41.36 -14.18
C GLU C 190 -75.58 -40.54 -12.99
N TRP C 191 -75.25 -41.00 -11.78
CA TRP C 191 -75.66 -40.28 -10.58
C TRP C 191 -74.93 -38.94 -10.46
N LEU C 192 -73.66 -38.89 -10.86
CA LEU C 192 -72.94 -37.63 -10.84
C LEU C 192 -73.57 -36.62 -11.80
N ARG C 193 -73.93 -37.06 -13.01
CA ARG C 193 -74.59 -36.17 -13.95
C ARG C 193 -75.93 -35.71 -13.41
N ARG C 194 -76.70 -36.62 -12.80
CA ARG C 194 -78.00 -36.24 -12.26
C ARG C 194 -77.84 -35.22 -11.14
N TYR C 195 -76.86 -35.41 -10.26
CA TYR C 195 -76.63 -34.44 -9.19
C TYR C 195 -76.20 -33.10 -9.75
N LEU C 196 -75.31 -33.09 -10.75
CA LEU C 196 -74.85 -31.83 -11.31
C LEU C 196 -75.98 -31.10 -12.04
N GLU C 197 -76.91 -31.84 -12.64
CA GLU C 197 -78.04 -31.20 -13.31
C GLU C 197 -79.06 -30.68 -12.31
N ASN C 198 -79.25 -31.39 -11.19
CA ASN C 198 -80.13 -30.90 -10.14
C ASN C 198 -79.51 -29.76 -9.34
N GLY C 199 -78.19 -29.57 -9.43
CA GLY C 199 -77.52 -28.55 -8.64
C GLY C 199 -76.78 -27.54 -9.50
N LYS C 200 -77.39 -27.11 -10.60
CA LYS C 200 -76.75 -26.11 -11.44
C LYS C 200 -76.50 -24.82 -10.69
N ASP C 201 -77.35 -24.49 -9.70
CA ASP C 201 -77.23 -23.22 -9.01
C ASP C 201 -75.91 -23.12 -8.25
N LYS C 202 -75.49 -24.20 -7.60
CA LYS C 202 -74.28 -24.21 -6.79
C LYS C 202 -73.15 -25.02 -7.41
N LEU C 203 -73.41 -26.29 -7.73
CA LEU C 203 -72.34 -27.17 -8.22
C LEU C 203 -71.75 -26.70 -9.53
N GLU C 204 -72.49 -25.94 -10.33
CA GLU C 204 -72.05 -25.51 -11.66
C GLU C 204 -72.01 -23.99 -11.77
N ARG C 205 -71.59 -23.31 -10.71
CA ARG C 205 -71.39 -21.87 -10.72
C ARG C 205 -69.90 -21.56 -10.73
N ALA C 206 -69.56 -20.32 -11.09
CA ALA C 206 -68.18 -19.88 -11.14
C ALA C 206 -68.11 -18.44 -10.64
N ASP C 207 -67.76 -18.26 -9.37
CA ASP C 207 -67.58 -16.94 -8.80
C ASP C 207 -66.16 -16.45 -9.10
N PRO C 208 -65.99 -15.36 -9.84
CA PRO C 208 -64.63 -14.86 -10.08
C PRO C 208 -64.01 -14.35 -8.79
N PRO C 209 -62.70 -14.44 -8.65
CA PRO C 209 -62.05 -13.90 -7.45
C PRO C 209 -62.07 -12.39 -7.42
N LYS C 210 -62.08 -11.84 -6.21
CA LYS C 210 -61.81 -10.44 -5.96
C LYS C 210 -60.33 -10.33 -5.59
N THR C 211 -59.57 -9.57 -6.36
CA THR C 211 -58.12 -9.57 -6.26
C THR C 211 -57.61 -8.21 -5.81
N HIS C 212 -56.58 -8.22 -4.97
CA HIS C 212 -55.92 -6.97 -4.60
C HIS C 212 -54.52 -7.24 -4.09
N VAL C 213 -53.64 -6.25 -4.23
CA VAL C 213 -52.23 -6.38 -3.91
C VAL C 213 -51.90 -5.47 -2.73
N THR C 214 -51.21 -6.02 -1.73
CA THR C 214 -50.81 -5.29 -0.54
C THR C 214 -49.28 -5.24 -0.47
N HIS C 215 -48.78 -4.15 0.11
CA HIS C 215 -47.36 -3.89 0.24
C HIS C 215 -47.00 -3.82 1.72
N HIS C 216 -45.95 -4.52 2.10
CA HIS C 216 -45.51 -4.58 3.50
C HIS C 216 -44.01 -4.34 3.57
N PRO C 217 -43.56 -3.18 4.04
CA PRO C 217 -42.12 -2.99 4.23
C PRO C 217 -41.57 -3.99 5.23
N ILE C 218 -40.68 -4.87 4.75
CA ILE C 218 -40.11 -5.93 5.59
C ILE C 218 -38.68 -5.63 6.00
N SER C 219 -38.02 -4.64 5.41
CA SER C 219 -36.67 -4.26 5.78
C SER C 219 -36.37 -2.92 5.15
N ASP C 220 -35.22 -2.35 5.52
CA ASP C 220 -34.84 -1.04 5.01
C ASP C 220 -34.58 -1.05 3.51
N HIS C 221 -34.37 -2.22 2.90
CA HIS C 221 -34.09 -2.31 1.49
C HIS C 221 -34.95 -3.36 0.78
N GLU C 222 -35.97 -3.91 1.44
CA GLU C 222 -36.82 -4.92 0.84
C GLU C 222 -38.24 -4.75 1.36
N ALA C 223 -39.19 -5.23 0.56
CA ALA C 223 -40.60 -5.23 0.92
C ALA C 223 -41.24 -6.53 0.46
N THR C 224 -42.49 -6.73 0.85
CA THR C 224 -43.27 -7.90 0.45
C THR C 224 -44.49 -7.43 -0.31
N LEU C 225 -44.72 -8.03 -1.47
CA LEU C 225 -45.92 -7.81 -2.26
C LEU C 225 -46.77 -9.07 -2.16
N ARG C 226 -47.99 -8.94 -1.65
CA ARG C 226 -48.90 -10.05 -1.48
C ARG C 226 -50.12 -9.85 -2.35
N CYS C 227 -50.44 -10.86 -3.15
CA CYS C 227 -51.60 -10.86 -4.02
C CYS C 227 -52.68 -11.72 -3.38
N TRP C 228 -53.83 -11.12 -3.10
CA TRP C 228 -54.96 -11.77 -2.47
C TRP C 228 -56.04 -12.03 -3.51
N ALA C 229 -56.55 -13.26 -3.53
CA ALA C 229 -57.73 -13.66 -4.29
C ALA C 229 -58.77 -14.19 -3.31
N LEU C 230 -59.89 -13.49 -3.21
CA LEU C 230 -60.90 -13.78 -2.20
C LEU C 230 -62.24 -14.08 -2.87
N GLY C 231 -63.02 -14.96 -2.25
CA GLY C 231 -64.40 -15.16 -2.67
C GLY C 231 -64.55 -15.77 -4.04
N PHE C 232 -63.76 -16.80 -4.37
CA PHE C 232 -63.84 -17.46 -5.66
C PHE C 232 -64.26 -18.91 -5.47
N TYR C 233 -65.14 -19.37 -6.35
CA TYR C 233 -65.53 -20.77 -6.41
C TYR C 233 -65.52 -21.21 -7.88
N PRO C 234 -65.04 -22.43 -8.19
CA PRO C 234 -64.50 -23.48 -7.29
C PRO C 234 -63.14 -23.14 -6.70
N ALA C 235 -62.46 -24.11 -6.11
CA ALA C 235 -61.19 -23.88 -5.43
C ALA C 235 -59.99 -23.91 -6.37
N GLU C 236 -60.19 -24.20 -7.65
CA GLU C 236 -59.08 -24.32 -8.60
C GLU C 236 -58.70 -22.93 -9.10
N ILE C 237 -57.62 -22.36 -8.56
CA ILE C 237 -57.13 -21.05 -8.93
C ILE C 237 -55.62 -21.13 -9.10
N THR C 238 -55.07 -20.18 -9.86
CA THR C 238 -53.63 -20.12 -10.06
C THR C 238 -53.17 -18.68 -9.90
N LEU C 239 -52.22 -18.46 -8.98
CA LEU C 239 -51.62 -17.15 -8.76
C LEU C 239 -50.12 -17.26 -9.05
N THR C 240 -49.60 -16.32 -9.82
CA THR C 240 -48.18 -16.38 -10.20
C THR C 240 -47.60 -14.96 -10.29
N TRP C 241 -46.46 -14.76 -9.63
CA TRP C 241 -45.75 -13.49 -9.75
C TRP C 241 -44.77 -13.54 -10.91
N GLN C 242 -44.73 -12.46 -11.69
CA GLN C 242 -43.81 -12.33 -12.80
C GLN C 242 -43.03 -11.03 -12.67
N ARG C 243 -41.71 -11.11 -12.81
CA ARG C 243 -40.83 -9.95 -12.81
C ARG C 243 -40.40 -9.69 -14.25
N ASP C 244 -40.66 -8.48 -14.73
CA ASP C 244 -40.33 -8.09 -16.10
C ASP C 244 -41.00 -9.01 -17.12
N GLY C 245 -42.21 -9.45 -16.81
CA GLY C 245 -42.96 -10.29 -17.72
C GLY C 245 -42.55 -11.73 -17.76
N GLU C 246 -41.67 -12.18 -16.86
CA GLU C 246 -41.20 -13.55 -16.80
C GLU C 246 -41.56 -14.15 -15.46
N ASP C 247 -41.72 -15.47 -15.44
CA ASP C 247 -42.12 -16.16 -14.21
C ASP C 247 -41.12 -15.91 -13.10
N GLN C 248 -41.63 -15.83 -11.88
CA GLN C 248 -40.81 -15.57 -10.69
C GLN C 248 -40.92 -16.75 -9.74
N THR C 249 -40.76 -17.96 -10.27
CA THR C 249 -40.96 -19.16 -9.47
C THR C 249 -40.07 -19.18 -8.22
N GLN C 250 -38.95 -18.47 -8.27
CA GLN C 250 -38.04 -18.45 -7.13
C GLN C 250 -38.62 -17.62 -5.98
N ASP C 251 -38.51 -18.17 -4.78
CA ASP C 251 -38.96 -17.52 -3.54
C ASP C 251 -40.30 -16.82 -3.73
N THR C 252 -41.29 -17.61 -4.14
CA THR C 252 -42.69 -17.17 -4.20
C THR C 252 -43.46 -18.00 -3.18
N GLU C 253 -43.80 -17.37 -2.06
CA GLU C 253 -44.49 -18.06 -0.98
C GLU C 253 -45.98 -18.19 -1.29
N LEU C 254 -46.56 -19.32 -0.93
CA LEU C 254 -47.97 -19.60 -1.15
C LEU C 254 -48.60 -20.17 0.11
N VAL C 255 -49.90 -19.95 0.25
CA VAL C 255 -50.70 -20.61 1.27
C VAL C 255 -51.72 -21.49 0.57
N GLU C 256 -52.07 -22.60 1.21
CA GLU C 256 -53.05 -23.50 0.64
C GLU C 256 -54.41 -22.82 0.54
N THR C 257 -55.15 -23.12 -0.52
CA THR C 257 -56.50 -22.59 -0.65
C THR C 257 -57.34 -23.02 0.54
N ARG C 258 -58.09 -22.08 1.10
CA ARG C 258 -58.81 -22.30 2.34
C ARG C 258 -60.26 -21.84 2.18
N PRO C 259 -61.18 -22.45 2.91
CA PRO C 259 -62.59 -22.06 2.79
C PRO C 259 -62.89 -20.78 3.56
N ALA C 260 -63.50 -19.82 2.88
CA ALA C 260 -63.93 -18.60 3.55
C ALA C 260 -65.00 -18.87 4.60
N GLY C 261 -65.70 -20.00 4.51
CA GLY C 261 -66.78 -20.31 5.41
C GLY C 261 -68.17 -20.04 4.88
N ASP C 262 -68.29 -19.55 3.64
CA ASP C 262 -69.57 -19.25 3.02
C ASP C 262 -69.60 -19.77 1.59
N ARG C 263 -69.00 -20.94 1.37
CA ARG C 263 -68.97 -21.67 0.10
C ARG C 263 -68.01 -21.07 -0.92
N THR C 264 -67.19 -20.09 -0.54
CA THR C 264 -66.15 -19.55 -1.40
C THR C 264 -64.79 -19.89 -0.80
N PHE C 265 -63.73 -19.43 -1.47
CA PHE C 265 -62.37 -19.77 -1.09
C PHE C 265 -61.48 -18.54 -1.12
N GLN C 266 -60.38 -18.61 -0.36
CA GLN C 266 -59.42 -17.54 -0.25
C GLN C 266 -58.03 -18.07 -0.51
N LYS C 267 -57.15 -17.21 -1.03
CA LYS C 267 -55.77 -17.58 -1.27
C LYS C 267 -54.94 -16.31 -1.39
N TRP C 268 -53.65 -16.43 -1.12
CA TRP C 268 -52.74 -15.34 -1.42
C TRP C 268 -51.36 -15.90 -1.77
N ALA C 269 -50.63 -15.13 -2.56
CA ALA C 269 -49.27 -15.46 -2.94
C ALA C 269 -48.38 -14.25 -2.68
N ALA C 270 -47.24 -14.46 -2.05
CA ALA C 270 -46.36 -13.38 -1.65
C ALA C 270 -45.00 -13.51 -2.32
N VAL C 271 -44.38 -12.36 -2.59
CA VAL C 271 -43.02 -12.31 -3.10
C VAL C 271 -42.28 -11.19 -2.39
N VAL C 272 -40.95 -11.33 -2.30
CA VAL C 272 -40.09 -10.35 -1.65
C VAL C 272 -39.34 -9.58 -2.74
N VAL C 273 -39.43 -8.26 -2.68
CA VAL C 273 -38.99 -7.40 -3.78
C VAL C 273 -38.05 -6.32 -3.25
N PRO C 274 -37.03 -5.92 -4.00
CA PRO C 274 -36.22 -4.76 -3.58
C PRO C 274 -37.07 -3.50 -3.49
N SER C 275 -36.77 -2.66 -2.51
CA SER C 275 -37.50 -1.42 -2.33
C SER C 275 -37.30 -0.54 -3.56
N GLY C 276 -38.40 0.02 -4.06
CA GLY C 276 -38.38 0.86 -5.23
C GLY C 276 -38.51 0.14 -6.55
N GLU C 277 -38.45 -1.20 -6.55
CA GLU C 277 -38.59 -1.99 -7.76
C GLU C 277 -39.94 -2.69 -7.84
N GLU C 278 -40.89 -2.33 -6.99
CA GLU C 278 -42.20 -2.98 -7.00
C GLU C 278 -42.95 -2.75 -8.29
N GLN C 279 -42.62 -1.68 -9.03
CA GLN C 279 -43.31 -1.39 -10.28
C GLN C 279 -43.07 -2.44 -11.36
N ARG C 280 -42.09 -3.32 -11.18
CA ARG C 280 -41.73 -4.30 -12.19
C ARG C 280 -42.24 -5.71 -11.87
N TYR C 281 -43.18 -5.83 -10.93
CA TYR C 281 -43.75 -7.11 -10.55
C TYR C 281 -45.24 -7.11 -10.87
N THR C 282 -45.71 -8.20 -11.48
CA THR C 282 -47.12 -8.35 -11.84
C THR C 282 -47.65 -9.66 -11.27
N CYS C 283 -48.80 -9.59 -10.59
CA CYS C 283 -49.50 -10.78 -10.15
C CYS C 283 -50.46 -11.23 -11.25
N HIS C 284 -50.43 -12.52 -11.58
CA HIS C 284 -51.28 -13.09 -12.61
C HIS C 284 -52.24 -14.07 -11.95
N VAL C 285 -53.53 -13.90 -12.25
CA VAL C 285 -54.60 -14.68 -11.66
C VAL C 285 -55.32 -15.43 -12.77
N GLN C 286 -55.46 -16.74 -12.60
CA GLN C 286 -56.21 -17.59 -13.52
C GLN C 286 -57.29 -18.33 -12.75
N HIS C 287 -58.54 -18.15 -13.16
CA HIS C 287 -59.69 -18.81 -12.56
C HIS C 287 -60.80 -18.88 -13.57
N GLU C 288 -61.66 -19.89 -13.43
CA GLU C 288 -62.74 -20.08 -14.40
C GLU C 288 -63.68 -18.88 -14.43
N GLY C 289 -63.91 -18.24 -13.28
CA GLY C 289 -64.80 -17.10 -13.25
C GLY C 289 -64.31 -15.95 -14.09
N LEU C 290 -63.00 -15.75 -14.15
CA LEU C 290 -62.44 -14.67 -14.94
C LEU C 290 -62.50 -15.02 -16.42
N PRO C 291 -63.14 -14.19 -17.27
CA PRO C 291 -63.08 -14.47 -18.71
C PRO C 291 -61.67 -14.48 -19.25
N LYS C 292 -60.80 -13.63 -18.73
CA LYS C 292 -59.40 -13.58 -19.09
C LYS C 292 -58.54 -13.51 -17.84
N PRO C 293 -57.30 -14.00 -17.89
CA PRO C 293 -56.44 -13.89 -16.71
C PRO C 293 -56.23 -12.45 -16.31
N LEU C 294 -56.21 -12.20 -15.00
CA LEU C 294 -56.08 -10.86 -14.46
C LEU C 294 -54.61 -10.54 -14.17
N THR C 295 -54.22 -9.29 -14.41
CA THR C 295 -52.89 -8.79 -14.10
C THR C 295 -53.03 -7.65 -13.10
N LEU C 296 -52.35 -7.78 -11.96
CA LEU C 296 -52.38 -6.79 -10.91
C LEU C 296 -50.98 -6.20 -10.72
N ARG C 297 -50.92 -4.88 -10.55
CA ARG C 297 -49.68 -4.15 -10.41
C ARG C 297 -49.86 -3.13 -9.29
N TRP C 298 -49.20 -3.35 -8.16
CA TRP C 298 -49.33 -2.46 -7.02
C TRP C 298 -48.86 -1.05 -7.37
N ILE D 21 -49.29 -44.62 10.04
CA ILE D 21 -48.54 -43.33 10.01
C ILE D 21 -49.40 -42.20 10.55
N GLN D 22 -48.77 -41.26 11.23
CA GLN D 22 -49.46 -40.12 11.84
C GLN D 22 -48.96 -38.82 11.22
N ARG D 23 -49.90 -37.90 10.96
CA ARG D 23 -49.60 -36.62 10.35
C ARG D 23 -50.04 -35.49 11.28
N THR D 24 -49.18 -34.48 11.41
CA THR D 24 -49.51 -33.32 12.24
C THR D 24 -50.52 -32.42 11.52
N PRO D 25 -51.45 -31.81 12.25
CA PRO D 25 -52.36 -30.86 11.61
C PRO D 25 -51.62 -29.62 11.11
N LYS D 26 -52.14 -29.08 10.03
CA LYS D 26 -51.69 -27.80 9.48
C LYS D 26 -52.77 -26.77 9.77
N ILE D 27 -52.37 -25.62 10.31
CA ILE D 27 -53.28 -24.66 10.90
C ILE D 27 -53.15 -23.34 10.14
N GLN D 28 -54.30 -22.78 9.77
CA GLN D 28 -54.36 -21.40 9.26
C GLN D 28 -55.41 -20.64 10.04
N VAL D 29 -55.10 -19.41 10.42
CA VAL D 29 -56.03 -18.54 11.13
C VAL D 29 -56.23 -17.29 10.30
N TYR D 30 -57.49 -16.99 9.97
CA TYR D 30 -57.80 -15.89 9.07
C TYR D 30 -59.22 -15.41 9.35
N SER D 31 -59.71 -14.49 8.53
CA SER D 31 -61.07 -13.97 8.66
C SER D 31 -61.82 -14.20 7.35
N ARG D 32 -63.14 -14.28 7.46
CA ARG D 32 -63.97 -14.48 6.28
C ARG D 32 -63.83 -13.33 5.30
N HIS D 33 -63.74 -12.10 5.81
CA HIS D 33 -63.60 -10.90 5.02
C HIS D 33 -62.37 -10.12 5.46
N PRO D 34 -61.86 -9.21 4.63
CA PRO D 34 -60.76 -8.36 5.08
C PRO D 34 -61.15 -7.59 6.34
N ALA D 35 -60.28 -7.67 7.34
CA ALA D 35 -60.60 -7.11 8.65
C ALA D 35 -60.75 -5.59 8.58
N GLU D 36 -61.81 -5.07 9.19
CA GLU D 36 -62.01 -3.65 9.38
C GLU D 36 -62.41 -3.41 10.82
N ASN D 37 -61.71 -2.49 11.48
CA ASN D 37 -61.98 -2.23 12.88
C ASN D 37 -63.41 -1.73 13.07
N GLY D 38 -64.12 -2.34 14.02
CA GLY D 38 -65.50 -1.99 14.28
C GLY D 38 -66.51 -2.67 13.40
N LYS D 39 -66.09 -3.55 12.50
CA LYS D 39 -66.96 -4.22 11.55
C LYS D 39 -67.08 -5.70 11.94
N SER D 40 -68.31 -6.20 11.98
CA SER D 40 -68.53 -7.60 12.34
C SER D 40 -68.01 -8.53 11.26
N ASN D 41 -67.43 -9.65 11.68
CA ASN D 41 -66.72 -10.55 10.79
C ASN D 41 -66.71 -11.93 11.45
N PHE D 42 -66.15 -12.91 10.74
CA PHE D 42 -65.96 -14.24 11.27
C PHE D 42 -64.47 -14.56 11.30
N LEU D 43 -64.00 -15.12 12.41
CA LEU D 43 -62.64 -15.61 12.54
C LEU D 43 -62.66 -17.12 12.34
N ASN D 44 -61.85 -17.59 11.39
CA ASN D 44 -61.78 -18.99 11.02
C ASN D 44 -60.40 -19.55 11.38
N CYS D 45 -60.41 -20.73 11.98
CA CYS D 45 -59.23 -21.57 12.09
C CYS D 45 -59.49 -22.82 11.25
N TYR D 46 -58.71 -22.98 10.20
CA TYR D 46 -58.78 -24.12 9.30
C TYR D 46 -57.67 -25.09 9.66
N VAL D 47 -58.05 -26.29 10.09
CA VAL D 47 -57.12 -27.34 10.46
C VAL D 47 -57.25 -28.45 9.43
N SER D 48 -56.12 -28.91 8.89
CA SER D 48 -56.22 -29.85 7.78
C SER D 48 -55.03 -30.79 7.78
N GLY D 49 -55.23 -31.94 7.14
CA GLY D 49 -54.14 -32.87 6.89
C GLY D 49 -53.57 -33.53 8.12
N PHE D 50 -54.42 -33.97 9.05
CA PHE D 50 -53.99 -34.65 10.25
C PHE D 50 -54.56 -36.06 10.29
N HIS D 51 -53.81 -36.96 10.94
CA HIS D 51 -54.22 -38.33 11.09
C HIS D 51 -53.57 -38.84 12.37
N PRO D 52 -54.32 -39.50 13.28
CA PRO D 52 -55.74 -39.85 13.23
C PRO D 52 -56.66 -38.64 13.34
N SER D 53 -57.96 -38.85 13.56
CA SER D 53 -58.96 -37.79 13.46
C SER D 53 -59.23 -37.10 14.79
N ASP D 54 -58.64 -37.56 15.90
CA ASP D 54 -58.87 -36.93 17.19
C ASP D 54 -58.00 -35.68 17.31
N ILE D 55 -58.64 -34.53 17.51
CA ILE D 55 -57.95 -33.26 17.52
C ILE D 55 -58.72 -32.29 18.39
N GLU D 56 -58.01 -31.44 19.11
CA GLU D 56 -58.60 -30.40 19.95
C GLU D 56 -58.23 -29.03 19.39
N VAL D 57 -59.23 -28.17 19.21
CA VAL D 57 -59.04 -26.85 18.63
C VAL D 57 -59.76 -25.82 19.48
N ASP D 58 -59.08 -24.72 19.79
CA ASP D 58 -59.68 -23.60 20.51
C ASP D 58 -59.28 -22.30 19.83
N LEU D 59 -60.21 -21.34 19.86
CA LEU D 59 -59.94 -19.98 19.39
C LEU D 59 -59.74 -19.10 20.61
N LEU D 60 -58.60 -18.40 20.66
CA LEU D 60 -58.21 -17.62 21.82
C LEU D 60 -58.31 -16.13 21.49
N LYS D 61 -58.96 -15.38 22.36
CA LYS D 61 -58.96 -13.91 22.32
C LYS D 61 -58.17 -13.42 23.53
N ASN D 62 -56.98 -12.88 23.28
CA ASN D 62 -56.09 -12.40 24.34
C ASN D 62 -55.69 -13.51 25.29
N GLY D 63 -55.69 -14.75 24.80
CA GLY D 63 -55.34 -15.90 25.62
C GLY D 63 -56.55 -16.66 26.12
N GLU D 64 -57.60 -15.94 26.48
CA GLU D 64 -58.81 -16.57 26.98
C GLU D 64 -59.52 -17.34 25.87
N ARG D 65 -60.25 -18.38 26.26
CA ARG D 65 -60.93 -19.23 25.30
C ARG D 65 -62.30 -18.65 24.97
N ILE D 66 -62.57 -18.50 23.67
CA ILE D 66 -63.88 -18.05 23.22
C ILE D 66 -64.89 -19.18 23.41
N GLU D 67 -66.04 -18.84 23.99
CA GLU D 67 -67.02 -19.87 24.33
C GLU D 67 -67.83 -20.30 23.12
N LYS D 68 -68.50 -19.36 22.46
CA LYS D 68 -69.40 -19.66 21.35
C LYS D 68 -68.58 -19.81 20.07
N VAL D 69 -68.02 -21.00 19.91
CA VAL D 69 -67.24 -21.36 18.72
C VAL D 69 -67.95 -22.51 18.02
N GLU D 70 -68.31 -22.31 16.77
CA GLU D 70 -68.92 -23.34 15.95
C GLU D 70 -67.86 -24.01 15.09
N HIS D 71 -68.23 -25.13 14.48
CA HIS D 71 -67.33 -25.81 13.57
C HIS D 71 -68.13 -26.72 12.65
N SER D 72 -67.50 -27.11 11.55
CA SER D 72 -68.13 -27.97 10.56
C SER D 72 -67.92 -29.44 10.92
N ASP D 73 -68.63 -30.30 10.21
CA ASP D 73 -68.46 -31.74 10.40
C ASP D 73 -67.06 -32.18 9.99
N LEU D 74 -66.57 -33.23 10.64
CA LEU D 74 -65.30 -33.81 10.22
C LEU D 74 -65.37 -34.20 8.75
N SER D 75 -64.40 -33.75 7.98
CA SER D 75 -64.37 -34.00 6.54
C SER D 75 -63.23 -34.94 6.21
N PHE D 76 -63.29 -35.49 5.01
CA PHE D 76 -62.38 -36.55 4.57
C PHE D 76 -61.76 -36.16 3.24
N SER D 77 -60.44 -36.28 3.16
CA SER D 77 -59.68 -35.98 1.96
C SER D 77 -59.34 -37.26 1.21
N LYS D 78 -58.97 -37.10 -0.06
CA LYS D 78 -58.64 -38.24 -0.89
C LYS D 78 -57.37 -38.95 -0.44
N ASP D 79 -56.53 -38.28 0.35
CA ASP D 79 -55.25 -38.83 0.80
C ASP D 79 -55.32 -39.37 2.22
N TRP D 80 -56.50 -39.67 2.72
CA TRP D 80 -56.72 -40.35 3.99
C TRP D 80 -56.49 -39.44 5.19
N SER D 81 -56.49 -38.12 5.01
CA SER D 81 -56.40 -37.18 6.11
C SER D 81 -57.74 -36.50 6.33
N PHE D 82 -57.84 -35.77 7.43
CA PHE D 82 -59.08 -35.12 7.84
C PHE D 82 -58.86 -33.62 7.96
N TYR D 83 -59.96 -32.86 7.94
CA TYR D 83 -59.88 -31.42 8.12
C TYR D 83 -61.16 -30.91 8.76
N LEU D 84 -61.04 -29.73 9.36
CA LEU D 84 -62.13 -29.09 10.09
C LEU D 84 -61.98 -27.58 9.97
N LEU D 85 -63.10 -26.89 10.14
CA LEU D 85 -63.15 -25.43 10.16
C LEU D 85 -63.86 -24.99 11.43
N TYR D 86 -63.19 -24.19 12.25
CA TYR D 86 -63.78 -23.60 13.44
C TYR D 86 -63.98 -22.10 13.20
N TYR D 87 -65.21 -21.63 13.29
CA TYR D 87 -65.52 -20.24 13.02
C TYR D 87 -66.24 -19.61 14.20
N THR D 88 -65.97 -18.32 14.41
CA THR D 88 -66.62 -17.58 15.49
C THR D 88 -66.78 -16.13 15.09
N GLU D 89 -67.95 -15.57 15.36
CA GLU D 89 -68.21 -14.17 15.05
C GLU D 89 -67.44 -13.26 16.00
N PHE D 90 -66.84 -12.21 15.44
CA PHE D 90 -66.08 -11.27 16.23
C PHE D 90 -66.00 -9.93 15.49
N THR D 91 -65.71 -8.86 16.23
CA THR D 91 -65.49 -7.56 15.62
C THR D 91 -64.02 -7.20 15.83
N PRO D 92 -63.16 -7.32 14.82
CA PRO D 92 -61.75 -6.99 15.02
C PRO D 92 -61.57 -5.53 15.45
N THR D 93 -60.61 -5.33 16.36
CA THR D 93 -60.20 -4.00 16.78
C THR D 93 -58.76 -4.07 17.23
N GLU D 94 -58.09 -2.92 17.21
CA GLU D 94 -56.71 -2.86 17.71
C GLU D 94 -56.69 -3.15 19.21
N LYS D 95 -55.55 -3.66 19.67
CA LYS D 95 -55.30 -4.08 21.05
C LYS D 95 -55.91 -5.44 21.35
N ASP D 96 -56.65 -6.04 20.41
CA ASP D 96 -57.26 -7.34 20.60
C ASP D 96 -56.50 -8.36 19.77
N GLU D 97 -55.99 -9.39 20.43
CA GLU D 97 -55.25 -10.45 19.78
C GLU D 97 -56.12 -11.69 19.65
N TYR D 98 -56.00 -12.38 18.52
CA TYR D 98 -56.71 -13.64 18.31
C TYR D 98 -55.73 -14.68 17.79
N ALA D 99 -55.84 -15.90 18.30
CA ALA D 99 -54.97 -16.99 17.91
C ALA D 99 -55.78 -18.28 17.84
N CYS D 100 -55.18 -19.31 17.24
CA CYS D 100 -55.76 -20.65 17.23
C CYS D 100 -54.81 -21.59 17.95
N ARG D 101 -55.32 -22.32 18.93
CA ARG D 101 -54.56 -23.28 19.71
C ARG D 101 -55.02 -24.69 19.34
N VAL D 102 -54.08 -25.54 18.93
CA VAL D 102 -54.39 -26.87 18.43
C VAL D 102 -53.57 -27.89 19.20
N ASN D 103 -54.22 -28.97 19.61
CA ASN D 103 -53.57 -30.09 20.27
C ASN D 103 -53.90 -31.37 19.53
N HIS D 104 -52.87 -32.15 19.22
CA HIS D 104 -53.00 -33.40 18.49
C HIS D 104 -52.04 -34.41 19.09
N VAL D 105 -52.28 -35.69 18.80
CA VAL D 105 -51.44 -36.75 19.34
C VAL D 105 -50.00 -36.62 18.85
N THR D 106 -49.78 -35.93 17.74
CA THR D 106 -48.44 -35.77 17.17
C THR D 106 -47.72 -34.55 17.73
N LEU D 107 -48.36 -33.74 18.56
CA LEU D 107 -47.77 -32.54 19.13
C LEU D 107 -47.45 -32.81 20.60
N SER D 108 -46.20 -32.58 20.99
CA SER D 108 -45.82 -32.75 22.39
C SER D 108 -46.57 -31.77 23.28
N GLN D 109 -46.71 -30.53 22.83
CA GLN D 109 -47.46 -29.49 23.52
C GLN D 109 -48.35 -28.79 22.52
N PRO D 110 -49.43 -28.15 22.99
CA PRO D 110 -50.32 -27.45 22.06
C PRO D 110 -49.57 -26.36 21.29
N LYS D 111 -49.91 -26.21 20.02
CA LYS D 111 -49.32 -25.20 19.17
C LYS D 111 -50.32 -24.08 18.96
N ILE D 112 -49.89 -22.85 19.22
CA ILE D 112 -50.72 -21.66 19.02
C ILE D 112 -50.15 -20.89 17.84
N VAL D 113 -51.01 -20.61 16.86
CA VAL D 113 -50.64 -19.81 15.69
C VAL D 113 -51.44 -18.51 15.76
N LYS D 114 -50.74 -17.39 15.65
CA LYS D 114 -51.34 -16.08 15.81
C LYS D 114 -52.04 -15.64 14.54
N TRP D 115 -53.07 -14.81 14.71
CA TRP D 115 -53.80 -14.26 13.57
C TRP D 115 -53.24 -12.91 13.19
N ASP D 116 -52.89 -12.77 11.91
CA ASP D 116 -52.47 -11.50 11.34
C ASP D 116 -53.45 -11.10 10.25
N ARG D 117 -53.84 -9.83 10.24
CA ARG D 117 -54.83 -9.36 9.28
C ARG D 117 -54.36 -9.54 7.84
N ASP D 118 -53.06 -9.69 7.62
CA ASP D 118 -52.49 -9.82 6.27
C ASP D 118 -51.85 -11.19 6.07
N MET D 119 -52.48 -12.24 6.58
CA MET D 119 -52.02 -13.60 6.35
C MET D 119 -53.19 -14.57 6.41
N ARG E 1 21.22 27.61 -44.08
CA ARG E 1 22.23 26.94 -44.94
C ARG E 1 23.06 25.91 -44.18
N PRO E 2 23.81 26.35 -43.16
CA PRO E 2 24.68 25.38 -42.46
C PRO E 2 23.93 24.23 -41.84
N TRP E 3 22.73 24.48 -41.29
CA TRP E 3 21.99 23.41 -40.62
C TRP E 3 21.49 22.38 -41.62
N THR E 4 20.97 22.83 -42.77
CA THR E 4 20.52 21.90 -43.80
C THR E 4 21.69 21.07 -44.32
N SER E 5 22.84 21.71 -44.52
CA SER E 5 24.02 20.97 -44.98
C SER E 5 24.45 19.95 -43.94
N LEU E 6 24.42 20.32 -42.66
CA LEU E 6 24.76 19.37 -41.61
C LEU E 6 23.81 18.18 -41.64
N LEU E 7 22.51 18.45 -41.76
CA LEU E 7 21.54 17.35 -41.80
C LEU E 7 21.78 16.44 -42.99
N LEU E 8 22.01 17.02 -44.17
CA LEU E 8 22.22 16.22 -45.37
C LEU E 8 23.47 15.36 -45.25
N VAL E 9 24.58 15.97 -44.78
CA VAL E 9 25.83 15.22 -44.66
C VAL E 9 25.69 14.12 -43.62
N ASP E 10 25.01 14.41 -42.50
CA ASP E 10 24.81 13.39 -41.48
C ASP E 10 23.98 12.24 -42.02
N ALA E 11 22.92 12.55 -42.77
CA ALA E 11 22.09 11.50 -43.36
C ALA E 11 22.90 10.65 -44.32
N ALA E 12 23.72 11.30 -45.17
CA ALA E 12 24.54 10.54 -46.11
C ALA E 12 25.53 9.64 -45.39
N LEU E 13 26.18 10.15 -44.34
CA LEU E 13 27.14 9.34 -43.61
C LEU E 13 26.46 8.16 -42.92
N LEU E 14 25.28 8.40 -42.33
CA LEU E 14 24.56 7.31 -41.67
C LEU E 14 24.13 6.26 -42.70
N TRP E 15 23.66 6.71 -43.86
CA TRP E 15 23.28 5.76 -44.91
C TRP E 15 24.48 4.93 -45.36
N LEU E 16 25.64 5.57 -45.54
CA LEU E 16 26.83 4.84 -45.92
C LEU E 16 27.22 3.81 -44.86
N LEU E 17 27.20 4.23 -43.59
CA LEU E 17 27.55 3.31 -42.51
C LEU E 17 26.53 2.19 -42.34
N GLN E 18 25.28 2.40 -42.79
CA GLN E 18 24.28 1.35 -42.73
C GLN E 18 24.56 0.26 -43.75
N GLY E 19 25.19 0.60 -44.88
CA GLY E 19 25.42 -0.33 -45.95
C GLY E 19 26.64 -1.20 -45.72
N PRO E 20 27.39 -1.50 -46.78
CA PRO E 20 28.53 -2.43 -46.62
C PRO E 20 29.61 -1.91 -45.67
N LEU E 21 29.68 -0.61 -45.43
CA LEU E 21 30.68 -0.10 -44.50
C LEU E 21 30.44 -0.64 -43.09
N GLY E 22 29.18 -0.72 -42.66
CA GLY E 22 28.89 -1.21 -41.32
C GLY E 22 29.30 -2.66 -41.13
N THR E 23 29.14 -3.48 -42.16
CA THR E 23 29.44 -4.91 -42.01
C THR E 23 30.90 -5.12 -41.63
N LEU E 24 31.81 -4.30 -42.17
CA LEU E 24 33.22 -4.41 -41.80
C LEU E 24 33.41 -4.08 -40.33
N LEU E 25 32.71 -3.07 -39.83
CA LEU E 25 32.86 -2.67 -38.44
C LEU E 25 32.39 -3.80 -37.51
N PRO E 26 33.01 -3.94 -36.33
CA PRO E 26 32.60 -5.02 -35.42
C PRO E 26 31.22 -4.77 -34.82
N GLN E 27 30.76 -5.71 -34.00
CA GLN E 27 29.45 -5.62 -33.36
C GLN E 27 29.63 -5.46 -31.86
N GLY E 28 28.77 -4.65 -31.25
CA GLY E 28 28.81 -4.38 -29.84
C GLY E 28 29.29 -2.98 -29.53
N LEU E 29 29.82 -2.82 -28.32
CA LEU E 29 30.36 -1.53 -27.90
C LEU E 29 31.46 -1.04 -28.82
N PRO E 30 32.47 -1.84 -29.17
CA PRO E 30 33.49 -1.35 -30.12
C PRO E 30 32.90 -0.94 -31.46
N GLY E 31 31.89 -1.66 -31.94
CA GLY E 31 31.26 -1.28 -33.19
C GLY E 31 30.63 0.09 -33.12
N LEU E 32 29.89 0.37 -32.03
CA LEU E 32 29.28 1.68 -31.87
C LEU E 32 30.33 2.76 -31.72
N TRP E 33 31.38 2.51 -30.95
CA TRP E 33 32.43 3.51 -30.79
C TRP E 33 33.09 3.83 -32.13
N LEU E 34 33.41 2.80 -32.92
CA LEU E 34 34.05 3.03 -34.21
C LEU E 34 33.10 3.73 -35.17
N GLU E 35 31.82 3.37 -35.15
CA GLU E 35 30.85 4.08 -36.00
C GLU E 35 30.76 5.55 -35.62
N GLY E 36 30.75 5.85 -34.32
CA GLY E 36 30.71 7.24 -33.89
C GLY E 36 31.96 8.00 -34.30
N THR E 37 33.13 7.36 -34.16
CA THR E 37 34.37 8.03 -34.58
C THR E 37 34.37 8.30 -36.08
N LEU E 38 33.90 7.33 -36.89
CA LEU E 38 33.83 7.54 -38.32
C LEU E 38 32.85 8.66 -38.66
N ARG E 39 31.70 8.69 -37.99
CA ARG E 39 30.72 9.74 -38.21
C ARG E 39 31.34 11.11 -37.91
N LEU E 40 32.00 11.23 -36.76
CA LEU E 40 32.61 12.49 -36.38
C LEU E 40 33.70 12.90 -37.37
N GLY E 41 34.54 11.95 -37.79
CA GLY E 41 35.58 12.28 -38.75
C GLY E 41 35.01 12.75 -40.08
N GLY E 42 34.00 12.05 -40.58
CA GLY E 42 33.38 12.46 -41.83
C GLY E 42 32.77 13.85 -41.73
N LEU E 43 32.02 14.12 -40.66
CA LEU E 43 31.41 15.43 -40.50
C LEU E 43 32.48 16.51 -40.38
N TRP E 44 33.52 16.27 -39.58
CA TRP E 44 34.58 17.26 -39.41
C TRP E 44 35.27 17.55 -40.73
N GLY E 45 35.59 16.53 -41.50
CA GLY E 45 36.25 16.75 -42.78
C GLY E 45 35.36 17.49 -43.76
N LEU E 46 34.11 17.06 -43.89
CA LEU E 46 33.21 17.65 -44.87
C LEU E 46 32.75 19.04 -44.47
N LEU E 47 32.93 19.42 -43.21
CA LEU E 47 32.65 20.79 -42.79
C LEU E 47 33.89 21.67 -42.87
N LYS E 48 35.07 21.13 -42.60
CA LYS E 48 36.29 21.91 -42.78
C LYS E 48 36.53 22.23 -44.24
N LEU E 49 36.22 21.27 -45.13
CA LEU E 49 36.38 21.53 -46.57
C LEU E 49 35.42 22.62 -47.03
N ARG E 50 34.19 22.60 -46.54
CA ARG E 50 33.17 23.58 -46.95
C ARG E 50 33.17 24.82 -46.07
N GLY E 51 34.05 24.90 -45.08
CA GLY E 51 34.16 26.11 -44.27
C GLY E 51 32.89 26.46 -43.52
N LEU E 52 32.23 25.48 -42.91
CA LEU E 52 31.04 25.69 -42.11
C LEU E 52 31.21 25.18 -40.69
N LEU E 53 32.46 25.11 -40.23
CA LEU E 53 32.78 24.64 -38.88
C LEU E 53 32.95 25.77 -37.89
N GLY E 54 32.69 27.02 -38.32
CA GLY E 54 32.92 28.15 -37.44
C GLY E 54 32.09 28.09 -36.17
N PHE E 55 30.82 27.70 -36.29
CA PHE E 55 29.91 27.66 -35.16
C PHE E 55 29.19 26.33 -34.98
N VAL E 56 29.31 25.40 -35.93
CA VAL E 56 28.64 24.10 -35.81
C VAL E 56 29.55 23.01 -35.30
N GLY E 57 30.85 23.28 -35.13
CA GLY E 57 31.76 22.27 -34.63
C GLY E 57 31.42 21.83 -33.23
N THR E 58 31.00 22.76 -32.36
CA THR E 58 30.71 22.41 -30.98
C THR E 58 29.68 21.29 -30.90
N LEU E 59 28.71 21.28 -31.81
CA LEU E 59 27.64 20.29 -31.79
C LEU E 59 28.07 18.94 -32.36
N LEU E 60 29.24 18.86 -33.00
CA LEU E 60 29.63 17.62 -33.66
C LEU E 60 29.95 16.52 -32.66
N LEU E 61 30.89 16.76 -31.76
CA LEU E 61 31.35 15.70 -30.87
C LEU E 61 30.21 15.11 -30.04
N PRO E 62 29.33 15.91 -29.41
CA PRO E 62 28.20 15.30 -28.70
C PRO E 62 27.30 14.49 -29.62
N LEU E 63 26.80 15.12 -30.69
CA LEU E 63 25.81 14.47 -31.55
C LEU E 63 26.28 13.11 -32.01
N CYS E 64 27.57 12.94 -32.26
CA CYS E 64 28.10 11.70 -32.80
C CYS E 64 28.46 10.69 -31.72
N LEU E 65 28.75 11.14 -30.50
CA LEU E 65 29.20 10.25 -29.44
C LEU E 65 28.23 10.20 -28.26
N ALA E 66 27.03 10.76 -28.41
CA ALA E 66 26.04 10.70 -27.34
C ALA E 66 25.40 9.32 -27.27
N THR E 67 25.16 8.71 -28.44
CA THR E 67 24.54 7.38 -28.46
C THR E 67 25.51 6.31 -27.97
N PRO E 68 26.71 6.16 -28.54
CA PRO E 68 27.63 5.15 -28.01
C PRO E 68 27.94 5.34 -26.53
N LEU E 69 28.39 6.54 -26.14
CA LEU E 69 28.79 6.74 -24.74
C LEU E 69 27.66 6.36 -23.80
N THR E 70 26.45 6.88 -24.03
CA THR E 70 25.30 6.47 -23.24
C THR E 70 25.27 4.97 -23.06
N VAL E 71 25.28 4.23 -24.17
CA VAL E 71 25.19 2.78 -24.09
C VAL E 71 26.27 2.24 -23.17
N SER E 72 27.51 2.70 -23.35
CA SER E 72 28.59 2.23 -22.50
C SER E 72 28.23 2.38 -21.03
N LEU E 73 27.79 3.57 -20.63
CA LEU E 73 27.44 3.79 -19.23
C LEU E 73 26.42 2.76 -18.76
N ARG E 74 25.39 2.52 -19.57
CA ARG E 74 24.40 1.51 -19.20
C ARG E 74 25.08 0.16 -18.98
N ALA E 75 25.91 -0.28 -19.93
CA ALA E 75 26.56 -1.57 -19.79
C ALA E 75 27.51 -1.58 -18.61
N LEU E 76 27.87 -0.42 -18.07
CA LEU E 76 28.77 -0.38 -16.94
C LEU E 76 28.00 -0.37 -15.61
N VAL E 77 26.72 -0.01 -15.65
CA VAL E 77 25.91 0.05 -14.44
C VAL E 77 24.89 -1.08 -14.39
N ALA E 78 24.02 -1.17 -15.40
CA ALA E 78 23.06 -2.25 -15.50
C ALA E 78 23.66 -3.53 -16.05
N GLY E 79 24.90 -3.51 -16.49
CA GLY E 79 25.56 -4.71 -16.97
C GLY E 79 25.41 -4.90 -18.46
N ALA E 80 26.36 -5.65 -19.04
CA ALA E 80 26.39 -5.93 -20.46
C ALA E 80 25.75 -7.27 -20.81
N SER E 81 25.15 -7.97 -19.84
CA SER E 81 24.54 -9.25 -20.12
C SER E 81 23.40 -9.13 -21.11
N ARG E 82 22.83 -7.94 -21.29
CA ARG E 82 21.75 -7.74 -22.24
C ARG E 82 22.27 -7.91 -23.67
N ALA E 83 21.36 -7.76 -24.63
CA ALA E 83 21.72 -7.96 -26.02
C ALA E 83 22.71 -6.88 -26.49
N PRO E 84 23.51 -7.19 -27.50
CA PRO E 84 24.45 -6.17 -28.02
C PRO E 84 23.70 -4.97 -28.55
N PRO E 85 24.24 -3.76 -28.35
CA PRO E 85 23.53 -2.56 -28.80
C PRO E 85 23.48 -2.46 -30.32
N ALA E 86 22.47 -1.75 -30.80
CA ALA E 86 22.28 -1.53 -32.22
C ALA E 86 23.02 -0.27 -32.67
N ARG E 87 23.42 -0.27 -33.94
CA ARG E 87 24.14 0.87 -34.49
C ARG E 87 23.22 2.07 -34.66
N VAL E 88 23.83 3.26 -34.69
CA VAL E 88 23.04 4.49 -34.75
C VAL E 88 22.24 4.54 -36.05
N ALA E 89 22.89 4.28 -37.18
CA ALA E 89 22.21 4.37 -38.47
C ALA E 89 21.08 3.35 -38.57
N SER E 90 21.31 2.14 -38.05
CA SER E 90 20.29 1.11 -38.10
C SER E 90 19.14 1.36 -37.13
N ALA E 91 19.36 2.19 -36.11
CA ALA E 91 18.31 2.49 -35.15
C ALA E 91 17.22 3.34 -35.81
N PRO E 92 15.97 3.25 -35.30
CA PRO E 92 14.89 4.03 -35.91
C PRO E 92 15.07 5.54 -35.79
N TRP E 93 14.17 6.30 -36.39
CA TRP E 93 14.29 7.75 -36.43
C TRP E 93 14.15 8.38 -35.05
N SER E 94 13.46 7.71 -34.12
CA SER E 94 13.24 8.29 -32.80
C SER E 94 14.57 8.51 -32.08
N TRP E 95 15.50 7.56 -32.20
CA TRP E 95 16.80 7.71 -31.56
C TRP E 95 17.55 8.90 -32.13
N LEU E 96 17.51 9.09 -33.45
CA LEU E 96 18.17 10.24 -34.06
C LEU E 96 17.53 11.55 -33.60
N LEU E 97 16.20 11.59 -33.51
CA LEU E 97 15.53 12.79 -33.03
C LEU E 97 15.92 13.10 -31.60
N VAL E 98 15.97 12.09 -30.74
CA VAL E 98 16.34 12.31 -29.34
C VAL E 98 17.79 12.74 -29.24
N GLY E 99 18.66 12.20 -30.10
CA GLY E 99 20.04 12.65 -30.11
C GLY E 99 20.17 14.10 -30.52
N TYR E 100 19.43 14.50 -31.56
CA TYR E 100 19.44 15.91 -31.96
C TYR E 100 18.95 16.79 -30.83
N GLY E 101 17.87 16.40 -30.17
CA GLY E 101 17.35 17.19 -29.06
C GLY E 101 18.35 17.29 -27.92
N ALA E 102 19.00 16.18 -27.57
CA ALA E 102 19.98 16.17 -26.50
C ALA E 102 21.15 17.09 -26.84
N ALA E 103 21.66 17.00 -28.07
CA ALA E 103 22.77 17.85 -28.47
C ALA E 103 22.37 19.33 -28.41
N GLY E 104 21.18 19.65 -28.92
CA GLY E 104 20.74 21.03 -28.90
C GLY E 104 20.55 21.57 -27.50
N LEU E 105 19.94 20.77 -26.61
CA LEU E 105 19.71 21.22 -25.25
C LEU E 105 21.02 21.39 -24.49
N SER E 106 21.97 20.47 -24.67
CA SER E 106 23.27 20.62 -24.05
C SER E 106 23.99 21.85 -24.59
N TRP E 107 23.88 22.11 -25.89
CA TRP E 107 24.50 23.29 -26.47
C TRP E 107 23.91 24.56 -25.89
N SER E 108 22.58 24.61 -25.73
CA SER E 108 21.95 25.80 -25.15
C SER E 108 22.37 25.98 -23.70
N LEU E 109 22.39 24.89 -22.93
CA LEU E 109 22.82 25.00 -21.53
C LEU E 109 24.25 25.48 -21.42
N TRP E 110 25.14 24.99 -22.29
CA TRP E 110 26.52 25.44 -22.25
C TRP E 110 26.66 26.87 -22.73
N ALA E 111 25.84 27.30 -23.67
CA ALA E 111 25.84 28.71 -24.06
C ALA E 111 25.45 29.58 -22.88
N VAL E 112 24.42 29.18 -22.13
CA VAL E 112 24.03 29.93 -20.95
C VAL E 112 25.14 29.90 -19.90
N LEU E 113 25.84 28.78 -19.79
CA LEU E 113 26.87 28.59 -18.78
C LEU E 113 28.24 29.10 -19.22
N SER E 114 28.38 29.55 -20.47
CA SER E 114 29.65 30.06 -20.96
C SER E 114 29.48 30.69 -22.34
N GLN E 125 33.02 36.36 -13.24
CA GLN E 125 32.91 35.71 -11.94
C GLN E 125 34.16 35.96 -11.09
N VAL E 126 35.28 36.25 -11.77
CA VAL E 126 36.55 36.38 -11.07
C VAL E 126 36.50 37.53 -10.08
N ASN E 127 35.83 38.62 -10.45
CA ASN E 127 35.73 39.76 -9.53
C ASN E 127 35.03 39.37 -8.24
N ASN E 128 33.94 38.62 -8.34
CA ASN E 128 33.25 38.15 -7.15
C ASN E 128 34.15 37.26 -6.32
N LYS E 129 34.92 36.37 -6.96
CA LYS E 129 35.80 35.49 -6.22
C LYS E 129 36.87 36.27 -5.47
N VAL E 130 37.46 37.27 -6.11
CA VAL E 130 38.52 38.03 -5.43
C VAL E 130 37.93 38.86 -4.30
N LEU E 131 36.74 39.42 -4.50
CA LEU E 131 36.11 40.17 -3.41
C LEU E 131 35.76 39.26 -2.25
N MET E 132 35.32 38.03 -2.53
CA MET E 132 35.03 37.07 -1.46
C MET E 132 36.32 36.68 -0.74
N TRP E 133 37.42 36.51 -1.46
CA TRP E 133 38.70 36.23 -0.83
C TRP E 133 39.12 37.39 0.07
N ARG E 134 38.89 38.62 -0.39
CA ARG E 134 39.19 39.79 0.44
C ARG E 134 38.33 39.78 1.71
N LEU E 135 37.06 39.41 1.57
CA LEU E 135 36.20 39.31 2.75
C LEU E 135 36.71 38.24 3.72
N LEU E 136 37.19 37.11 3.18
CA LEU E 136 37.76 36.08 4.04
C LEU E 136 39.02 36.59 4.75
N LYS E 137 39.85 37.35 4.04
CA LYS E 137 41.03 37.94 4.67
C LYS E 137 40.62 38.87 5.80
N LEU E 138 39.55 39.65 5.59
CA LEU E 138 39.07 40.56 6.62
C LEU E 138 38.45 39.80 7.79
N SER E 139 37.86 38.64 7.52
CA SER E 139 37.23 37.81 8.55
C SER E 139 38.22 36.90 9.26
N ARG E 140 39.46 36.82 8.79
CA ARG E 140 40.46 35.98 9.44
C ARG E 140 40.57 36.20 10.94
N PRO E 141 40.55 37.43 11.46
CA PRO E 141 40.69 37.60 12.92
C PRO E 141 39.63 36.92 13.74
N ASP E 142 38.49 36.56 13.14
CA ASP E 142 37.40 35.90 13.84
C ASP E 142 37.47 34.38 13.74
N LEU E 143 38.66 33.82 13.51
CA LEU E 143 38.75 32.37 13.29
C LEU E 143 38.29 31.56 14.50
N PRO E 144 38.68 31.89 15.73
CA PRO E 144 38.21 31.07 16.88
C PRO E 144 36.69 30.99 16.98
N LEU E 145 36.00 32.10 16.74
CA LEU E 145 34.55 32.09 16.79
C LEU E 145 33.97 31.16 15.72
N LEU E 146 34.55 31.18 14.53
CA LEU E 146 34.07 30.29 13.46
C LEU E 146 34.35 28.83 13.80
N VAL E 147 35.49 28.56 14.43
CA VAL E 147 35.79 27.19 14.86
C VAL E 147 34.74 26.71 15.85
N ALA E 148 34.43 27.56 16.85
CA ALA E 148 33.43 27.19 17.84
C ALA E 148 32.06 26.99 17.19
N ALA E 149 31.70 27.88 16.25
CA ALA E 149 30.41 27.75 15.57
C ALA E 149 30.33 26.46 14.78
N PHE E 150 31.40 26.09 14.09
CA PHE E 150 31.40 24.84 13.33
C PHE E 150 31.27 23.64 14.27
N PHE E 151 31.98 23.68 15.40
CA PHE E 151 31.89 22.60 16.38
C PHE E 151 30.45 22.44 16.89
N PHE E 152 29.83 23.55 17.25
CA PHE E 152 28.46 23.50 17.75
C PHE E 152 27.49 23.04 16.67
N LEU E 153 27.73 23.45 15.42
CA LEU E 153 26.89 23.01 14.31
C LEU E 153 26.97 21.49 14.15
N VAL E 154 28.19 20.95 14.21
CA VAL E 154 28.36 19.50 14.08
C VAL E 154 27.64 18.79 15.23
N LEU E 155 27.80 19.29 16.45
CA LEU E 155 27.11 18.67 17.58
C LEU E 155 25.60 18.70 17.40
N ALA E 156 25.06 19.83 16.93
CA ALA E 156 23.62 19.94 16.73
C ALA E 156 23.14 18.92 15.71
N VAL E 157 23.86 18.78 14.59
CA VAL E 157 23.45 17.80 13.59
C VAL E 157 23.49 16.39 14.17
N LEU E 158 24.54 16.08 14.93
CA LEU E 158 24.66 14.73 15.50
C LEU E 158 23.53 14.44 16.47
N GLY E 159 23.12 15.42 17.28
CA GLY E 159 21.99 15.20 18.16
C GLY E 159 20.67 15.08 17.43
N GLU E 160 20.47 15.89 16.39
CA GLU E 160 19.24 15.82 15.62
C GLU E 160 19.14 14.53 14.82
N THR E 161 20.25 13.85 14.57
CA THR E 161 20.16 12.52 13.98
C THR E 161 19.66 11.49 14.98
N LEU E 162 19.85 11.73 16.28
CA LEU E 162 19.43 10.77 17.30
C LEU E 162 18.01 11.00 17.79
N ILE E 163 17.52 12.24 17.76
CA ILE E 163 16.17 12.51 18.28
C ILE E 163 15.11 11.68 17.57
N PRO E 164 15.11 11.54 16.24
CA PRO E 164 13.97 10.87 15.57
C PRO E 164 13.72 9.45 16.02
N HIS E 165 14.76 8.70 16.40
CA HIS E 165 14.54 7.33 16.82
C HIS E 165 13.63 7.27 18.04
N TYR E 166 13.88 8.13 19.03
CA TYR E 166 13.08 8.12 20.24
C TYR E 166 11.72 8.77 20.03
N SER E 167 11.63 9.75 19.12
CA SER E 167 10.31 10.25 18.77
C SER E 167 9.46 9.12 18.18
N GLY E 168 10.03 8.34 17.27
CA GLY E 168 9.31 7.23 16.70
C GLY E 168 8.98 6.15 17.72
N ARG E 169 9.89 5.91 18.67
CA ARG E 169 9.58 4.96 19.74
C ARG E 169 8.38 5.42 20.55
N VAL E 170 8.32 6.70 20.89
CA VAL E 170 7.16 7.21 21.63
C VAL E 170 5.89 7.02 20.81
N ILE E 171 5.94 7.36 19.52
CA ILE E 171 4.75 7.23 18.69
C ILE E 171 4.30 5.78 18.61
N ASP E 172 5.25 4.86 18.43
CA ASP E 172 4.91 3.45 18.33
C ASP E 172 4.31 2.94 19.64
N ILE E 173 4.87 3.36 20.77
CA ILE E 173 4.33 2.92 22.05
C ILE E 173 2.91 3.43 22.23
N LEU E 174 2.67 4.70 21.88
CA LEU E 174 1.31 5.22 21.99
C LEU E 174 0.34 4.47 21.08
N GLY E 175 0.75 4.21 19.84
CA GLY E 175 -0.16 3.59 18.89
C GLY E 175 -0.51 2.16 19.25
N GLY E 176 0.47 1.39 19.72
CA GLY E 176 0.29 0.00 20.05
C GLY E 176 0.17 -0.23 21.55
N ASP E 177 0.65 -1.37 22.00
CA ASP E 177 0.63 -1.68 23.42
C ASP E 177 1.43 -0.64 24.19
N PHE E 178 0.84 -0.12 25.26
CA PHE E 178 1.43 0.96 26.04
C PHE E 178 2.18 0.37 27.23
N ASP E 179 3.51 0.39 27.17
CA ASP E 179 4.34 -0.03 28.28
C ASP E 179 4.88 1.21 28.98
N PRO E 180 4.49 1.50 30.23
CA PRO E 180 4.91 2.78 30.83
C PRO E 180 6.42 2.95 30.91
N HIS E 181 7.16 1.87 31.18
CA HIS E 181 8.60 2.00 31.33
C HIS E 181 9.26 2.40 30.01
N ALA E 182 8.86 1.75 28.91
CA ALA E 182 9.42 2.10 27.61
C ALA E 182 9.03 3.53 27.23
N PHE E 183 7.79 3.92 27.52
CA PHE E 183 7.35 5.28 27.23
C PHE E 183 8.19 6.30 27.97
N ALA E 184 8.43 6.06 29.26
CA ALA E 184 9.23 6.98 30.06
C ALA E 184 10.66 7.05 29.56
N SER E 185 11.26 5.90 29.24
CA SER E 185 12.63 5.90 28.76
C SER E 185 12.76 6.65 27.43
N ALA E 186 11.83 6.40 26.50
CA ALA E 186 11.87 7.09 25.23
C ALA E 186 11.69 8.59 25.41
N ILE E 187 10.77 8.99 26.28
CA ILE E 187 10.58 10.42 26.55
C ILE E 187 11.85 11.02 27.10
N PHE E 188 12.49 10.34 28.06
CA PHE E 188 13.70 10.86 28.68
C PHE E 188 14.80 11.06 27.66
N PHE E 189 15.03 10.06 26.80
CA PHE E 189 16.13 10.17 25.84
C PHE E 189 15.82 11.21 24.76
N MET E 190 14.58 11.27 24.30
CA MET E 190 14.19 12.31 23.36
C MET E 190 14.46 13.70 23.95
N CYS E 191 14.05 13.90 25.20
CA CYS E 191 14.26 15.19 25.85
C CYS E 191 15.75 15.49 26.01
N LEU E 192 16.53 14.49 26.39
CA LEU E 192 17.96 14.71 26.60
C LEU E 192 18.63 15.16 25.32
N PHE E 193 18.36 14.44 24.22
CA PHE E 193 19.03 14.78 22.96
C PHE E 193 18.52 16.12 22.41
N SER E 194 17.22 16.40 22.58
CA SER E 194 16.71 17.69 22.17
C SER E 194 17.37 18.81 22.96
N PHE E 195 17.54 18.61 24.26
CA PHE E 195 18.19 19.62 25.11
C PHE E 195 19.62 19.88 24.63
N GLY E 196 20.39 18.83 24.42
CA GLY E 196 21.76 19.01 23.96
C GLY E 196 21.84 19.72 22.62
N SER E 197 21.00 19.27 21.67
CA SER E 197 21.01 19.88 20.34
C SER E 197 20.61 21.35 20.40
N SER E 198 19.62 21.68 21.21
CA SER E 198 19.18 23.07 21.34
C SER E 198 20.29 23.94 21.95
N LEU E 199 20.98 23.43 22.96
CA LEU E 199 22.09 24.18 23.54
C LEU E 199 23.16 24.46 22.49
N SER E 200 23.53 23.43 21.72
CA SER E 200 24.55 23.61 20.70
C SER E 200 24.09 24.58 19.62
N ALA E 201 22.82 24.50 19.21
CA ALA E 201 22.30 25.40 18.20
C ALA E 201 22.32 26.85 18.67
N GLY E 202 21.93 27.09 19.92
CA GLY E 202 21.98 28.43 20.44
C GLY E 202 23.39 28.99 20.48
N CYS E 203 24.35 28.19 20.95
CA CYS E 203 25.74 28.64 20.96
C CYS E 203 26.23 28.95 19.55
N ARG E 204 25.90 28.09 18.59
CA ARG E 204 26.28 28.30 17.20
C ARG E 204 25.72 29.61 16.66
N GLY E 205 24.43 29.85 16.90
CA GLY E 205 23.82 31.08 16.40
C GLY E 205 24.42 32.31 17.02
N GLY E 206 24.67 32.28 18.33
CA GLY E 206 25.31 33.41 18.98
C GLY E 206 26.69 33.70 18.41
N CYS E 207 27.48 32.64 18.20
CA CYS E 207 28.82 32.82 17.64
C CYS E 207 28.75 33.42 16.25
N PHE E 208 27.85 32.92 15.41
CA PHE E 208 27.74 33.47 14.06
C PHE E 208 27.32 34.93 14.08
N THR E 209 26.35 35.28 14.94
CA THR E 209 25.89 36.66 15.01
C THR E 209 27.02 37.58 15.44
N TYR E 210 27.78 37.18 16.47
CA TYR E 210 28.87 38.03 16.94
C TYR E 210 29.96 38.16 15.88
N THR E 211 30.23 37.08 15.14
CA THR E 211 31.20 37.17 14.05
C THR E 211 30.74 38.17 13.00
N MET E 212 29.47 38.14 12.64
CA MET E 212 28.94 39.08 11.67
C MET E 212 29.12 40.52 12.16
N SER E 213 28.78 40.77 13.42
CA SER E 213 28.90 42.12 13.96
C SER E 213 30.34 42.60 13.95
N ARG E 214 31.28 41.72 14.36
CA ARG E 214 32.69 42.10 14.36
C ARG E 214 33.17 42.39 12.95
N ILE E 215 32.77 41.58 11.98
CA ILE E 215 33.16 41.83 10.59
C ILE E 215 32.63 43.17 10.12
N ASN E 216 31.38 43.50 10.47
CA ASN E 216 30.81 44.77 10.06
C ASN E 216 31.60 45.94 10.61
N LEU E 217 31.90 45.90 11.92
CA LEU E 217 32.64 47.00 12.53
C LEU E 217 34.04 47.10 11.95
N ARG E 218 34.68 45.96 11.67
CA ARG E 218 36.00 45.98 11.05
C ARG E 218 35.95 46.63 9.67
N ILE E 219 34.94 46.28 8.87
CA ILE E 219 34.78 46.88 7.55
C ILE E 219 34.64 48.39 7.69
N ARG E 220 33.78 48.84 8.60
CA ARG E 220 33.56 50.28 8.74
C ARG E 220 34.86 50.99 9.13
N GLU E 221 35.59 50.43 10.09
CA GLU E 221 36.81 51.07 10.54
C GLU E 221 37.83 51.14 9.40
N GLN E 222 38.00 50.05 8.65
CA GLN E 222 39.00 50.05 7.59
C GLN E 222 38.62 51.01 6.47
N LEU E 223 37.34 51.05 6.10
CA LEU E 223 36.92 51.98 5.05
C LEU E 223 37.14 53.42 5.47
N PHE E 224 36.79 53.76 6.71
CA PHE E 224 36.98 55.14 7.17
C PHE E 224 38.45 55.51 7.22
N SER E 225 39.30 54.61 7.74
CA SER E 225 40.72 54.90 7.83
C SER E 225 41.34 55.00 6.44
N SER E 226 40.81 54.26 5.46
CA SER E 226 41.29 54.39 4.09
C SER E 226 40.86 55.71 3.47
N LEU E 227 39.61 56.11 3.70
CA LEU E 227 39.14 57.39 3.17
C LEU E 227 39.95 58.55 3.72
N LEU E 228 40.30 58.49 5.00
CA LEU E 228 41.06 59.58 5.60
C LEU E 228 42.42 59.78 4.92
N ARG E 229 42.94 58.77 4.22
CA ARG E 229 44.25 58.86 3.59
C ARG E 229 44.21 59.38 2.16
N GLN E 230 43.03 59.56 1.58
CA GLN E 230 42.95 59.93 0.18
C GLN E 230 43.40 61.37 -0.04
N ASP E 231 43.75 61.67 -1.29
CA ASP E 231 44.09 63.04 -1.66
C ASP E 231 42.82 63.89 -1.72
N LEU E 232 43.03 65.21 -1.76
CA LEU E 232 41.90 66.13 -1.69
C LEU E 232 41.09 66.16 -2.98
N GLY E 233 41.69 65.82 -4.12
CA GLY E 233 40.91 65.67 -5.33
C GLY E 233 39.86 64.60 -5.22
N PHE E 234 40.14 63.54 -4.44
CA PHE E 234 39.15 62.51 -4.22
C PHE E 234 37.91 63.07 -3.55
N PHE E 235 38.09 63.98 -2.59
CA PHE E 235 36.96 64.59 -1.93
C PHE E 235 36.33 65.71 -2.75
N GLN E 236 37.07 66.27 -3.70
CA GLN E 236 36.47 67.20 -4.64
C GLN E 236 35.56 66.48 -5.63
N GLU E 237 35.94 65.27 -6.02
CA GLU E 237 35.20 64.51 -7.03
C GLU E 237 34.07 63.67 -6.44
N THR E 238 33.97 63.57 -5.12
CA THR E 238 32.93 62.80 -4.46
C THR E 238 32.08 63.71 -3.59
N LYS E 239 31.03 63.13 -3.00
CA LYS E 239 30.11 63.85 -2.14
C LYS E 239 30.07 63.17 -0.78
N THR E 240 29.98 63.99 0.28
CA THR E 240 30.07 63.46 1.63
C THR E 240 28.89 62.56 1.98
N GLY E 241 27.69 62.97 1.58
CA GLY E 241 26.53 62.16 1.88
C GLY E 241 26.60 60.78 1.24
N GLU E 242 27.14 60.72 0.03
CA GLU E 242 27.27 59.43 -0.64
C GLU E 242 28.34 58.56 0.03
N LEU E 243 29.44 59.18 0.47
CA LEU E 243 30.44 58.42 1.21
C LEU E 243 29.85 57.85 2.49
N ASN E 244 29.07 58.66 3.21
CA ASN E 244 28.43 58.17 4.43
C ASN E 244 27.43 57.06 4.12
N SER E 245 26.71 57.19 3.01
CA SER E 245 25.79 56.13 2.61
C SER E 245 26.53 54.84 2.35
N ARG E 246 27.66 54.90 1.65
CA ARG E 246 28.49 53.71 1.47
C ARG E 246 28.86 53.13 2.83
N LEU E 247 29.47 53.97 3.69
CA LEU E 247 30.02 53.54 4.96
C LEU E 247 28.97 52.97 5.90
N SER E 248 27.70 53.32 5.71
CA SER E 248 26.65 52.86 6.59
C SER E 248 25.69 51.85 5.97
N SER E 249 25.77 51.61 4.66
CA SER E 249 24.87 50.65 4.03
C SER E 249 25.59 49.54 3.28
N ASP E 250 26.64 49.87 2.52
CA ASP E 250 27.33 48.83 1.79
C ASP E 250 28.08 47.91 2.75
N THR E 251 28.59 48.47 3.85
CA THR E 251 29.21 47.65 4.88
C THR E 251 28.19 46.70 5.49
N THR E 252 26.95 47.16 5.70
CA THR E 252 25.90 46.27 6.18
C THR E 252 25.64 45.17 5.18
N LEU E 253 25.60 45.50 3.89
CA LEU E 253 25.37 44.48 2.87
C LEU E 253 26.48 43.44 2.86
N MET E 254 27.74 43.88 2.99
CA MET E 254 28.86 42.93 2.93
C MET E 254 28.75 41.85 3.99
N SER E 255 28.20 42.18 5.17
CA SER E 255 27.99 41.21 6.24
C SER E 255 26.53 41.32 6.66
N ASN E 256 25.66 40.63 5.92
CA ASN E 256 24.24 40.63 6.21
C ASN E 256 23.64 39.23 6.16
N TRP E 257 24.45 38.20 5.93
CA TRP E 257 23.96 36.87 5.63
C TRP E 257 24.69 35.76 6.38
N LEU E 258 25.80 36.04 7.06
CA LEU E 258 26.58 34.98 7.67
C LEU E 258 25.74 34.10 8.59
N PRO E 259 24.96 34.63 9.54
CA PRO E 259 24.30 33.75 10.51
C PRO E 259 23.41 32.69 9.88
N LEU E 260 22.70 33.03 8.80
CA LEU E 260 21.76 32.09 8.18
C LEU E 260 22.41 31.32 7.04
N ASN E 261 23.02 32.05 6.10
CA ASN E 261 23.62 31.41 4.93
C ASN E 261 24.74 30.46 5.32
N ALA E 262 25.61 30.87 6.25
CA ALA E 262 26.70 29.99 6.64
C ALA E 262 26.17 28.71 7.27
N ASN E 263 25.19 28.83 8.16
CA ASN E 263 24.60 27.67 8.80
C ASN E 263 24.00 26.72 7.76
N VAL E 264 23.21 27.27 6.83
CA VAL E 264 22.54 26.43 5.84
C VAL E 264 23.57 25.74 4.95
N LEU E 265 24.56 26.50 4.48
CA LEU E 265 25.60 25.93 3.63
C LEU E 265 26.31 24.78 4.34
N LEU E 266 26.69 24.99 5.59
CA LEU E 266 27.48 23.97 6.29
C LEU E 266 26.63 22.72 6.56
N ARG E 267 25.37 22.89 6.94
CA ARG E 267 24.50 21.72 7.12
C ARG E 267 24.40 20.93 5.83
N SER E 268 24.10 21.61 4.72
CA SER E 268 23.94 20.91 3.45
C SER E 268 25.23 20.22 3.04
N LEU E 269 26.37 20.87 3.25
CA LEU E 269 27.64 20.24 2.92
C LEU E 269 27.85 18.98 3.75
N VAL E 270 27.51 19.03 5.03
CA VAL E 270 27.69 17.84 5.88
C VAL E 270 26.82 16.70 5.37
N LYS E 271 25.61 17.00 4.90
CA LYS E 271 24.65 15.93 4.60
C LYS E 271 24.76 15.35 3.19
N VAL E 272 25.19 16.15 2.21
CA VAL E 272 25.08 15.72 0.81
C VAL E 272 25.94 14.49 0.55
N VAL E 273 27.15 14.45 1.11
CA VAL E 273 28.05 13.34 0.82
C VAL E 273 27.43 12.03 1.28
N GLY E 274 26.92 12.01 2.50
CA GLY E 274 26.30 10.79 3.02
C GLY E 274 25.07 10.39 2.24
N LEU E 275 24.24 11.36 1.86
CA LEU E 275 23.04 11.00 1.09
C LEU E 275 23.42 10.41 -0.26
N TYR E 276 24.42 10.98 -0.93
CA TYR E 276 24.86 10.44 -2.20
C TYR E 276 25.43 9.04 -2.03
N GLY E 277 26.19 8.81 -0.95
CA GLY E 277 26.67 7.46 -0.68
C GLY E 277 25.53 6.47 -0.52
N PHE E 278 24.50 6.85 0.23
CA PHE E 278 23.36 5.95 0.44
C PHE E 278 22.67 5.63 -0.88
N MET E 279 22.39 6.65 -1.69
CA MET E 279 21.66 6.41 -2.91
C MET E 279 22.51 5.70 -3.96
N LEU E 280 23.84 5.79 -3.85
CA LEU E 280 24.70 4.91 -4.64
C LEU E 280 24.59 3.47 -4.15
N SER E 281 24.53 3.28 -2.83
CA SER E 281 24.37 1.94 -2.29
C SER E 281 23.10 1.29 -2.78
N ILE E 282 22.02 2.07 -2.92
CA ILE E 282 20.76 1.49 -3.37
C ILE E 282 20.78 1.23 -4.86
N SER E 283 21.07 2.25 -5.67
CA SER E 283 20.98 2.11 -7.13
C SER E 283 21.88 3.11 -7.84
N PRO E 284 23.09 2.71 -8.25
CA PRO E 284 23.94 3.63 -9.02
C PRO E 284 23.32 4.11 -10.31
N ARG E 285 22.50 3.28 -10.96
CA ARG E 285 21.85 3.67 -12.21
C ARG E 285 20.95 4.88 -12.00
N LEU E 286 20.03 4.78 -11.04
CA LEU E 286 19.16 5.91 -10.74
C LEU E 286 19.94 7.09 -10.16
N THR E 287 21.05 6.81 -9.48
CA THR E 287 21.88 7.89 -8.95
C THR E 287 22.47 8.72 -10.08
N LEU E 288 23.01 8.06 -11.11
CA LEU E 288 23.49 8.78 -12.28
C LEU E 288 22.34 9.49 -12.97
N LEU E 289 21.17 8.86 -13.02
CA LEU E 289 20.01 9.53 -13.64
C LEU E 289 19.65 10.81 -12.89
N SER E 290 19.79 10.80 -11.58
CA SER E 290 19.36 11.94 -10.75
C SER E 290 20.18 13.19 -11.00
N LEU E 291 21.32 13.11 -11.66
CA LEU E 291 22.14 14.29 -11.94
C LEU E 291 21.55 15.14 -13.07
N LEU E 292 20.34 14.83 -13.55
CA LEU E 292 19.72 15.61 -14.61
C LEU E 292 19.47 17.05 -14.19
N HIS E 293 19.28 17.30 -12.89
CA HIS E 293 18.87 18.62 -12.44
C HIS E 293 20.02 19.63 -12.42
N MET E 294 21.26 19.15 -12.24
CA MET E 294 22.36 20.09 -11.99
C MET E 294 22.55 21.09 -13.12
N PRO E 295 22.59 20.70 -14.40
CA PRO E 295 22.76 21.71 -15.46
C PRO E 295 21.75 22.84 -15.40
N PHE E 296 20.46 22.51 -15.32
CA PHE E 296 19.43 23.53 -15.30
C PHE E 296 19.55 24.40 -14.06
N THR E 297 19.81 23.78 -12.90
CA THR E 297 19.98 24.53 -11.67
C THR E 297 21.09 25.56 -11.81
N ILE E 298 22.24 25.13 -12.32
CA ILE E 298 23.39 26.03 -12.39
C ILE E 298 23.15 27.13 -13.41
N ALA E 299 22.54 26.80 -14.55
CA ALA E 299 22.27 27.83 -15.55
C ALA E 299 21.31 28.89 -15.03
N ALA E 300 20.21 28.45 -14.39
CA ALA E 300 19.25 29.38 -13.84
C ALA E 300 19.90 30.25 -12.77
N GLU E 301 20.72 29.63 -11.90
CA GLU E 301 21.40 30.41 -10.89
C GLU E 301 22.31 31.46 -11.51
N LYS E 302 23.02 31.11 -12.57
CA LYS E 302 23.92 32.07 -13.21
C LYS E 302 23.16 33.27 -13.75
N VAL E 303 22.08 33.00 -14.49
CA VAL E 303 21.30 34.11 -15.05
C VAL E 303 20.77 35.01 -13.94
N TYR E 304 20.13 34.40 -12.93
CA TYR E 304 19.54 35.17 -11.86
C TYR E 304 20.59 35.94 -11.08
N ASN E 305 21.77 35.35 -10.87
CA ASN E 305 22.80 36.01 -10.09
C ASN E 305 23.33 37.22 -10.84
N THR E 306 23.52 37.12 -12.14
CA THR E 306 23.92 38.28 -12.92
C THR E 306 22.93 39.41 -12.73
N ARG E 307 21.64 39.12 -12.96
CA ARG E 307 20.63 40.17 -12.83
C ARG E 307 20.60 40.74 -11.41
N HIS E 308 20.70 39.87 -10.42
CA HIS E 308 20.61 40.27 -9.02
C HIS E 308 21.76 41.20 -8.64
N GLN E 309 22.99 40.86 -9.04
CA GLN E 309 24.12 41.71 -8.71
C GLN E 309 23.98 43.07 -9.36
N GLU E 310 23.56 43.11 -10.63
CA GLU E 310 23.37 44.40 -11.29
C GLU E 310 22.37 45.26 -10.53
N VAL E 311 21.22 44.68 -10.18
CA VAL E 311 20.19 45.48 -9.53
C VAL E 311 20.63 45.91 -8.14
N LEU E 312 21.39 45.07 -7.43
CA LEU E 312 21.88 45.47 -6.10
C LEU E 312 22.82 46.67 -6.19
N ARG E 313 23.73 46.66 -7.17
CA ARG E 313 24.61 47.81 -7.33
C ARG E 313 23.81 49.07 -7.64
N GLU E 314 22.82 48.97 -8.53
CA GLU E 314 22.00 50.14 -8.84
C GLU E 314 21.25 50.63 -7.60
N ILE E 315 20.76 49.70 -6.78
CA ILE E 315 20.05 50.08 -5.56
C ILE E 315 20.96 50.86 -4.63
N GLN E 316 22.20 50.40 -4.46
CA GLN E 316 23.11 51.11 -3.57
C GLN E 316 23.41 52.51 -4.10
N ASP E 317 23.57 52.64 -5.42
CA ASP E 317 23.81 53.96 -5.99
C ASP E 317 22.63 54.90 -5.70
N ALA E 318 21.40 54.41 -5.89
CA ALA E 318 20.23 55.25 -5.64
C ALA E 318 20.13 55.63 -4.17
N VAL E 319 20.43 54.70 -3.28
CA VAL E 319 20.41 55.00 -1.85
C VAL E 319 21.42 56.09 -1.54
N ALA E 320 22.60 56.03 -2.15
CA ALA E 320 23.60 57.07 -1.95
C ALA E 320 23.09 58.42 -2.42
N ARG E 321 22.41 58.47 -3.57
CA ARG E 321 21.88 59.74 -4.05
C ARG E 321 20.85 60.31 -3.08
N ALA E 322 19.94 59.47 -2.58
CA ALA E 322 18.95 59.96 -1.62
C ALA E 322 19.62 60.44 -0.33
N GLY E 323 20.63 59.71 0.14
CA GLY E 323 21.37 60.15 1.31
C GLY E 323 22.03 61.49 1.09
N GLN E 324 22.53 61.74 -0.12
CA GLN E 324 23.10 63.05 -0.42
C GLN E 324 22.05 64.14 -0.40
N VAL E 325 20.84 63.83 -0.88
CA VAL E 325 19.76 64.81 -0.81
C VAL E 325 19.52 65.20 0.64
N VAL E 326 19.40 64.21 1.53
CA VAL E 326 19.17 64.49 2.94
C VAL E 326 20.36 65.26 3.53
N ARG E 327 21.57 64.87 3.16
CA ARG E 327 22.77 65.54 3.67
C ARG E 327 22.75 67.02 3.34
N GLU E 328 22.49 67.36 2.08
CA GLU E 328 22.45 68.77 1.69
C GLU E 328 21.30 69.50 2.36
N ALA E 329 20.13 68.87 2.46
CA ALA E 329 18.99 69.56 3.04
C ALA E 329 19.19 69.87 4.52
N VAL E 330 19.77 68.92 5.26
CA VAL E 330 19.90 69.12 6.71
C VAL E 330 21.14 69.96 7.03
N GLY E 331 22.23 69.78 6.28
CA GLY E 331 23.44 70.54 6.57
C GLY E 331 23.24 72.03 6.36
N GLY E 332 22.52 72.41 5.31
CA GLY E 332 22.27 73.81 5.01
C GLY E 332 20.86 74.23 5.39
N LEU E 333 20.41 73.79 6.58
CA LEU E 333 19.02 73.99 6.96
C LEU E 333 18.66 75.47 7.00
N GLN E 334 19.53 76.31 7.56
CA GLN E 334 19.20 77.72 7.72
C GLN E 334 19.14 78.44 6.38
N THR E 335 19.74 77.86 5.34
CA THR E 335 19.69 78.49 4.03
C THR E 335 18.45 78.03 3.25
N VAL E 336 18.07 76.77 3.40
CA VAL E 336 16.84 76.30 2.77
C VAL E 336 15.63 76.94 3.44
N ARG E 337 15.69 77.14 4.76
CA ARG E 337 14.57 77.74 5.47
C ARG E 337 14.46 79.23 5.24
N SER E 338 15.54 79.89 4.82
CA SER E 338 15.50 81.32 4.54
C SER E 338 15.04 81.62 3.11
N PHE E 339 14.79 80.59 2.31
CA PHE E 339 14.18 80.75 0.99
C PHE E 339 12.83 80.04 0.91
N GLY E 340 12.34 79.49 2.01
CA GLY E 340 11.08 78.77 2.01
C GLY E 340 11.11 77.59 1.06
N ALA E 341 12.17 76.80 1.10
CA ALA E 341 12.41 75.74 0.15
C ALA E 341 12.49 74.37 0.81
N GLU E 342 11.77 74.17 1.92
CA GLU E 342 11.72 72.84 2.52
C GLU E 342 10.87 71.90 1.68
N GLU E 343 9.75 72.40 1.14
CA GLU E 343 8.90 71.55 0.31
C GLU E 343 9.65 71.08 -0.93
N HIS E 344 10.49 71.94 -1.49
CA HIS E 344 11.30 71.55 -2.64
C HIS E 344 12.24 70.40 -2.28
N GLU E 345 12.90 70.50 -1.11
CA GLU E 345 13.79 69.43 -0.68
C GLU E 345 13.02 68.13 -0.46
N VAL E 346 11.82 68.22 0.12
CA VAL E 346 11.03 67.03 0.36
C VAL E 346 10.62 66.39 -0.97
N CYS E 347 10.28 67.22 -1.96
CA CYS E 347 9.95 66.68 -3.28
C CYS E 347 11.16 65.98 -3.91
N ARG E 348 12.35 66.58 -3.80
CA ARG E 348 13.54 65.94 -4.33
C ARG E 348 13.79 64.60 -3.65
N TYR E 349 13.65 64.57 -2.33
CA TYR E 349 13.87 63.32 -1.60
C TYR E 349 12.84 62.26 -2.01
N LYS E 350 11.60 62.68 -2.22
CA LYS E 350 10.56 61.74 -2.62
C LYS E 350 10.84 61.19 -4.02
N GLU E 351 11.37 62.01 -4.92
CA GLU E 351 11.76 61.50 -6.23
C GLU E 351 12.88 60.46 -6.12
N ALA E 352 13.89 60.75 -5.29
CA ALA E 352 14.96 59.77 -5.08
C ALA E 352 14.41 58.48 -4.49
N LEU E 353 13.50 58.59 -3.52
CA LEU E 353 12.90 57.41 -2.91
C LEU E 353 12.06 56.64 -3.91
N GLU E 354 11.42 57.32 -4.86
CA GLU E 354 10.68 56.62 -5.90
C GLU E 354 11.61 55.81 -6.78
N GLN E 355 12.77 56.38 -7.14
CA GLN E 355 13.74 55.61 -7.91
C GLN E 355 14.19 54.38 -7.14
N CYS E 356 14.50 54.57 -5.85
CA CYS E 356 14.90 53.44 -5.02
C CYS E 356 13.81 52.39 -4.94
N ARG E 357 12.55 52.83 -4.82
CA ARG E 357 11.43 51.89 -4.73
C ARG E 357 11.29 51.08 -6.00
N GLN E 358 11.43 51.72 -7.16
CA GLN E 358 11.33 50.99 -8.41
C GLN E 358 12.45 49.96 -8.53
N LEU E 359 13.67 50.32 -8.11
CA LEU E 359 14.76 49.35 -8.13
C LEU E 359 14.47 48.17 -7.20
N TYR E 360 13.96 48.47 -6.00
CA TYR E 360 13.58 47.40 -5.07
C TYR E 360 12.53 46.48 -5.69
N TRP E 361 11.55 47.06 -6.35
CA TRP E 361 10.50 46.25 -6.97
C TRP E 361 11.07 45.36 -8.06
N ARG E 362 11.98 45.87 -8.87
CA ARG E 362 12.60 45.03 -9.89
C ARG E 362 13.33 43.87 -9.25
N ARG E 363 14.09 44.15 -8.19
CA ARG E 363 14.82 43.08 -7.50
C ARG E 363 13.87 42.01 -6.98
N ASP E 364 12.82 42.42 -6.28
CA ASP E 364 11.90 41.46 -5.68
C ASP E 364 11.15 40.66 -6.73
N LEU E 365 10.69 41.32 -7.80
CA LEU E 365 9.98 40.61 -8.85
C LEU E 365 10.86 39.56 -9.50
N GLU E 366 12.11 39.91 -9.80
CA GLU E 366 13.01 38.94 -10.41
C GLU E 366 13.27 37.77 -9.48
N ARG E 367 13.45 38.04 -8.17
CA ARG E 367 13.68 36.95 -7.24
C ARG E 367 12.47 36.02 -7.14
N ALA E 368 11.26 36.59 -7.11
CA ALA E 368 10.07 35.77 -7.05
C ALA E 368 9.93 34.90 -8.30
N LEU E 369 10.20 35.49 -9.47
CA LEU E 369 10.12 34.72 -10.70
C LEU E 369 11.14 33.58 -10.71
N TYR E 370 12.35 33.84 -10.20
CA TYR E 370 13.36 32.79 -10.13
C TYR E 370 12.92 31.66 -9.20
N LEU E 371 12.34 32.01 -8.05
CA LEU E 371 11.87 30.97 -7.14
C LEU E 371 10.77 30.13 -7.78
N LEU E 372 9.85 30.78 -8.49
CA LEU E 372 8.82 30.04 -9.21
C LEU E 372 9.43 29.10 -10.24
N VAL E 373 10.42 29.59 -10.99
CA VAL E 373 11.04 28.78 -12.02
C VAL E 373 11.71 27.55 -11.41
N ARG E 374 12.41 27.73 -10.28
CA ARG E 374 13.12 26.59 -9.71
C ARG E 374 12.17 25.62 -9.03
N ARG E 375 11.04 26.11 -8.51
CA ARG E 375 10.01 25.19 -8.02
C ARG E 375 9.46 24.34 -9.15
N VAL E 376 9.20 24.95 -10.30
CA VAL E 376 8.72 24.19 -11.46
C VAL E 376 9.75 23.17 -11.90
N LEU E 377 11.03 23.57 -11.95
CA LEU E 377 12.09 22.63 -12.30
C LEU E 377 12.11 21.45 -11.35
N HIS E 378 12.02 21.73 -10.04
CA HIS E 378 12.04 20.65 -9.05
C HIS E 378 10.89 19.69 -9.26
N LEU E 379 9.68 20.22 -9.45
CA LEU E 379 8.53 19.35 -9.66
C LEU E 379 8.71 18.48 -10.90
N GLY E 380 9.18 19.08 -12.00
CA GLY E 380 9.35 18.32 -13.22
C GLY E 380 10.39 17.22 -13.09
N VAL E 381 11.53 17.54 -12.47
CA VAL E 381 12.59 16.54 -12.35
C VAL E 381 12.15 15.42 -11.41
N GLN E 382 11.40 15.76 -10.34
CA GLN E 382 10.91 14.71 -9.47
C GLN E 382 9.91 13.81 -10.18
N MET E 383 9.05 14.39 -11.02
CA MET E 383 8.14 13.56 -11.81
C MET E 383 8.92 12.63 -12.74
N LEU E 384 9.96 13.16 -13.39
CA LEU E 384 10.76 12.34 -14.30
C LEU E 384 11.42 11.20 -13.55
N MET E 385 12.01 11.49 -12.39
CA MET E 385 12.67 10.45 -11.61
C MET E 385 11.66 9.40 -11.14
N LEU E 386 10.47 9.83 -10.70
CA LEU E 386 9.47 8.88 -10.27
C LEU E 386 9.04 7.97 -11.42
N SER E 387 8.87 8.54 -12.62
CA SER E 387 8.50 7.73 -13.77
C SER E 387 9.58 6.69 -14.08
N CYS E 388 10.84 7.12 -14.09
CA CYS E 388 11.92 6.20 -14.41
C CYS E 388 12.03 5.09 -13.35
N GLY E 389 11.91 5.45 -12.08
CA GLY E 389 11.96 4.46 -11.03
C GLY E 389 10.79 3.48 -11.09
N LEU E 390 9.60 3.98 -11.44
CA LEU E 390 8.46 3.09 -11.59
C LEU E 390 8.68 2.12 -12.74
N GLN E 391 9.24 2.60 -13.85
CA GLN E 391 9.54 1.69 -14.95
C GLN E 391 10.54 0.62 -14.52
N GLN E 392 11.59 1.02 -13.80
CA GLN E 392 12.56 0.04 -13.32
C GLN E 392 11.90 -0.98 -12.39
N MET E 393 11.06 -0.51 -11.48
CA MET E 393 10.41 -1.42 -10.53
C MET E 393 9.48 -2.39 -11.26
N GLN E 394 8.75 -1.91 -12.26
CA GLN E 394 7.93 -2.81 -13.07
C GLN E 394 8.80 -3.84 -13.77
N ASP E 395 9.93 -3.42 -14.32
CA ASP E 395 10.85 -4.36 -14.95
C ASP E 395 11.47 -5.33 -13.96
N GLY E 396 11.37 -5.07 -12.67
CA GLY E 396 11.90 -5.95 -11.64
C GLY E 396 13.29 -5.61 -11.17
N GLU E 397 13.87 -4.50 -11.64
CA GLU E 397 15.25 -4.17 -11.27
C GLU E 397 15.37 -3.89 -9.77
N LEU E 398 14.41 -3.19 -9.19
CA LEU E 398 14.44 -2.87 -7.77
C LEU E 398 13.04 -2.98 -7.19
N THR E 399 12.99 -3.21 -5.89
CA THR E 399 11.74 -3.44 -5.17
C THR E 399 11.12 -2.11 -4.72
N GLN E 400 9.91 -2.21 -4.16
CA GLN E 400 9.17 -1.02 -3.75
C GLN E 400 9.93 -0.25 -2.67
N GLY E 401 10.43 -0.96 -1.65
CA GLY E 401 11.12 -0.27 -0.58
C GLY E 401 12.37 0.43 -1.05
N SER E 402 13.14 -0.21 -1.93
CA SER E 402 14.32 0.42 -2.49
C SER E 402 13.94 1.67 -3.28
N LEU E 403 12.85 1.60 -4.05
CA LEU E 403 12.43 2.76 -4.82
C LEU E 403 12.05 3.92 -3.91
N LEU E 404 11.29 3.64 -2.83
CA LEU E 404 10.90 4.71 -1.93
C LEU E 404 12.13 5.31 -1.23
N SER E 405 13.04 4.47 -0.76
CA SER E 405 14.23 4.97 -0.10
C SER E 405 15.05 5.83 -1.04
N PHE E 406 15.23 5.37 -2.28
CA PHE E 406 16.00 6.14 -3.24
C PHE E 406 15.31 7.47 -3.57
N MET E 407 13.98 7.47 -3.71
CA MET E 407 13.29 8.72 -3.98
C MET E 407 13.49 9.70 -2.83
N ILE E 408 13.38 9.23 -1.59
CA ILE E 408 13.60 10.11 -0.46
C ILE E 408 15.01 10.69 -0.50
N TYR E 409 16.02 9.82 -0.67
CA TYR E 409 17.40 10.29 -0.66
C TYR E 409 17.67 11.25 -1.81
N GLN E 410 17.16 10.94 -3.00
CA GLN E 410 17.47 11.75 -4.18
C GLN E 410 16.78 13.10 -4.10
N GLU E 411 15.54 13.15 -3.60
CA GLU E 411 14.89 14.43 -3.41
C GLU E 411 15.62 15.26 -2.36
N SER E 412 16.09 14.61 -1.29
CA SER E 412 16.84 15.34 -0.26
C SER E 412 18.11 15.94 -0.84
N VAL E 413 18.86 15.17 -1.63
CA VAL E 413 20.10 15.70 -2.20
C VAL E 413 19.80 16.80 -3.22
N GLY E 414 18.71 16.65 -3.99
CA GLY E 414 18.33 17.71 -4.90
C GLY E 414 18.06 19.01 -4.16
N SER E 415 17.30 18.93 -3.07
CA SER E 415 17.04 20.12 -2.27
C SER E 415 18.33 20.70 -1.71
N TYR E 416 19.21 19.84 -1.20
CA TYR E 416 20.46 20.32 -0.61
C TYR E 416 21.33 21.01 -1.65
N VAL E 417 21.42 20.44 -2.86
CA VAL E 417 22.26 21.02 -3.88
C VAL E 417 21.68 22.35 -4.38
N GLN E 418 20.36 22.41 -4.55
CA GLN E 418 19.74 23.66 -4.93
C GLN E 418 19.98 24.73 -3.88
N THR E 419 19.84 24.36 -2.60
CA THR E 419 20.09 25.32 -1.53
C THR E 419 21.55 25.77 -1.53
N LEU E 420 22.49 24.85 -1.70
CA LEU E 420 23.90 25.22 -1.75
C LEU E 420 24.15 26.22 -2.86
N VAL E 421 23.68 25.91 -4.07
CA VAL E 421 23.92 26.79 -5.22
C VAL E 421 23.32 28.16 -4.96
N TYR E 422 22.06 28.20 -4.51
CA TYR E 422 21.38 29.47 -4.31
C TYR E 422 22.07 30.31 -3.23
N ILE E 423 22.43 29.69 -2.11
CA ILE E 423 23.02 30.44 -1.01
C ILE E 423 24.41 30.95 -1.40
N TYR E 424 25.20 30.13 -2.09
CA TYR E 424 26.51 30.58 -2.54
C TYR E 424 26.38 31.75 -3.50
N GLY E 425 25.45 31.67 -4.45
CA GLY E 425 25.23 32.79 -5.35
C GLY E 425 24.75 34.03 -4.63
N ASP E 426 23.91 33.85 -3.61
CA ASP E 426 23.41 34.99 -2.84
C ASP E 426 24.54 35.68 -2.08
N MET E 427 25.42 34.89 -1.46
CA MET E 427 26.56 35.48 -0.77
C MET E 427 27.45 36.22 -1.75
N LEU E 428 27.71 35.64 -2.92
CA LEU E 428 28.54 36.31 -3.91
C LEU E 428 27.90 37.61 -4.37
N SER E 429 26.59 37.60 -4.60
CA SER E 429 25.91 38.82 -5.03
C SER E 429 25.98 39.89 -3.97
N ASN E 430 25.75 39.53 -2.71
CA ASN E 430 25.78 40.52 -1.63
C ASN E 430 27.18 41.10 -1.46
N VAL E 431 28.21 40.26 -1.58
CA VAL E 431 29.58 40.76 -1.42
C VAL E 431 29.96 41.64 -2.61
N GLY E 432 29.58 41.24 -3.83
CA GLY E 432 29.98 41.98 -5.01
C GLY E 432 29.15 43.23 -5.28
N ALA E 433 27.99 43.34 -4.65
CA ALA E 433 27.21 44.58 -4.78
C ALA E 433 27.87 45.73 -4.05
N ALA E 434 28.66 45.42 -3.03
CA ALA E 434 29.44 46.43 -2.30
C ALA E 434 30.84 46.57 -2.89
N GLU E 435 30.92 46.81 -4.19
CA GLU E 435 32.21 46.92 -4.86
C GLU E 435 32.91 48.24 -4.56
N LYS E 436 32.14 49.32 -4.37
CA LYS E 436 32.77 50.61 -4.09
C LYS E 436 33.47 50.62 -2.74
N VAL E 437 32.97 49.86 -1.76
CA VAL E 437 33.64 49.78 -0.48
C VAL E 437 35.05 49.23 -0.66
N PHE E 438 35.17 48.11 -1.36
CA PHE E 438 36.49 47.53 -1.62
C PHE E 438 37.34 48.45 -2.48
N SER E 439 36.73 49.11 -3.46
CA SER E 439 37.48 50.04 -4.30
C SER E 439 38.11 51.15 -3.47
N TYR E 440 37.33 51.75 -2.58
CA TYR E 440 37.86 52.80 -1.72
C TYR E 440 38.91 52.25 -0.76
N MET E 441 38.67 51.06 -0.20
CA MET E 441 39.65 50.47 0.72
C MET E 441 40.96 50.18 0.01
N ASP E 442 40.92 49.89 -1.29
CA ASP E 442 42.11 49.54 -2.05
C ASP E 442 42.61 50.67 -2.95
N ARG E 443 41.96 51.83 -2.92
CA ARG E 443 42.44 52.94 -3.74
C ARG E 443 43.75 53.47 -3.19
N GLN E 444 44.65 53.85 -4.09
CA GLN E 444 45.94 54.41 -3.70
C GLN E 444 45.90 55.93 -3.86
N PRO E 445 46.10 56.70 -2.79
CA PRO E 445 46.01 58.16 -2.93
C PRO E 445 47.03 58.69 -3.94
N ASN E 446 46.62 59.73 -4.67
CA ASN E 446 47.49 60.39 -5.64
C ASN E 446 48.36 61.41 -4.90
N LEU E 447 49.25 60.89 -4.08
CA LEU E 447 50.13 61.68 -3.23
C LEU E 447 51.54 61.11 -3.33
N PRO E 448 52.56 61.93 -3.06
CA PRO E 448 53.92 61.41 -3.02
C PRO E 448 54.12 60.50 -1.82
N SER E 449 55.18 59.71 -1.89
CA SER E 449 55.49 58.80 -0.79
C SER E 449 55.79 59.60 0.47
N PRO E 450 55.37 59.12 1.65
CA PRO E 450 55.61 59.89 2.88
C PRO E 450 57.09 60.12 3.13
N GLY E 451 57.41 61.31 3.63
CA GLY E 451 58.78 61.66 3.92
C GLY E 451 59.23 61.16 5.28
N THR E 452 60.47 61.50 5.62
CA THR E 452 61.06 61.08 6.88
C THR E 452 61.86 62.15 7.59
N LEU E 453 61.90 63.38 7.06
CA LEU E 453 62.72 64.43 7.67
C LEU E 453 61.97 65.05 8.85
N ALA E 454 62.58 64.97 10.03
CA ALA E 454 62.06 65.63 11.23
C ALA E 454 63.21 66.33 11.96
N PRO E 455 63.83 67.32 11.32
CA PRO E 455 64.96 67.99 11.95
C PRO E 455 64.56 68.70 13.24
N THR E 456 65.48 68.69 14.21
CA THR E 456 65.22 69.36 15.48
C THR E 456 65.09 70.86 15.29
N THR E 457 65.95 71.45 14.46
CA THR E 457 66.00 72.89 14.24
C THR E 457 65.59 73.20 12.81
N LEU E 458 64.62 74.10 12.67
CA LEU E 458 64.10 74.49 11.36
C LEU E 458 64.18 76.01 11.25
N GLN E 459 64.89 76.49 10.23
CA GLN E 459 65.03 77.94 10.05
C GLN E 459 63.77 78.57 9.49
N GLY E 460 63.08 77.87 8.58
CA GLY E 460 61.85 78.37 8.01
C GLY E 460 61.98 79.06 6.68
N VAL E 461 63.15 78.99 6.03
CA VAL E 461 63.35 79.65 4.74
C VAL E 461 62.57 78.87 3.69
N VAL E 462 61.54 79.48 3.15
CA VAL E 462 60.71 78.85 2.11
C VAL E 462 61.11 79.41 0.76
N LYS E 463 61.07 78.56 -0.26
CA LYS E 463 61.44 78.98 -1.61
C LYS E 463 60.52 78.32 -2.62
N PHE E 464 59.78 79.14 -3.35
CA PHE E 464 59.09 78.69 -4.55
C PHE E 464 60.00 78.91 -5.74
N GLN E 465 60.23 77.85 -6.53
CA GLN E 465 61.15 77.88 -7.66
C GLN E 465 60.39 77.44 -8.90
N ASP E 466 60.00 78.40 -9.74
CA ASP E 466 59.32 78.14 -11.01
C ASP E 466 58.13 77.20 -10.79
N VAL E 467 57.38 77.45 -9.73
CA VAL E 467 56.24 76.60 -9.38
C VAL E 467 55.07 76.92 -10.29
N SER E 468 54.61 75.91 -11.03
CA SER E 468 53.40 75.98 -11.83
C SER E 468 52.45 74.91 -11.34
N PHE E 469 51.19 75.28 -11.12
CA PHE E 469 50.22 74.36 -10.56
C PHE E 469 48.91 74.43 -11.31
N ALA E 470 48.30 73.27 -11.52
CA ALA E 470 46.95 73.17 -12.06
C ALA E 470 46.22 72.08 -11.27
N TYR E 471 45.00 72.37 -10.85
CA TYR E 471 44.29 71.43 -10.00
C TYR E 471 44.02 70.14 -10.77
N PRO E 472 44.27 68.97 -10.18
CA PRO E 472 44.08 67.71 -10.92
C PRO E 472 42.65 67.49 -11.37
N ASN E 473 41.67 68.14 -10.74
CA ASN E 473 40.29 68.00 -11.19
C ASN E 473 40.06 68.74 -12.50
N ARG E 474 40.77 69.84 -12.72
CA ARG E 474 40.68 70.62 -13.96
C ARG E 474 42.10 70.96 -14.41
N PRO E 475 42.86 69.95 -14.84
CA PRO E 475 44.27 70.20 -15.22
C PRO E 475 44.42 71.10 -16.43
N ASP E 476 43.38 71.26 -17.24
CA ASP E 476 43.48 72.07 -18.45
C ASP E 476 43.51 73.57 -18.17
N ARG E 477 43.24 73.99 -16.94
CA ARG E 477 43.25 75.41 -16.57
C ARG E 477 44.34 75.69 -15.56
N PRO E 478 45.48 76.23 -15.98
CA PRO E 478 46.53 76.56 -15.00
C PRO E 478 46.10 77.66 -14.05
N VAL E 479 46.59 77.56 -12.82
CA VAL E 479 46.31 78.54 -11.79
C VAL E 479 47.57 79.32 -11.40
N LEU E 480 48.72 78.66 -11.38
CA LEU E 480 50.00 79.29 -11.10
C LEU E 480 50.92 79.09 -12.29
N LYS E 481 51.67 80.13 -12.64
CA LYS E 481 52.49 80.15 -13.86
C LYS E 481 53.88 80.67 -13.49
N GLY E 482 54.77 79.74 -13.14
CA GLY E 482 56.16 80.11 -12.89
C GLY E 482 56.37 81.04 -11.71
N LEU E 483 55.63 80.84 -10.63
CA LEU E 483 55.87 81.63 -9.42
C LEU E 483 57.25 81.30 -8.85
N THR E 484 57.93 82.34 -8.35
CA THR E 484 59.25 82.13 -7.77
C THR E 484 59.49 83.23 -6.74
N PHE E 485 59.72 82.84 -5.48
CA PHE E 485 59.95 83.82 -4.44
C PHE E 485 60.55 83.12 -3.23
N THR E 486 60.96 83.93 -2.25
CA THR E 486 61.60 83.44 -1.04
C THR E 486 60.98 84.11 0.18
N LEU E 487 60.72 83.29 1.21
CA LEU E 487 60.25 83.77 2.50
C LEU E 487 61.32 83.50 3.53
N ARG E 488 61.79 84.55 4.20
CA ARG E 488 62.86 84.46 5.17
C ARG E 488 62.32 84.58 6.60
N PRO E 489 62.94 83.92 7.57
CA PRO E 489 62.50 84.10 8.96
C PRO E 489 62.80 85.50 9.47
N GLY E 490 61.96 85.97 10.38
CA GLY E 490 62.10 87.30 10.92
C GLY E 490 61.61 88.41 10.01
N GLU E 491 60.99 88.07 8.89
CA GLU E 491 60.49 89.05 7.94
C GLU E 491 59.09 88.65 7.50
N VAL E 492 58.30 89.64 7.11
CA VAL E 492 56.89 89.44 6.76
C VAL E 492 56.73 89.67 5.27
N THR E 493 56.05 88.74 4.60
CA THR E 493 55.75 88.82 3.17
C THR E 493 54.24 88.91 3.00
N ALA E 494 53.79 89.94 2.29
CA ALA E 494 52.36 90.19 2.07
C ALA E 494 52.02 89.83 0.64
N LEU E 495 51.21 88.78 0.48
CA LEU E 495 50.77 88.32 -0.83
C LEU E 495 49.41 88.93 -1.13
N VAL E 496 49.34 89.80 -2.13
CA VAL E 496 48.15 90.57 -2.43
C VAL E 496 47.74 90.36 -3.88
N GLY E 497 46.44 90.29 -4.12
CA GLY E 497 45.91 90.16 -5.45
C GLY E 497 44.39 90.07 -5.45
N PRO E 498 43.78 90.15 -6.63
CA PRO E 498 42.33 90.06 -6.72
C PRO E 498 41.84 88.63 -6.54
N ASN E 499 40.52 88.49 -6.48
CA ASN E 499 39.91 87.17 -6.34
C ASN E 499 40.25 86.29 -7.53
N GLY E 500 40.47 85.01 -7.28
CA GLY E 500 40.86 84.08 -8.31
C GLY E 500 42.30 84.17 -8.73
N SER E 501 43.10 85.00 -8.06
CA SER E 501 44.51 85.15 -8.44
C SER E 501 45.27 83.84 -8.26
N GLY E 502 45.02 83.14 -7.14
CA GLY E 502 45.72 81.92 -6.84
C GLY E 502 46.47 81.99 -5.52
N LYS E 503 46.04 82.88 -4.63
CA LYS E 503 46.72 83.05 -3.35
C LYS E 503 46.47 81.86 -2.44
N SER E 504 45.22 81.42 -2.34
CA SER E 504 44.93 80.23 -1.54
C SER E 504 45.60 79.00 -2.14
N THR E 505 45.80 78.98 -3.46
CA THR E 505 46.56 77.89 -4.07
C THR E 505 48.01 77.92 -3.60
N VAL E 506 48.60 79.10 -3.51
CA VAL E 506 49.95 79.22 -2.96
C VAL E 506 49.98 78.72 -1.53
N ALA E 507 48.98 79.08 -0.73
CA ALA E 507 48.93 78.62 0.65
C ALA E 507 48.82 77.10 0.73
N ALA E 508 47.99 76.51 -0.14
CA ALA E 508 47.84 75.05 -0.13
C ALA E 508 49.14 74.36 -0.54
N LEU E 509 49.83 74.91 -1.55
CA LEU E 509 51.09 74.32 -1.96
C LEU E 509 52.14 74.42 -0.85
N LEU E 510 52.17 75.55 -0.16
CA LEU E 510 53.15 75.73 0.91
C LEU E 510 52.92 74.80 2.08
N GLN E 511 51.71 74.24 2.22
CA GLN E 511 51.39 73.30 3.28
C GLN E 511 51.48 71.84 2.82
N ASN E 512 51.79 71.61 1.55
CA ASN E 512 51.90 70.28 0.97
C ASN E 512 50.55 69.59 0.80
N LEU E 513 49.47 70.36 0.75
CA LEU E 513 48.17 69.76 0.46
C LEU E 513 48.07 69.31 -0.98
N TYR E 514 48.73 70.01 -1.90
CA TYR E 514 48.80 69.65 -3.30
C TYR E 514 50.24 69.72 -3.77
N GLN E 515 50.55 68.98 -4.82
CA GLN E 515 51.89 69.01 -5.38
C GLN E 515 51.95 69.90 -6.60
N PRO E 516 53.03 70.65 -6.82
CA PRO E 516 53.11 71.49 -8.02
C PRO E 516 53.35 70.66 -9.27
N THR E 517 52.69 71.04 -10.36
CA THR E 517 52.91 70.38 -11.64
C THR E 517 54.25 70.77 -12.26
N GLY E 518 54.87 71.83 -11.75
CA GLY E 518 56.19 72.22 -12.20
C GLY E 518 56.89 72.99 -11.10
N GLY E 519 58.21 73.09 -11.22
CA GLY E 519 58.97 73.79 -10.20
C GLY E 519 59.00 73.01 -8.90
N GLN E 520 59.47 73.68 -7.85
CA GLN E 520 59.61 73.06 -6.55
C GLN E 520 59.24 74.03 -5.44
N VAL E 521 58.79 73.46 -4.32
CA VAL E 521 58.57 74.18 -3.08
C VAL E 521 59.54 73.61 -2.06
N LEU E 522 60.46 74.45 -1.58
CA LEU E 522 61.55 74.01 -0.72
C LEU E 522 61.41 74.65 0.66
N LEU E 523 61.52 73.81 1.68
CA LEU E 523 61.60 74.24 3.08
C LEU E 523 62.99 73.87 3.58
N ASP E 524 63.82 74.87 3.86
CA ASP E 524 65.20 74.66 4.29
C ASP E 524 65.98 73.87 3.24
N GLU E 525 65.83 74.27 1.98
CA GLU E 525 66.61 73.77 0.85
C GLU E 525 66.28 72.34 0.47
N LYS E 526 65.20 71.76 1.00
CA LYS E 526 64.78 70.42 0.64
C LYS E 526 63.30 70.43 0.31
N PRO E 527 62.85 69.54 -0.59
CA PRO E 527 61.42 69.54 -0.95
C PRO E 527 60.54 69.36 0.27
N ILE E 528 59.41 70.08 0.28
CA ILE E 528 58.50 70.01 1.42
C ILE E 528 57.82 68.66 1.51
N SER E 529 57.70 67.94 0.39
CA SER E 529 57.11 66.60 0.42
C SER E 529 58.04 65.57 1.05
N GLN E 530 59.30 65.91 1.31
CA GLN E 530 60.23 65.01 1.95
C GLN E 530 60.23 65.13 3.47
N TYR E 531 59.35 65.97 4.03
CA TYR E 531 59.21 66.11 5.47
C TYR E 531 58.05 65.25 5.97
N GLU E 532 58.20 64.73 7.19
CA GLU E 532 57.16 63.92 7.78
C GLU E 532 55.85 64.69 7.84
N HIS E 533 54.74 63.95 7.82
CA HIS E 533 53.42 64.58 7.85
C HIS E 533 53.23 65.40 9.12
N CYS E 534 53.41 64.76 10.28
CA CYS E 534 53.11 65.42 11.55
C CYS E 534 54.08 66.56 11.82
N TYR E 535 55.37 66.33 11.61
CA TYR E 535 56.34 67.39 11.84
C TYR E 535 56.10 68.56 10.89
N LEU E 536 55.85 68.26 9.61
CA LEU E 536 55.61 69.31 8.64
C LEU E 536 54.42 70.17 9.06
N HIS E 537 53.32 69.53 9.43
CA HIS E 537 52.10 70.27 9.73
C HIS E 537 52.05 70.78 11.16
N SER E 538 53.05 70.47 11.98
CA SER E 538 53.24 71.16 13.25
C SER E 538 54.21 72.31 13.14
N GLN E 539 55.06 72.34 12.10
CA GLN E 539 55.99 73.44 11.88
C GLN E 539 55.48 74.45 10.87
N VAL E 540 54.50 74.10 10.05
CA VAL E 540 53.96 74.97 9.00
C VAL E 540 52.45 75.00 9.22
N VAL E 541 51.93 76.10 9.76
CA VAL E 541 50.53 76.20 10.15
C VAL E 541 49.89 77.36 9.41
N SER E 542 48.58 77.26 9.20
CA SER E 542 47.83 78.27 8.47
C SER E 542 46.53 78.59 9.20
N VAL E 543 46.14 79.86 9.14
CA VAL E 543 44.83 80.32 9.56
C VAL E 543 44.03 80.56 8.29
N GLY E 544 43.03 79.70 8.05
CA GLY E 544 42.36 79.64 6.77
C GLY E 544 41.44 80.81 6.51
N GLN E 545 40.95 80.86 5.27
CA GLN E 545 40.07 81.95 4.85
C GLN E 545 38.77 81.95 5.64
N GLU E 546 38.09 80.80 5.67
CA GLU E 546 36.87 80.62 6.45
C GLU E 546 37.10 79.46 7.42
N PRO E 547 37.50 79.72 8.66
CA PRO E 547 37.91 78.63 9.54
C PRO E 547 36.80 77.62 9.75
N VAL E 548 37.20 76.35 9.84
CA VAL E 548 36.28 75.24 10.06
C VAL E 548 36.56 74.70 11.45
N LEU E 549 35.56 74.79 12.32
CA LEU E 549 35.62 74.21 13.66
C LEU E 549 34.86 72.90 13.69
N PHE E 550 35.14 72.10 14.72
CA PHE E 550 34.52 70.80 14.90
C PHE E 550 33.74 70.78 16.21
N SER E 551 32.65 70.03 16.23
CA SER E 551 31.84 69.94 17.43
C SER E 551 32.66 69.41 18.58
N GLY E 552 32.58 70.09 19.71
CA GLY E 552 33.37 69.72 20.87
C GLY E 552 33.73 70.96 21.67
N SER E 553 34.53 70.73 22.70
CA SER E 553 34.95 71.81 23.58
C SER E 553 35.86 72.79 22.85
N VAL E 554 35.85 74.05 23.29
CA VAL E 554 36.77 75.04 22.74
C VAL E 554 38.21 74.58 22.91
N ARG E 555 38.49 73.87 24.01
CA ARG E 555 39.85 73.40 24.26
C ARG E 555 40.30 72.42 23.19
N ASN E 556 39.42 71.51 22.78
CA ASN E 556 39.76 70.57 21.71
C ASN E 556 39.99 71.30 20.39
N ASN E 557 39.15 72.28 20.08
CA ASN E 557 39.30 73.02 18.83
C ASN E 557 40.63 73.76 18.80
N ILE E 558 41.00 74.41 19.90
CA ILE E 558 42.26 75.14 19.94
C ILE E 558 43.44 74.17 19.78
N ALA E 559 43.45 73.11 20.58
CA ALA E 559 44.46 72.06 20.46
C ALA E 559 43.91 70.88 19.66
N TYR E 560 43.65 71.13 18.39
CA TYR E 560 43.05 70.13 17.50
C TYR E 560 44.17 69.45 16.71
N GLY E 561 44.56 68.26 17.13
CA GLY E 561 45.65 67.53 16.52
C GLY E 561 46.86 67.37 17.39
N LEU E 562 46.85 67.88 18.62
CA LEU E 562 47.95 67.73 19.55
C LEU E 562 47.61 66.62 20.55
N GLN E 563 48.50 65.64 20.65
CA GLN E 563 48.23 64.49 21.52
C GLN E 563 48.10 64.92 22.97
N SER E 564 48.97 65.82 23.43
CA SER E 564 48.96 66.28 24.82
C SER E 564 49.34 67.75 24.83
N CYS E 565 48.36 68.63 24.99
CA CYS E 565 48.57 70.06 25.12
C CYS E 565 48.03 70.52 26.47
N GLU E 566 48.88 71.18 27.25
CA GLU E 566 48.49 71.60 28.59
C GLU E 566 47.53 72.78 28.54
N ASP E 567 46.72 72.91 29.59
CA ASP E 567 45.72 73.97 29.63
C ASP E 567 46.36 75.35 29.66
N ASP E 568 47.56 75.47 30.25
CA ASP E 568 48.23 76.77 30.26
C ASP E 568 48.57 77.21 28.85
N LYS E 569 49.00 76.28 28.00
CA LYS E 569 49.29 76.61 26.61
C LYS E 569 48.02 77.04 25.88
N VAL E 570 46.90 76.35 26.13
CA VAL E 570 45.64 76.73 25.51
C VAL E 570 45.23 78.13 25.94
N MET E 571 45.37 78.44 27.22
CA MET E 571 45.02 79.77 27.71
C MET E 571 45.93 80.83 27.11
N ALA E 572 47.23 80.55 27.01
CA ALA E 572 48.15 81.51 26.41
C ALA E 572 47.80 81.75 24.94
N ALA E 573 47.47 80.69 24.21
CA ALA E 573 47.08 80.84 22.82
C ALA E 573 45.81 81.67 22.70
N ALA E 574 44.84 81.42 23.58
CA ALA E 574 43.62 82.23 23.57
C ALA E 574 43.93 83.70 23.85
N GLN E 575 44.80 83.96 24.81
CA GLN E 575 45.16 85.33 25.13
C GLN E 575 45.84 86.01 23.94
N ALA E 576 46.74 85.29 23.25
CA ALA E 576 47.46 85.88 22.13
C ALA E 576 46.51 86.27 21.01
N ALA E 577 45.50 85.44 20.74
CA ALA E 577 44.55 85.69 19.67
C ALA E 577 43.40 86.58 20.10
N HIS E 578 43.41 87.07 21.33
CA HIS E 578 42.34 87.91 21.88
C HIS E 578 41.01 87.16 21.98
N ALA E 579 41.07 85.83 22.01
CA ALA E 579 39.88 85.02 22.18
C ALA E 579 39.49 84.84 23.64
N ASP E 580 40.36 85.21 24.58
CA ASP E 580 40.04 85.02 25.99
C ASP E 580 38.95 85.98 26.47
N ASP E 581 38.70 87.06 25.74
CA ASP E 581 37.67 88.01 26.16
C ASP E 581 36.29 87.36 26.10
N PHE E 582 35.95 86.74 24.98
CA PHE E 582 34.63 86.11 24.83
C PHE E 582 34.60 84.67 25.31
N ILE E 583 35.76 84.05 25.56
CA ILE E 583 35.77 82.69 26.06
C ILE E 583 35.26 82.64 27.49
N GLN E 584 35.69 83.57 28.33
CA GLN E 584 35.27 83.58 29.73
C GLN E 584 33.80 83.94 29.88
N GLU E 585 33.20 84.58 28.88
CA GLU E 585 31.78 84.89 28.92
C GLU E 585 30.90 83.72 28.52
N MET E 586 31.48 82.60 28.09
CA MET E 586 30.71 81.42 27.76
C MET E 586 30.26 80.71 29.03
N GLU E 587 29.39 79.71 28.85
CA GLU E 587 28.80 79.02 30.00
C GLU E 587 29.87 78.30 30.81
N HIS E 588 30.79 77.60 30.14
CA HIS E 588 31.79 76.78 30.82
C HIS E 588 33.21 77.15 30.43
N GLY E 589 33.42 78.36 29.92
CA GLY E 589 34.77 78.77 29.57
C GLY E 589 35.28 78.00 28.37
N ILE E 590 36.48 77.42 28.50
CA ILE E 590 37.10 76.70 27.39
C ILE E 590 36.53 75.32 27.18
N TYR E 591 35.63 74.86 28.04
CA TYR E 591 34.99 73.56 27.88
C TYR E 591 33.60 73.66 27.27
N THR E 592 33.23 74.85 26.80
CA THR E 592 31.92 75.05 26.18
C THR E 592 31.89 74.45 24.78
N ASP E 593 30.85 73.68 24.49
CA ASP E 593 30.70 73.11 23.16
C ASP E 593 30.47 74.22 22.15
N VAL E 594 31.23 74.18 21.05
CA VAL E 594 31.13 75.23 20.04
C VAL E 594 30.02 74.98 19.04
N GLY E 595 29.57 73.73 18.89
CA GLY E 595 28.57 73.38 17.91
C GLY E 595 29.20 72.81 16.65
N GLU E 596 28.35 72.17 15.85
CA GLU E 596 28.82 71.64 14.57
C GLU E 596 29.27 72.76 13.66
N LYS E 597 30.49 72.66 13.16
CA LYS E 597 31.10 73.70 12.33
C LYS E 597 31.23 75.01 13.09
N GLY E 598 31.31 74.95 14.42
CA GLY E 598 31.35 76.16 15.22
C GLY E 598 30.13 77.03 15.03
N SER E 599 28.95 76.41 14.97
CA SER E 599 27.75 77.17 14.60
C SER E 599 27.31 78.11 15.72
N GLN E 600 27.51 77.72 16.97
CA GLN E 600 27.09 78.56 18.09
C GLN E 600 28.14 79.60 18.42
N LEU E 601 28.55 80.37 17.42
CA LEU E 601 29.63 81.35 17.58
C LEU E 601 29.45 82.45 16.54
N ALA E 602 30.00 83.63 16.84
CA ALA E 602 30.08 84.68 15.85
C ALA E 602 31.24 84.42 14.89
N ALA E 603 31.23 85.09 13.74
CA ALA E 603 32.27 84.89 12.75
C ALA E 603 33.63 85.33 13.28
N GLY E 604 33.68 86.50 13.92
CA GLY E 604 34.94 86.97 14.47
C GLY E 604 35.45 86.06 15.58
N GLN E 605 34.53 85.51 16.37
CA GLN E 605 34.93 84.55 17.41
C GLN E 605 35.52 83.29 16.78
N LYS E 606 34.93 82.82 15.69
CA LYS E 606 35.49 81.67 14.98
C LYS E 606 36.88 81.98 14.45
N GLN E 607 37.07 83.17 13.87
CA GLN E 607 38.39 83.53 13.36
C GLN E 607 39.41 83.62 14.48
N ARG E 608 39.02 84.20 15.62
CA ARG E 608 39.95 84.29 16.75
C ARG E 608 40.28 82.91 17.29
N LEU E 609 39.30 82.01 17.34
CA LEU E 609 39.58 80.65 17.79
C LEU E 609 40.52 79.94 16.84
N ALA E 610 40.35 80.15 15.53
CA ALA E 610 41.26 79.56 14.55
C ALA E 610 42.67 80.12 14.72
N ILE E 611 42.79 81.42 14.97
CA ILE E 611 44.10 82.02 15.19
C ILE E 611 44.75 81.42 16.43
N ALA E 612 43.98 81.26 17.50
CA ALA E 612 44.52 80.65 18.71
C ALA E 612 44.97 79.22 18.46
N ARG E 613 44.19 78.46 17.70
CA ARG E 613 44.57 77.09 17.37
C ARG E 613 45.88 77.08 16.58
N ALA E 614 46.02 77.99 15.61
CA ALA E 614 47.25 78.05 14.84
C ALA E 614 48.44 78.43 15.73
N LEU E 615 48.25 79.38 16.63
CA LEU E 615 49.35 79.88 17.44
C LEU E 615 49.75 78.95 18.58
N VAL E 616 48.87 78.04 18.99
CA VAL E 616 49.19 77.15 20.10
C VAL E 616 50.39 76.26 19.77
N ARG E 617 50.69 76.06 18.49
CA ARG E 617 51.74 75.15 18.07
C ARG E 617 53.12 75.78 18.02
N ASP E 618 53.23 77.10 18.17
CA ASP E 618 54.49 77.80 17.99
C ASP E 618 55.09 77.45 16.62
N PRO E 619 54.36 77.65 15.53
CA PRO E 619 54.86 77.24 14.22
C PRO E 619 56.04 78.08 13.77
N ARG E 620 56.90 77.44 12.97
CA ARG E 620 58.01 78.16 12.35
C ARG E 620 57.53 78.99 11.17
N VAL E 621 56.55 78.48 10.43
CA VAL E 621 55.96 79.19 9.29
C VAL E 621 54.47 79.35 9.56
N LEU E 622 53.98 80.57 9.43
CA LEU E 622 52.59 80.92 9.72
C LEU E 622 51.99 81.58 8.49
N ILE E 623 50.89 81.02 7.99
CA ILE E 623 50.25 81.47 6.76
C ILE E 623 48.87 82.01 7.15
N LEU E 624 48.74 83.33 7.20
CA LEU E 624 47.48 83.97 7.57
C LEU E 624 46.71 84.27 6.29
N ASP E 625 45.81 83.37 5.89
CA ASP E 625 45.05 83.53 4.65
C ASP E 625 43.73 84.21 4.99
N GLU E 626 43.66 85.52 4.75
CA GLU E 626 42.49 86.31 5.10
C GLU E 626 42.11 86.10 6.56
N ALA E 627 43.12 86.08 7.43
CA ALA E 627 42.90 85.82 8.85
C ALA E 627 42.19 86.95 9.58
N THR E 628 42.04 88.12 8.93
CA THR E 628 41.41 89.28 9.57
C THR E 628 40.30 89.86 8.70
N SER E 629 39.60 89.00 7.96
CA SER E 629 38.49 89.48 7.13
C SER E 629 37.24 89.72 7.98
N ALA E 630 36.76 88.67 8.64
CA ALA E 630 35.60 88.79 9.53
C ALA E 630 36.02 89.19 10.94
N LEU E 631 36.76 90.29 11.04
CA LEU E 631 37.28 90.79 12.30
C LEU E 631 37.00 92.27 12.41
N ASP E 632 36.61 92.73 13.60
CA ASP E 632 36.34 94.14 13.81
C ASP E 632 37.64 94.93 13.78
N VAL E 633 37.51 96.24 13.56
CA VAL E 633 38.68 97.08 13.31
C VAL E 633 39.65 97.03 14.48
N GLN E 634 39.12 97.01 15.71
CA GLN E 634 40.00 97.00 16.87
C GLN E 634 40.87 95.76 16.89
N CYS E 635 40.28 94.59 16.65
CA CYS E 635 41.07 93.35 16.63
C CYS E 635 41.99 93.30 15.42
N GLU E 636 41.59 93.89 14.30
CA GLU E 636 42.47 93.95 13.13
C GLU E 636 43.72 94.74 13.46
N GLN E 637 43.56 95.90 14.11
CA GLN E 637 44.71 96.70 14.49
C GLN E 637 45.55 95.99 15.54
N ALA E 638 44.91 95.31 16.50
CA ALA E 638 45.65 94.61 17.53
C ALA E 638 46.51 93.50 16.94
N LEU E 639 45.94 92.73 16.02
CA LEU E 639 46.66 91.65 15.35
C LEU E 639 47.25 92.13 14.03
N GLN E 640 48.11 93.15 14.12
CA GLN E 640 48.68 93.78 12.93
C GLN E 640 50.03 93.18 12.56
N ASP E 641 51.00 93.24 13.48
CA ASP E 641 52.36 92.83 13.15
C ASP E 641 53.08 92.10 14.27
N TRP E 642 52.42 91.83 15.41
CA TRP E 642 53.09 91.10 16.47
C TRP E 642 53.25 89.62 16.17
N ASN E 643 52.65 89.13 15.07
CA ASN E 643 52.78 87.73 14.73
C ASN E 643 54.24 87.31 14.64
N SER E 644 55.07 88.12 13.97
CA SER E 644 56.47 87.81 13.84
C SER E 644 57.21 88.06 15.15
N ARG E 645 58.23 87.24 15.42
CA ARG E 645 59.03 87.36 16.63
C ARG E 645 60.52 87.34 16.31
N GLY E 646 60.90 87.58 15.06
CA GLY E 646 62.28 87.54 14.65
C GLY E 646 62.79 86.16 14.30
N ASP E 647 62.04 85.10 14.64
CA ASP E 647 62.42 83.74 14.30
C ASP E 647 61.27 82.98 13.67
N ARG E 648 60.28 83.68 13.13
CA ARG E 648 59.11 83.06 12.52
C ARG E 648 58.88 83.67 11.15
N THR E 649 58.74 82.81 10.14
CA THR E 649 58.33 83.26 8.82
C THR E 649 56.82 83.42 8.77
N VAL E 650 56.37 84.53 8.18
CA VAL E 650 54.96 84.87 8.11
C VAL E 650 54.59 85.20 6.67
N LEU E 651 53.46 84.66 6.22
CA LEU E 651 52.90 84.98 4.91
C LEU E 651 51.47 85.46 5.12
N VAL E 652 51.26 86.76 4.97
CA VAL E 652 49.96 87.39 5.19
C VAL E 652 49.31 87.58 3.82
N ILE E 653 48.28 86.78 3.53
CA ILE E 653 47.55 86.89 2.27
C ILE E 653 46.39 87.85 2.49
N ALA E 654 46.35 88.91 1.68
CA ALA E 654 45.33 89.94 1.79
C ALA E 654 44.74 90.21 0.41
N HIS E 655 43.42 90.43 0.38
CA HIS E 655 42.75 90.73 -0.88
C HIS E 655 43.27 92.05 -1.47
N ARG E 656 43.48 93.05 -0.63
CA ARG E 656 43.99 94.35 -1.04
C ARG E 656 45.20 94.69 -0.18
N LEU E 657 45.74 95.90 -0.39
CA LEU E 657 46.87 96.38 0.40
C LEU E 657 46.35 97.02 1.70
N GLN E 658 45.69 96.20 2.50
CA GLN E 658 45.07 96.62 3.75
C GLN E 658 45.88 96.09 4.91
N THR E 659 46.40 97.00 5.74
CA THR E 659 47.18 96.63 6.93
C THR E 659 48.29 95.64 6.57
N VAL E 660 48.91 95.84 5.41
CA VAL E 660 50.03 95.03 4.96
C VAL E 660 51.21 95.86 4.51
N GLN E 661 51.08 97.19 4.46
CA GLN E 661 52.20 98.04 4.10
C GLN E 661 53.30 98.03 5.14
N ARG E 662 53.04 97.47 6.33
CA ARG E 662 54.06 97.28 7.35
C ARG E 662 54.81 95.97 7.19
N ALA E 663 54.76 95.37 6.00
CA ALA E 663 55.42 94.10 5.72
C ALA E 663 56.74 94.36 5.00
N HIS E 664 57.75 93.55 5.33
CA HIS E 664 59.07 93.74 4.74
C HIS E 664 59.05 93.54 3.23
N GLN E 665 58.32 92.53 2.77
CA GLN E 665 58.25 92.19 1.35
C GLN E 665 56.80 92.18 0.89
N ILE E 666 56.56 92.64 -0.33
CA ILE E 666 55.24 92.68 -0.92
C ILE E 666 55.28 91.92 -2.24
N LEU E 667 54.34 90.99 -2.43
CA LEU E 667 54.26 90.18 -3.63
C LEU E 667 52.86 90.32 -4.21
N VAL E 668 52.76 90.88 -5.41
CA VAL E 668 51.49 91.07 -6.09
C VAL E 668 51.30 89.94 -7.09
N LEU E 669 50.13 89.31 -7.03
CA LEU E 669 49.81 88.16 -7.87
C LEU E 669 48.55 88.48 -8.67
N GLN E 670 48.59 88.26 -9.98
CA GLN E 670 47.45 88.52 -10.85
C GLN E 670 47.34 87.40 -11.87
N GLU E 671 46.19 86.74 -11.90
CA GLU E 671 45.93 85.68 -12.88
C GLU E 671 47.02 84.63 -12.86
N GLY E 672 47.53 84.33 -11.67
CA GLY E 672 48.55 83.31 -11.51
C GLY E 672 49.95 83.73 -11.88
N LYS E 673 50.19 85.02 -12.11
CA LYS E 673 51.50 85.53 -12.47
C LYS E 673 51.96 86.55 -11.44
N LEU E 674 53.23 86.45 -11.06
CA LEU E 674 53.81 87.36 -10.09
C LEU E 674 54.29 88.63 -10.78
N GLN E 675 53.99 89.79 -10.19
CA GLN E 675 54.36 91.07 -10.76
C GLN E 675 55.41 91.74 -9.89
N LYS E 676 56.54 92.12 -10.50
CA LYS E 676 57.61 92.76 -9.75
C LYS E 676 57.21 94.18 -9.35
N LEU E 677 57.71 94.60 -8.19
CA LEU E 677 57.43 95.94 -7.68
C LEU E 677 58.12 97.00 -8.54
N GLY F 21 -20.06 -65.04 -20.25
CA GLY F 21 -20.45 -66.47 -20.15
C GLY F 21 -20.05 -67.27 -21.37
N PRO F 22 -18.76 -67.62 -21.47
CA PRO F 22 -18.33 -68.41 -22.63
C PRO F 22 -19.06 -69.73 -22.76
N ALA F 23 -19.36 -70.39 -21.64
CA ALA F 23 -19.98 -71.70 -21.61
C ALA F 23 -18.98 -72.79 -21.99
N VAL F 24 -17.80 -72.38 -22.45
CA VAL F 24 -16.70 -73.29 -22.76
C VAL F 24 -15.42 -72.47 -22.70
N ILE F 25 -14.37 -73.05 -22.12
CA ILE F 25 -13.06 -72.40 -22.08
C ILE F 25 -12.04 -73.35 -22.67
N GLU F 26 -11.36 -72.92 -23.73
CA GLU F 26 -10.29 -73.70 -24.31
C GLU F 26 -9.06 -73.63 -23.42
N CYS F 27 -8.44 -74.77 -23.17
CA CYS F 27 -7.35 -74.89 -22.21
C CYS F 27 -6.23 -75.71 -22.84
N TRP F 28 -5.02 -75.47 -22.34
CA TRP F 28 -3.82 -76.17 -22.80
C TRP F 28 -3.31 -77.03 -21.65
N PHE F 29 -3.50 -78.34 -21.77
CA PHE F 29 -2.95 -79.26 -20.78
C PHE F 29 -1.44 -79.38 -21.01
N VAL F 30 -0.66 -79.09 -19.97
CA VAL F 30 0.79 -79.03 -20.04
C VAL F 30 1.34 -80.28 -19.37
N GLU F 31 2.05 -81.10 -20.14
CA GLU F 31 2.62 -82.32 -19.61
C GLU F 31 3.66 -82.00 -18.54
N ASP F 32 3.67 -82.82 -17.48
CA ASP F 32 4.61 -82.66 -16.39
C ASP F 32 5.75 -83.67 -16.43
N ALA F 33 5.69 -84.66 -17.30
CA ALA F 33 6.74 -85.65 -17.39
C ALA F 33 8.05 -85.02 -17.83
N SER F 34 9.15 -85.49 -17.24
CA SER F 34 10.46 -84.92 -17.57
C SER F 34 10.80 -85.15 -19.04
N GLY F 35 10.49 -86.33 -19.56
CA GLY F 35 10.82 -86.62 -20.95
C GLY F 35 10.19 -85.62 -21.91
N LYS F 36 8.91 -85.33 -21.72
CA LYS F 36 8.20 -84.35 -22.55
C LYS F 36 8.37 -82.98 -21.92
N GLY F 37 9.06 -82.09 -22.61
CA GLY F 37 9.35 -80.79 -22.04
C GLY F 37 8.25 -79.77 -22.30
N LEU F 38 7.38 -79.59 -21.31
CA LEU F 38 6.30 -78.62 -21.40
C LEU F 38 5.50 -78.80 -22.69
N ALA F 39 5.24 -80.05 -23.05
CA ALA F 39 4.35 -80.34 -24.16
C ALA F 39 2.94 -79.87 -23.82
N LYS F 40 2.17 -79.55 -24.86
CA LYS F 40 0.83 -78.99 -24.68
C LYS F 40 -0.17 -79.76 -25.54
N ARG F 41 -1.34 -80.02 -24.97
CA ARG F 41 -2.43 -80.69 -25.66
C ARG F 41 -3.72 -79.91 -25.50
N PRO F 42 -4.61 -79.95 -26.49
CA PRO F 42 -5.88 -79.24 -26.36
C PRO F 42 -6.79 -79.86 -25.32
N GLY F 43 -7.59 -79.01 -24.68
CA GLY F 43 -8.64 -79.47 -23.80
C GLY F 43 -9.69 -78.39 -23.68
N ALA F 44 -10.80 -78.75 -23.05
CA ALA F 44 -11.90 -77.80 -22.87
C ALA F 44 -12.50 -77.96 -21.49
N LEU F 45 -12.98 -76.84 -20.96
CA LEU F 45 -13.76 -76.81 -19.72
C LEU F 45 -15.18 -76.42 -20.07
N LEU F 46 -16.14 -77.25 -19.67
CA LEU F 46 -17.55 -77.06 -19.98
C LEU F 46 -18.23 -76.61 -18.68
N LEU F 47 -18.28 -75.29 -18.49
CA LEU F 47 -18.82 -74.76 -17.24
C LEU F 47 -20.29 -75.10 -17.09
N ARG F 48 -21.05 -75.06 -18.18
CA ARG F 48 -22.50 -75.27 -18.15
C ARG F 48 -22.86 -76.36 -19.16
N GLN F 49 -23.06 -77.58 -18.66
CA GLN F 49 -23.39 -78.69 -19.55
C GLN F 49 -24.83 -78.60 -20.03
N GLY F 50 -25.75 -78.22 -19.15
CA GLY F 50 -27.15 -78.12 -19.51
C GLY F 50 -27.78 -79.48 -19.70
N PRO F 51 -29.11 -79.56 -19.55
CA PRO F 51 -29.78 -80.85 -19.77
C PRO F 51 -29.52 -81.39 -21.16
N GLY F 52 -29.00 -82.61 -21.21
CA GLY F 52 -28.75 -83.31 -22.46
C GLY F 52 -27.28 -83.62 -22.64
N GLU F 53 -26.99 -84.20 -23.81
CA GLU F 53 -25.62 -84.58 -24.13
C GLU F 53 -24.74 -83.34 -24.26
N PRO F 54 -23.54 -83.33 -23.68
CA PRO F 54 -22.65 -82.21 -23.88
C PRO F 54 -22.16 -82.14 -25.32
N PRO F 55 -21.79 -80.97 -25.81
CA PRO F 55 -21.36 -80.86 -27.21
C PRO F 55 -20.25 -81.85 -27.51
N PRO F 56 -20.35 -82.60 -28.59
CA PRO F 56 -19.30 -83.59 -28.90
C PRO F 56 -18.02 -82.89 -29.36
N ARG F 57 -16.90 -83.36 -28.82
CA ARG F 57 -15.57 -82.85 -29.16
C ARG F 57 -14.66 -84.02 -29.49
N PRO F 58 -14.86 -84.65 -30.65
CA PRO F 58 -13.99 -85.78 -31.03
C PRO F 58 -12.55 -85.36 -31.22
N ASP F 59 -12.27 -84.07 -31.43
CA ASP F 59 -10.90 -83.60 -31.59
C ASP F 59 -10.12 -83.66 -30.29
N LEU F 60 -10.79 -83.62 -29.14
CA LEU F 60 -10.12 -83.58 -27.86
C LEU F 60 -9.92 -84.99 -27.30
N ASP F 61 -8.84 -85.16 -26.55
CA ASP F 61 -8.67 -86.39 -25.78
C ASP F 61 -9.76 -86.47 -24.72
N PRO F 62 -10.39 -87.65 -24.55
CA PRO F 62 -11.50 -87.72 -23.58
C PRO F 62 -11.15 -87.26 -22.18
N GLU F 63 -9.92 -87.52 -21.72
CA GLU F 63 -9.55 -87.14 -20.36
C GLU F 63 -9.35 -85.64 -20.21
N LEU F 64 -9.08 -84.92 -21.29
CA LEU F 64 -8.88 -83.49 -21.25
C LEU F 64 -10.15 -82.70 -21.53
N TYR F 65 -11.27 -83.37 -21.77
CA TYR F 65 -12.56 -82.71 -21.94
C TYR F 65 -13.32 -82.85 -20.63
N LEU F 66 -13.46 -81.75 -19.91
CA LEU F 66 -13.98 -81.74 -18.54
C LEU F 66 -15.30 -80.99 -18.47
N SER F 67 -16.24 -81.57 -17.73
CA SER F 67 -17.46 -80.89 -17.31
C SER F 67 -17.31 -80.53 -15.84
N VAL F 68 -17.41 -79.24 -15.53
CA VAL F 68 -17.05 -78.72 -14.21
C VAL F 68 -18.30 -78.60 -13.36
N HIS F 69 -18.26 -79.21 -12.18
CA HIS F 69 -19.30 -79.07 -11.16
C HIS F 69 -18.72 -78.27 -10.01
N ASP F 70 -19.32 -77.12 -9.71
CA ASP F 70 -18.79 -76.17 -8.73
C ASP F 70 -19.78 -76.00 -7.60
N PRO F 71 -19.70 -76.80 -6.54
CA PRO F 71 -20.58 -76.58 -5.39
C PRO F 71 -20.41 -75.21 -4.76
N ALA F 72 -19.19 -74.68 -4.75
CA ALA F 72 -18.97 -73.35 -4.21
C ALA F 72 -19.49 -72.27 -5.15
N GLY F 73 -19.35 -72.47 -6.45
CA GLY F 73 -19.86 -71.54 -7.43
C GLY F 73 -18.99 -70.35 -7.72
N ALA F 74 -17.77 -70.31 -7.20
CA ALA F 74 -16.88 -69.17 -7.48
C ALA F 74 -16.41 -69.19 -8.94
N LEU F 75 -15.96 -70.36 -9.41
CA LEU F 75 -15.52 -70.47 -10.80
C LEU F 75 -16.66 -70.17 -11.77
N GLN F 76 -17.86 -70.69 -11.48
CA GLN F 76 -19.00 -70.42 -12.34
C GLN F 76 -19.33 -68.93 -12.36
N ALA F 77 -19.38 -68.31 -11.19
CA ALA F 77 -19.77 -66.90 -11.10
C ALA F 77 -18.71 -65.99 -11.74
N ALA F 78 -17.44 -66.40 -11.72
CA ALA F 78 -16.40 -65.56 -12.29
C ALA F 78 -16.64 -65.33 -13.77
N PHE F 79 -17.00 -66.38 -14.51
CA PHE F 79 -17.23 -66.27 -15.95
C PHE F 79 -18.68 -66.06 -16.31
N ARG F 80 -19.60 -66.16 -15.34
CA ARG F 80 -21.00 -65.86 -15.65
C ARG F 80 -21.18 -64.41 -16.03
N ARG F 81 -20.44 -63.51 -15.39
CA ARG F 81 -20.52 -62.08 -15.66
C ARG F 81 -19.37 -61.58 -16.51
N TYR F 82 -18.70 -62.48 -17.24
CA TYR F 82 -17.55 -62.09 -18.03
C TYR F 82 -17.99 -61.09 -19.11
N PRO F 83 -17.17 -60.07 -19.39
CA PRO F 83 -17.58 -59.07 -20.38
C PRO F 83 -17.82 -59.70 -21.75
N ARG F 84 -18.82 -59.18 -22.45
CA ARG F 84 -19.09 -59.62 -23.81
C ARG F 84 -18.04 -59.06 -24.76
N GLY F 85 -17.63 -59.89 -25.72
CA GLY F 85 -16.70 -59.47 -26.75
C GLY F 85 -15.25 -59.42 -26.33
N ALA F 86 -14.95 -59.65 -25.05
CA ALA F 86 -13.57 -59.64 -24.60
C ALA F 86 -12.83 -60.87 -25.13
N PRO F 87 -11.51 -60.79 -25.26
CA PRO F 87 -10.76 -61.94 -25.78
C PRO F 87 -10.91 -63.14 -24.87
N ALA F 88 -10.86 -64.32 -25.47
CA ALA F 88 -11.05 -65.55 -24.71
C ALA F 88 -9.98 -65.66 -23.63
N PRO F 89 -10.33 -66.07 -22.42
CA PRO F 89 -9.33 -66.19 -21.37
C PRO F 89 -8.30 -67.27 -21.68
N HIS F 90 -7.09 -67.07 -21.16
CA HIS F 90 -5.98 -68.00 -21.38
C HIS F 90 -6.00 -69.03 -20.28
N CYS F 91 -6.26 -70.29 -20.63
CA CYS F 91 -6.41 -71.37 -19.66
C CYS F 91 -5.28 -72.39 -19.83
N GLU F 92 -4.82 -72.93 -18.72
CA GLU F 92 -3.83 -73.99 -18.71
C GLU F 92 -4.15 -75.00 -17.63
N MET F 93 -4.15 -76.28 -17.98
CA MET F 93 -4.36 -77.37 -17.06
C MET F 93 -3.05 -78.10 -16.80
N SER F 94 -2.95 -78.72 -15.63
CA SER F 94 -1.81 -79.56 -15.32
C SER F 94 -2.20 -80.56 -14.25
N ARG F 95 -1.42 -81.64 -14.14
CA ARG F 95 -1.66 -82.64 -13.10
C ARG F 95 -1.07 -82.17 -11.78
N PHE F 96 -1.77 -82.49 -10.70
CA PHE F 96 -1.43 -82.00 -9.37
C PHE F 96 -1.38 -83.18 -8.41
N VAL F 97 -0.30 -83.27 -7.65
CA VAL F 97 -0.14 -84.27 -6.60
C VAL F 97 -0.07 -83.52 -5.26
N PRO F 98 -1.01 -83.73 -4.33
CA PRO F 98 -0.98 -82.98 -3.08
C PRO F 98 0.35 -83.17 -2.35
N LEU F 99 0.89 -82.05 -1.86
CA LEU F 99 2.14 -82.03 -1.11
C LEU F 99 1.95 -81.12 0.09
N PRO F 100 2.66 -81.37 1.19
CA PRO F 100 2.60 -80.45 2.32
C PRO F 100 3.33 -79.16 2.01
N ALA F 101 2.83 -78.06 2.59
CA ALA F 101 3.46 -76.77 2.38
C ALA F 101 4.88 -76.78 2.91
N SER F 102 5.81 -76.27 2.10
CA SER F 102 7.22 -76.27 2.48
C SER F 102 7.62 -75.04 3.29
N ALA F 103 6.83 -73.97 3.23
CA ALA F 103 7.10 -72.81 4.07
C ALA F 103 6.94 -73.16 5.54
N LYS F 104 7.83 -72.63 6.37
CA LYS F 104 7.85 -73.03 7.78
C LYS F 104 6.70 -72.43 8.57
N TRP F 105 6.23 -71.24 8.18
CA TRP F 105 5.12 -70.63 8.92
C TRP F 105 3.85 -71.47 8.81
N ALA F 106 3.62 -72.10 7.66
CA ALA F 106 2.47 -72.97 7.46
C ALA F 106 2.76 -74.40 7.91
N SER F 107 3.21 -74.53 9.16
CA SER F 107 3.52 -75.84 9.72
C SER F 107 2.41 -76.40 10.60
N GLY F 108 1.49 -75.54 11.06
CA GLY F 108 0.37 -76.01 11.86
C GLY F 108 -0.78 -76.57 11.08
N LEU F 109 -0.79 -76.40 9.76
CA LEU F 109 -1.87 -76.94 8.94
C LEU F 109 -1.76 -78.44 8.81
N THR F 110 -0.56 -79.00 8.94
CA THR F 110 -0.32 -80.44 8.82
C THR F 110 0.54 -80.91 9.99
N PRO F 111 0.00 -80.90 11.21
CA PRO F 111 0.80 -81.35 12.36
C PRO F 111 1.29 -82.77 12.24
N ALA F 112 0.51 -83.67 11.66
CA ALA F 112 0.85 -85.08 11.57
C ALA F 112 1.49 -85.40 10.23
N GLN F 113 2.38 -86.40 10.23
CA GLN F 113 3.04 -86.81 9.00
C GLN F 113 2.08 -87.53 8.05
N ASN F 114 1.15 -88.31 8.59
CA ASN F 114 0.26 -89.08 7.74
C ASN F 114 -0.49 -88.17 6.77
N CYS F 115 -0.48 -88.54 5.50
CA CYS F 115 -1.24 -87.79 4.52
C CYS F 115 -2.73 -88.03 4.70
N PRO F 116 -3.58 -87.01 4.53
CA PRO F 116 -5.02 -87.24 4.65
C PRO F 116 -5.50 -88.26 3.65
N ARG F 117 -6.45 -89.11 4.08
CA ARG F 117 -7.01 -90.12 3.18
C ARG F 117 -8.00 -89.52 2.20
N ALA F 118 -8.67 -88.43 2.58
CA ALA F 118 -9.69 -87.83 1.73
C ALA F 118 -9.12 -87.24 0.44
N LEU F 119 -7.80 -87.05 0.37
CA LEU F 119 -7.17 -86.45 -0.80
C LEU F 119 -6.69 -87.49 -1.81
N ASP F 120 -7.19 -88.72 -1.73
CA ASP F 120 -6.85 -89.72 -2.72
C ASP F 120 -7.52 -89.39 -4.05
N GLY F 121 -6.95 -89.90 -5.13
CA GLY F 121 -7.46 -89.68 -6.46
C GLY F 121 -6.55 -88.77 -7.27
N ALA F 122 -7.07 -88.35 -8.42
CA ALA F 122 -6.35 -87.48 -9.33
C ALA F 122 -6.80 -86.04 -9.15
N TRP F 123 -5.86 -85.11 -9.30
CA TRP F 123 -6.12 -83.69 -9.15
C TRP F 123 -5.61 -82.94 -10.37
N LEU F 124 -6.35 -81.92 -10.77
CA LEU F 124 -5.96 -81.04 -11.87
C LEU F 124 -5.89 -79.60 -11.36
N MET F 125 -4.78 -78.94 -11.65
CA MET F 125 -4.63 -77.51 -11.38
C MET F 125 -4.94 -76.75 -12.66
N VAL F 126 -5.85 -75.78 -12.55
CA VAL F 126 -6.31 -75.00 -13.68
C VAL F 126 -6.00 -73.53 -13.40
N SER F 127 -5.29 -72.89 -14.33
CA SER F 127 -4.98 -71.47 -14.21
C SER F 127 -5.58 -70.74 -15.40
N ILE F 128 -6.40 -69.74 -15.12
CA ILE F 128 -7.09 -68.96 -16.14
C ILE F 128 -6.75 -67.49 -15.94
N SER F 129 -6.06 -66.90 -16.90
CA SER F 129 -5.64 -65.51 -16.85
C SER F 129 -6.37 -64.70 -17.89
N SER F 130 -6.61 -63.43 -17.58
CA SER F 130 -7.29 -62.51 -18.48
C SER F 130 -7.02 -61.09 -18.02
N PRO F 131 -7.25 -60.09 -18.87
CA PRO F 131 -7.07 -58.70 -18.43
C PRO F 131 -8.02 -58.30 -17.31
N VAL F 132 -9.10 -59.04 -17.10
CA VAL F 132 -10.11 -58.65 -16.11
C VAL F 132 -10.02 -59.47 -14.83
N LEU F 133 -9.47 -60.68 -14.87
CA LEU F 133 -9.38 -61.50 -13.66
C LEU F 133 -8.27 -62.52 -13.85
N SER F 134 -7.83 -63.07 -12.71
CA SER F 134 -6.88 -64.19 -12.69
C SER F 134 -7.37 -65.21 -11.69
N LEU F 135 -7.48 -66.47 -12.10
CA LEU F 135 -8.13 -67.50 -11.31
C LEU F 135 -7.31 -68.78 -11.32
N SER F 136 -7.38 -69.51 -10.21
CA SER F 136 -6.75 -70.82 -10.08
C SER F 136 -7.71 -71.75 -9.37
N SER F 137 -7.82 -72.98 -9.88
CA SER F 137 -8.76 -73.96 -9.36
C SER F 137 -8.11 -75.32 -9.21
N LEU F 138 -8.56 -76.06 -8.21
CA LEU F 138 -8.16 -77.45 -7.99
C LEU F 138 -9.37 -78.33 -8.24
N LEU F 139 -9.31 -79.16 -9.27
CA LEU F 139 -10.41 -80.01 -9.70
C LEU F 139 -10.07 -81.48 -9.45
N ARG F 140 -11.11 -82.29 -9.28
CA ARG F 140 -10.96 -83.73 -9.08
C ARG F 140 -11.69 -84.48 -10.18
N PRO F 141 -10.99 -84.98 -11.21
CA PRO F 141 -11.67 -85.77 -12.24
C PRO F 141 -12.21 -87.07 -11.68
N GLN F 142 -13.27 -87.56 -12.32
CA GLN F 142 -13.87 -88.84 -11.94
C GLN F 142 -13.47 -89.90 -12.95
N PRO F 143 -12.88 -91.02 -12.55
CA PRO F 143 -12.54 -92.05 -13.54
C PRO F 143 -13.74 -92.52 -14.34
N GLU F 144 -14.90 -92.67 -13.68
CA GLU F 144 -16.16 -93.04 -14.33
C GLU F 144 -15.99 -93.86 -15.60
N GLN F 147 -16.77 -95.55 -20.45
CA GLN F 147 -17.02 -96.11 -21.78
C GLN F 147 -18.03 -95.26 -22.54
N GLU F 148 -19.32 -95.46 -22.25
CA GLU F 148 -20.35 -94.65 -22.90
C GLU F 148 -20.22 -93.18 -22.54
N PRO F 149 -20.06 -92.78 -21.27
CA PRO F 149 -19.91 -91.35 -20.96
C PRO F 149 -18.49 -90.85 -21.10
N VAL F 150 -17.62 -91.64 -21.75
CA VAL F 150 -16.23 -91.26 -21.90
C VAL F 150 -16.09 -89.98 -22.72
N LEU F 151 -17.12 -89.60 -23.48
CA LEU F 151 -17.05 -88.39 -24.28
C LEU F 151 -16.80 -87.15 -23.42
N ILE F 152 -17.20 -87.20 -22.15
CA ILE F 152 -16.94 -86.13 -21.21
C ILE F 152 -16.39 -86.73 -19.93
N THR F 153 -15.62 -85.93 -19.19
CA THR F 153 -15.07 -86.34 -17.90
C THR F 153 -15.56 -85.37 -16.84
N MET F 154 -16.23 -85.89 -15.81
CA MET F 154 -16.80 -85.04 -14.77
C MET F 154 -15.73 -84.68 -13.75
N ALA F 155 -15.61 -83.38 -13.46
CA ALA F 155 -14.63 -82.90 -12.49
C ALA F 155 -15.29 -81.90 -11.57
N THR F 156 -15.05 -82.03 -10.26
CA THR F 156 -15.62 -81.16 -9.26
C THR F 156 -14.57 -80.20 -8.74
N VAL F 157 -14.98 -78.95 -8.52
CA VAL F 157 -14.07 -77.94 -8.00
C VAL F 157 -13.96 -78.09 -6.48
N VAL F 158 -12.74 -77.93 -5.97
CA VAL F 158 -12.45 -78.07 -4.55
C VAL F 158 -12.02 -76.75 -3.95
N LEU F 159 -11.02 -76.10 -4.54
CA LEU F 159 -10.51 -74.82 -4.08
C LEU F 159 -10.37 -73.88 -5.26
N THR F 160 -10.92 -72.68 -5.13
CA THR F 160 -10.83 -71.64 -6.15
C THR F 160 -10.25 -70.38 -5.51
N VAL F 161 -9.31 -69.76 -6.20
CA VAL F 161 -8.68 -68.51 -5.75
C VAL F 161 -8.66 -67.56 -6.93
N LEU F 162 -9.33 -66.42 -6.81
CA LEU F 162 -9.44 -65.49 -7.93
C LEU F 162 -9.19 -64.07 -7.46
N THR F 163 -8.71 -63.25 -8.40
CA THR F 163 -8.50 -61.82 -8.19
C THR F 163 -9.07 -61.06 -9.37
N HIS F 164 -9.72 -59.94 -9.08
CA HIS F 164 -10.29 -59.06 -10.10
C HIS F 164 -9.39 -57.86 -10.39
N THR F 165 -8.17 -57.85 -9.85
CA THR F 165 -7.19 -56.80 -10.13
C THR F 165 -5.88 -57.44 -10.55
N PRO F 166 -5.87 -58.16 -11.67
CA PRO F 166 -4.65 -58.86 -12.08
C PRO F 166 -3.50 -57.94 -12.45
N ALA F 167 -3.76 -56.66 -12.72
CA ALA F 167 -2.70 -55.71 -13.11
C ALA F 167 -3.05 -54.32 -12.60
N PRO F 168 -2.90 -54.09 -11.30
CA PRO F 168 -3.24 -52.77 -10.75
C PRO F 168 -2.21 -51.71 -11.11
N ARG F 169 -2.70 -50.49 -11.30
CA ARG F 169 -1.86 -49.31 -11.44
C ARG F 169 -2.10 -48.40 -10.25
N VAL F 170 -1.03 -47.98 -9.59
CA VAL F 170 -1.12 -47.18 -8.38
C VAL F 170 -0.17 -45.99 -8.52
N ARG F 171 -0.67 -44.80 -8.21
CA ARG F 171 0.17 -43.62 -8.19
C ARG F 171 1.14 -43.67 -7.01
N LEU F 172 2.30 -43.05 -7.20
CA LEU F 172 3.31 -43.06 -6.15
C LEU F 172 2.77 -42.38 -4.90
N GLY F 173 2.94 -43.03 -3.75
CA GLY F 173 2.46 -42.52 -2.49
C GLY F 173 1.03 -42.89 -2.14
N GLN F 174 0.30 -43.53 -3.04
CA GLN F 174 -1.07 -43.95 -2.79
C GLN F 174 -1.11 -45.39 -2.30
N ASP F 175 -2.30 -45.82 -1.90
CA ASP F 175 -2.50 -47.16 -1.39
C ASP F 175 -2.87 -48.13 -2.51
N ALA F 176 -2.59 -49.41 -2.27
CA ALA F 176 -2.96 -50.48 -3.18
C ALA F 176 -3.84 -51.47 -2.44
N LEU F 177 -4.89 -51.94 -3.11
CA LEU F 177 -5.88 -52.81 -2.48
C LEU F 177 -6.06 -54.09 -3.28
N LEU F 178 -4.95 -54.75 -3.61
CA LEU F 178 -4.95 -56.00 -4.36
C LEU F 178 -6.06 -56.92 -3.90
N ASP F 179 -6.99 -57.23 -4.79
CA ASP F 179 -8.17 -58.02 -4.44
C ASP F 179 -7.84 -59.51 -4.46
N LEU F 180 -8.44 -60.25 -3.53
CA LEU F 180 -8.30 -61.70 -3.50
C LEU F 180 -9.53 -62.30 -2.84
N SER F 181 -10.16 -63.25 -3.53
CA SER F 181 -11.25 -64.03 -2.98
C SER F 181 -10.95 -65.51 -3.18
N PHE F 182 -11.54 -66.35 -2.34
CA PHE F 182 -11.40 -67.77 -2.54
C PHE F 182 -12.66 -68.49 -2.07
N ALA F 183 -12.80 -69.73 -2.50
CA ALA F 183 -13.95 -70.56 -2.15
C ALA F 183 -13.48 -72.00 -2.01
N TYR F 184 -14.02 -72.70 -1.02
CA TYR F 184 -13.57 -74.03 -0.69
C TYR F 184 -14.77 -74.92 -0.37
N MET F 185 -14.88 -76.03 -1.09
CA MET F 185 -15.81 -77.12 -0.76
C MET F 185 -15.00 -78.36 -0.45
N PRO F 186 -15.02 -78.89 0.77
CA PRO F 186 -14.18 -80.04 1.09
C PRO F 186 -14.53 -81.23 0.20
N PRO F 187 -13.53 -82.00 -0.24
CA PRO F 187 -13.82 -83.16 -1.08
C PRO F 187 -14.52 -84.26 -0.30
N THR F 188 -15.10 -85.20 -1.05
CA THR F 188 -15.76 -86.34 -0.44
C THR F 188 -14.81 -87.02 0.54
N SER F 189 -15.28 -87.18 1.78
CA SER F 189 -14.41 -87.63 2.86
C SER F 189 -14.12 -89.12 2.83
N GLU F 190 -14.86 -89.90 2.04
CA GLU F 190 -14.70 -91.35 2.02
C GLU F 190 -15.05 -91.95 3.37
N ALA F 191 -16.11 -91.41 3.99
CA ALA F 191 -16.55 -91.85 5.32
C ALA F 191 -15.46 -91.61 6.36
N ALA F 192 -14.76 -90.48 6.24
CA ALA F 192 -13.71 -90.10 7.18
C ALA F 192 -13.80 -88.61 7.48
N SER F 193 -15.04 -88.13 7.72
CA SER F 193 -15.30 -86.72 7.98
C SER F 193 -15.43 -86.41 9.47
N SER F 194 -14.65 -87.10 10.31
CA SER F 194 -14.69 -86.87 11.76
C SER F 194 -13.79 -85.69 12.11
N LEU F 195 -14.27 -84.50 11.77
CA LEU F 195 -13.57 -83.25 12.04
C LEU F 195 -14.51 -82.27 12.72
N ALA F 196 -13.97 -81.11 13.08
CA ALA F 196 -14.76 -80.10 13.78
C ALA F 196 -15.66 -79.37 12.80
N PRO F 197 -16.97 -79.32 13.02
CA PRO F 197 -17.84 -78.54 12.14
C PRO F 197 -17.43 -77.07 12.12
N GLY F 198 -17.59 -76.45 10.96
CA GLY F 198 -17.19 -75.08 10.75
C GLY F 198 -16.05 -74.98 9.77
N PRO F 199 -15.74 -73.77 9.31
CA PRO F 199 -14.67 -73.60 8.32
C PRO F 199 -13.35 -74.12 8.86
N PRO F 200 -12.54 -74.78 8.04
CA PRO F 200 -11.23 -75.23 8.51
C PRO F 200 -10.23 -74.09 8.49
N PRO F 201 -9.25 -74.10 9.38
CA PRO F 201 -8.21 -73.05 9.33
C PRO F 201 -7.42 -73.13 8.04
N PHE F 202 -7.03 -71.96 7.54
CA PHE F 202 -6.27 -71.86 6.30
C PHE F 202 -5.13 -70.88 6.50
N GLY F 203 -4.19 -70.90 5.56
CA GLY F 203 -3.07 -69.97 5.56
C GLY F 203 -3.15 -69.05 4.36
N LEU F 204 -2.74 -67.81 4.55
CA LEU F 204 -2.66 -66.83 3.48
C LEU F 204 -1.23 -66.34 3.36
N GLU F 205 -0.71 -66.33 2.15
CA GLU F 205 0.66 -65.93 1.87
C GLU F 205 0.66 -64.86 0.79
N TRP F 206 1.33 -63.74 1.06
CA TRP F 206 1.53 -62.68 0.07
C TRP F 206 3.02 -62.43 -0.06
N ARG F 207 3.56 -62.66 -1.26
CA ARG F 207 4.97 -62.43 -1.56
C ARG F 207 5.10 -61.48 -2.74
N ARG F 208 6.28 -60.88 -2.87
CA ARG F 208 6.63 -60.06 -4.01
C ARG F 208 7.86 -60.65 -4.70
N GLN F 209 7.91 -60.48 -6.02
CA GLN F 209 9.06 -60.86 -6.82
C GLN F 209 9.27 -59.80 -7.89
N HIS F 210 10.50 -59.31 -7.99
CA HIS F 210 10.83 -58.33 -9.02
C HIS F 210 12.33 -58.12 -9.12
N LEU F 211 12.88 -58.22 -10.33
CA LEU F 211 14.29 -57.95 -10.57
C LEU F 211 15.17 -58.78 -9.63
N GLY F 212 14.89 -60.07 -9.58
CA GLY F 212 15.69 -60.98 -8.78
C GLY F 212 15.68 -60.66 -7.30
N LYS F 213 14.53 -60.27 -6.77
CA LYS F 213 14.41 -59.94 -5.36
C LYS F 213 13.02 -60.35 -4.88
N GLY F 214 12.99 -61.16 -3.84
CA GLY F 214 11.72 -61.66 -3.31
C GLY F 214 11.58 -61.44 -1.83
N HIS F 215 10.36 -61.14 -1.40
CA HIS F 215 10.05 -60.90 0.01
C HIS F 215 8.75 -61.60 0.37
N LEU F 216 8.71 -62.14 1.59
CA LEU F 216 7.45 -62.61 2.17
C LEU F 216 6.78 -61.42 2.83
N LEU F 217 5.87 -60.79 2.10
CA LEU F 217 5.24 -59.57 2.62
C LEU F 217 4.32 -59.88 3.78
N LEU F 218 3.55 -60.97 3.69
CA LEU F 218 2.56 -61.25 4.72
C LEU F 218 2.30 -62.75 4.80
N ALA F 219 2.18 -63.24 6.04
CA ALA F 219 1.79 -64.62 6.31
C ALA F 219 0.76 -64.61 7.43
N ALA F 220 -0.36 -65.28 7.22
CA ALA F 220 -1.40 -65.38 8.23
C ALA F 220 -1.96 -66.79 8.24
N THR F 221 -2.53 -67.19 9.38
CA THR F 221 -3.22 -68.47 9.51
C THR F 221 -4.53 -68.26 10.26
N PRO F 222 -5.52 -67.65 9.61
CA PRO F 222 -6.80 -67.42 10.30
C PRO F 222 -7.43 -68.72 10.77
N GLY F 223 -8.00 -68.68 11.96
CA GLY F 223 -8.59 -69.85 12.58
C GLY F 223 -7.62 -70.71 13.36
N LEU F 224 -6.33 -70.38 13.34
CA LEU F 224 -5.32 -71.13 14.06
C LEU F 224 -4.38 -70.13 14.72
N ASN F 225 -4.12 -70.32 16.01
CA ASN F 225 -3.28 -69.40 16.76
C ASN F 225 -1.84 -69.87 16.71
N GLY F 226 -0.96 -68.99 16.28
CA GLY F 226 0.46 -69.30 16.17
C GLY F 226 1.24 -68.07 15.80
N GLN F 227 2.56 -68.20 15.81
CA GLN F 227 3.46 -67.08 15.54
C GLN F 227 3.74 -67.02 14.04
N MET F 228 3.34 -65.89 13.42
CA MET F 228 3.59 -65.63 12.02
C MET F 228 4.74 -64.66 11.86
N PRO F 229 5.52 -64.75 10.77
CA PRO F 229 6.55 -63.74 10.53
C PRO F 229 5.94 -62.35 10.41
N ALA F 230 6.67 -61.36 10.93
CA ALA F 230 6.14 -60.00 10.95
C ALA F 230 5.87 -59.50 9.54
N ALA F 231 4.73 -58.84 9.37
CA ALA F 231 4.38 -58.28 8.08
C ALA F 231 5.34 -57.14 7.71
N GLN F 232 5.57 -56.99 6.42
CA GLN F 232 6.55 -56.04 5.90
C GLN F 232 5.86 -54.83 5.27
N GLU F 233 6.53 -53.68 5.35
CA GLU F 233 6.05 -52.44 4.75
C GLU F 233 4.69 -52.02 5.31
N GLY F 234 4.41 -52.40 6.55
CA GLY F 234 3.16 -52.01 7.17
C GLY F 234 1.94 -52.55 6.45
N ALA F 235 2.05 -53.73 5.84
CA ALA F 235 0.95 -54.30 5.08
C ALA F 235 0.06 -55.14 5.98
N VAL F 236 -1.24 -55.12 5.66
CA VAL F 236 -2.24 -55.90 6.37
C VAL F 236 -3.11 -56.60 5.33
N ALA F 237 -3.82 -57.63 5.77
CA ALA F 237 -4.70 -58.38 4.88
C ALA F 237 -6.04 -58.61 5.57
N PHE F 238 -7.11 -58.61 4.77
CA PHE F 238 -8.44 -58.96 5.25
C PHE F 238 -8.67 -60.47 5.11
N ALA F 239 -7.89 -61.23 5.86
CA ALA F 239 -7.87 -62.68 5.75
C ALA F 239 -8.84 -63.28 6.76
N ALA F 240 -9.97 -63.77 6.27
CA ALA F 240 -10.97 -64.40 7.14
C ALA F 240 -11.97 -65.14 6.27
N TRP F 241 -12.67 -66.08 6.89
CA TRP F 241 -13.84 -66.68 6.24
C TRP F 241 -15.01 -65.71 6.30
N ASP F 242 -15.82 -65.72 5.25
CA ASP F 242 -16.98 -64.84 5.21
C ASP F 242 -18.07 -65.27 6.19
N ASP F 243 -18.02 -66.50 6.66
CA ASP F 243 -18.99 -66.98 7.65
C ASP F 243 -18.41 -68.19 8.36
N ASP F 244 -19.01 -68.53 9.49
CA ASP F 244 -18.59 -69.65 10.32
C ASP F 244 -19.67 -70.72 10.38
N GLU F 245 -20.38 -70.92 9.27
CA GLU F 245 -21.42 -71.94 9.24
C GLU F 245 -20.79 -73.32 9.38
N PRO F 246 -21.50 -74.27 10.01
CA PRO F 246 -20.91 -75.59 10.23
C PRO F 246 -20.63 -76.38 8.96
N TRP F 247 -21.27 -76.04 7.84
CA TRP F 247 -21.18 -76.84 6.62
C TRP F 247 -20.79 -75.98 5.43
N GLY F 248 -19.94 -76.53 4.58
CA GLY F 248 -19.47 -75.82 3.40
C GLY F 248 -20.45 -75.95 2.25
N PRO F 249 -20.10 -75.31 1.13
CA PRO F 249 -18.84 -74.59 0.82
C PRO F 249 -18.71 -73.28 1.58
N TRP F 250 -17.49 -72.79 1.74
CA TRP F 250 -17.21 -71.54 2.41
C TRP F 250 -16.46 -70.60 1.46
N THR F 251 -16.90 -69.34 1.43
CA THR F 251 -16.18 -68.29 0.74
C THR F 251 -15.30 -67.55 1.73
N GLY F 252 -14.24 -66.94 1.23
CA GLY F 252 -13.29 -66.26 2.09
C GLY F 252 -12.58 -65.15 1.36
N ASN F 253 -11.98 -64.26 2.15
CA ASN F 253 -11.37 -63.04 1.68
C ASN F 253 -9.89 -63.06 2.02
N GLY F 254 -9.07 -62.52 1.13
CA GLY F 254 -7.64 -62.45 1.35
C GLY F 254 -7.03 -61.17 0.83
N THR F 255 -7.83 -60.10 0.79
CA THR F 255 -7.41 -58.86 0.18
C THR F 255 -6.16 -58.31 0.86
N PHE F 256 -5.30 -57.69 0.05
CA PHE F 256 -4.03 -57.15 0.50
C PHE F 256 -4.08 -55.63 0.44
N TRP F 257 -3.61 -54.99 1.50
CA TRP F 257 -3.62 -53.54 1.63
C TRP F 257 -2.18 -53.08 1.84
N LEU F 258 -1.61 -52.42 0.84
CA LEU F 258 -0.26 -51.89 0.92
C LEU F 258 -0.35 -50.38 1.12
N PRO F 259 0.04 -49.85 2.29
CA PRO F 259 -0.32 -48.46 2.63
C PRO F 259 0.19 -47.42 1.65
N ARG F 260 1.50 -47.34 1.45
CA ARG F 260 2.10 -46.38 0.54
C ARG F 260 2.99 -47.13 -0.45
N VAL F 261 2.82 -46.83 -1.73
CA VAL F 261 3.45 -47.58 -2.81
C VAL F 261 4.58 -46.73 -3.37
N GLN F 262 5.81 -47.16 -3.12
CA GLN F 262 7.01 -46.59 -3.70
C GLN F 262 7.43 -47.39 -4.90
N PRO F 263 8.29 -46.85 -5.77
CA PRO F 263 8.69 -47.61 -6.96
C PRO F 263 9.42 -48.91 -6.66
N PHE F 264 9.98 -49.07 -5.46
CA PHE F 264 10.67 -50.31 -5.13
C PHE F 264 9.71 -51.44 -4.77
N GLN F 265 8.42 -51.15 -4.64
CA GLN F 265 7.40 -52.15 -4.37
C GLN F 265 6.65 -52.57 -5.63
N GLU F 266 7.13 -52.16 -6.79
CA GLU F 266 6.57 -52.61 -8.06
C GLU F 266 6.92 -54.07 -8.31
N GLY F 267 6.14 -54.73 -9.16
CA GLY F 267 6.49 -56.06 -9.62
C GLY F 267 5.36 -57.04 -9.44
N THR F 268 5.71 -58.33 -9.36
CA THR F 268 4.73 -59.40 -9.32
C THR F 268 4.41 -59.75 -7.88
N TYR F 269 3.13 -59.72 -7.53
CA TYR F 269 2.66 -60.08 -6.20
C TYR F 269 1.93 -61.41 -6.29
N LEU F 270 2.42 -62.40 -5.55
CA LEU F 270 1.86 -63.74 -5.56
C LEU F 270 1.08 -63.98 -4.28
N ALA F 271 -0.17 -64.39 -4.42
CA ALA F 271 -1.06 -64.69 -3.31
C ALA F 271 -1.38 -66.17 -3.31
N THR F 272 -1.16 -66.83 -2.19
CA THR F 272 -1.40 -68.26 -2.03
C THR F 272 -2.35 -68.50 -0.88
N ILE F 273 -3.33 -69.38 -1.11
CA ILE F 273 -4.22 -69.90 -0.10
C ILE F 273 -3.83 -71.34 0.18
N HIS F 274 -3.59 -71.65 1.46
CA HIS F 274 -3.12 -72.96 1.88
C HIS F 274 -4.19 -73.64 2.73
N LEU F 275 -4.55 -74.85 2.33
CA LEU F 275 -5.27 -75.77 3.18
C LEU F 275 -4.36 -76.98 3.34
N PRO F 276 -4.63 -77.88 4.29
CA PRO F 276 -3.75 -79.04 4.43
C PRO F 276 -3.55 -79.79 3.12
N TYR F 277 -2.33 -79.77 2.61
CA TYR F 277 -1.93 -80.47 1.38
C TYR F 277 -2.55 -79.87 0.13
N LEU F 278 -3.10 -78.66 0.20
CA LEU F 278 -3.67 -77.98 -0.97
C LEU F 278 -3.16 -76.55 -1.02
N GLN F 279 -2.73 -76.12 -2.22
CA GLN F 279 -2.26 -74.76 -2.45
C GLN F 279 -2.98 -74.18 -3.66
N GLY F 280 -3.38 -72.92 -3.55
CA GLY F 280 -3.98 -72.21 -4.67
C GLY F 280 -3.36 -70.83 -4.83
N GLN F 281 -2.77 -70.56 -5.99
CA GLN F 281 -1.95 -69.36 -6.20
C GLN F 281 -2.51 -68.51 -7.32
N VAL F 282 -2.41 -67.19 -7.14
CA VAL F 282 -2.68 -66.22 -8.20
C VAL F 282 -1.57 -65.18 -8.19
N THR F 283 -1.41 -64.50 -9.31
CA THR F 283 -0.37 -63.50 -9.49
C THR F 283 -0.95 -62.20 -10.01
N LEU F 284 -0.43 -61.08 -9.51
CA LEU F 284 -0.83 -59.75 -9.93
C LEU F 284 0.43 -58.96 -10.31
N GLU F 285 0.24 -57.94 -11.14
CA GLU F 285 1.34 -57.08 -11.58
C GLU F 285 1.05 -55.66 -11.12
N LEU F 286 1.80 -55.20 -10.12
CA LEU F 286 1.63 -53.86 -9.58
C LEU F 286 2.63 -52.93 -10.26
N ALA F 287 2.11 -51.89 -10.90
CA ALA F 287 2.91 -50.89 -11.60
C ALA F 287 2.73 -49.54 -10.92
N VAL F 288 3.84 -48.89 -10.61
CA VAL F 288 3.85 -47.58 -9.96
C VAL F 288 4.20 -46.53 -11.00
N TYR F 289 3.59 -45.35 -10.88
CA TYR F 289 3.79 -44.29 -11.85
C TYR F 289 3.67 -42.94 -11.15
N LYS F 290 4.25 -41.93 -11.81
CA LYS F 290 4.22 -40.55 -11.33
C LYS F 290 4.36 -39.63 -12.54
N PRO F 291 3.38 -38.78 -12.84
CA PRO F 291 3.46 -37.95 -14.05
C PRO F 291 4.54 -36.89 -13.92
N PRO F 292 5.29 -36.63 -14.99
CA PRO F 292 6.38 -35.64 -14.91
C PRO F 292 5.86 -34.22 -14.76
N LYS F 293 6.71 -33.37 -14.17
CA LYS F 293 6.52 -31.93 -14.18
C LYS F 293 7.50 -31.32 -15.18
N VAL F 294 6.97 -30.66 -16.20
CA VAL F 294 7.78 -30.16 -17.31
C VAL F 294 7.91 -28.66 -17.19
N SER F 295 9.12 -28.15 -17.41
CA SER F 295 9.35 -26.71 -17.38
C SER F 295 10.55 -26.36 -18.25
N LEU F 296 10.40 -25.35 -19.11
CA LEU F 296 11.50 -24.86 -19.93
C LEU F 296 12.20 -23.75 -19.15
N MET F 297 13.41 -24.03 -18.67
CA MET F 297 14.09 -23.14 -17.73
C MET F 297 14.19 -21.71 -18.24
N PRO F 298 14.60 -21.44 -19.48
CA PRO F 298 14.54 -20.06 -19.98
C PRO F 298 13.10 -19.60 -20.14
N ALA F 299 12.64 -18.72 -19.26
CA ALA F 299 11.27 -18.24 -19.27
C ALA F 299 11.14 -16.73 -19.45
N THR F 300 12.26 -16.01 -19.52
CA THR F 300 12.23 -14.56 -19.73
C THR F 300 12.34 -14.23 -21.21
N LEU F 301 11.45 -14.85 -22.00
CA LEU F 301 11.46 -14.73 -23.45
C LEU F 301 12.87 -15.11 -23.92
N ALA F 302 13.58 -14.22 -24.61
CA ALA F 302 14.96 -14.49 -25.02
C ALA F 302 15.62 -13.14 -25.31
N ARG F 303 16.85 -13.20 -25.84
CA ARG F 303 17.62 -12.00 -26.12
C ARG F 303 17.43 -11.60 -27.58
N ALA F 304 18.20 -10.62 -28.04
CA ALA F 304 18.08 -10.13 -29.40
C ALA F 304 18.48 -11.21 -30.39
N ALA F 305 17.94 -11.12 -31.60
CA ALA F 305 18.22 -12.08 -32.67
C ALA F 305 18.60 -11.31 -33.94
N PRO F 306 19.70 -10.57 -33.92
CA PRO F 306 20.21 -9.96 -35.16
C PRO F 306 21.03 -10.92 -36.01
N GLY F 307 21.15 -12.17 -35.59
CA GLY F 307 21.99 -13.14 -36.27
C GLY F 307 22.95 -13.81 -35.31
N GLU F 308 22.91 -15.14 -35.28
CA GLU F 308 23.79 -15.93 -34.41
C GLU F 308 23.52 -15.63 -32.94
N ALA F 309 24.37 -16.15 -32.06
CA ALA F 309 24.22 -16.00 -30.63
C ALA F 309 22.84 -16.42 -30.12
N PRO F 310 22.43 -17.67 -30.37
CA PRO F 310 21.18 -18.16 -29.78
C PRO F 310 21.44 -18.81 -28.43
N PRO F 311 20.64 -18.49 -27.41
CA PRO F 311 20.83 -19.14 -26.11
C PRO F 311 20.44 -20.61 -26.16
N GLU F 312 21.03 -21.39 -25.26
CA GLU F 312 20.73 -22.80 -25.14
C GLU F 312 19.52 -23.00 -24.24
N LEU F 313 18.53 -23.74 -24.74
CA LEU F 313 17.29 -23.96 -24.02
C LEU F 313 17.36 -25.28 -23.25
N LEU F 314 17.04 -25.21 -21.96
CA LEU F 314 17.02 -26.38 -21.09
C LEU F 314 15.57 -26.71 -20.75
N CYS F 315 15.23 -27.99 -20.85
CA CYS F 315 13.88 -28.48 -20.56
C CYS F 315 14.00 -29.49 -19.44
N LEU F 316 13.52 -29.14 -18.25
CA LEU F 316 13.60 -29.99 -17.07
C LEU F 316 12.27 -30.72 -16.91
N VAL F 317 12.32 -32.05 -16.94
CA VAL F 317 11.19 -32.90 -16.59
C VAL F 317 11.54 -33.58 -15.27
N SER F 318 10.77 -33.30 -14.23
CA SER F 318 11.13 -33.63 -12.87
C SER F 318 10.10 -34.54 -12.23
N HIS F 319 10.59 -35.49 -11.44
CA HIS F 319 9.77 -36.34 -10.56
C HIS F 319 8.73 -37.11 -11.35
N PHE F 320 9.24 -38.01 -12.21
CA PHE F 320 8.40 -38.91 -12.98
C PHE F 320 8.90 -40.34 -12.83
N TYR F 321 7.95 -41.27 -12.79
CA TYR F 321 8.23 -42.70 -12.78
C TYR F 321 7.25 -43.36 -13.75
N PRO F 322 7.67 -44.41 -14.49
CA PRO F 322 9.01 -45.02 -14.56
C PRO F 322 10.02 -44.15 -15.29
N SER F 323 11.31 -44.42 -15.10
CA SER F 323 12.33 -43.62 -15.78
C SER F 323 12.24 -43.77 -17.29
N GLY F 324 12.04 -45.00 -17.77
CA GLY F 324 11.99 -45.25 -19.19
C GLY F 324 10.66 -44.81 -19.80
N GLY F 325 10.66 -44.76 -21.13
CA GLY F 325 9.47 -44.43 -21.88
C GLY F 325 9.23 -42.95 -22.11
N LEU F 326 10.06 -42.08 -21.55
CA LEU F 326 9.88 -40.64 -21.73
C LEU F 326 10.45 -40.21 -23.07
N GLU F 327 9.67 -39.44 -23.81
CA GLU F 327 10.07 -38.92 -25.12
C GLU F 327 9.94 -37.41 -25.10
N VAL F 328 11.06 -36.72 -25.23
CA VAL F 328 11.11 -35.26 -25.25
C VAL F 328 11.35 -34.81 -26.68
N GLU F 329 10.53 -33.88 -27.15
CA GLU F 329 10.60 -33.38 -28.52
C GLU F 329 10.59 -31.87 -28.51
N TRP F 330 11.27 -31.28 -29.49
CA TRP F 330 11.40 -29.83 -29.61
C TRP F 330 10.66 -29.36 -30.85
N GLU F 331 9.90 -28.28 -30.69
CA GLU F 331 9.02 -27.77 -31.74
C GLU F 331 9.19 -26.27 -31.87
N LEU F 332 8.81 -25.75 -33.04
CA LEU F 332 8.79 -24.32 -33.30
C LEU F 332 7.35 -23.91 -33.58
N ARG F 333 6.91 -22.84 -32.94
CA ARG F 333 5.53 -22.39 -33.04
C ARG F 333 5.46 -20.99 -33.63
N SER F 340 3.00 -25.18 -35.69
CA SER F 340 3.81 -26.29 -35.22
C SER F 340 4.79 -26.75 -36.30
N GLN F 341 6.02 -27.05 -35.89
CA GLN F 341 7.06 -27.48 -36.82
C GLN F 341 8.14 -28.20 -36.03
N LYS F 342 8.97 -28.95 -36.75
CA LYS F 342 10.11 -29.63 -36.13
C LYS F 342 11.21 -28.62 -35.85
N ALA F 343 11.51 -28.41 -34.56
CA ALA F 343 12.54 -27.46 -34.19
C ALA F 343 13.90 -27.90 -34.71
N GLU F 344 14.73 -26.92 -35.05
CA GLU F 344 16.08 -27.17 -35.52
C GLU F 344 17.09 -26.72 -34.48
N GLY F 345 18.15 -27.50 -34.32
CA GLY F 345 19.17 -27.23 -33.33
C GLY F 345 19.66 -28.54 -32.72
N GLN F 346 20.89 -28.52 -32.23
CA GLN F 346 21.47 -29.72 -31.62
C GLN F 346 20.69 -30.09 -30.37
N ARG F 347 20.45 -31.38 -30.18
CA ARG F 347 19.67 -31.86 -29.05
C ARG F 347 20.42 -32.95 -28.32
N TRP F 348 20.37 -32.90 -26.98
CA TRP F 348 20.88 -34.01 -26.18
C TRP F 348 20.20 -34.01 -24.81
N LEU F 349 20.56 -34.98 -23.98
CA LEU F 349 19.97 -35.11 -22.65
C LEU F 349 21.06 -35.23 -21.60
N SER F 350 20.68 -35.52 -20.36
CA SER F 350 21.62 -35.74 -19.26
C SER F 350 21.23 -37.01 -18.53
N ALA F 351 22.24 -37.68 -17.97
CA ALA F 351 22.01 -38.90 -17.21
C ALA F 351 20.92 -38.68 -16.16
N LEU F 352 20.17 -39.73 -15.88
CA LEU F 352 19.08 -39.64 -14.93
C LEU F 352 19.58 -39.21 -13.56
N ARG F 353 18.78 -38.40 -12.88
CA ARG F 353 19.06 -37.97 -11.51
C ARG F 353 17.98 -38.55 -10.61
N HIS F 354 18.40 -39.30 -9.59
CA HIS F 354 17.49 -40.09 -8.77
C HIS F 354 17.21 -39.38 -7.46
N HIS F 355 15.94 -39.27 -7.11
CA HIS F 355 15.50 -38.62 -5.89
C HIS F 355 15.26 -39.65 -4.79
N SER F 356 15.04 -39.16 -3.59
CA SER F 356 14.84 -40.05 -2.44
C SER F 356 13.55 -40.85 -2.59
N ASP F 357 12.50 -40.23 -3.12
CA ASP F 357 11.22 -40.91 -3.26
C ASP F 357 11.25 -42.00 -4.33
N GLY F 358 12.32 -42.09 -5.12
CA GLY F 358 12.46 -43.11 -6.13
C GLY F 358 12.20 -42.63 -7.55
N SER F 359 11.57 -41.47 -7.72
CA SER F 359 11.36 -40.91 -9.04
C SER F 359 12.69 -40.44 -9.62
N VAL F 360 12.65 -39.98 -10.87
CA VAL F 360 13.86 -39.53 -11.57
C VAL F 360 13.56 -38.21 -12.27
N SER F 361 14.62 -37.48 -12.57
CA SER F 361 14.55 -36.20 -13.27
C SER F 361 15.49 -36.23 -14.45
N LEU F 362 15.07 -35.59 -15.54
CA LEU F 362 15.82 -35.54 -16.79
C LEU F 362 15.87 -34.12 -17.30
N SER F 363 16.96 -33.80 -18.01
CA SER F 363 17.16 -32.48 -18.60
C SER F 363 17.47 -32.65 -20.07
N GLY F 364 16.66 -32.06 -20.93
CA GLY F 364 16.95 -31.96 -22.34
C GLY F 364 17.58 -30.62 -22.65
N HIS F 365 18.48 -30.61 -23.64
CA HIS F 365 19.18 -29.41 -24.05
C HIS F 365 19.04 -29.25 -25.55
N LEU F 366 18.61 -28.06 -25.98
CA LEU F 366 18.51 -27.71 -27.39
C LEU F 366 19.34 -26.47 -27.66
N GLN F 367 20.16 -26.52 -28.70
CA GLN F 367 20.93 -25.38 -29.18
C GLN F 367 20.42 -25.02 -30.57
N PRO F 368 19.54 -24.02 -30.69
CA PRO F 368 18.98 -23.68 -32.00
C PRO F 368 20.03 -23.04 -32.89
N PRO F 369 19.79 -23.00 -34.20
CA PRO F 369 20.72 -22.34 -35.11
C PRO F 369 20.62 -20.84 -35.01
N PRO F 370 21.44 -20.09 -35.75
CA PRO F 370 21.36 -18.63 -35.71
C PRO F 370 19.96 -18.10 -35.92
N VAL F 371 19.42 -17.42 -34.91
CA VAL F 371 18.07 -16.87 -34.99
C VAL F 371 18.11 -15.52 -35.69
N THR F 372 17.08 -15.25 -36.48
CA THR F 372 17.02 -14.03 -37.30
C THR F 372 15.62 -13.44 -37.20
N THR F 373 15.37 -12.42 -38.02
CA THR F 373 14.07 -11.75 -38.02
C THR F 373 12.94 -12.71 -38.37
N GLU F 374 13.24 -13.75 -39.15
CA GLU F 374 12.18 -14.65 -39.61
C GLU F 374 11.54 -15.41 -38.46
N GLN F 375 12.19 -15.48 -37.31
CA GLN F 375 11.68 -16.20 -36.14
C GLN F 375 11.11 -15.26 -35.09
N HIS F 376 10.73 -14.05 -35.48
CA HIS F 376 10.16 -13.10 -34.53
C HIS F 376 8.82 -13.59 -34.04
N GLY F 377 8.66 -13.65 -32.71
CA GLY F 377 7.44 -14.12 -32.10
C GLY F 377 7.26 -15.62 -32.12
N ALA F 378 8.19 -16.37 -32.70
CA ALA F 378 8.10 -17.82 -32.74
C ALA F 378 8.57 -18.40 -31.42
N ARG F 379 7.81 -19.37 -30.90
CA ARG F 379 8.09 -19.96 -29.60
C ARG F 379 8.78 -21.30 -29.76
N TYR F 380 9.88 -21.50 -29.03
CA TYR F 380 10.48 -22.80 -28.91
C TYR F 380 9.74 -23.59 -27.84
N ALA F 381 9.33 -24.81 -28.18
CA ALA F 381 8.47 -25.61 -27.31
C ALA F 381 9.12 -26.95 -27.02
N CYS F 382 9.03 -27.37 -25.75
CA CYS F 382 9.46 -28.69 -25.32
C CYS F 382 8.22 -29.48 -24.93
N ARG F 383 8.01 -30.63 -25.58
CA ARG F 383 6.83 -31.44 -25.37
C ARG F 383 7.26 -32.84 -24.94
N ILE F 384 6.59 -33.36 -23.91
CA ILE F 384 6.97 -34.61 -23.27
C ILE F 384 5.82 -35.60 -23.43
N HIS F 385 6.13 -36.78 -23.96
CA HIS F 385 5.22 -37.91 -24.04
C HIS F 385 5.69 -38.97 -23.06
N HIS F 386 4.80 -39.37 -22.15
CA HIS F 386 5.13 -40.37 -21.15
C HIS F 386 3.92 -41.28 -20.96
N PRO F 387 4.14 -42.56 -20.63
CA PRO F 387 2.99 -43.44 -20.40
C PRO F 387 2.02 -42.93 -19.35
N SER F 388 2.52 -42.32 -18.28
CA SER F 388 1.64 -41.78 -17.26
C SER F 388 0.90 -40.54 -17.75
N LEU F 389 1.51 -39.78 -18.65
CA LEU F 389 0.87 -38.59 -19.18
C LEU F 389 -0.26 -38.96 -20.14
N PRO F 390 -1.18 -38.02 -20.40
CA PRO F 390 -2.19 -38.27 -21.44
C PRO F 390 -1.56 -38.41 -22.81
N ALA F 391 -2.36 -38.73 -23.82
CA ALA F 391 -1.81 -38.95 -25.16
C ALA F 391 -1.17 -37.69 -25.71
N SER F 392 -1.61 -36.51 -25.25
CA SER F 392 -1.07 -35.26 -25.77
C SER F 392 0.31 -34.95 -25.20
N GLY F 393 0.57 -35.33 -23.95
CA GLY F 393 1.83 -34.99 -23.31
C GLY F 393 1.70 -33.71 -22.50
N ARG F 394 2.86 -33.16 -22.13
CA ARG F 394 2.93 -31.90 -21.42
C ARG F 394 3.96 -30.99 -22.08
N SER F 395 3.62 -29.72 -22.22
CA SER F 395 4.39 -28.80 -23.04
C SER F 395 4.81 -27.56 -22.25
N ALA F 396 5.98 -27.03 -22.62
CA ALA F 396 6.47 -25.75 -22.13
C ALA F 396 6.93 -24.92 -23.32
N GLU F 397 6.79 -23.61 -23.20
CA GLU F 397 7.07 -22.70 -24.31
C GLU F 397 7.94 -21.53 -23.85
N VAL F 398 8.82 -21.09 -24.74
CA VAL F 398 9.61 -19.88 -24.54
C VAL F 398 9.55 -19.06 -25.82
N THR F 399 9.10 -17.81 -25.70
CA THR F 399 9.03 -16.93 -26.85
C THR F 399 10.43 -16.43 -27.21
N LEU F 400 10.69 -16.33 -28.51
CA LEU F 400 12.00 -15.92 -29.02
C LEU F 400 11.93 -14.42 -29.34
N GLU F 401 12.53 -13.61 -28.49
CA GLU F 401 12.58 -12.18 -28.72
C GLU F 401 13.60 -11.85 -29.81
N VAL F 402 13.32 -10.77 -30.54
CA VAL F 402 14.21 -10.30 -31.60
C VAL F 402 14.38 -8.80 -31.46
N ALA F 403 15.48 -8.30 -32.03
CA ALA F 403 15.76 -6.87 -32.00
C ALA F 403 14.96 -6.17 -33.08
N GLY F 404 14.26 -5.11 -32.69
CA GLY F 404 13.45 -4.35 -33.64
C GLY F 404 13.69 -2.86 -33.54
N LEU F 405 12.82 -2.07 -34.15
CA LEU F 405 12.94 -0.60 -34.13
C LEU F 405 12.25 -0.03 -32.89
N SER F 406 12.69 -0.51 -31.73
CA SER F 406 12.14 -0.02 -30.47
C SER F 406 12.53 1.42 -30.23
N GLY F 407 11.59 2.22 -29.74
CA GLY F 407 11.86 3.60 -29.42
C GLY F 407 12.57 3.74 -28.11
N PRO F 408 13.33 4.83 -27.94
CA PRO F 408 14.08 5.02 -26.69
C PRO F 408 13.14 5.26 -25.52
N SER F 409 13.50 4.71 -24.37
CA SER F 409 12.76 4.96 -23.14
C SER F 409 13.12 6.32 -22.57
N LEU F 410 12.35 6.76 -21.58
CA LEU F 410 12.61 8.05 -20.95
C LEU F 410 14.00 8.08 -20.32
N GLU F 411 14.38 7.00 -19.64
CA GLU F 411 15.72 6.92 -19.09
C GLU F 411 16.78 7.01 -20.18
N ASP F 412 16.51 6.42 -21.34
CA ASP F 412 17.45 6.51 -22.45
C ASP F 412 17.61 7.95 -22.92
N SER F 413 16.51 8.69 -22.99
CA SER F 413 16.59 10.10 -23.38
C SER F 413 17.39 10.91 -22.36
N VAL F 414 17.14 10.66 -21.07
CA VAL F 414 17.90 11.38 -20.04
C VAL F 414 19.38 11.04 -20.15
N GLY F 415 19.70 9.77 -20.37
CA GLY F 415 21.10 9.38 -20.52
C GLY F 415 21.74 10.03 -21.73
N LEU F 416 21.01 10.10 -22.85
CA LEU F 416 21.54 10.78 -24.03
C LEU F 416 21.82 12.24 -23.74
N PHE F 417 20.90 12.92 -23.05
CA PHE F 417 21.12 14.31 -22.70
C PHE F 417 22.36 14.47 -21.83
N LEU F 418 22.50 13.62 -20.81
CA LEU F 418 23.64 13.73 -19.90
C LEU F 418 24.95 13.45 -20.62
N SER F 419 24.96 12.42 -21.47
CA SER F 419 26.18 12.11 -22.22
C SER F 419 26.56 13.24 -23.15
N ALA F 420 25.58 13.83 -23.85
CA ALA F 420 25.88 14.95 -24.74
C ALA F 420 26.39 16.14 -23.96
N PHE F 421 25.79 16.43 -22.81
CA PHE F 421 26.26 17.53 -21.97
C PHE F 421 27.70 17.32 -21.54
N LEU F 422 28.01 16.10 -21.06
CA LEU F 422 29.37 15.82 -20.62
C LEU F 422 30.35 15.92 -21.78
N LEU F 423 29.98 15.40 -22.96
CA LEU F 423 30.89 15.45 -24.09
C LEU F 423 31.15 16.88 -24.55
N LEU F 424 30.10 17.71 -24.61
CA LEU F 424 30.31 19.10 -25.01
C LEU F 424 31.15 19.85 -23.98
N GLY F 425 30.92 19.58 -22.69
CA GLY F 425 31.77 20.18 -21.68
C GLY F 425 33.23 19.77 -21.83
N LEU F 426 33.47 18.50 -22.12
CA LEU F 426 34.84 18.03 -22.35
C LEU F 426 35.45 18.70 -23.57
N PHE F 427 34.66 18.85 -24.65
CA PHE F 427 35.16 19.51 -25.84
C PHE F 427 35.55 20.95 -25.53
N LYS F 428 34.73 21.65 -24.74
CA LYS F 428 35.11 23.00 -24.31
C LYS F 428 36.37 22.97 -23.46
N ALA F 429 36.51 21.95 -22.61
CA ALA F 429 37.68 21.88 -21.72
C ALA F 429 38.98 21.77 -22.53
N LEU F 430 38.97 20.98 -23.59
CA LEU F 430 40.16 20.78 -24.41
C LEU F 430 39.96 21.35 -25.81
N GLY G 25 33.25 -55.43 5.62
CA GLY G 25 31.76 -55.44 5.69
C GLY G 25 31.16 -56.70 5.09
N SER G 26 30.00 -56.56 4.45
CA SER G 26 29.34 -57.70 3.83
C SER G 26 30.08 -58.10 2.55
N HIS G 27 30.18 -59.40 2.33
CA HIS G 27 30.78 -59.95 1.13
C HIS G 27 29.82 -60.94 0.50
N SER G 28 30.07 -61.28 -0.76
CA SER G 28 29.21 -62.21 -1.47
C SER G 28 30.01 -62.95 -2.53
N MET G 29 29.54 -64.15 -2.86
CA MET G 29 30.05 -64.91 -3.99
C MET G 29 28.85 -65.31 -4.84
N ARG G 30 28.95 -65.07 -6.16
CA ARG G 30 27.85 -65.31 -7.07
C ARG G 30 28.36 -66.01 -8.32
N TYR G 31 27.52 -66.87 -8.88
CA TYR G 31 27.80 -67.53 -10.16
C TYR G 31 26.63 -67.26 -11.09
N PHE G 32 26.93 -66.70 -12.25
CA PHE G 32 25.96 -66.37 -13.27
C PHE G 32 26.18 -67.28 -14.47
N TYR G 33 25.09 -67.84 -15.00
CA TYR G 33 25.06 -68.60 -16.23
C TYR G 33 24.07 -67.93 -17.16
N THR G 34 24.43 -67.74 -18.42
CA THR G 34 23.59 -67.01 -19.36
C THR G 34 23.69 -67.67 -20.73
N SER G 35 22.54 -68.07 -21.27
CA SER G 35 22.46 -68.67 -22.60
C SER G 35 21.58 -67.80 -23.47
N VAL G 36 22.13 -67.31 -24.58
CA VAL G 36 21.43 -66.39 -25.48
C VAL G 36 21.29 -67.08 -26.83
N SER G 37 20.06 -67.20 -27.30
CA SER G 37 19.80 -67.90 -28.56
C SER G 37 20.09 -66.99 -29.74
N ARG G 38 20.67 -67.57 -30.78
CA ARG G 38 21.07 -66.84 -32.00
C ARG G 38 20.52 -67.59 -33.20
N PRO G 39 19.24 -67.40 -33.51
CA PRO G 39 18.65 -68.13 -34.65
C PRO G 39 19.35 -67.77 -35.95
N GLY G 40 19.82 -68.80 -36.66
CA GLY G 40 20.51 -68.63 -37.92
C GLY G 40 21.96 -68.27 -37.81
N ARG G 41 22.46 -67.98 -36.61
CA ARG G 41 23.85 -67.62 -36.39
C ARG G 41 24.58 -68.64 -35.53
N GLY G 42 24.05 -69.86 -35.42
CA GLY G 42 24.67 -70.92 -34.66
C GLY G 42 23.89 -71.22 -33.39
N GLU G 43 24.46 -72.13 -32.60
CA GLU G 43 23.86 -72.52 -31.34
C GLU G 43 23.94 -71.37 -30.34
N PRO G 44 23.11 -71.41 -29.29
CA PRO G 44 23.12 -70.31 -28.32
C PRO G 44 24.50 -70.09 -27.70
N ARG G 45 24.83 -68.82 -27.50
CA ARG G 45 26.07 -68.44 -26.81
C ARG G 45 25.88 -68.60 -25.31
N PHE G 46 26.88 -69.19 -24.65
CA PHE G 46 26.82 -69.48 -23.22
C PHE G 46 27.98 -68.81 -22.51
N ILE G 47 27.66 -68.05 -21.46
CA ILE G 47 28.66 -67.37 -20.65
C ILE G 47 28.45 -67.75 -19.20
N SER G 48 29.52 -68.08 -18.50
CA SER G 48 29.47 -68.38 -17.07
C SER G 48 30.54 -67.56 -16.36
N VAL G 49 30.14 -66.84 -15.32
CA VAL G 49 31.04 -65.94 -14.61
C VAL G 49 30.89 -66.13 -13.11
N GLY G 50 32.00 -66.07 -12.40
CA GLY G 50 32.00 -66.06 -10.95
C GLY G 50 32.48 -64.73 -10.40
N TYR G 51 31.73 -64.16 -9.47
CA TYR G 51 32.02 -62.85 -8.89
C TYR G 51 32.22 -62.96 -7.38
N VAL G 52 33.21 -62.26 -6.87
CA VAL G 52 33.34 -61.96 -5.45
C VAL G 52 33.31 -60.45 -5.31
N ASP G 53 32.32 -59.93 -4.59
CA ASP G 53 32.19 -58.49 -4.37
C ASP G 53 32.22 -57.73 -5.69
N ASP G 54 31.49 -58.26 -6.68
CA ASP G 54 31.35 -57.66 -7.99
C ASP G 54 32.65 -57.62 -8.79
N THR G 55 33.65 -58.39 -8.38
CA THR G 55 34.88 -58.56 -9.14
C THR G 55 34.93 -59.99 -9.65
N GLN G 56 35.04 -60.17 -10.97
CA GLN G 56 35.05 -61.50 -11.54
C GLN G 56 36.39 -62.18 -11.32
N PHE G 57 36.33 -63.48 -11.04
CA PHE G 57 37.53 -64.28 -10.84
C PHE G 57 37.59 -65.52 -11.69
N VAL G 58 36.55 -65.81 -12.48
CA VAL G 58 36.54 -66.96 -13.37
C VAL G 58 35.51 -66.68 -14.45
N ARG G 59 35.79 -67.15 -15.67
CA ARG G 59 34.90 -66.85 -16.78
C ARG G 59 34.98 -67.96 -17.83
N PHE G 60 33.85 -68.20 -18.49
CA PHE G 60 33.75 -69.12 -19.61
C PHE G 60 32.90 -68.46 -20.69
N ASP G 61 33.21 -68.77 -21.95
CA ASP G 61 32.51 -68.16 -23.08
C ASP G 61 32.60 -69.11 -24.26
N SER G 62 31.45 -69.61 -24.71
CA SER G 62 31.45 -70.54 -25.83
C SER G 62 31.95 -69.87 -27.11
N ASP G 63 31.75 -68.55 -27.23
CA ASP G 63 32.27 -67.84 -28.39
C ASP G 63 33.78 -67.66 -28.34
N ALA G 64 34.38 -67.77 -27.16
CA ALA G 64 35.82 -67.61 -27.05
C ALA G 64 36.54 -68.65 -27.90
N ALA G 65 37.75 -68.28 -28.35
CA ALA G 65 38.50 -69.18 -29.23
C ALA G 65 38.79 -70.51 -28.54
N SER G 66 39.17 -70.46 -27.27
CA SER G 66 39.43 -71.66 -26.48
C SER G 66 38.32 -71.85 -25.46
N PRO G 67 37.43 -72.81 -25.62
CA PRO G 67 36.39 -73.03 -24.60
C PRO G 67 36.95 -73.63 -23.31
N ARG G 68 37.52 -72.77 -22.47
CA ARG G 68 38.14 -73.19 -21.21
C ARG G 68 37.60 -72.33 -20.09
N GLU G 69 37.73 -72.83 -18.86
CA GLU G 69 37.42 -72.07 -17.67
C GLU G 69 38.66 -71.28 -17.29
N GLU G 70 38.67 -69.98 -17.62
CA GLU G 70 39.85 -69.16 -17.47
C GLU G 70 39.75 -68.35 -16.19
N PRO G 71 40.69 -68.46 -15.25
CA PRO G 71 40.71 -67.51 -14.12
C PRO G 71 40.99 -66.09 -14.61
N ARG G 72 40.42 -65.12 -13.90
CA ARG G 72 40.64 -63.72 -14.24
C ARG G 72 40.95 -62.88 -13.01
N ALA G 73 41.45 -63.49 -11.94
CA ALA G 73 41.85 -62.76 -10.75
C ALA G 73 43.20 -63.25 -10.27
N PRO G 74 44.05 -62.35 -9.75
CA PRO G 74 45.36 -62.79 -9.23
C PRO G 74 45.26 -63.72 -8.02
N TRP G 75 44.13 -63.75 -7.34
CA TRP G 75 43.98 -64.53 -6.11
C TRP G 75 43.34 -65.89 -6.33
N ILE G 76 43.22 -66.32 -7.58
CA ILE G 76 42.73 -67.66 -7.89
C ILE G 76 43.69 -68.34 -8.86
N GLU G 77 44.69 -67.60 -9.34
CA GLU G 77 45.63 -68.16 -10.31
C GLU G 77 46.55 -69.20 -9.69
N GLN G 78 46.70 -69.22 -8.36
CA GLN G 78 47.59 -70.18 -7.72
C GLN G 78 47.00 -71.58 -7.64
N GLU G 79 45.76 -71.77 -8.08
CA GLU G 79 45.12 -73.08 -8.01
C GLU G 79 45.57 -73.96 -9.17
N GLY G 80 45.40 -75.27 -8.98
CA GLY G 80 45.92 -76.25 -9.91
C GLY G 80 45.07 -76.39 -11.16
N PRO G 81 45.65 -77.05 -12.16
CA PRO G 81 44.92 -77.23 -13.44
C PRO G 81 43.68 -78.10 -13.33
N GLU G 82 43.63 -79.03 -12.37
CA GLU G 82 42.44 -79.89 -12.25
C GLU G 82 41.20 -79.06 -11.94
N TYR G 83 41.34 -78.06 -11.07
CA TYR G 83 40.24 -77.18 -10.74
C TYR G 83 39.69 -76.47 -11.97
N TRP G 84 40.48 -76.40 -13.04
CA TRP G 84 40.04 -75.78 -14.28
C TRP G 84 39.46 -76.78 -15.27
N ASP G 85 40.05 -77.96 -15.40
CA ASP G 85 39.49 -78.98 -16.28
C ASP G 85 38.12 -79.43 -15.80
N ARG G 86 37.99 -79.68 -14.50
CA ARG G 86 36.70 -80.08 -13.95
C ARG G 86 35.65 -79.01 -14.19
N ASN G 87 35.99 -77.74 -13.95
CA ASN G 87 35.06 -76.65 -14.20
C ASN G 87 34.69 -76.57 -15.67
N THR G 88 35.66 -76.74 -16.57
CA THR G 88 35.37 -76.65 -18.00
C THR G 88 34.38 -77.73 -18.42
N GLN G 89 34.57 -78.96 -17.95
CA GLN G 89 33.61 -80.02 -18.28
C GLN G 89 32.24 -79.71 -17.70
N ILE G 90 32.19 -79.25 -16.44
CA ILE G 90 30.93 -78.92 -15.82
C ILE G 90 30.20 -77.86 -16.64
N TYR G 91 30.94 -76.86 -17.12
CA TYR G 91 30.31 -75.75 -17.82
C TYR G 91 29.89 -76.14 -19.23
N LYS G 92 30.60 -77.06 -19.88
CA LYS G 92 30.11 -77.60 -21.15
C LYS G 92 28.78 -78.32 -20.95
N ALA G 93 28.69 -79.14 -19.89
CA ALA G 93 27.42 -79.79 -19.59
C ALA G 93 26.33 -78.77 -19.31
N GLN G 94 26.67 -77.72 -18.56
CA GLN G 94 25.71 -76.66 -18.27
C GLN G 94 25.25 -75.97 -19.55
N ALA G 95 26.16 -75.75 -20.50
CA ALA G 95 25.78 -75.14 -21.76
C ALA G 95 24.77 -76.01 -22.51
N GLN G 96 25.02 -77.31 -22.57
CA GLN G 96 24.05 -78.20 -23.23
C GLN G 96 22.70 -78.16 -22.53
N THR G 97 22.70 -78.22 -21.20
CA THR G 97 21.45 -78.17 -20.46
C THR G 97 20.70 -76.87 -20.71
N ASP G 98 21.42 -75.74 -20.74
CA ASP G 98 20.77 -74.45 -20.94
C ASP G 98 20.22 -74.33 -22.35
N ARG G 99 20.90 -74.89 -23.35
CA ARG G 99 20.36 -74.87 -24.70
C ARG G 99 19.07 -75.69 -24.77
N GLU G 100 19.06 -76.86 -24.14
CA GLU G 100 17.83 -77.66 -24.13
C GLU G 100 16.70 -76.92 -23.44
N SER G 101 16.99 -76.28 -22.31
CA SER G 101 15.96 -75.53 -21.59
C SER G 101 15.47 -74.34 -22.41
N LEU G 102 16.38 -73.70 -23.15
CA LEU G 102 15.98 -72.61 -24.03
C LEU G 102 14.96 -73.09 -25.06
N ARG G 103 15.26 -74.23 -25.70
CA ARG G 103 14.32 -74.77 -26.68
C ARG G 103 12.98 -75.10 -26.02
N ASN G 104 13.01 -75.73 -24.85
CA ASN G 104 11.77 -76.11 -24.19
C ASN G 104 10.93 -74.89 -23.83
N LEU G 105 11.57 -73.84 -23.30
CA LEU G 105 10.83 -72.65 -22.90
C LEU G 105 10.29 -71.90 -24.12
N ARG G 106 11.07 -71.83 -25.20
CA ARG G 106 10.55 -71.21 -26.42
C ARG G 106 9.35 -71.96 -26.95
N GLY G 107 9.38 -73.30 -26.88
CA GLY G 107 8.21 -74.07 -27.28
C GLY G 107 7.01 -73.79 -26.39
N TYR G 108 7.24 -73.77 -25.07
CA TYR G 108 6.12 -73.58 -24.14
C TYR G 108 5.48 -72.21 -24.32
N TYR G 109 6.28 -71.16 -24.46
CA TYR G 109 5.76 -69.81 -24.50
C TYR G 109 5.17 -69.43 -25.85
N ASN G 110 5.26 -70.30 -26.85
CA ASN G 110 4.62 -70.07 -28.14
C ASN G 110 5.22 -68.86 -28.83
N GLN G 111 6.55 -68.85 -28.92
CA GLN G 111 7.30 -67.75 -29.51
C GLN G 111 7.97 -68.22 -30.79
N SER G 112 8.15 -67.28 -31.72
CA SER G 112 8.78 -67.60 -32.98
C SER G 112 10.22 -68.07 -32.77
N GLU G 113 10.64 -69.04 -33.60
CA GLU G 113 11.99 -69.56 -33.51
C GLU G 113 13.02 -68.66 -34.16
N ALA G 114 12.60 -67.56 -34.80
CA ALA G 114 13.51 -66.60 -35.38
C ALA G 114 13.92 -65.50 -34.40
N GLY G 115 13.30 -65.44 -33.22
CA GLY G 115 13.64 -64.44 -32.24
C GLY G 115 14.76 -64.88 -31.32
N SER G 116 15.27 -63.92 -30.56
CA SER G 116 16.36 -64.14 -29.61
C SER G 116 15.82 -64.10 -28.18
N HIS G 117 16.13 -65.14 -27.41
CA HIS G 117 15.68 -65.26 -26.04
C HIS G 117 16.85 -65.70 -25.17
N THR G 118 16.82 -65.29 -23.90
CA THR G 118 17.91 -65.54 -22.98
C THR G 118 17.40 -66.32 -21.77
N LEU G 119 18.22 -67.25 -21.30
CA LEU G 119 17.97 -67.99 -20.06
C LEU G 119 19.12 -67.72 -19.10
N GLN G 120 18.78 -67.27 -17.89
CA GLN G 120 19.79 -66.89 -16.90
C GLN G 120 19.58 -67.68 -15.63
N SER G 121 20.68 -68.14 -15.04
CA SER G 121 20.68 -68.78 -13.74
C SER G 121 21.71 -68.10 -12.86
N MET G 122 21.35 -67.88 -11.60
CA MET G 122 22.29 -67.31 -10.64
C MET G 122 22.23 -68.10 -9.34
N TYR G 123 23.39 -68.37 -8.76
CA TYR G 123 23.40 -68.97 -7.44
C TYR G 123 24.62 -68.50 -6.66
N GLY G 124 24.45 -68.33 -5.35
CA GLY G 124 25.56 -67.86 -4.56
C GLY G 124 25.17 -67.66 -3.11
N CYS G 125 26.11 -67.08 -2.36
CA CYS G 125 25.95 -66.86 -0.93
C CYS G 125 26.46 -65.48 -0.55
N ASP G 126 25.65 -64.76 0.23
CA ASP G 126 26.02 -63.47 0.80
C ASP G 126 26.27 -63.68 2.29
N VAL G 127 27.51 -63.36 2.71
CA VAL G 127 27.97 -63.59 4.07
C VAL G 127 28.30 -62.24 4.70
N GLY G 128 27.96 -62.08 5.97
CA GLY G 128 28.19 -60.85 6.67
C GLY G 128 29.63 -60.69 7.10
N PRO G 129 29.91 -59.56 7.77
CA PRO G 129 31.28 -59.33 8.25
C PRO G 129 31.77 -60.35 9.26
N ASP G 130 30.86 -61.10 9.90
CA ASP G 130 31.24 -62.11 10.88
C ASP G 130 31.61 -63.44 10.24
N GLY G 131 31.58 -63.54 8.91
CA GLY G 131 31.88 -64.79 8.23
C GLY G 131 30.76 -65.80 8.25
N ARG G 132 29.59 -65.43 8.75
CA ARG G 132 28.45 -66.33 8.88
C ARG G 132 27.44 -66.04 7.78
N LEU G 133 26.85 -67.10 7.24
CA LEU G 133 25.92 -66.96 6.13
C LEU G 133 24.77 -66.03 6.51
N LEU G 134 24.46 -65.09 5.63
CA LEU G 134 23.30 -64.23 5.75
C LEU G 134 22.20 -64.56 4.76
N ARG G 135 22.55 -64.84 3.50
CA ARG G 135 21.55 -65.11 2.48
C ARG G 135 22.12 -66.10 1.47
N GLY G 136 21.23 -66.91 0.90
CA GLY G 136 21.61 -67.84 -0.14
C GLY G 136 20.66 -67.76 -1.32
N HIS G 137 21.21 -67.66 -2.53
CA HIS G 137 20.41 -67.40 -3.73
C HIS G 137 20.53 -68.55 -4.71
N ASP G 138 19.38 -68.93 -5.28
CA ASP G 138 19.31 -69.86 -6.41
C ASP G 138 18.10 -69.44 -7.24
N GLN G 139 18.34 -68.68 -8.30
CA GLN G 139 17.29 -68.05 -9.09
C GLN G 139 17.47 -68.34 -10.57
N TYR G 140 16.37 -68.27 -11.30
CA TYR G 140 16.36 -68.38 -12.75
C TYR G 140 15.52 -67.27 -13.33
N ALA G 141 15.83 -66.89 -14.57
CA ALA G 141 15.06 -65.89 -15.31
C ALA G 141 15.02 -66.27 -16.77
N TYR G 142 13.90 -65.93 -17.42
CA TYR G 142 13.73 -66.11 -18.85
C TYR G 142 13.33 -64.78 -19.45
N ASP G 143 14.09 -64.33 -20.45
CA ASP G 143 13.88 -63.04 -21.09
C ASP G 143 13.88 -61.91 -20.06
N GLY G 144 14.81 -62.00 -19.10
CA GLY G 144 14.97 -60.94 -18.14
C GLY G 144 13.90 -60.85 -17.08
N LYS G 145 13.04 -61.84 -16.98
CA LYS G 145 11.96 -61.87 -15.99
C LYS G 145 12.16 -63.06 -15.07
N ASP G 146 11.79 -62.87 -13.80
CA ASP G 146 11.89 -63.95 -12.83
C ASP G 146 11.09 -65.16 -13.28
N TYR G 147 11.69 -66.34 -13.18
CA TYR G 147 11.07 -67.59 -13.60
C TYR G 147 10.80 -68.51 -12.41
N ILE G 148 11.83 -68.82 -11.62
CA ILE G 148 11.65 -69.57 -10.38
C ILE G 148 12.83 -69.25 -9.47
N ALA G 149 12.53 -69.00 -8.21
CA ALA G 149 13.55 -68.59 -7.24
C ALA G 149 13.43 -69.38 -5.96
N LEU G 150 14.56 -69.58 -5.29
CA LEU G 150 14.58 -70.12 -3.94
C LEU G 150 14.37 -68.99 -2.95
N ASN G 151 13.53 -69.23 -1.95
CA ASN G 151 13.16 -68.19 -1.01
C ASN G 151 14.25 -68.02 0.06
N GLU G 152 14.08 -66.95 0.86
CA GLU G 152 15.07 -66.64 1.89
C GLU G 152 15.15 -67.72 2.95
N ASP G 153 14.08 -68.48 3.16
CA ASP G 153 14.09 -69.56 4.14
C ASP G 153 14.80 -70.81 3.64
N LEU G 154 15.21 -70.84 2.37
CA LEU G 154 15.94 -71.95 1.79
C LEU G 154 15.15 -73.26 1.83
N ARG G 155 13.83 -73.18 1.84
CA ARG G 155 12.97 -74.34 1.92
C ARG G 155 11.95 -74.42 0.80
N SER G 156 11.37 -73.29 0.40
CA SER G 156 10.32 -73.25 -0.60
C SER G 156 10.80 -72.47 -1.82
N TRP G 157 9.95 -72.43 -2.84
CA TRP G 157 10.26 -71.80 -4.11
C TRP G 157 9.13 -70.88 -4.52
N THR G 158 9.49 -69.83 -5.27
CA THR G 158 8.53 -68.91 -5.86
C THR G 158 8.53 -69.15 -7.37
N ALA G 159 7.36 -69.51 -7.90
CA ALA G 159 7.14 -69.74 -9.32
C ALA G 159 5.80 -69.15 -9.71
N ALA G 160 5.77 -68.41 -10.82
CA ALA G 160 4.59 -67.66 -11.21
C ALA G 160 3.68 -68.41 -12.18
N ASP G 161 4.22 -68.81 -13.34
CA ASP G 161 3.41 -69.45 -14.37
C ASP G 161 3.38 -70.96 -14.17
N THR G 162 2.61 -71.65 -15.02
CA THR G 162 2.42 -73.08 -14.84
C THR G 162 3.69 -73.86 -15.16
N ALA G 163 4.45 -73.41 -16.17
CA ALA G 163 5.69 -74.11 -16.50
C ALA G 163 6.67 -74.07 -15.34
N ALA G 164 6.79 -72.92 -14.67
CA ALA G 164 7.65 -72.82 -13.51
C ALA G 164 7.09 -73.59 -12.32
N GLN G 165 5.76 -73.64 -12.19
CA GLN G 165 5.17 -74.36 -11.08
C GLN G 165 5.33 -75.87 -11.21
N ILE G 166 5.37 -76.38 -12.44
CA ILE G 166 5.65 -77.80 -12.65
C ILE G 166 7.03 -78.14 -12.10
N THR G 167 8.03 -77.33 -12.45
CA THR G 167 9.37 -77.56 -11.93
C THR G 167 9.41 -77.37 -10.42
N GLN G 168 8.65 -76.39 -9.91
CA GLN G 168 8.59 -76.19 -8.47
C GLN G 168 8.09 -77.45 -7.77
N ARG G 169 7.02 -78.05 -8.29
CA ARG G 169 6.46 -79.23 -7.65
C ARG G 169 7.38 -80.43 -7.79
N LYS G 170 8.05 -80.56 -8.94
CA LYS G 170 9.04 -81.64 -9.08
C LYS G 170 10.17 -81.48 -8.07
N TRP G 171 10.68 -80.26 -7.91
CA TRP G 171 11.79 -80.04 -6.97
C TRP G 171 11.34 -80.23 -5.53
N GLU G 172 10.10 -79.85 -5.22
CA GLU G 172 9.60 -80.06 -3.86
C GLU G 172 9.41 -81.54 -3.57
N ALA G 173 8.93 -82.30 -4.56
CA ALA G 173 8.83 -83.75 -4.38
C ALA G 173 10.21 -84.37 -4.20
N ALA G 174 11.19 -83.91 -4.98
CA ALA G 174 12.55 -84.45 -4.89
C ALA G 174 13.35 -83.85 -3.75
N ARG G 175 12.86 -82.78 -3.12
CA ARG G 175 13.54 -82.15 -2.00
C ARG G 175 14.92 -81.63 -2.39
N GLU G 176 14.96 -80.90 -3.51
CA GLU G 176 16.21 -80.28 -3.95
C GLU G 176 16.62 -79.13 -3.05
N ALA G 177 15.65 -78.49 -2.39
CA ALA G 177 15.97 -77.37 -1.50
C ALA G 177 16.90 -77.81 -0.39
N GLU G 178 16.79 -79.05 0.08
CA GLU G 178 17.69 -79.54 1.13
C GLU G 178 19.13 -79.59 0.63
N GLN G 179 19.33 -80.14 -0.56
CA GLN G 179 20.69 -80.19 -1.12
C GLN G 179 21.24 -78.78 -1.36
N ARG G 180 20.41 -77.89 -1.87
CA ARG G 180 20.87 -76.52 -2.10
C ARG G 180 21.20 -75.82 -0.80
N ARG G 181 20.40 -76.05 0.25
CA ARG G 181 20.71 -75.49 1.55
C ARG G 181 22.03 -76.03 2.09
N ALA G 182 22.27 -77.33 1.92
CA ALA G 182 23.52 -77.91 2.37
C ALA G 182 24.71 -77.30 1.63
N TYR G 183 24.56 -77.09 0.32
CA TYR G 183 25.65 -76.51 -0.46
C TYR G 183 25.91 -75.06 -0.06
N LEU G 184 24.85 -74.25 -0.02
CA LEU G 184 25.02 -72.82 0.23
C LEU G 184 25.60 -72.55 1.61
N GLU G 185 25.09 -73.24 2.64
CA GLU G 185 25.62 -73.09 3.98
C GLU G 185 26.97 -73.78 4.15
N GLY G 186 27.39 -74.58 3.17
CA GLY G 186 28.64 -75.31 3.24
C GLY G 186 29.68 -74.79 2.26
N GLU G 187 29.79 -75.47 1.11
CA GLU G 187 30.88 -75.20 0.18
C GLU G 187 30.95 -73.73 -0.20
N CYS G 188 29.79 -73.09 -0.42
CA CYS G 188 29.80 -71.71 -0.89
C CYS G 188 30.48 -70.79 0.13
N VAL G 189 30.09 -70.89 1.40
CA VAL G 189 30.66 -70.03 2.43
C VAL G 189 32.14 -70.33 2.62
N GLU G 190 32.51 -71.61 2.61
CA GLU G 190 33.90 -71.98 2.77
C GLU G 190 34.76 -71.39 1.65
N TRP G 191 34.30 -71.51 0.41
CA TRP G 191 35.05 -70.96 -0.72
C TRP G 191 35.10 -69.44 -0.65
N LEU G 192 34.01 -68.80 -0.20
CA LEU G 192 34.02 -67.35 -0.05
C LEU G 192 35.07 -66.91 0.98
N ARG G 193 35.15 -67.62 2.11
CA ARG G 193 36.16 -67.30 3.10
C ARG G 193 37.57 -67.52 2.54
N ARG G 194 37.76 -68.63 1.82
CA ARG G 194 39.07 -68.92 1.25
C ARG G 194 39.49 -67.83 0.27
N TYR G 195 38.57 -67.39 -0.59
CA TYR G 195 38.88 -66.31 -1.51
C TYR G 195 39.18 -65.02 -0.78
N LEU G 196 38.38 -64.68 0.24
CA LEU G 196 38.61 -63.46 0.99
C LEU G 196 39.93 -63.50 1.74
N GLU G 197 40.47 -64.69 2.01
CA GLU G 197 41.76 -64.78 2.66
C GLU G 197 42.92 -64.74 1.65
N ASN G 198 42.83 -65.52 0.58
CA ASN G 198 43.90 -65.56 -0.41
C ASN G 198 44.06 -64.25 -1.15
N GLY G 199 43.03 -63.42 -1.19
CA GLY G 199 43.08 -62.16 -1.91
C GLY G 199 42.62 -60.99 -1.07
N LYS G 200 42.94 -61.02 0.23
CA LYS G 200 42.52 -59.95 1.13
C LYS G 200 43.20 -58.63 0.80
N ASP G 201 44.33 -58.65 0.10
CA ASP G 201 45.05 -57.42 -0.21
C ASP G 201 44.24 -56.48 -1.08
N LYS G 202 43.27 -57.00 -1.84
CA LYS G 202 42.40 -56.17 -2.66
C LYS G 202 40.92 -56.37 -2.38
N LEU G 203 40.50 -57.55 -1.91
CA LEU G 203 39.10 -57.78 -1.60
C LEU G 203 38.67 -57.15 -0.28
N GLU G 204 39.56 -57.12 0.71
CA GLU G 204 39.24 -56.61 2.04
C GLU G 204 39.81 -55.22 2.29
N ARG G 205 40.33 -54.56 1.26
CA ARG G 205 40.81 -53.19 1.44
C ARG G 205 39.64 -52.23 1.54
N ALA G 206 39.93 -51.01 1.97
CA ALA G 206 38.90 -49.98 2.11
C ALA G 206 39.54 -48.63 1.81
N ASP G 207 39.41 -48.18 0.56
CA ASP G 207 39.93 -46.88 0.17
C ASP G 207 38.93 -45.80 0.52
N PRO G 208 39.31 -44.80 1.32
CA PRO G 208 38.37 -43.71 1.62
C PRO G 208 38.16 -42.84 0.41
N PRO G 209 37.02 -42.16 0.32
CA PRO G 209 36.78 -41.25 -0.80
C PRO G 209 37.52 -39.93 -0.66
N LYS G 210 37.83 -39.33 -1.79
CA LYS G 210 38.33 -37.96 -1.88
C LYS G 210 37.17 -37.05 -2.27
N THR G 211 36.91 -36.03 -1.44
CA THR G 211 35.69 -35.26 -1.55
C THR G 211 36.00 -33.79 -1.74
N HIS G 212 35.10 -33.11 -2.46
CA HIS G 212 35.17 -31.68 -2.67
C HIS G 212 33.80 -31.20 -3.13
N VAL G 213 33.49 -29.94 -2.84
CA VAL G 213 32.22 -29.33 -3.21
C VAL G 213 32.46 -28.38 -4.37
N THR G 214 31.45 -28.28 -5.24
CA THR G 214 31.50 -27.42 -6.41
C THR G 214 30.24 -26.57 -6.46
N HIS G 215 30.39 -25.34 -6.94
CA HIS G 215 29.31 -24.35 -6.98
C HIS G 215 29.04 -23.98 -8.43
N HIS G 216 27.75 -24.00 -8.81
CA HIS G 216 27.35 -23.63 -10.16
C HIS G 216 26.11 -22.74 -10.13
N PRO G 217 26.21 -21.46 -10.46
CA PRO G 217 25.00 -20.61 -10.48
C PRO G 217 24.10 -20.97 -11.65
N ILE G 218 22.90 -21.45 -11.34
CA ILE G 218 21.95 -21.82 -12.39
C ILE G 218 21.26 -20.59 -12.95
N SER G 219 20.55 -19.86 -12.10
CA SER G 219 19.91 -18.60 -12.44
C SER G 219 20.43 -17.51 -11.51
N ASP G 220 19.92 -16.30 -11.70
CA ASP G 220 20.39 -15.16 -10.92
C ASP G 220 20.13 -15.34 -9.42
N HIS G 221 19.22 -16.22 -9.03
CA HIS G 221 18.86 -16.38 -7.63
C HIS G 221 18.90 -17.84 -7.17
N GLU G 222 19.67 -18.70 -7.84
CA GLU G 222 19.78 -20.09 -7.43
C GLU G 222 21.14 -20.64 -7.85
N ALA G 223 21.73 -21.42 -6.96
CA ALA G 223 22.98 -22.11 -7.23
C ALA G 223 22.80 -23.61 -7.00
N THR G 224 23.72 -24.39 -7.54
CA THR G 224 23.78 -25.83 -7.32
C THR G 224 25.08 -26.16 -6.62
N LEU G 225 24.98 -26.85 -5.49
CA LEU G 225 26.14 -27.36 -4.76
C LEU G 225 26.24 -28.86 -5.04
N ARG G 226 27.36 -29.27 -5.61
CA ARG G 226 27.59 -30.67 -5.96
C ARG G 226 28.72 -31.21 -5.10
N CYS G 227 28.43 -32.26 -4.35
CA CYS G 227 29.39 -32.94 -3.49
C CYS G 227 29.89 -34.19 -4.19
N TRP G 228 31.21 -34.36 -4.22
CA TRP G 228 31.87 -35.43 -4.95
C TRP G 228 32.50 -36.42 -3.98
N ALA G 229 32.52 -37.70 -4.39
CA ALA G 229 33.25 -38.75 -3.70
C ALA G 229 33.91 -39.60 -4.77
N LEU G 230 35.24 -39.58 -4.81
CA LEU G 230 36.01 -40.17 -5.89
C LEU G 230 37.02 -41.17 -5.34
N GLY G 231 37.25 -42.24 -6.09
CA GLY G 231 38.35 -43.14 -5.77
C GLY G 231 38.18 -43.89 -4.47
N PHE G 232 36.97 -44.38 -4.18
CA PHE G 232 36.70 -45.12 -2.96
C PHE G 232 36.31 -46.54 -3.29
N TYR G 233 36.68 -47.46 -2.39
CA TYR G 233 36.33 -48.86 -2.47
C TYR G 233 36.03 -49.34 -1.05
N PRO G 234 34.97 -50.13 -0.85
CA PRO G 234 34.00 -50.67 -1.81
C PRO G 234 33.07 -49.62 -2.38
N ALA G 235 32.07 -50.05 -3.16
CA ALA G 235 31.13 -49.12 -3.78
C ALA G 235 30.11 -48.57 -2.80
N GLU G 236 29.90 -49.22 -1.66
CA GLU G 236 28.88 -48.77 -0.73
C GLU G 236 29.30 -47.44 -0.11
N ILE G 237 28.45 -46.43 -0.25
CA ILE G 237 28.74 -45.09 0.27
C ILE G 237 27.42 -44.36 0.41
N THR G 238 27.37 -43.40 1.34
CA THR G 238 26.17 -42.60 1.56
C THR G 238 26.54 -41.12 1.49
N LEU G 239 25.88 -40.40 0.59
CA LEU G 239 26.03 -38.95 0.47
C LEU G 239 24.71 -38.29 0.85
N THR G 240 24.77 -37.26 1.69
CA THR G 240 23.57 -36.56 2.12
C THR G 240 23.83 -35.06 2.11
N TRP G 241 22.75 -34.29 1.95
CA TRP G 241 22.79 -32.84 2.06
C TRP G 241 21.88 -32.42 3.20
N GLN G 242 22.40 -31.56 4.08
CA GLN G 242 21.65 -31.09 5.24
C GLN G 242 21.67 -29.57 5.28
N ARG G 243 20.56 -28.99 5.74
CA ARG G 243 20.40 -27.54 5.90
C ARG G 243 20.19 -27.28 7.38
N ASP G 244 21.25 -26.85 8.08
CA ASP G 244 21.22 -26.68 9.53
C ASP G 244 20.84 -28.00 10.22
N GLY G 245 21.38 -29.11 9.72
CA GLY G 245 21.19 -30.40 10.33
C GLY G 245 19.93 -31.14 9.93
N GLU G 246 19.16 -30.62 8.98
CA GLU G 246 17.94 -31.27 8.51
C GLU G 246 18.16 -31.81 7.10
N ASP G 247 17.87 -33.09 6.91
CA ASP G 247 18.09 -33.71 5.61
C ASP G 247 17.20 -33.06 4.56
N GLN G 248 17.72 -32.98 3.33
CA GLN G 248 17.02 -32.41 2.18
C GLN G 248 16.74 -33.49 1.15
N THR G 249 16.26 -34.64 1.61
CA THR G 249 16.16 -35.82 0.75
C THR G 249 15.28 -35.56 -0.47
N GLN G 250 14.14 -34.89 -0.27
CA GLN G 250 13.22 -34.67 -1.38
C GLN G 250 13.88 -33.85 -2.49
N ASP G 251 14.53 -32.76 -2.11
CA ASP G 251 15.21 -31.90 -3.08
C ASP G 251 16.71 -32.24 -3.12
N THR G 252 17.00 -33.43 -3.62
CA THR G 252 18.38 -33.86 -3.80
C THR G 252 18.47 -34.77 -5.01
N GLU G 253 19.30 -34.38 -5.97
CA GLU G 253 19.57 -35.17 -7.17
C GLU G 253 20.79 -36.04 -6.94
N LEU G 254 20.81 -37.23 -7.55
CA LEU G 254 21.89 -38.18 -7.34
C LEU G 254 22.24 -38.87 -8.65
N VAL G 255 23.52 -39.10 -8.86
CA VAL G 255 24.01 -39.97 -9.93
C VAL G 255 24.37 -41.30 -9.32
N GLU G 256 24.05 -42.39 -10.01
CA GLU G 256 24.35 -43.71 -9.50
C GLU G 256 25.87 -43.93 -9.41
N THR G 257 26.27 -44.75 -8.43
CA THR G 257 27.68 -45.08 -8.28
C THR G 257 28.20 -45.72 -9.55
N ARG G 258 29.40 -45.30 -9.96
CA ARG G 258 29.95 -45.68 -11.25
C ARG G 258 31.41 -46.08 -11.09
N PRO G 259 31.92 -46.95 -11.95
CA PRO G 259 33.33 -47.36 -11.84
C PRO G 259 34.28 -46.40 -12.53
N ALA G 260 35.27 -45.90 -11.80
CA ALA G 260 36.27 -45.03 -12.40
C ALA G 260 37.10 -45.74 -13.46
N GLY G 261 37.14 -47.06 -13.44
CA GLY G 261 37.93 -47.83 -14.39
C GLY G 261 39.25 -48.33 -13.86
N ASP G 262 39.55 -48.11 -12.57
CA ASP G 262 40.79 -48.55 -11.96
C ASP G 262 40.53 -49.16 -10.59
N ARG G 263 39.41 -49.89 -10.47
CA ARG G 263 39.03 -50.63 -9.27
C ARG G 263 38.52 -49.74 -8.15
N THR G 264 38.12 -48.51 -8.45
CA THR G 264 37.49 -47.63 -7.48
C THR G 264 36.21 -47.06 -8.11
N PHE G 265 35.50 -46.24 -7.33
CA PHE G 265 34.17 -45.78 -7.72
C PHE G 265 34.04 -44.28 -7.54
N GLN G 266 33.03 -43.71 -8.18
CA GLN G 266 32.73 -42.28 -8.14
C GLN G 266 31.25 -42.08 -7.87
N LYS G 267 30.92 -40.96 -7.22
CA LYS G 267 29.53 -40.60 -6.98
C LYS G 267 29.48 -39.11 -6.66
N TRP G 268 28.34 -38.50 -6.93
CA TRP G 268 28.12 -37.13 -6.49
C TRP G 268 26.64 -36.90 -6.20
N ALA G 269 26.39 -35.91 -5.35
CA ALA G 269 25.05 -35.51 -4.95
C ALA G 269 24.91 -34.01 -5.10
N ALA G 270 23.81 -33.57 -5.71
CA ALA G 270 23.60 -32.16 -6.02
C ALA G 270 22.38 -31.64 -5.31
N VAL G 271 22.48 -30.43 -4.75
CA VAL G 271 21.37 -29.76 -4.09
C VAL G 271 21.28 -28.33 -4.62
N VAL G 272 20.07 -27.90 -4.95
CA VAL G 272 19.81 -26.54 -5.41
C VAL G 272 19.49 -25.67 -4.20
N VAL G 273 20.16 -24.53 -4.11
CA VAL G 273 20.05 -23.65 -2.94
C VAL G 273 19.82 -22.21 -3.39
N PRO G 274 19.18 -21.38 -2.58
CA PRO G 274 19.06 -19.96 -2.92
C PRO G 274 20.42 -19.29 -3.00
N SER G 275 20.54 -18.35 -3.93
CA SER G 275 21.78 -17.60 -4.07
C SER G 275 22.08 -16.84 -2.78
N GLY G 276 23.33 -16.89 -2.34
CA GLY G 276 23.77 -16.27 -1.12
C GLY G 276 23.74 -17.20 0.09
N GLU G 277 22.80 -18.15 0.12
CA GLU G 277 22.71 -19.12 1.21
C GLU G 277 23.39 -20.41 0.75
N GLU G 278 24.72 -20.39 0.75
CA GLU G 278 25.53 -21.56 0.42
C GLU G 278 26.42 -22.00 1.57
N GLN G 279 26.25 -21.41 2.76
CA GLN G 279 27.05 -21.78 3.92
C GLN G 279 26.29 -22.61 4.95
N ARG G 280 24.96 -22.48 5.00
CA ARG G 280 24.18 -23.30 5.91
C ARG G 280 24.19 -24.77 5.50
N TYR G 281 24.27 -25.04 4.20
CA TYR G 281 24.23 -26.41 3.72
C TYR G 281 25.54 -27.13 4.02
N THR G 282 25.43 -28.44 4.24
CA THR G 282 26.58 -29.29 4.49
C THR G 282 26.38 -30.64 3.83
N CYS G 283 27.45 -31.17 3.25
CA CYS G 283 27.45 -32.49 2.64
C CYS G 283 28.04 -33.49 3.63
N HIS G 284 27.28 -34.54 3.94
CA HIS G 284 27.70 -35.56 4.87
C HIS G 284 28.02 -36.83 4.11
N VAL G 285 29.22 -37.35 4.31
CA VAL G 285 29.74 -38.49 3.56
C VAL G 285 30.03 -39.61 4.55
N GLN G 286 29.46 -40.79 4.28
CA GLN G 286 29.65 -41.97 5.11
C GLN G 286 30.22 -43.09 4.26
N HIS G 287 31.37 -43.62 4.66
CA HIS G 287 32.02 -44.72 3.97
C HIS G 287 32.88 -45.49 4.97
N GLU G 288 33.12 -46.77 4.67
CA GLU G 288 33.88 -47.61 5.60
C GLU G 288 35.30 -47.10 5.80
N GLY G 289 35.95 -46.70 4.71
CA GLY G 289 37.33 -46.23 4.78
C GLY G 289 37.52 -44.95 5.56
N LEU G 290 36.44 -44.23 5.87
CA LEU G 290 36.53 -43.01 6.65
C LEU G 290 36.41 -43.34 8.13
N PRO G 291 37.39 -42.99 8.97
CA PRO G 291 37.22 -43.25 10.41
C PRO G 291 36.00 -42.56 11.00
N LYS G 292 35.66 -41.37 10.51
CA LYS G 292 34.50 -40.63 10.95
C LYS G 292 33.80 -40.06 9.73
N PRO G 293 32.47 -39.91 9.79
CA PRO G 293 31.76 -39.29 8.66
C PRO G 293 32.29 -37.88 8.40
N LEU G 294 32.36 -37.52 7.12
CA LEU G 294 32.91 -36.24 6.71
C LEU G 294 31.79 -35.21 6.53
N THR G 295 32.04 -33.99 6.97
CA THR G 295 31.16 -32.86 6.74
C THR G 295 31.89 -31.85 5.87
N LEU G 296 31.28 -31.49 4.74
CA LEU G 296 31.90 -30.63 3.74
C LEU G 296 31.04 -29.39 3.52
N ARG G 297 31.71 -28.24 3.42
CA ARG G 297 31.05 -26.97 3.15
C ARG G 297 31.72 -26.31 1.96
N TRP G 298 30.94 -25.54 1.21
CA TRP G 298 31.47 -24.81 0.07
C TRP G 298 32.37 -23.67 0.51
N ILE H 21 10.62 -59.29 -20.53
CA ILE H 21 10.59 -57.79 -20.56
C ILE H 21 11.91 -57.25 -21.08
N GLN H 22 11.87 -56.02 -21.58
CA GLN H 22 13.06 -55.33 -22.08
C GLN H 22 13.24 -54.03 -21.31
N ARG H 23 14.49 -53.70 -21.02
CA ARG H 23 14.83 -52.51 -20.24
C ARG H 23 15.84 -51.67 -21.01
N THR H 24 15.64 -50.36 -20.99
CA THR H 24 16.50 -49.47 -21.77
C THR H 24 17.79 -49.17 -21.01
N PRO H 25 18.94 -49.12 -21.69
CA PRO H 25 20.19 -48.82 -20.99
C PRO H 25 20.19 -47.43 -20.39
N LYS H 26 20.81 -47.32 -19.22
CA LYS H 26 21.09 -46.04 -18.60
C LYS H 26 22.56 -45.70 -18.84
N ILE H 27 22.80 -44.47 -19.29
CA ILE H 27 24.10 -44.05 -19.80
C ILE H 27 24.66 -42.96 -18.90
N GLN H 28 25.94 -43.07 -18.59
CA GLN H 28 26.69 -41.99 -17.95
C GLN H 28 28.01 -41.83 -18.67
N VAL H 29 28.44 -40.59 -18.86
CA VAL H 29 29.72 -40.29 -19.51
C VAL H 29 30.51 -39.38 -18.58
N TYR H 30 31.71 -39.82 -18.20
CA TYR H 30 32.51 -39.10 -17.21
C TYR H 30 33.98 -39.37 -17.49
N SER H 31 34.84 -38.94 -16.59
CA SER H 31 36.28 -39.15 -16.71
C SER H 31 36.80 -39.82 -15.44
N ARG H 32 37.89 -40.57 -15.59
CA ARG H 32 38.45 -41.31 -14.46
C ARG H 32 38.91 -40.36 -13.36
N HIS H 33 39.45 -39.22 -13.73
CA HIS H 33 39.93 -38.21 -12.80
C HIS H 33 39.29 -36.87 -13.15
N PRO H 34 39.30 -35.91 -12.23
CA PRO H 34 38.80 -34.57 -12.58
C PRO H 34 39.58 -34.00 -13.76
N ALA H 35 38.85 -33.36 -14.66
CA ALA H 35 39.40 -32.94 -15.94
C ALA H 35 40.25 -31.70 -15.77
N GLU H 36 41.51 -31.79 -16.17
CA GLU H 36 42.42 -30.65 -16.25
C GLU H 36 42.93 -30.53 -17.68
N ASN H 37 42.79 -29.36 -18.27
CA ASN H 37 43.21 -29.16 -19.65
C ASN H 37 44.71 -29.44 -19.78
N GLY H 38 45.06 -30.23 -20.80
CA GLY H 38 46.45 -30.54 -21.07
C GLY H 38 47.00 -31.74 -20.31
N LYS H 39 46.21 -32.38 -19.47
CA LYS H 39 46.63 -33.54 -18.70
C LYS H 39 45.92 -34.78 -19.23
N SER H 40 46.68 -35.85 -19.46
CA SER H 40 46.09 -37.07 -19.98
C SER H 40 45.10 -37.65 -18.98
N ASN H 41 44.09 -38.35 -19.50
CA ASN H 41 42.99 -38.83 -18.69
C ASN H 41 42.29 -39.93 -19.47
N PHE H 42 41.32 -40.58 -18.82
CA PHE H 42 40.48 -41.58 -19.47
C PHE H 42 39.04 -41.09 -19.48
N LEU H 43 38.38 -41.23 -20.61
CA LEU H 43 36.96 -40.92 -20.76
C LEU H 43 36.19 -42.23 -20.75
N ASN H 44 35.21 -42.33 -19.85
CA ASN H 44 34.43 -43.54 -19.63
C ASN H 44 32.97 -43.30 -20.02
N CYS H 45 32.41 -44.26 -20.74
CA CYS H 45 30.97 -44.39 -20.91
C CYS H 45 30.52 -45.66 -20.20
N TYR H 46 29.65 -45.48 -19.21
CA TYR H 46 29.11 -46.56 -18.39
C TYR H 46 27.66 -46.78 -18.80
N VAL H 47 27.37 -47.96 -19.34
CA VAL H 47 26.03 -48.34 -19.78
C VAL H 47 25.57 -49.47 -18.88
N SER H 48 24.38 -49.35 -18.31
CA SER H 48 23.96 -50.37 -17.35
C SER H 48 22.44 -50.51 -17.33
N GLY H 49 21.99 -51.67 -16.87
CA GLY H 49 20.58 -51.88 -16.63
C GLY H 49 19.74 -52.22 -17.83
N PHE H 50 20.35 -52.69 -18.91
CA PHE H 50 19.64 -52.98 -20.14
C PHE H 50 19.45 -54.48 -20.32
N HIS H 51 18.41 -54.83 -21.07
CA HIS H 51 18.10 -56.22 -21.40
C HIS H 51 17.38 -56.25 -22.74
N PRO H 52 17.78 -57.11 -23.69
CA PRO H 52 18.85 -58.11 -23.65
C PRO H 52 20.25 -57.51 -23.74
N SER H 53 21.28 -58.31 -24.00
CA SER H 53 22.66 -57.90 -23.85
C SER H 53 23.29 -57.33 -25.11
N ASP H 54 22.61 -57.38 -26.26
CA ASP H 54 23.16 -56.82 -27.48
C ASP H 54 23.03 -55.30 -27.44
N ILE H 55 24.14 -54.59 -27.64
CA ILE H 55 24.16 -53.15 -27.51
C ILE H 55 25.33 -52.61 -28.31
N GLU H 56 25.17 -51.41 -28.87
CA GLU H 56 26.24 -50.71 -29.57
C GLU H 56 26.57 -49.43 -28.80
N VAL H 57 27.85 -49.22 -28.51
CA VAL H 57 28.31 -48.05 -27.78
C VAL H 57 29.48 -47.43 -28.53
N ASP H 58 29.42 -46.11 -28.75
CA ASP H 58 30.50 -45.38 -29.40
C ASP H 58 30.82 -44.13 -28.58
N LEU H 59 32.10 -43.76 -28.59
CA LEU H 59 32.57 -42.53 -27.97
C LEU H 59 32.94 -41.55 -29.06
N LEU H 60 32.32 -40.38 -29.05
CA LEU H 60 32.47 -39.39 -30.11
C LEU H 60 33.23 -38.17 -29.60
N LYS H 61 34.16 -37.69 -30.42
CA LYS H 61 34.89 -36.45 -30.17
C LYS H 61 34.52 -35.47 -31.29
N ASN H 62 33.77 -34.43 -30.93
CA ASN H 62 33.31 -33.44 -31.90
C ASN H 62 32.48 -34.10 -33.00
N GLY H 63 31.65 -35.07 -32.62
CA GLY H 63 30.74 -35.72 -33.53
C GLY H 63 31.30 -36.88 -34.31
N GLU H 64 32.57 -37.21 -34.13
CA GLU H 64 33.24 -38.27 -34.88
C GLU H 64 33.59 -39.42 -33.94
N ARG H 65 33.32 -40.65 -34.40
CA ARG H 65 33.64 -41.83 -33.60
C ARG H 65 35.14 -41.92 -33.35
N ILE H 66 35.50 -42.42 -32.17
CA ILE H 66 36.88 -42.60 -31.76
C ILE H 66 37.27 -44.05 -32.03
N GLU H 67 38.43 -44.25 -32.66
CA GLU H 67 38.84 -45.58 -33.08
C GLU H 67 39.39 -46.39 -31.91
N LYS H 68 40.30 -45.81 -31.13
CA LYS H 68 40.97 -46.52 -30.04
C LYS H 68 40.08 -46.45 -28.81
N VAL H 69 39.16 -47.41 -28.70
CA VAL H 69 38.24 -47.50 -27.57
C VAL H 69 38.23 -48.94 -27.09
N GLU H 70 38.61 -49.16 -25.83
CA GLU H 70 38.55 -50.46 -25.19
C GLU H 70 37.29 -50.56 -24.33
N HIS H 71 36.95 -51.78 -23.93
CA HIS H 71 35.81 -51.99 -23.06
C HIS H 71 36.02 -53.25 -22.24
N SER H 72 35.29 -53.33 -21.14
CA SER H 72 35.36 -54.49 -20.25
C SER H 72 34.44 -55.59 -20.75
N ASP H 73 34.60 -56.77 -20.16
CA ASP H 73 33.76 -57.91 -20.50
C ASP H 73 32.32 -57.65 -20.08
N LEU H 74 31.39 -58.21 -20.83
CA LEU H 74 29.97 -58.09 -20.48
C LEU H 74 29.76 -58.61 -19.06
N SER H 75 29.04 -57.84 -18.26
CA SER H 75 28.88 -58.12 -16.84
C SER H 75 27.42 -58.39 -16.54
N PHE H 76 27.18 -59.05 -15.41
CA PHE H 76 25.86 -59.55 -15.05
C PHE H 76 25.50 -59.08 -13.65
N SER H 77 24.32 -58.49 -13.51
CA SER H 77 23.82 -57.96 -12.26
C SER H 77 22.73 -58.86 -11.69
N LYS H 78 22.55 -58.80 -10.38
CA LYS H 78 21.58 -59.65 -9.72
C LYS H 78 20.15 -59.39 -10.18
N ASP H 79 19.90 -58.23 -10.80
CA ASP H 79 18.58 -57.86 -11.28
C ASP H 79 18.29 -58.38 -12.68
N TRP H 80 19.06 -59.35 -13.15
CA TRP H 80 18.85 -59.97 -14.47
C TRP H 80 19.11 -58.98 -15.61
N SER H 81 20.06 -58.07 -15.42
CA SER H 81 20.42 -57.10 -16.44
C SER H 81 21.94 -57.14 -16.66
N PHE H 82 22.42 -56.30 -17.56
CA PHE H 82 23.83 -56.29 -17.95
C PHE H 82 24.37 -54.87 -17.86
N TYR H 83 25.70 -54.77 -17.77
CA TYR H 83 26.36 -53.48 -17.82
C TYR H 83 27.71 -53.63 -18.50
N LEU H 84 28.22 -52.49 -18.99
CA LEU H 84 29.46 -52.41 -19.76
C LEU H 84 30.12 -51.07 -19.50
N LEU H 85 31.44 -51.05 -19.59
CA LEU H 85 32.23 -49.83 -19.47
C LEU H 85 33.15 -49.72 -20.67
N TYR H 86 32.98 -48.67 -21.46
CA TYR H 86 33.91 -48.32 -22.52
C TYR H 86 34.78 -47.17 -22.06
N TYR H 87 36.05 -47.19 -22.44
CA TYR H 87 36.96 -46.15 -21.99
C TYR H 87 37.99 -45.87 -23.07
N THR H 88 38.53 -44.66 -23.04
CA THR H 88 39.55 -44.29 -24.02
C THR H 88 40.41 -43.17 -23.46
N GLU H 89 41.70 -43.21 -23.77
CA GLU H 89 42.62 -42.13 -23.40
C GLU H 89 42.28 -40.85 -24.16
N PHE H 90 42.35 -39.72 -23.47
CA PHE H 90 42.18 -38.44 -24.13
C PHE H 90 42.78 -37.34 -23.25
N THR H 91 43.07 -36.20 -23.88
CA THR H 91 43.55 -35.03 -23.16
C THR H 91 42.45 -33.97 -23.18
N PRO H 92 41.82 -33.64 -22.05
CA PRO H 92 40.76 -32.64 -22.08
C PRO H 92 41.25 -31.33 -22.66
N THR H 93 40.39 -30.70 -23.47
CA THR H 93 40.70 -29.43 -24.11
C THR H 93 39.45 -28.58 -24.12
N GLU H 94 39.61 -27.30 -23.78
CA GLU H 94 38.46 -26.41 -23.68
C GLU H 94 37.63 -26.42 -24.97
N LYS H 95 38.30 -26.49 -26.12
CA LYS H 95 37.58 -26.45 -27.39
C LYS H 95 36.85 -27.75 -27.66
N ASP H 96 37.49 -28.89 -27.44
CA ASP H 96 36.94 -30.17 -27.85
C ASP H 96 35.75 -30.57 -26.98
N GLU H 97 34.79 -31.24 -27.60
CA GLU H 97 33.63 -31.79 -26.92
C GLU H 97 33.58 -33.29 -27.13
N TYR H 98 33.04 -34.01 -26.15
CA TYR H 98 32.95 -35.46 -26.19
C TYR H 98 31.57 -35.92 -25.79
N ALA H 99 31.16 -37.06 -26.30
CA ALA H 99 29.84 -37.60 -26.04
C ALA H 99 29.87 -39.12 -26.15
N CYS H 100 28.84 -39.76 -25.61
CA CYS H 100 28.64 -41.20 -25.77
C CYS H 100 27.33 -41.44 -26.50
N ARG H 101 27.39 -42.25 -27.55
CA ARG H 101 26.23 -42.58 -28.37
C ARG H 101 25.94 -44.07 -28.21
N VAL H 102 24.73 -44.40 -27.79
CA VAL H 102 24.34 -45.78 -27.49
C VAL H 102 23.12 -46.14 -28.32
N ASN H 103 23.18 -47.30 -28.95
CA ASN H 103 22.05 -47.86 -29.71
C ASN H 103 21.69 -49.21 -29.12
N HIS H 104 20.40 -49.38 -28.82
CA HIS H 104 19.87 -50.60 -28.23
C HIS H 104 18.53 -50.91 -28.88
N VAL H 105 18.08 -52.15 -28.72
CA VAL H 105 16.84 -52.59 -29.35
C VAL H 105 15.62 -51.87 -28.79
N THR H 106 15.74 -51.26 -27.61
CA THR H 106 14.60 -50.67 -26.93
C THR H 106 14.41 -49.20 -27.24
N LEU H 107 15.28 -48.59 -28.04
CA LEU H 107 15.18 -47.18 -28.39
C LEU H 107 15.21 -47.03 -29.90
N SER H 108 14.43 -46.06 -30.40
CA SER H 108 14.27 -45.89 -31.84
C SER H 108 15.58 -45.50 -32.51
N GLN H 109 16.14 -44.35 -32.12
CA GLN H 109 17.39 -43.85 -32.66
C GLN H 109 18.47 -43.82 -31.58
N PRO H 110 19.74 -43.85 -31.98
CA PRO H 110 20.81 -43.82 -30.97
C PRO H 110 20.69 -42.59 -30.09
N LYS H 111 20.86 -42.79 -28.80
CA LYS H 111 20.82 -41.72 -27.82
C LYS H 111 22.23 -41.26 -27.52
N ILE H 112 22.47 -39.95 -27.66
CA ILE H 112 23.75 -39.35 -27.32
C ILE H 112 23.60 -38.60 -26.01
N VAL H 113 24.54 -38.80 -25.09
CA VAL H 113 24.64 -38.03 -23.87
C VAL H 113 26.02 -37.38 -23.85
N LYS H 114 26.03 -36.08 -23.59
CA LYS H 114 27.26 -35.30 -23.68
C LYS H 114 28.05 -35.39 -22.39
N TRP H 115 29.36 -35.25 -22.51
CA TRP H 115 30.24 -35.25 -21.35
C TRP H 115 30.26 -33.85 -20.76
N ASP H 116 29.50 -33.64 -19.70
CA ASP H 116 29.60 -32.42 -18.92
C ASP H 116 30.80 -32.55 -17.99
N ARG H 117 31.76 -31.64 -18.13
CA ARG H 117 33.02 -31.78 -17.41
C ARG H 117 32.84 -31.83 -15.91
N ASP H 118 31.73 -31.30 -15.39
CA ASP H 118 31.50 -31.21 -13.96
C ASP H 118 30.18 -31.86 -13.58
N MET H 119 29.92 -33.05 -14.10
CA MET H 119 28.69 -33.77 -13.82
C MET H 119 28.85 -35.26 -14.10
N LEU I 99 6.40 2.95 5.09
CA LEU I 99 6.91 4.30 5.45
C LEU I 99 6.02 4.97 6.50
N THR I 100 6.56 5.17 7.70
CA THR I 100 5.85 5.88 8.74
C THR I 100 5.89 7.39 8.56
N CYS I 101 6.80 7.90 7.73
CA CYS I 101 6.86 9.34 7.49
C CYS I 101 5.61 9.83 6.78
N GLN I 102 5.10 9.06 5.82
CA GLN I 102 3.90 9.46 5.09
C GLN I 102 2.64 9.38 5.94
N ARG I 103 2.76 9.06 7.22
CA ARG I 103 1.59 9.01 8.09
C ARG I 103 1.00 10.39 8.34
N VAL I 104 1.84 11.42 8.33
CA VAL I 104 1.43 12.79 8.58
C VAL I 104 1.78 13.65 7.37
N ARG I 105 0.98 14.70 7.17
CA ARG I 105 1.17 15.62 6.05
C ARG I 105 1.94 16.84 6.53
N ARG I 106 3.10 17.08 5.91
CA ARG I 106 3.94 18.21 6.30
C ARG I 106 3.38 19.49 5.70
N LEU I 107 3.06 20.45 6.55
CA LEU I 107 2.55 21.75 6.12
C LEU I 107 3.56 22.88 6.27
N LEU I 108 4.55 22.73 7.15
CA LEU I 108 5.60 23.71 7.33
C LEU I 108 6.84 23.32 6.56
N PRO I 109 7.72 24.27 6.25
CA PRO I 109 9.01 23.90 5.66
C PRO I 109 9.80 23.02 6.61
N CYS I 110 10.54 22.07 6.05
CA CYS I 110 11.30 21.14 6.88
C CYS I 110 12.28 21.89 7.77
N ASP I 111 12.96 22.89 7.22
CA ASP I 111 13.84 23.76 7.99
C ASP I 111 13.10 25.06 8.28
N LEU I 112 12.96 25.39 9.57
CA LEU I 112 12.18 26.55 9.96
C LEU I 112 12.95 27.86 9.84
N ASP I 113 14.27 27.81 9.69
CA ASP I 113 15.05 29.02 9.48
C ASP I 113 15.01 29.50 8.03
N ILE I 114 14.42 28.73 7.13
CA ILE I 114 14.23 29.14 5.75
C ILE I 114 12.88 29.84 5.63
N HIS I 115 12.88 31.00 4.99
CA HIS I 115 11.63 31.73 4.82
C HIS I 115 10.66 30.89 3.98
N PRO I 116 9.35 30.92 4.27
CA PRO I 116 8.43 30.12 3.47
C PRO I 116 8.50 30.40 1.98
N SER I 117 8.70 31.67 1.60
CA SER I 117 8.73 32.01 0.17
C SER I 117 9.93 31.39 -0.54
N HIS I 118 10.98 31.03 0.19
CA HIS I 118 12.16 30.42 -0.39
C HIS I 118 12.13 28.89 -0.35
N ARG I 119 11.05 28.30 0.15
CA ARG I 119 10.97 26.86 0.28
C ARG I 119 10.67 26.22 -1.06
N LEU I 120 10.81 24.89 -1.11
CA LEU I 120 10.51 24.10 -2.29
C LEU I 120 9.28 23.26 -2.04
N LEU I 121 8.44 23.11 -3.07
CA LEU I 121 7.25 22.26 -3.00
C LEU I 121 7.67 20.86 -3.40
N THR I 122 7.83 19.99 -2.41
CA THR I 122 8.42 18.67 -2.62
C THR I 122 7.34 17.64 -2.96
N LEU I 123 7.74 16.67 -3.79
CA LEU I 123 6.83 15.58 -4.16
C LEU I 123 6.47 14.73 -2.93
N MET I 124 7.43 14.52 -2.04
CA MET I 124 7.26 13.64 -0.88
C MET I 124 7.32 14.49 0.39
N ASN I 125 6.15 14.88 0.89
CA ASN I 125 6.07 15.67 2.12
C ASN I 125 6.25 14.79 3.35
N ASN I 126 7.05 15.28 4.29
CA ASN I 126 7.32 14.73 5.61
C ASN I 126 8.23 13.50 5.53
N CYS I 127 8.61 13.04 4.35
CA CYS I 127 9.58 11.97 4.21
C CYS I 127 10.97 12.47 3.82
N VAL I 128 11.06 13.63 3.18
CA VAL I 128 12.34 14.22 2.82
C VAL I 128 12.82 15.24 3.85
N CYS I 129 12.05 15.47 4.90
CA CYS I 129 12.51 16.34 5.98
C CYS I 129 13.67 15.69 6.72
N ASP I 130 14.57 16.54 7.21
CA ASP I 130 15.82 16.03 7.79
C ASP I 130 15.57 15.06 8.92
N GLY I 131 14.46 15.21 9.65
CA GLY I 131 14.17 14.30 10.74
C GLY I 131 13.90 12.89 10.26
N ALA I 132 13.12 12.75 9.18
CA ALA I 132 12.74 11.43 8.69
C ALA I 132 13.89 10.76 7.95
N VAL I 133 14.77 11.53 7.33
CA VAL I 133 15.83 10.94 6.51
C VAL I 133 17.05 10.60 7.36
N TRP I 134 17.55 11.59 8.11
CA TRP I 134 18.78 11.42 8.88
C TRP I 134 18.45 10.90 10.28
N ASN I 135 18.01 9.65 10.31
CA ASN I 135 17.81 8.91 11.55
C ASN I 135 18.99 7.96 11.72
N ALA I 136 19.78 8.18 12.77
CA ALA I 136 21.03 7.44 12.91
C ALA I 136 20.78 5.94 13.06
N PHE I 137 19.80 5.56 13.88
CA PHE I 137 19.56 4.14 14.11
C PHE I 137 19.07 3.44 12.85
N ARG I 138 18.12 4.06 12.14
CA ARG I 138 17.60 3.45 10.93
C ARG I 138 18.68 3.33 9.86
N LEU I 139 19.49 4.38 9.70
CA LEU I 139 20.56 4.34 8.70
C LEU I 139 21.63 3.31 9.07
N ILE I 140 21.92 3.17 10.36
CA ILE I 140 22.89 2.16 10.78
C ILE I 140 22.34 0.76 10.55
N GLU I 141 21.05 0.55 10.78
CA GLU I 141 20.44 -0.74 10.50
C GLU I 141 20.47 -1.05 9.01
N ARG I 142 20.21 -0.05 8.17
CA ARG I 142 19.99 -0.30 6.75
C ARG I 142 21.30 -0.35 5.97
N HIS I 143 22.27 0.50 6.30
CA HIS I 143 23.51 0.63 5.55
C HIS I 143 24.75 0.25 6.32
N GLY I 144 24.64 -0.06 7.60
CA GLY I 144 25.80 -0.47 8.38
C GLY I 144 26.41 0.70 9.15
N PHE I 145 27.04 0.37 10.27
CA PHE I 145 27.66 1.39 11.11
C PHE I 145 28.84 2.04 10.39
N PHE I 146 29.67 1.24 9.72
CA PHE I 146 30.88 1.76 9.10
C PHE I 146 30.56 2.79 8.02
N ALA I 147 29.58 2.51 7.17
CA ALA I 147 29.25 3.43 6.09
C ALA I 147 28.77 4.77 6.62
N VAL I 148 27.87 4.75 7.61
CA VAL I 148 27.34 5.99 8.15
C VAL I 148 28.45 6.79 8.83
N THR I 149 29.29 6.09 9.62
CA THR I 149 30.38 6.79 10.28
C THR I 149 31.33 7.42 9.26
N LEU I 150 31.66 6.67 8.20
CA LEU I 150 32.55 7.20 7.17
C LEU I 150 31.95 8.42 6.49
N TYR I 151 30.66 8.38 6.17
CA TYR I 151 30.02 9.51 5.50
C TYR I 151 30.00 10.73 6.39
N LEU I 152 29.66 10.56 7.67
CA LEU I 152 29.67 11.71 8.58
C LEU I 152 31.08 12.26 8.75
N CYS I 153 32.08 11.38 8.81
CA CYS I 153 33.46 11.84 8.91
C CYS I 153 33.86 12.65 7.68
N CYS I 154 33.46 12.20 6.48
CA CYS I 154 33.76 12.96 5.28
C CYS I 154 33.08 14.34 5.31
N GLY I 155 31.81 14.38 5.70
CA GLY I 155 31.12 15.65 5.81
C GLY I 155 31.81 16.59 6.77
N ILE I 156 32.24 16.08 7.93
CA ILE I 156 32.92 16.92 8.91
C ILE I 156 34.27 17.35 8.39
N THR I 157 34.97 16.49 7.65
CA THR I 157 36.28 16.84 7.13
C THR I 157 36.17 17.92 6.06
N LEU I 158 35.03 18.01 5.37
CA LEU I 158 34.83 19.15 4.47
C LEU I 158 34.91 20.46 5.23
N LEU I 159 34.21 20.54 6.37
CA LEU I 159 34.25 21.75 7.18
C LEU I 159 35.64 21.98 7.77
N VAL I 160 36.31 20.90 8.16
CA VAL I 160 37.68 21.03 8.67
C VAL I 160 38.59 21.61 7.59
N VAL I 161 38.39 21.19 6.34
CA VAL I 161 39.17 21.72 5.23
C VAL I 161 38.87 23.19 5.03
N ILE I 162 37.59 23.58 5.14
CA ILE I 162 37.26 24.99 5.00
C ILE I 162 37.95 25.80 6.09
N LEU I 163 37.95 25.29 7.32
CA LEU I 163 38.62 25.99 8.41
C LEU I 163 40.13 26.08 8.16
N ALA I 164 40.73 25.01 7.64
CA ALA I 164 42.15 25.04 7.33
C ALA I 164 42.48 26.07 6.26
N LEU I 165 41.65 26.14 5.22
CA LEU I 165 41.84 27.15 4.19
C LEU I 165 41.74 28.56 4.77
N LEU I 166 40.75 28.78 5.63
CA LEU I 166 40.62 30.10 6.26
C LEU I 166 41.82 30.41 7.16
N CYS I 167 42.39 29.38 7.78
CA CYS I 167 43.54 29.58 8.66
C CYS I 167 44.82 29.84 7.89
N SER I 168 44.93 29.31 6.67
CA SER I 168 46.13 29.56 5.87
C SER I 168 46.31 31.04 5.60
N ILE I 169 45.22 31.80 5.56
CA ILE I 169 45.27 33.24 5.34
C ILE I 169 46.04 33.90 6.48
C1 NAG J . -27.75 -53.37 -12.32
C2 NAG J . -26.57 -53.88 -11.51
C3 NAG J . -25.85 -52.70 -10.86
C4 NAG J . -25.50 -51.68 -11.94
C5 NAG J . -26.77 -51.21 -12.62
C6 NAG J . -26.51 -50.24 -13.73
C7 NAG J . -26.43 -56.03 -10.41
C8 NAG J . -26.60 -56.75 -9.11
N2 NAG J . -26.98 -54.82 -10.51
O3 NAG J . -24.69 -53.14 -10.17
O4 NAG J . -24.82 -50.59 -11.34
O5 NAG J . -27.37 -52.37 -13.23
O6 NAG J . -25.95 -50.93 -14.82
O7 NAG J . -25.82 -56.53 -11.34
C1 NAG J . -23.61 -50.28 -11.95
C2 NAG J . -23.24 -48.84 -11.60
C3 NAG J . -21.86 -48.50 -12.16
C4 NAG J . -20.84 -49.56 -11.73
C5 NAG J . -21.36 -50.93 -12.12
C6 NAG J . -20.43 -52.06 -11.72
C7 NAG J . -25.19 -47.36 -11.38
C8 NAG J . -26.11 -46.45 -12.14
N2 NAG J . -24.22 -47.93 -12.12
O3 NAG J . -21.51 -47.22 -11.70
O4 NAG J . -19.63 -49.25 -12.38
O5 NAG J . -22.60 -51.15 -11.51
O6 NAG J . -20.20 -52.01 -10.34
O7 NAG J . -25.32 -47.57 -10.18
C1 NAG K . -12.94 -58.38 0.90
C2 NAG K . -14.21 -58.16 0.11
C3 NAG K . -14.22 -56.73 -0.42
C4 NAG K . -14.01 -55.77 0.74
C5 NAG K . -12.66 -56.06 1.37
C6 NAG K . -12.34 -55.17 2.54
C7 NAG K . -15.41 -59.88 -1.13
C8 NAG K . -15.58 -60.52 -2.47
N2 NAG K . -14.35 -59.09 -0.98
O3 NAG K . -15.44 -56.46 -1.09
O4 NAG K . -14.06 -54.44 0.24
O5 NAG K . -12.73 -57.40 1.90
O6 NAG K . -13.15 -55.46 3.65
O7 NAG K . -16.22 -60.06 -0.22
C1 NAG K . -14.86 -53.58 0.98
C2 NAG K . -14.41 -52.13 0.77
C3 NAG K . -15.36 -51.16 1.46
C4 NAG K . -16.81 -51.46 1.09
C5 NAG K . -17.09 -52.95 1.35
C6 NAG K . -18.50 -53.36 0.98
C7 NAG K . -12.00 -51.75 0.45
C8 NAG K . -10.68 -51.62 1.17
N2 NAG K . -13.06 -51.97 1.25
O3 NAG K . -15.00 -49.86 1.10
O4 NAG K . -17.63 -50.63 1.86
O5 NAG K . -16.20 -53.72 0.59
O6 NAG K . -18.65 -53.34 -0.42
O7 NAG K . -12.08 -51.68 -0.76
PG ATP L . 30.25 89.21 13.87
O1G ATP L . 30.52 90.70 13.90
O2G ATP L . 31.44 88.40 14.27
O3G ATP L . 29.65 88.77 12.57
PB ATP L . 27.71 89.63 15.27
O1B ATP L . 27.95 90.96 15.91
O2B ATP L . 26.87 89.56 14.05
O3B ATP L . 29.11 88.95 14.98
PA ATP L . 26.13 87.36 16.23
O1A ATP L . 24.71 87.81 16.15
O2A ATP L . 26.66 86.48 15.15
O3A ATP L . 27.09 88.64 16.36
O5' ATP L . 26.38 86.66 17.64
C5' ATP L . 26.07 87.38 18.85
C4' ATP L . 26.32 86.49 20.05
O4' ATP L . 25.46 85.32 19.95
C3' ATP L . 27.74 85.96 20.22
O3' ATP L . 28.13 85.98 21.58
C2' ATP L . 27.64 84.51 19.69
O2' ATP L . 28.58 83.65 20.29
C1' ATP L . 26.23 84.14 20.09
N9 ATP L . 25.64 83.14 19.22
C8 ATP L . 25.62 83.13 17.85
N7 ATP L . 25.00 82.08 17.37
C5 ATP L . 24.59 81.37 18.48
C6 ATP L . 23.88 80.17 18.64
N6 ATP L . 23.47 79.46 17.59
N1 ATP L . 23.64 79.74 19.91
C2 ATP L . 24.08 80.48 20.92
N3 ATP L . 24.76 81.64 20.90
C4 ATP L . 24.98 82.02 19.63
MG MG M . 27.71 88.08 12.06
C1 NAG N . -45.85 -59.88 18.29
C2 NAG N . -45.39 -61.30 17.91
C3 NAG N . -44.76 -62.00 19.10
C4 NAG N . -43.66 -61.13 19.70
C5 NAG N . -44.21 -59.73 19.99
C6 NAG N . -43.18 -58.79 20.56
C7 NAG N . -46.71 -62.40 16.13
C8 NAG N . -47.94 -63.23 15.88
N2 NAG N . -46.50 -62.08 17.42
O3 NAG N . -44.25 -63.23 18.65
O4 NAG N . -43.22 -61.76 20.88
O5 NAG N . -44.74 -59.18 18.81
O6 NAG N . -42.03 -58.83 19.76
O7 NAG N . -45.98 -62.04 15.23
PB ADP O . 41.98 83.51 -4.60
O1B ADP O . 42.89 83.82 -5.76
O2B ADP O . 42.74 83.28 -3.33
O3B ADP O . 40.86 84.51 -4.44
PA ADP O . 41.87 80.71 -5.46
O1A ADP O . 43.31 80.64 -5.09
O2A ADP O . 40.97 79.61 -5.00
O3A ADP O . 41.27 82.11 -4.95
O5' ADP O . 41.73 80.89 -7.04
C5' ADP O . 42.26 79.84 -7.89
C4' ADP O . 41.15 79.35 -8.80
O4' ADP O . 41.29 77.92 -8.97
C3' ADP O . 39.73 79.56 -8.30
O3' ADP O . 39.21 80.83 -8.68
C2' ADP O . 38.97 78.42 -8.99
O2' ADP O . 38.52 78.76 -10.28
C1' ADP O . 40.02 77.31 -9.05
N9 ADP O . 39.91 76.34 -7.96
C8 ADP O . 40.06 76.57 -6.62
N7 ADP O . 39.93 75.51 -5.89
C5 ADP O . 39.65 74.49 -6.79
C6 ADP O . 39.41 73.12 -6.62
N6 ADP O . 39.40 72.55 -5.42
N1 ADP O . 39.19 72.38 -7.76
C2 ADP O . 39.21 73.01 -8.94
N3 ADP O . 39.43 74.29 -9.21
C4 ADP O . 39.64 74.99 -8.08
MG MG P . 41.54 82.51 -0.99
C1 NAG Q . 0.23 -69.91 -30.44
C2 NAG Q . -0.93 -70.86 -30.12
C3 NAG Q . -1.83 -71.01 -31.35
C4 NAG Q . -2.28 -69.63 -31.82
C5 NAG Q . -1.04 -68.77 -32.07
C6 NAG Q . -1.36 -67.37 -32.53
C7 NAG Q . -0.49 -72.56 -28.40
C8 NAG Q . 0.08 -73.93 -28.16
N2 NAG Q . -0.44 -72.14 -29.68
O3 NAG Q . -2.92 -71.83 -31.01
O4 NAG Q . -3.04 -69.81 -32.99
O5 NAG Q . -0.29 -68.67 -30.88
O6 NAG Q . -2.24 -66.76 -31.62
O7 NAG Q . -0.96 -71.90 -27.50
#